data_7KDN
#
_entry.id   7KDN
#
_cell.length_a   103.790
_cell.length_b   104.210
_cell.length_c   125.650
_cell.angle_alpha   68.150
_cell.angle_beta   66.550
_cell.angle_gamma   62.220
#
_symmetry.space_group_name_H-M   'P 1'
#
loop_
_entity.id
_entity.type
_entity.pdbx_description
1 polymer 'Acetyl-coenzyme A synthetase'
2 non-polymer "ADENOSINE-5'-MONOPHOSPHATE-PROPYL ESTER"
3 water water
#
_entity_poly.entity_id   1
_entity_poly.type   'polypeptide(L)'
_entity_poly.pdbx_seq_one_letter_code
;MHHHHHHHHENLYFQGSDGDVKPAKPAVVLEANDVDTFHVPKAFYEKHPSKTHLKDLDEYKKLYDESIRSPDTFWARMAR
ELLTFDKDFQTTHIGSLENGDNAWFVEGRLNASFNCVDRHAIKNPNKVAIIYEADEPNEGRIITYGELLREVSRVAWVLK
QRGVKKGDTVAIYLPMIPEAVVAFLACARIGAIHSVVFAGFSSDSLRDRVLDAGSKVVITTDEGKRGGKVIGTKRIVDEA
LKQCPDVTSVLVYKRTGAEVPWTNGRDIWWHEEVEKYPCYVAPESMSSEDPLFLLYTSGSTGKPKGVMHTTAGYLLGAAM
TGKYVFDIHDDDRFFCGGDVGWITGHTYVVYAPLLLGCSTVVFESTPAYPNFSRYWDVIEKHKVTQFYVAPTALRLLKRA
GDEHIHHKMEHLRILGSVGEPIAAEVWKWYFEKVGKEEAHICDTYWQTETGSHVISPLGGITSTKPGSASLPFFGIEPAI
IDPVSGEEISGNDVEGVLAFKQPWPSMARTVWGAHKRYMDTYLNVYKGYYFTGDGAGRDHDGYYWIRGRVDDVVNVSGHR
LSTAEIEAALIEHHQVAEAAVVGIADELTGQAVNAFVSLKDGNETTEQVRKDLVMQVRKSIGPFAAPKAVFVVEDLPKTR
SGKIMRRILRKILSGEEDSLGDTSTLSDPSVVNKIIETVHAARAK
;
_entity_poly.pdbx_strand_id   A,B,C,D,E,F
#
# COMPACT_ATOMS: atom_id res chain seq x y z
N ALA A 27 23.39 -44.10 -10.80
CA ALA A 27 24.14 -43.09 -11.54
C ALA A 27 23.62 -42.96 -12.97
N VAL A 28 22.30 -42.84 -13.10
CA VAL A 28 21.67 -42.85 -14.42
C VAL A 28 22.07 -41.60 -15.21
N VAL A 29 22.19 -40.45 -14.53
CA VAL A 29 22.55 -39.20 -15.19
C VAL A 29 24.07 -39.13 -15.27
N LEU A 30 24.62 -39.56 -16.40
CA LEU A 30 26.07 -39.57 -16.58
C LEU A 30 26.63 -38.19 -16.84
N GLU A 31 25.81 -37.26 -17.37
CA GLU A 31 26.28 -35.90 -17.62
C GLU A 31 26.51 -35.11 -16.34
N ALA A 32 26.04 -35.59 -15.20
CA ALA A 32 26.25 -34.95 -13.91
C ALA A 32 27.30 -35.67 -13.07
N ASN A 33 27.97 -36.67 -13.63
CA ASN A 33 29.01 -37.38 -12.91
C ASN A 33 30.23 -36.48 -12.71
N ASP A 34 30.66 -36.33 -11.47
CA ASP A 34 31.85 -35.60 -11.04
C ASP A 34 31.74 -34.09 -11.21
N VAL A 35 30.66 -33.57 -11.80
CA VAL A 35 30.50 -32.12 -11.86
C VAL A 35 30.15 -31.61 -10.47
N ASP A 36 30.73 -30.48 -10.10
CA ASP A 36 30.63 -29.98 -8.74
C ASP A 36 29.82 -28.71 -8.68
N THR A 37 29.36 -28.39 -7.47
CA THR A 37 28.53 -27.22 -7.23
C THR A 37 29.40 -25.96 -7.24
N PHE A 38 28.87 -24.90 -7.87
CA PHE A 38 29.56 -23.62 -7.95
C PHE A 38 28.72 -22.59 -7.22
N HIS A 39 29.30 -22.03 -6.15
CA HIS A 39 28.56 -21.08 -5.33
C HIS A 39 28.61 -19.68 -5.94
N VAL A 40 27.82 -18.78 -5.36
CA VAL A 40 27.85 -17.37 -5.73
C VAL A 40 29.15 -16.75 -5.21
N PRO A 41 29.90 -16.02 -6.03
CA PRO A 41 31.16 -15.43 -5.55
C PRO A 41 30.90 -14.45 -4.40
N LYS A 42 31.80 -14.46 -3.43
CA LYS A 42 31.68 -13.56 -2.28
C LYS A 42 31.71 -12.10 -2.72
N ALA A 43 32.37 -11.80 -3.84
CA ALA A 43 32.43 -10.42 -4.32
C ALA A 43 31.07 -9.92 -4.81
N PHE A 44 30.21 -10.83 -5.27
CA PHE A 44 28.86 -10.44 -5.68
C PHE A 44 28.16 -9.68 -4.57
N TYR A 45 28.18 -10.23 -3.35
CA TYR A 45 27.54 -9.59 -2.22
C TYR A 45 28.29 -8.35 -1.76
N GLU A 46 29.61 -8.33 -1.92
CA GLU A 46 30.39 -7.18 -1.51
C GLU A 46 30.12 -5.98 -2.41
N LYS A 47 30.09 -6.20 -3.72
CA LYS A 47 29.88 -5.15 -4.70
C LYS A 47 28.41 -4.97 -5.07
N HIS A 48 27.50 -5.34 -4.18
CA HIS A 48 26.09 -5.20 -4.53
C HIS A 48 25.55 -3.87 -4.03
N PRO A 49 24.81 -3.13 -4.87
CA PRO A 49 24.28 -1.83 -4.44
C PRO A 49 23.32 -1.96 -3.27
N SER A 50 22.49 -2.99 -3.27
CA SER A 50 21.53 -3.23 -2.21
C SER A 50 21.59 -4.72 -1.87
N LYS A 51 20.50 -5.25 -1.32
CA LYS A 51 20.40 -6.68 -1.05
C LYS A 51 19.57 -7.35 -2.13
N THR A 52 19.73 -8.65 -2.25
CA THR A 52 18.95 -9.41 -3.21
C THR A 52 17.52 -9.61 -2.70
N HIS A 53 16.61 -9.88 -3.63
CA HIS A 53 15.19 -9.91 -3.29
C HIS A 53 14.85 -11.04 -2.34
N LEU A 54 15.50 -12.19 -2.48
CA LEU A 54 15.32 -13.30 -1.55
C LEU A 54 16.50 -13.35 -0.59
N LYS A 55 16.21 -13.63 0.69
CA LYS A 55 17.25 -13.61 1.71
C LYS A 55 18.26 -14.74 1.49
N ASP A 56 17.79 -15.97 1.37
CA ASP A 56 18.66 -17.12 1.31
C ASP A 56 18.04 -18.18 0.39
N LEU A 57 18.65 -19.36 0.35
CA LEU A 57 18.15 -20.43 -0.49
C LEU A 57 16.88 -21.04 0.07
N ASP A 58 16.71 -20.99 1.39
CA ASP A 58 15.48 -21.53 1.99
C ASP A 58 14.26 -20.71 1.60
N GLU A 59 14.40 -19.38 1.51
CA GLU A 59 13.26 -18.56 1.11
C GLU A 59 12.80 -18.93 -0.29
N TYR A 60 13.73 -19.25 -1.19
CA TYR A 60 13.34 -19.82 -2.47
C TYR A 60 12.51 -21.07 -2.27
N LYS A 61 13.00 -22.01 -1.46
CA LYS A 61 12.25 -23.24 -1.21
C LYS A 61 10.89 -22.93 -0.59
N LYS A 62 10.86 -22.02 0.39
CA LYS A 62 9.59 -21.65 1.01
C LYS A 62 8.64 -21.05 -0.03
N LEU A 63 9.13 -20.12 -0.84
CA LEU A 63 8.27 -19.51 -1.85
C LEU A 63 7.97 -20.48 -2.99
N TYR A 64 8.91 -21.37 -3.34
CA TYR A 64 8.64 -22.32 -4.41
C TYR A 64 7.56 -23.31 -4.02
N ASP A 65 7.69 -23.93 -2.84
CA ASP A 65 6.67 -24.88 -2.39
C ASP A 65 5.31 -24.22 -2.29
N GLU A 66 5.27 -22.94 -1.90
CA GLU A 66 4.01 -22.20 -1.92
C GLU A 66 3.49 -22.04 -3.34
N SER A 67 4.39 -21.91 -4.32
CA SER A 67 3.97 -21.68 -5.70
C SER A 67 3.41 -22.92 -6.37
N ILE A 68 3.63 -24.11 -5.82
CA ILE A 68 3.09 -25.33 -6.38
C ILE A 68 2.02 -25.97 -5.50
N ARG A 69 2.11 -25.82 -4.18
CA ARG A 69 1.08 -26.37 -3.31
C ARG A 69 -0.21 -25.57 -3.41
N SER A 70 -0.14 -24.26 -3.15
CA SER A 70 -1.28 -23.36 -3.23
C SER A 70 -0.92 -22.21 -4.18
N PRO A 71 -0.94 -22.47 -5.48
CA PRO A 71 -0.56 -21.40 -6.42
C PRO A 71 -1.59 -20.28 -6.51
N ASP A 72 -2.86 -20.57 -6.22
CA ASP A 72 -3.90 -19.54 -6.35
C ASP A 72 -3.62 -18.36 -5.42
N THR A 73 -3.25 -18.63 -4.18
CA THR A 73 -2.90 -17.54 -3.26
C THR A 73 -1.55 -16.94 -3.62
N PHE A 74 -0.64 -17.74 -4.15
CA PHE A 74 0.71 -17.26 -4.45
C PHE A 74 0.69 -16.27 -5.61
N TRP A 75 0.23 -16.72 -6.79
CA TRP A 75 0.26 -15.86 -7.96
C TRP A 75 -0.61 -14.63 -7.83
N ALA A 76 -1.65 -14.69 -6.98
CA ALA A 76 -2.46 -13.50 -6.73
C ALA A 76 -1.64 -12.43 -6.01
N ARG A 77 -0.89 -12.83 -4.99
CA ARG A 77 -0.06 -11.87 -4.26
C ARG A 77 1.03 -11.29 -5.17
N MET A 78 1.58 -12.11 -6.06
CA MET A 78 2.64 -11.66 -6.94
C MET A 78 2.12 -10.71 -8.01
N ALA A 79 0.92 -10.97 -8.52
CA ALA A 79 0.39 -10.15 -9.61
C ALA A 79 0.16 -8.72 -9.17
N ARG A 80 -0.33 -8.53 -7.95
CA ARG A 80 -0.61 -7.19 -7.46
C ARG A 80 0.63 -6.47 -6.97
N GLU A 81 1.71 -7.20 -6.67
CA GLU A 81 2.96 -6.55 -6.28
C GLU A 81 3.71 -6.02 -7.51
N LEU A 82 3.67 -6.78 -8.61
CA LEU A 82 4.45 -6.42 -9.79
C LEU A 82 3.65 -5.72 -10.88
N LEU A 83 2.33 -5.90 -10.93
CA LEU A 83 1.50 -5.30 -11.96
C LEU A 83 0.49 -4.32 -11.35
N THR A 84 0.10 -3.33 -12.15
CA THR A 84 -0.93 -2.37 -11.78
C THR A 84 -2.09 -2.50 -12.77
N PHE A 85 -3.26 -2.89 -12.27
CA PHE A 85 -4.43 -3.17 -13.09
C PHE A 85 -5.34 -1.94 -13.17
N ASP A 86 -6.09 -1.84 -14.27
CA ASP A 86 -7.20 -0.89 -14.33
C ASP A 86 -8.32 -1.30 -13.38
N LYS A 87 -8.68 -2.58 -13.40
CA LYS A 87 -9.66 -3.15 -12.49
C LYS A 87 -9.06 -4.40 -11.85
N ASP A 88 -9.26 -4.56 -10.54
CA ASP A 88 -8.70 -5.69 -9.83
C ASP A 88 -9.33 -6.99 -10.32
N PHE A 89 -8.61 -8.09 -10.09
CA PHE A 89 -9.12 -9.42 -10.37
C PHE A 89 -9.59 -10.08 -9.07
N GLN A 90 -10.40 -11.13 -9.23
CA GLN A 90 -10.86 -11.94 -8.10
C GLN A 90 -10.42 -13.39 -8.17
N THR A 91 -10.51 -14.01 -9.34
CA THR A 91 -10.14 -15.41 -9.53
C THR A 91 -8.73 -15.49 -10.11
N THR A 92 -7.86 -16.24 -9.43
CA THR A 92 -6.48 -16.34 -9.86
C THR A 92 -6.34 -17.19 -11.11
N HIS A 93 -6.96 -18.37 -11.13
CA HIS A 93 -6.79 -19.30 -12.23
C HIS A 93 -8.01 -20.20 -12.36
N ILE A 94 -8.42 -20.46 -13.60
CA ILE A 94 -9.37 -21.52 -13.92
C ILE A 94 -8.85 -22.26 -15.16
N GLY A 95 -9.27 -23.50 -15.29
CA GLY A 95 -8.85 -24.33 -16.39
C GLY A 95 -7.88 -25.41 -15.91
N SER A 96 -7.30 -26.10 -16.90
CA SER A 96 -6.38 -27.18 -16.62
C SER A 96 -5.57 -27.47 -17.87
N LEU A 97 -4.56 -28.33 -17.72
CA LEU A 97 -3.77 -28.77 -18.85
C LEU A 97 -4.46 -29.85 -19.67
N GLU A 98 -5.40 -30.59 -19.06
CA GLU A 98 -6.11 -31.62 -19.80
C GLU A 98 -6.93 -31.02 -20.94
N ASN A 99 -7.59 -29.89 -20.70
CA ASN A 99 -8.51 -29.32 -21.66
C ASN A 99 -7.94 -28.11 -22.40
N GLY A 100 -6.82 -27.56 -21.93
CA GLY A 100 -6.22 -26.41 -22.61
C GLY A 100 -7.09 -25.17 -22.55
N ASP A 101 -7.74 -24.92 -21.42
CA ASP A 101 -8.64 -23.79 -21.23
C ASP A 101 -8.15 -22.90 -20.11
N ASN A 102 -6.84 -22.68 -20.03
CA ASN A 102 -6.26 -21.92 -18.94
C ASN A 102 -6.56 -20.43 -19.07
N ALA A 103 -7.03 -19.84 -17.99
CA ALA A 103 -7.27 -18.40 -17.91
C ALA A 103 -6.81 -17.90 -16.55
N TRP A 104 -6.06 -16.81 -16.55
CA TRP A 104 -5.42 -16.27 -15.35
C TRP A 104 -5.94 -14.88 -15.06
N PHE A 105 -6.25 -14.62 -13.78
CA PHE A 105 -6.73 -13.31 -13.32
C PHE A 105 -7.91 -12.83 -14.16
N VAL A 106 -8.95 -13.67 -14.21
CA VAL A 106 -9.94 -13.60 -15.29
C VAL A 106 -10.72 -12.29 -15.26
N GLU A 107 -10.96 -11.72 -14.09
CA GLU A 107 -11.76 -10.49 -14.01
C GLU A 107 -10.92 -9.22 -14.03
N GLY A 108 -9.58 -9.34 -14.02
CA GLY A 108 -8.74 -8.17 -14.03
C GLY A 108 -8.65 -7.51 -15.39
N ARG A 109 -8.33 -6.21 -15.36
CA ARG A 109 -8.17 -5.39 -16.55
C ARG A 109 -6.89 -4.58 -16.43
N LEU A 110 -6.15 -4.46 -17.52
CA LEU A 110 -4.86 -3.78 -17.50
C LEU A 110 -4.46 -3.42 -18.93
N ASN A 111 -3.32 -2.77 -19.06
CA ASN A 111 -2.73 -2.42 -20.35
C ASN A 111 -1.22 -2.58 -20.27
N ALA A 112 -0.62 -3.15 -21.31
CA ALA A 112 0.81 -3.41 -21.29
C ALA A 112 1.61 -2.11 -21.35
N SER A 113 1.20 -1.17 -22.20
CA SER A 113 1.93 0.09 -22.33
C SER A 113 1.95 0.87 -21.02
N PHE A 114 0.86 0.81 -20.25
CA PHE A 114 0.83 1.50 -18.96
C PHE A 114 1.87 0.92 -18.01
N ASN A 115 1.94 -0.41 -17.92
CA ASN A 115 2.86 -1.04 -16.98
C ASN A 115 4.32 -0.91 -17.41
N CYS A 116 4.59 -0.69 -18.69
CA CYS A 116 5.96 -0.54 -19.16
C CYS A 116 6.43 0.91 -19.19
N VAL A 117 5.53 1.86 -19.46
CA VAL A 117 5.93 3.23 -19.70
C VAL A 117 5.24 4.17 -18.70
N ASP A 118 3.92 4.26 -18.78
CA ASP A 118 3.18 5.32 -18.09
C ASP A 118 3.49 5.36 -16.60
N ARG A 119 3.37 4.22 -15.91
CA ARG A 119 3.51 4.24 -14.46
C ARG A 119 4.90 4.66 -14.01
N HIS A 120 5.92 4.36 -14.81
CA HIS A 120 7.27 4.81 -14.46
C HIS A 120 7.47 6.28 -14.81
N ALA A 121 6.94 6.72 -15.95
CA ALA A 121 7.00 8.14 -16.29
C ALA A 121 6.26 9.00 -15.29
N ILE A 122 5.22 8.46 -14.65
CA ILE A 122 4.51 9.20 -13.60
C ILE A 122 5.43 9.44 -12.42
N LYS A 123 6.21 8.44 -12.03
CA LYS A 123 7.10 8.59 -10.89
C LYS A 123 8.22 9.57 -11.19
N ASN A 124 8.88 9.41 -12.34
CA ASN A 124 9.91 10.33 -12.80
C ASN A 124 10.10 10.19 -14.30
N PRO A 125 9.61 11.14 -15.10
CA PRO A 125 9.70 11.00 -16.57
C PRO A 125 11.11 11.18 -17.12
N ASN A 126 12.05 11.66 -16.32
CA ASN A 126 13.43 11.85 -16.78
C ASN A 126 14.30 10.62 -16.56
N LYS A 127 13.74 9.54 -16.01
CA LYS A 127 14.51 8.32 -15.82
C LYS A 127 14.73 7.63 -17.17
N VAL A 128 15.95 7.09 -17.35
CA VAL A 128 16.31 6.48 -18.62
C VAL A 128 15.56 5.17 -18.79
N ALA A 129 14.96 4.99 -19.96
CA ALA A 129 14.25 3.76 -20.32
C ALA A 129 15.01 2.91 -21.33
N ILE A 130 15.44 3.50 -22.44
CA ILE A 130 16.13 2.79 -23.50
C ILE A 130 17.51 3.38 -23.67
N ILE A 131 18.52 2.51 -23.75
CA ILE A 131 19.89 2.90 -24.06
C ILE A 131 20.18 2.33 -25.44
N TYR A 132 20.16 3.18 -26.47
CA TYR A 132 20.31 2.75 -27.84
C TYR A 132 21.77 2.80 -28.25
N GLU A 133 22.33 1.64 -28.60
CA GLU A 133 23.68 1.53 -29.15
C GLU A 133 23.55 1.15 -30.62
N ALA A 134 23.88 2.08 -31.52
CA ALA A 134 23.66 1.87 -32.94
C ALA A 134 24.74 0.94 -33.51
N ASP A 135 24.59 0.61 -34.80
CA ASP A 135 25.55 -0.25 -35.49
C ASP A 135 26.96 0.32 -35.39
N GLU A 136 27.14 1.55 -35.87
CA GLU A 136 28.40 2.23 -35.68
C GLU A 136 28.49 2.74 -34.25
N PRO A 137 29.68 2.68 -33.63
CA PRO A 137 29.82 3.22 -32.28
C PRO A 137 29.60 4.73 -32.24
N ASN A 138 29.13 5.21 -31.10
CA ASN A 138 28.90 6.63 -30.86
C ASN A 138 27.86 7.22 -31.84
N GLU A 139 26.93 6.39 -32.31
CA GLU A 139 25.81 6.88 -33.12
C GLU A 139 24.46 6.63 -32.49
N GLY A 140 24.40 6.26 -31.22
CA GLY A 140 23.15 5.97 -30.56
C GLY A 140 22.59 7.17 -29.82
N ARG A 141 21.70 6.88 -28.87
CA ARG A 141 21.05 7.93 -28.09
C ARG A 141 20.47 7.31 -26.83
N ILE A 142 20.06 8.16 -25.92
CA ILE A 142 19.47 7.75 -24.64
C ILE A 142 18.06 8.30 -24.57
N ILE A 143 17.10 7.44 -24.26
CA ILE A 143 15.68 7.78 -24.27
C ILE A 143 15.14 7.62 -22.85
N THR A 144 14.49 8.67 -22.36
CA THR A 144 13.87 8.63 -21.04
C THR A 144 12.46 8.08 -21.14
N TYR A 145 11.88 7.76 -19.98
CA TYR A 145 10.52 7.24 -19.94
C TYR A 145 9.51 8.28 -20.41
N GLY A 146 9.76 9.57 -20.14
CA GLY A 146 8.89 10.61 -20.67
C GLY A 146 8.94 10.69 -22.18
N GLU A 147 10.13 10.62 -22.76
CA GLU A 147 10.25 10.60 -24.22
C GLU A 147 9.63 9.34 -24.79
N LEU A 148 9.75 8.22 -24.08
CA LEU A 148 9.20 6.96 -24.57
C LEU A 148 7.67 7.01 -24.60
N LEU A 149 7.06 7.60 -23.58
CA LEU A 149 5.60 7.73 -23.58
C LEU A 149 5.11 8.58 -24.73
N ARG A 150 5.81 9.68 -25.03
CA ARG A 150 5.39 10.54 -26.12
C ARG A 150 5.48 9.83 -27.46
N GLU A 151 6.62 9.19 -27.73
CA GLU A 151 6.80 8.53 -29.03
C GLU A 151 5.83 7.36 -29.19
N VAL A 152 5.59 6.60 -28.12
CA VAL A 152 4.60 5.53 -28.16
C VAL A 152 3.21 6.10 -28.44
N SER A 153 2.86 7.21 -27.76
CA SER A 153 1.55 7.80 -27.95
C SER A 153 1.36 8.31 -29.38
N ARG A 154 2.42 8.86 -29.97
CA ARG A 154 2.30 9.35 -31.35
C ARG A 154 2.07 8.21 -32.33
N VAL A 155 2.82 7.12 -32.19
CA VAL A 155 2.66 5.99 -33.09
C VAL A 155 1.31 5.33 -32.88
N ALA A 156 0.83 5.29 -31.64
CA ALA A 156 -0.51 4.79 -31.38
C ALA A 156 -1.54 5.57 -32.19
N TRP A 157 -1.43 6.90 -32.21
CA TRP A 157 -2.36 7.72 -32.97
C TRP A 157 -2.26 7.42 -34.46
N VAL A 158 -1.04 7.23 -34.98
CA VAL A 158 -0.87 6.93 -36.39
C VAL A 158 -1.59 5.64 -36.76
N LEU A 159 -1.50 4.63 -35.89
CA LEU A 159 -2.18 3.37 -36.17
C LEU A 159 -3.70 3.52 -36.06
N LYS A 160 -4.18 4.26 -35.06
CA LYS A 160 -5.62 4.48 -34.93
C LYS A 160 -6.18 5.18 -36.16
N GLN A 161 -5.48 6.21 -36.64
CA GLN A 161 -5.92 6.93 -37.83
C GLN A 161 -5.67 6.17 -39.12
N ARG A 162 -5.08 4.98 -39.05
CA ARG A 162 -4.87 4.15 -40.23
C ARG A 162 -5.80 2.93 -40.21
N GLY A 163 -6.74 2.88 -39.26
CA GLY A 163 -7.74 1.83 -39.21
C GLY A 163 -7.47 0.73 -38.22
N VAL A 164 -6.39 0.81 -37.44
CA VAL A 164 -6.08 -0.26 -36.49
C VAL A 164 -7.07 -0.19 -35.33
N LYS A 165 -7.87 -1.24 -35.18
CA LYS A 165 -8.81 -1.35 -34.08
C LYS A 165 -8.33 -2.40 -33.09
N LYS A 166 -8.94 -2.40 -31.90
CA LYS A 166 -8.66 -3.40 -30.90
C LYS A 166 -8.88 -4.80 -31.46
N GLY A 167 -7.89 -5.67 -31.27
CA GLY A 167 -7.95 -7.03 -31.75
C GLY A 167 -7.34 -7.26 -33.11
N ASP A 168 -7.00 -6.21 -33.85
CA ASP A 168 -6.29 -6.37 -35.11
C ASP A 168 -4.85 -6.79 -34.88
N THR A 169 -4.24 -7.38 -35.90
CA THR A 169 -2.83 -7.76 -35.86
C THR A 169 -2.00 -6.82 -36.74
N VAL A 170 -0.80 -6.52 -36.28
CA VAL A 170 0.13 -5.64 -36.97
C VAL A 170 1.48 -6.36 -37.08
N ALA A 171 1.98 -6.51 -38.30
CA ALA A 171 3.26 -7.17 -38.52
C ALA A 171 4.40 -6.18 -38.33
N ILE A 172 5.36 -6.54 -37.46
CA ILE A 172 6.51 -5.70 -37.18
C ILE A 172 7.73 -6.34 -37.82
N TYR A 173 8.22 -5.72 -38.89
CA TYR A 173 9.42 -6.17 -39.59
C TYR A 173 10.52 -5.14 -39.40
N LEU A 174 11.04 -5.07 -38.17
CA LEU A 174 11.99 -4.03 -37.80
C LEU A 174 13.29 -4.64 -37.28
N PRO A 175 14.42 -3.94 -37.46
CA PRO A 175 15.66 -4.38 -36.82
C PRO A 175 15.74 -3.98 -35.36
N MET A 176 16.95 -3.98 -34.79
CA MET A 176 17.14 -3.71 -33.37
C MET A 176 17.38 -2.21 -33.13
N ILE A 177 16.41 -1.41 -33.52
CA ILE A 177 16.47 0.03 -33.29
C ILE A 177 15.45 0.38 -32.20
N PRO A 178 15.58 1.52 -31.51
CA PRO A 178 14.57 1.86 -30.49
C PRO A 178 13.18 1.98 -31.05
N GLU A 179 13.04 2.26 -32.35
CA GLU A 179 11.73 2.30 -32.97
C GLU A 179 10.99 0.97 -32.88
N ALA A 180 11.72 -0.14 -32.74
CA ALA A 180 11.07 -1.43 -32.60
C ALA A 180 10.36 -1.53 -31.25
N VAL A 181 11.01 -1.11 -30.18
CA VAL A 181 10.38 -1.13 -28.85
C VAL A 181 9.16 -0.23 -28.84
N VAL A 182 9.23 0.91 -29.52
CA VAL A 182 8.08 1.80 -29.61
C VAL A 182 6.92 1.10 -30.32
N ALA A 183 7.22 0.37 -31.40
CA ALA A 183 6.19 -0.33 -32.16
C ALA A 183 5.53 -1.43 -31.33
N PHE A 184 6.30 -2.10 -30.47
CA PHE A 184 5.73 -3.06 -29.52
C PHE A 184 4.61 -2.42 -28.70
N LEU A 185 4.97 -1.40 -27.92
CA LEU A 185 4.04 -0.83 -26.95
C LEU A 185 2.94 -0.02 -27.61
N ALA A 186 3.20 0.56 -28.80
CA ALA A 186 2.15 1.26 -29.51
C ALA A 186 1.00 0.32 -29.88
N CYS A 187 1.35 -0.90 -30.32
CA CYS A 187 0.32 -1.89 -30.57
C CYS A 187 -0.40 -2.29 -29.28
N ALA A 188 0.35 -2.39 -28.18
CA ALA A 188 -0.27 -2.77 -26.92
C ALA A 188 -1.08 -1.62 -26.32
N ARG A 189 -0.70 -0.37 -26.59
CA ARG A 189 -1.41 0.75 -25.99
C ARG A 189 -2.83 0.88 -26.55
N ILE A 190 -3.04 0.52 -27.81
CA ILE A 190 -4.37 0.58 -28.41
C ILE A 190 -5.07 -0.76 -28.44
N GLY A 191 -4.44 -1.81 -27.91
CA GLY A 191 -5.06 -3.12 -27.88
C GLY A 191 -4.83 -3.97 -29.11
N ALA A 192 -3.92 -3.57 -30.00
CA ALA A 192 -3.61 -4.39 -31.15
C ALA A 192 -2.69 -5.55 -30.76
N ILE A 193 -2.58 -6.52 -31.67
CA ILE A 193 -1.78 -7.71 -31.47
C ILE A 193 -0.58 -7.59 -32.40
N HIS A 194 0.61 -7.48 -31.84
CA HIS A 194 1.80 -7.30 -32.67
C HIS A 194 2.45 -8.65 -32.98
N SER A 195 2.63 -8.91 -34.27
CA SER A 195 3.25 -10.14 -34.78
C SER A 195 4.62 -9.76 -35.33
N VAL A 196 5.63 -9.83 -34.47
CA VAL A 196 6.97 -9.40 -34.84
C VAL A 196 7.63 -10.47 -35.70
N VAL A 197 8.14 -10.05 -36.86
CA VAL A 197 8.87 -10.93 -37.77
C VAL A 197 10.34 -10.51 -37.72
N PHE A 198 11.21 -11.49 -37.53
CA PHE A 198 12.65 -11.22 -37.45
C PHE A 198 13.14 -10.56 -38.73
N ALA A 199 13.86 -9.44 -38.56
CA ALA A 199 14.43 -8.75 -39.71
C ALA A 199 15.50 -9.61 -40.35
N GLY A 200 15.29 -9.97 -41.61
CA GLY A 200 16.14 -10.92 -42.31
C GLY A 200 15.41 -12.14 -42.84
N PHE A 201 14.13 -12.33 -42.53
CA PHE A 201 13.34 -13.34 -43.19
C PHE A 201 13.07 -12.95 -44.64
N SER A 202 13.02 -13.96 -45.51
CA SER A 202 12.75 -13.71 -46.91
C SER A 202 11.33 -13.17 -47.09
N SER A 203 11.06 -12.65 -48.30
CA SER A 203 9.74 -12.11 -48.58
C SER A 203 8.65 -13.16 -48.43
N ASP A 204 8.96 -14.43 -48.75
CA ASP A 204 7.96 -15.48 -48.61
C ASP A 204 7.63 -15.76 -47.15
N SER A 205 8.64 -15.71 -46.27
CA SER A 205 8.38 -15.94 -44.85
C SER A 205 7.54 -14.83 -44.24
N LEU A 206 7.85 -13.58 -44.59
CA LEU A 206 7.05 -12.46 -44.11
C LEU A 206 5.62 -12.55 -44.64
N ARG A 207 5.47 -12.85 -45.93
CA ARG A 207 4.14 -12.93 -46.53
C ARG A 207 3.28 -13.97 -45.82
N ASP A 208 3.85 -15.12 -45.48
CA ASP A 208 3.09 -16.17 -44.81
C ASP A 208 2.66 -15.72 -43.41
N ARG A 209 3.55 -15.06 -42.67
CA ARG A 209 3.19 -14.59 -41.34
C ARG A 209 2.20 -13.44 -41.37
N VAL A 210 2.08 -12.75 -42.50
CA VAL A 210 1.09 -11.68 -42.61
C VAL A 210 -0.29 -12.26 -42.92
N LEU A 211 -0.34 -13.21 -43.86
CA LEU A 211 -1.62 -13.79 -44.26
C LEU A 211 -2.23 -14.63 -43.15
N ASP A 212 -1.40 -15.34 -42.39
CA ASP A 212 -1.93 -16.22 -41.35
C ASP A 212 -2.56 -15.41 -40.21
N ALA A 213 -1.94 -14.30 -39.83
CA ALA A 213 -2.46 -13.44 -38.78
C ALA A 213 -3.49 -12.44 -39.28
N GLY A 214 -3.69 -12.34 -40.59
CA GLY A 214 -4.63 -11.38 -41.13
C GLY A 214 -4.25 -9.94 -40.86
N SER A 215 -2.96 -9.64 -40.81
CA SER A 215 -2.52 -8.28 -40.51
C SER A 215 -2.74 -7.37 -41.70
N LYS A 216 -3.31 -6.19 -41.44
CA LYS A 216 -3.54 -5.20 -42.49
C LYS A 216 -2.53 -4.05 -42.44
N VAL A 217 -1.73 -3.96 -41.39
CA VAL A 217 -0.72 -2.92 -41.25
C VAL A 217 0.63 -3.58 -40.97
N VAL A 218 1.69 -2.99 -41.51
CA VAL A 218 3.04 -3.50 -41.32
C VAL A 218 3.98 -2.32 -41.08
N ILE A 219 4.81 -2.44 -40.04
CA ILE A 219 5.81 -1.42 -39.69
C ILE A 219 7.18 -1.96 -40.06
N THR A 220 7.97 -1.15 -40.75
CA THR A 220 9.27 -1.60 -41.24
C THR A 220 10.16 -0.37 -41.45
N THR A 221 11.38 -0.62 -41.93
CA THR A 221 12.33 0.44 -42.24
C THR A 221 12.62 0.46 -43.74
N ASP A 222 13.25 1.55 -44.17
CA ASP A 222 13.72 1.63 -45.55
C ASP A 222 14.85 0.64 -45.80
N GLU A 223 15.87 0.68 -44.95
CA GLU A 223 16.96 -0.28 -45.01
C GLU A 223 17.44 -0.58 -43.60
N GLY A 224 18.05 -1.74 -43.44
CA GLY A 224 18.65 -2.14 -42.17
C GLY A 224 20.16 -2.00 -42.21
N LYS A 225 20.74 -1.83 -41.02
CA LYS A 225 22.19 -1.69 -40.86
C LYS A 225 22.63 -2.59 -39.71
N ARG A 226 23.23 -3.74 -40.05
CA ARG A 226 23.74 -4.67 -39.06
C ARG A 226 25.16 -5.07 -39.45
N GLY A 227 26.11 -4.78 -38.56
CA GLY A 227 27.50 -5.15 -38.80
C GLY A 227 28.10 -4.59 -40.06
N GLY A 228 27.70 -3.39 -40.46
CA GLY A 228 28.18 -2.79 -41.69
C GLY A 228 27.41 -3.19 -42.94
N LYS A 229 26.74 -4.33 -42.92
CA LYS A 229 25.95 -4.76 -44.08
C LYS A 229 24.58 -4.08 -44.06
N VAL A 230 23.99 -3.97 -45.25
CA VAL A 230 22.70 -3.31 -45.44
C VAL A 230 21.64 -4.38 -45.66
N ILE A 231 20.54 -4.27 -44.93
CA ILE A 231 19.40 -5.16 -45.08
C ILE A 231 18.30 -4.40 -45.80
N GLY A 232 17.96 -4.84 -47.01
CA GLY A 232 16.93 -4.19 -47.78
C GLY A 232 15.54 -4.54 -47.29
N THR A 233 15.17 -4.02 -46.12
CA THR A 233 13.90 -4.40 -45.51
C THR A 233 12.72 -3.96 -46.38
N LYS A 234 12.71 -2.68 -46.78
CA LYS A 234 11.57 -2.16 -47.52
C LYS A 234 11.38 -2.90 -48.85
N ARG A 235 12.48 -3.26 -49.51
CA ARG A 235 12.36 -4.01 -50.76
C ARG A 235 11.85 -5.43 -50.52
N ILE A 236 12.17 -6.02 -49.37
CA ILE A 236 11.61 -7.32 -49.03
C ILE A 236 10.11 -7.21 -48.76
N VAL A 237 9.71 -6.15 -48.06
CA VAL A 237 8.29 -5.94 -47.76
C VAL A 237 7.50 -5.76 -49.06
N ASP A 238 8.02 -4.94 -49.98
CA ASP A 238 7.34 -4.74 -51.26
C ASP A 238 7.18 -6.05 -52.00
N GLU A 239 8.24 -6.87 -52.05
CA GLU A 239 8.15 -8.15 -52.73
C GLU A 239 7.21 -9.10 -52.00
N ALA A 240 7.09 -8.96 -50.68
CA ALA A 240 6.16 -9.79 -49.91
C ALA A 240 4.72 -9.32 -50.09
N LEU A 241 4.49 -8.01 -50.10
CA LEU A 241 3.12 -7.49 -50.19
C LEU A 241 2.49 -7.68 -51.56
N LYS A 242 3.25 -8.12 -52.56
CA LYS A 242 2.66 -8.40 -53.86
C LYS A 242 1.61 -9.51 -53.78
N GLN A 243 1.74 -10.39 -52.79
CA GLN A 243 0.75 -11.43 -52.55
C GLN A 243 -0.05 -11.19 -51.27
N CYS A 244 0.18 -10.08 -50.58
CA CYS A 244 -0.59 -9.67 -49.41
C CYS A 244 -1.46 -8.48 -49.81
N PRO A 245 -2.65 -8.70 -50.35
CA PRO A 245 -3.44 -7.56 -50.86
C PRO A 245 -4.12 -6.79 -49.74
N ASP A 246 -4.50 -7.48 -48.66
CA ASP A 246 -5.24 -6.86 -47.58
C ASP A 246 -4.41 -5.87 -46.78
N VAL A 247 -3.09 -5.84 -46.97
CA VAL A 247 -2.26 -4.85 -46.30
C VAL A 247 -2.48 -3.50 -46.97
N THR A 248 -2.99 -2.53 -46.21
CA THR A 248 -3.33 -1.21 -46.73
C THR A 248 -2.47 -0.10 -46.16
N SER A 249 -1.61 -0.38 -45.18
CA SER A 249 -0.80 0.64 -44.53
C SER A 249 0.56 0.07 -44.20
N VAL A 250 1.61 0.78 -44.61
CA VAL A 250 2.98 0.40 -44.29
C VAL A 250 3.66 1.62 -43.66
N LEU A 251 4.06 1.49 -42.40
CA LEU A 251 4.74 2.55 -41.66
C LEU A 251 6.25 2.34 -41.79
N VAL A 252 6.91 3.20 -42.54
CA VAL A 252 8.33 3.06 -42.87
C VAL A 252 9.12 4.10 -42.08
N TYR A 253 10.15 3.63 -41.36
CA TYR A 253 11.02 4.51 -40.60
C TYR A 253 12.31 4.74 -41.35
N LYS A 254 12.68 6.00 -41.54
CA LYS A 254 13.88 6.39 -42.29
C LYS A 254 15.10 6.08 -41.44
N ARG A 255 15.71 4.92 -41.67
CA ARG A 255 16.90 4.53 -40.94
C ARG A 255 18.19 4.92 -41.66
N THR A 256 18.26 4.67 -42.97
CA THR A 256 19.43 5.02 -43.75
C THR A 256 19.21 6.18 -44.71
N GLY A 257 17.96 6.46 -45.07
CA GLY A 257 17.67 7.52 -46.01
C GLY A 257 17.95 7.17 -47.46
N ALA A 258 18.26 5.92 -47.77
CA ALA A 258 18.55 5.52 -49.14
C ALA A 258 17.25 5.50 -49.95
N GLU A 259 17.40 5.74 -51.26
CA GLU A 259 16.25 5.73 -52.16
C GLU A 259 15.68 4.33 -52.28
N VAL A 260 14.44 4.16 -51.84
CA VAL A 260 13.79 2.85 -51.82
C VAL A 260 12.48 2.94 -52.59
N PRO A 261 12.00 1.83 -53.17
CA PRO A 261 10.70 1.88 -53.87
C PRO A 261 9.56 2.24 -52.93
N TRP A 262 8.67 3.09 -53.43
CA TRP A 262 7.58 3.65 -52.63
C TRP A 262 6.26 3.45 -53.37
N THR A 263 5.33 2.74 -52.74
CA THR A 263 3.97 2.60 -53.24
C THR A 263 3.11 3.61 -52.49
N ASN A 264 2.67 4.65 -53.19
CA ASN A 264 1.98 5.74 -52.53
C ASN A 264 0.57 5.35 -52.11
N GLY A 265 0.07 6.03 -51.08
CA GLY A 265 -1.25 5.73 -50.52
C GLY A 265 -1.19 4.63 -49.49
N ARG A 266 -0.32 3.64 -49.70
CA ARG A 266 -0.13 2.53 -48.78
C ARG A 266 1.04 2.77 -47.82
N ASP A 267 2.18 3.21 -48.35
CA ASP A 267 3.36 3.48 -47.55
C ASP A 267 3.29 4.90 -46.98
N ILE A 268 3.71 5.04 -45.73
CA ILE A 268 3.76 6.35 -45.07
C ILE A 268 5.04 6.42 -44.24
N TRP A 269 5.64 7.61 -44.19
CA TRP A 269 6.89 7.81 -43.47
C TRP A 269 6.62 8.03 -41.98
N TRP A 270 7.40 7.34 -41.15
CA TRP A 270 7.31 7.50 -39.70
C TRP A 270 7.44 8.96 -39.30
N HIS A 271 8.56 9.60 -39.66
CA HIS A 271 8.83 10.96 -39.22
C HIS A 271 7.81 11.96 -39.74
N GLU A 272 7.13 11.66 -40.85
CA GLU A 272 6.10 12.57 -41.34
C GLU A 272 4.81 12.44 -40.53
N GLU A 273 4.29 11.21 -40.44
CA GLU A 273 3.01 10.98 -39.76
C GLU A 273 3.10 11.18 -38.26
N VAL A 274 4.27 11.03 -37.68
CA VAL A 274 4.40 11.09 -36.22
C VAL A 274 4.13 12.51 -35.70
N GLU A 275 4.59 13.52 -36.44
CA GLU A 275 4.45 14.90 -35.98
C GLU A 275 3.05 15.45 -36.10
N LYS A 276 2.11 14.71 -36.71
CA LYS A 276 0.75 15.21 -36.88
C LYS A 276 -0.06 15.10 -35.59
N TYR A 277 0.21 14.10 -34.77
CA TYR A 277 -0.72 13.69 -33.72
C TYR A 277 -0.19 13.99 -32.32
N PRO A 278 -1.07 14.06 -31.32
CA PRO A 278 -0.63 14.45 -29.98
C PRO A 278 0.40 13.50 -29.41
N CYS A 279 1.13 13.99 -28.41
CA CYS A 279 2.15 13.23 -27.72
C CYS A 279 1.60 12.42 -26.55
N TYR A 280 0.27 12.38 -26.39
CA TYR A 280 -0.35 11.52 -25.41
C TYR A 280 -1.62 10.93 -26.00
N VAL A 281 -1.88 9.67 -25.65
CA VAL A 281 -3.13 9.00 -25.98
C VAL A 281 -3.52 8.13 -24.80
N ALA A 282 -4.82 8.01 -24.57
CA ALA A 282 -5.31 7.19 -23.47
C ALA A 282 -5.07 5.71 -23.79
N PRO A 283 -4.58 4.93 -22.82
CA PRO A 283 -4.33 3.50 -23.07
C PRO A 283 -5.61 2.70 -22.97
N GLU A 284 -5.87 1.86 -23.97
CA GLU A 284 -7.07 1.04 -23.99
C GLU A 284 -7.04 0.00 -22.87
N SER A 285 -8.12 -0.09 -22.11
CA SER A 285 -8.21 -1.09 -21.05
C SER A 285 -8.40 -2.46 -21.66
N MET A 286 -7.51 -3.39 -21.32
CA MET A 286 -7.53 -4.74 -21.86
C MET A 286 -7.81 -5.75 -20.75
N SER A 287 -8.48 -6.83 -21.12
CA SER A 287 -8.68 -7.91 -20.16
C SER A 287 -7.38 -8.66 -19.94
N SER A 288 -7.30 -9.35 -18.80
CA SER A 288 -6.11 -10.16 -18.51
C SER A 288 -5.84 -11.15 -19.63
N GLU A 289 -6.90 -11.74 -20.17
CA GLU A 289 -6.77 -12.77 -21.21
C GLU A 289 -6.98 -12.21 -22.62
N ASP A 290 -6.79 -10.91 -22.80
CA ASP A 290 -6.78 -10.38 -24.16
C ASP A 290 -5.44 -10.71 -24.82
N PRO A 291 -5.44 -11.19 -26.06
CA PRO A 291 -4.17 -11.52 -26.72
C PRO A 291 -3.26 -10.31 -26.82
N LEU A 292 -2.02 -10.46 -26.35
CA LEU A 292 -1.04 -9.38 -26.34
C LEU A 292 -0.20 -9.34 -27.62
N PHE A 293 0.29 -10.50 -28.06
CA PHE A 293 1.11 -10.53 -29.26
C PHE A 293 1.07 -11.92 -29.86
N LEU A 294 1.55 -12.01 -31.10
CA LEU A 294 1.77 -13.27 -31.79
C LEU A 294 3.25 -13.38 -32.13
N LEU A 295 3.83 -14.55 -31.91
CA LEU A 295 5.22 -14.80 -32.27
C LEU A 295 5.28 -16.13 -33.01
N TYR A 296 5.47 -16.07 -34.32
CA TYR A 296 5.47 -17.27 -35.15
C TYR A 296 6.72 -18.10 -34.89
N THR A 297 6.52 -19.37 -34.52
CA THR A 297 7.58 -20.27 -34.14
C THR A 297 7.52 -21.50 -35.03
N SER A 298 8.66 -21.88 -35.60
CA SER A 298 8.74 -23.09 -36.40
C SER A 298 8.54 -24.31 -35.52
N GLY A 299 7.71 -25.24 -36.00
CA GLY A 299 7.35 -26.42 -35.23
C GLY A 299 7.79 -27.70 -35.90
N SER A 300 7.50 -28.81 -35.21
CA SER A 300 7.98 -30.12 -35.65
C SER A 300 7.52 -30.49 -37.06
N THR A 301 6.35 -30.01 -37.48
CA THR A 301 5.86 -30.34 -38.82
C THR A 301 4.89 -29.27 -39.29
N GLY A 302 4.64 -29.28 -40.59
CA GLY A 302 3.79 -28.29 -41.21
C GLY A 302 4.40 -26.89 -41.21
N LYS A 303 3.50 -25.91 -41.34
CA LYS A 303 3.80 -24.51 -41.52
C LYS A 303 4.17 -23.86 -40.18
N PRO A 304 4.96 -22.80 -40.20
CA PRO A 304 5.27 -22.11 -38.93
C PRO A 304 4.02 -21.52 -38.32
N LYS A 305 3.85 -21.78 -37.03
CA LYS A 305 2.64 -21.46 -36.29
C LYS A 305 2.88 -20.29 -35.35
N GLY A 306 1.90 -19.40 -35.27
CA GLY A 306 2.00 -18.23 -34.43
C GLY A 306 1.55 -18.46 -33.01
N VAL A 307 2.53 -18.64 -32.11
CA VAL A 307 2.22 -18.80 -30.69
C VAL A 307 1.63 -17.50 -30.15
N MET A 308 0.58 -17.62 -29.33
CA MET A 308 -0.11 -16.48 -28.77
C MET A 308 0.09 -16.41 -27.26
N HIS A 309 0.31 -15.19 -26.76
CA HIS A 309 0.37 -14.91 -25.34
C HIS A 309 -0.63 -13.81 -25.00
N THR A 310 -1.28 -13.95 -23.85
CA THR A 310 -2.21 -12.94 -23.38
C THR A 310 -1.45 -11.89 -22.57
N THR A 311 -2.18 -10.99 -21.91
CA THR A 311 -1.55 -9.81 -21.31
C THR A 311 -1.04 -10.09 -19.90
N ALA A 312 -1.96 -10.31 -18.95
CA ALA A 312 -1.58 -10.35 -17.54
C ALA A 312 -0.59 -11.48 -17.26
N GLY A 313 -0.89 -12.69 -17.74
CA GLY A 313 -0.02 -13.82 -17.45
C GLY A 313 1.38 -13.65 -17.99
N TYR A 314 1.50 -13.28 -19.27
CA TYR A 314 2.81 -13.11 -19.86
C TYR A 314 3.60 -11.99 -19.19
N LEU A 315 2.95 -10.85 -18.92
CA LEU A 315 3.65 -9.74 -18.28
C LEU A 315 4.11 -10.11 -16.88
N LEU A 316 3.29 -10.89 -16.16
CA LEU A 316 3.70 -11.35 -14.83
C LEU A 316 4.89 -12.29 -14.94
N GLY A 317 4.93 -13.11 -15.99
CA GLY A 317 6.09 -13.99 -16.17
C GLY A 317 7.37 -13.22 -16.42
N ALA A 318 7.30 -12.16 -17.23
CA ALA A 318 8.48 -11.36 -17.50
C ALA A 318 8.94 -10.60 -16.27
N ALA A 319 8.01 -9.99 -15.53
CA ALA A 319 8.39 -9.22 -14.35
C ALA A 319 8.92 -10.12 -13.24
N MET A 320 8.37 -11.33 -13.11
CA MET A 320 8.81 -12.25 -12.07
C MET A 320 10.22 -12.74 -12.34
N THR A 321 10.51 -13.15 -13.58
CA THR A 321 11.82 -13.68 -13.89
C THR A 321 12.89 -12.58 -13.84
N GLY A 322 12.55 -11.39 -14.33
CA GLY A 322 13.49 -10.28 -14.24
C GLY A 322 13.83 -9.94 -12.79
N LYS A 323 12.84 -10.02 -11.90
CA LYS A 323 13.07 -9.63 -10.53
C LYS A 323 13.91 -10.68 -9.78
N TYR A 324 13.66 -11.96 -10.05
CA TYR A 324 14.24 -13.02 -9.25
C TYR A 324 15.37 -13.79 -9.93
N VAL A 325 15.34 -13.92 -11.26
CA VAL A 325 16.44 -14.59 -11.95
C VAL A 325 17.59 -13.61 -12.21
N PHE A 326 17.29 -12.47 -12.82
CA PHE A 326 18.29 -11.48 -13.17
C PHE A 326 18.54 -10.47 -12.07
N ASP A 327 17.79 -10.53 -10.96
CA ASP A 327 17.95 -9.63 -9.83
C ASP A 327 17.91 -8.17 -10.26
N ILE A 328 16.86 -7.81 -11.00
CA ILE A 328 16.74 -6.46 -11.55
C ILE A 328 16.22 -5.52 -10.47
N HIS A 329 16.90 -4.39 -10.29
CA HIS A 329 16.49 -3.32 -9.40
C HIS A 329 16.15 -2.07 -10.21
N ASP A 330 15.87 -0.98 -9.51
CA ASP A 330 15.37 0.22 -10.17
C ASP A 330 16.44 0.89 -11.04
N ASP A 331 17.64 1.09 -10.49
CA ASP A 331 18.68 1.83 -11.19
C ASP A 331 19.56 0.95 -12.08
N ASP A 332 19.20 -0.32 -12.27
CA ASP A 332 20.06 -1.22 -13.03
C ASP A 332 19.98 -0.90 -14.53
N ARG A 333 20.98 -1.38 -15.26
CA ARG A 333 21.04 -1.25 -16.71
C ARG A 333 21.12 -2.66 -17.30
N PHE A 334 20.09 -3.05 -18.05
CA PHE A 334 19.95 -4.42 -18.52
C PHE A 334 20.29 -4.51 -20.00
N PHE A 335 21.09 -5.52 -20.36
CA PHE A 335 21.55 -5.74 -21.73
C PHE A 335 21.25 -7.18 -22.11
N CYS A 336 20.41 -7.37 -23.12
CA CYS A 336 20.13 -8.68 -23.69
C CYS A 336 20.52 -8.67 -25.16
N GLY A 337 21.41 -9.58 -25.54
CA GLY A 337 21.87 -9.69 -26.91
C GLY A 337 20.83 -10.20 -27.90
N GLY A 338 19.72 -10.74 -27.40
CA GLY A 338 18.73 -11.31 -28.29
C GLY A 338 18.08 -10.28 -29.18
N ASP A 339 17.57 -10.75 -30.31
CA ASP A 339 16.87 -9.92 -31.28
C ASP A 339 15.38 -9.89 -30.96
N VAL A 340 14.72 -8.84 -31.44
CA VAL A 340 13.29 -8.70 -31.17
C VAL A 340 12.49 -9.76 -31.94
N GLY A 341 13.03 -10.25 -33.06
CA GLY A 341 12.36 -11.31 -33.79
C GLY A 341 12.18 -12.60 -33.01
N TRP A 342 12.88 -12.75 -31.89
CA TRP A 342 12.81 -13.94 -31.06
C TRP A 342 12.15 -13.61 -29.73
N ILE A 343 11.71 -14.65 -29.02
CA ILE A 343 11.08 -14.46 -27.73
C ILE A 343 12.07 -13.91 -26.70
N THR A 344 13.37 -14.13 -26.91
CA THR A 344 14.37 -13.56 -26.03
C THR A 344 14.31 -12.04 -26.04
N GLY A 345 14.20 -11.45 -27.24
CA GLY A 345 14.03 -10.01 -27.32
C GLY A 345 12.66 -9.56 -26.87
N HIS A 346 11.63 -10.35 -27.19
CA HIS A 346 10.29 -10.06 -26.70
C HIS A 346 10.29 -9.92 -25.18
N THR A 347 10.74 -10.96 -24.48
CA THR A 347 10.59 -11.01 -23.04
C THR A 347 11.62 -10.16 -22.31
N TYR A 348 12.89 -10.21 -22.73
CA TYR A 348 13.97 -9.65 -21.92
C TYR A 348 14.68 -8.45 -22.55
N VAL A 349 14.39 -8.10 -23.80
CA VAL A 349 14.82 -6.80 -24.30
C VAL A 349 13.76 -5.74 -24.03
N VAL A 350 12.48 -6.09 -24.17
CA VAL A 350 11.39 -5.13 -24.07
C VAL A 350 10.70 -5.25 -22.71
N TYR A 351 9.92 -6.32 -22.53
CA TYR A 351 8.89 -6.32 -21.48
C TYR A 351 9.50 -6.39 -20.09
N ALA A 352 10.32 -7.41 -19.81
CA ALA A 352 10.82 -7.60 -18.45
C ALA A 352 11.56 -6.39 -17.90
N PRO A 353 12.50 -5.76 -18.61
CA PRO A 353 13.15 -4.57 -18.02
C PRO A 353 12.22 -3.37 -17.89
N LEU A 354 11.39 -3.10 -18.90
CA LEU A 354 10.54 -1.92 -18.85
C LEU A 354 9.43 -2.06 -17.82
N LEU A 355 8.91 -3.29 -17.64
CA LEU A 355 7.92 -3.52 -16.58
C LEU A 355 8.48 -3.16 -15.22
N LEU A 356 9.74 -3.52 -14.96
CA LEU A 356 10.38 -3.26 -13.67
C LEU A 356 10.95 -1.85 -13.57
N GLY A 357 10.96 -1.08 -14.65
CA GLY A 357 11.33 0.31 -14.58
C GLY A 357 12.81 0.63 -14.65
N CYS A 358 13.62 -0.25 -15.23
CA CYS A 358 15.04 -0.01 -15.36
C CYS A 358 15.36 0.39 -16.81
N SER A 359 16.65 0.39 -17.14
CA SER A 359 17.11 0.74 -18.48
C SER A 359 17.42 -0.53 -19.26
N THR A 360 16.95 -0.60 -20.49
CA THR A 360 17.24 -1.72 -21.38
C THR A 360 18.13 -1.25 -22.52
N VAL A 361 19.12 -2.08 -22.87
CA VAL A 361 20.06 -1.75 -23.93
C VAL A 361 19.56 -2.36 -25.23
N VAL A 362 19.36 -1.53 -26.25
CA VAL A 362 18.92 -1.97 -27.57
C VAL A 362 20.12 -1.91 -28.48
N PHE A 363 20.69 -3.08 -28.79
CA PHE A 363 21.95 -3.19 -29.51
C PHE A 363 21.69 -3.56 -30.96
N GLU A 364 22.12 -2.70 -31.88
CA GLU A 364 21.86 -2.88 -33.30
C GLU A 364 22.99 -3.59 -34.05
N SER A 365 24.18 -3.66 -33.47
CA SER A 365 25.34 -4.19 -34.17
C SER A 365 25.50 -5.68 -33.88
N THR A 366 26.58 -6.27 -34.38
CA THR A 366 26.98 -7.65 -34.14
C THR A 366 28.04 -7.72 -33.03
N PRO A 367 28.23 -8.89 -32.42
CA PRO A 367 29.25 -9.00 -31.37
C PRO A 367 30.68 -8.76 -31.86
N ALA A 368 30.90 -8.71 -33.18
CA ALA A 368 32.24 -8.63 -33.75
C ALA A 368 32.38 -7.44 -34.70
N TYR A 369 31.59 -6.38 -34.47
CA TYR A 369 31.67 -5.20 -35.31
C TYR A 369 31.72 -3.96 -34.44
N PRO A 370 32.71 -3.07 -34.64
CA PRO A 370 33.78 -3.22 -35.64
C PRO A 370 34.88 -4.18 -35.19
N ASN A 371 34.90 -4.50 -33.90
CA ASN A 371 35.90 -5.39 -33.34
C ASN A 371 35.24 -6.37 -32.38
N PHE A 372 36.02 -7.34 -31.91
CA PHE A 372 35.52 -8.39 -31.04
C PHE A 372 35.26 -7.92 -29.62
N SER A 373 35.63 -6.69 -29.28
CA SER A 373 35.38 -6.15 -27.95
C SER A 373 34.10 -5.33 -27.89
N ARG A 374 33.26 -5.39 -28.94
CA ARG A 374 32.08 -4.53 -29.00
C ARG A 374 31.12 -4.82 -27.84
N TYR A 375 30.81 -6.09 -27.60
CA TYR A 375 29.93 -6.47 -26.49
C TYR A 375 30.38 -5.80 -25.20
N TRP A 376 31.69 -5.84 -24.93
CA TRP A 376 32.24 -5.30 -23.70
C TRP A 376 32.44 -3.79 -23.79
N ASP A 377 32.65 -3.27 -25.00
CA ASP A 377 32.66 -1.83 -25.19
C ASP A 377 31.36 -1.21 -24.72
N VAL A 378 30.23 -1.85 -25.03
CA VAL A 378 28.93 -1.34 -24.64
C VAL A 378 28.72 -1.47 -23.15
N ILE A 379 29.16 -2.59 -22.57
CA ILE A 379 28.94 -2.83 -21.14
C ILE A 379 29.72 -1.82 -20.31
N GLU A 380 31.00 -1.61 -20.63
CA GLU A 380 31.80 -0.67 -19.86
C GLU A 380 31.26 0.74 -19.98
N LYS A 381 30.93 1.16 -21.21
CA LYS A 381 30.48 2.53 -21.44
C LYS A 381 29.20 2.84 -20.68
N HIS A 382 28.23 1.92 -20.69
CA HIS A 382 26.92 2.15 -20.12
C HIS A 382 26.77 1.57 -18.72
N LYS A 383 27.84 1.10 -18.11
CA LYS A 383 27.83 0.57 -16.74
C LYS A 383 26.73 -0.48 -16.57
N VAL A 384 26.72 -1.45 -17.48
CA VAL A 384 25.67 -2.46 -17.51
C VAL A 384 25.79 -3.36 -16.28
N THR A 385 24.65 -3.70 -15.68
CA THR A 385 24.62 -4.55 -14.51
C THR A 385 24.25 -6.00 -14.81
N GLN A 386 23.57 -6.28 -15.92
CA GLN A 386 23.17 -7.63 -16.29
C GLN A 386 23.33 -7.81 -17.79
N PHE A 387 24.00 -8.88 -18.19
CA PHE A 387 24.23 -9.20 -19.59
C PHE A 387 23.63 -10.56 -19.92
N TYR A 388 22.98 -10.65 -21.08
CA TYR A 388 22.26 -11.85 -21.50
C TYR A 388 22.71 -12.21 -22.91
N VAL A 389 23.43 -13.32 -23.04
CA VAL A 389 24.04 -13.72 -24.31
C VAL A 389 23.80 -15.21 -24.55
N ALA A 390 23.97 -15.62 -25.80
CA ALA A 390 23.92 -17.02 -26.20
C ALA A 390 25.34 -17.61 -26.21
N PRO A 391 25.50 -18.89 -25.84
CA PRO A 391 26.85 -19.47 -25.83
C PRO A 391 27.50 -19.51 -27.20
N THR A 392 26.71 -19.53 -28.28
CA THR A 392 27.28 -19.53 -29.62
C THR A 392 28.10 -18.27 -29.87
N ALA A 393 27.64 -17.13 -29.35
CA ALA A 393 28.40 -15.90 -29.48
C ALA A 393 29.62 -15.88 -28.55
N LEU A 394 29.53 -16.57 -27.41
CA LEU A 394 30.68 -16.64 -26.50
C LEU A 394 31.82 -17.46 -27.10
N ARG A 395 31.50 -18.60 -27.72
CA ARG A 395 32.55 -19.44 -28.28
C ARG A 395 33.28 -18.73 -29.41
N LEU A 396 32.58 -17.90 -30.18
CA LEU A 396 33.24 -17.16 -31.24
C LEU A 396 34.20 -16.11 -30.69
N LEU A 397 33.78 -15.37 -29.67
CA LEU A 397 34.64 -14.36 -29.07
C LEU A 397 35.78 -14.99 -28.28
N LYS A 398 35.55 -16.16 -27.69
CA LYS A 398 36.59 -16.83 -26.91
C LYS A 398 37.77 -17.21 -27.80
N ARG A 399 37.50 -17.72 -29.01
CA ARG A 399 38.57 -18.10 -29.93
C ARG A 399 39.35 -16.89 -30.43
N ALA A 400 38.73 -15.71 -30.45
CA ALA A 400 39.39 -14.53 -31.01
C ALA A 400 40.59 -14.09 -30.20
N GLY A 401 40.57 -14.30 -28.90
CA GLY A 401 41.70 -13.94 -28.05
C GLY A 401 41.30 -13.04 -26.90
N ASP A 402 42.04 -13.13 -25.80
CA ASP A 402 41.76 -12.36 -24.60
C ASP A 402 42.27 -10.93 -24.69
N GLU A 403 42.89 -10.54 -25.80
CA GLU A 403 43.32 -9.16 -25.95
C GLU A 403 42.14 -8.21 -26.09
N HIS A 404 40.94 -8.74 -26.39
CA HIS A 404 39.76 -7.91 -26.56
C HIS A 404 39.01 -7.65 -25.26
N ILE A 405 39.11 -8.54 -24.28
CA ILE A 405 38.40 -8.35 -23.01
C ILE A 405 39.37 -7.88 -21.95
N HIS A 406 39.76 -6.61 -21.98
CA HIS A 406 40.57 -6.00 -20.94
C HIS A 406 39.81 -4.95 -20.17
N HIS A 407 38.49 -4.90 -20.33
CA HIS A 407 37.68 -3.87 -19.71
C HIS A 407 37.36 -4.27 -18.28
N LYS A 408 37.22 -3.27 -17.42
CA LYS A 408 36.93 -3.58 -16.01
C LYS A 408 35.51 -4.10 -15.85
N MET A 409 34.54 -3.44 -16.50
CA MET A 409 33.14 -3.81 -16.41
C MET A 409 32.72 -3.97 -14.95
N GLU A 410 32.95 -2.89 -14.20
CA GLU A 410 32.91 -2.93 -12.75
C GLU A 410 31.52 -3.27 -12.22
N HIS A 411 30.47 -2.96 -12.96
CA HIS A 411 29.11 -3.10 -12.46
C HIS A 411 28.41 -4.35 -12.96
N LEU A 412 29.11 -5.23 -13.68
CA LEU A 412 28.50 -6.44 -14.19
C LEU A 412 28.25 -7.41 -13.04
N ARG A 413 26.99 -7.80 -12.85
CA ARG A 413 26.55 -8.54 -11.68
C ARG A 413 25.91 -9.89 -12.00
N ILE A 414 25.19 -9.99 -13.10
CA ILE A 414 24.49 -11.21 -13.49
C ILE A 414 24.79 -11.48 -14.95
N LEU A 415 25.33 -12.65 -15.25
CA LEU A 415 25.61 -13.08 -16.61
C LEU A 415 24.67 -14.23 -16.97
N GLY A 416 23.98 -14.09 -18.09
CA GLY A 416 22.94 -15.03 -18.47
C GLY A 416 23.26 -15.68 -19.81
N SER A 417 22.95 -16.97 -19.91
CA SER A 417 23.08 -17.74 -21.14
C SER A 417 21.73 -18.32 -21.51
N VAL A 418 21.51 -18.53 -22.81
CA VAL A 418 20.22 -19.00 -23.29
C VAL A 418 20.41 -19.74 -24.61
N GLY A 419 19.54 -20.73 -24.85
CA GLY A 419 19.44 -21.44 -26.10
C GLY A 419 20.13 -22.80 -26.11
N GLU A 420 21.09 -23.01 -25.22
CA GLU A 420 21.83 -24.27 -25.17
C GLU A 420 22.54 -24.33 -23.83
N PRO A 421 22.81 -25.53 -23.31
CA PRO A 421 23.57 -25.62 -22.05
C PRO A 421 24.98 -25.10 -22.25
N ILE A 422 25.44 -24.26 -21.32
CA ILE A 422 26.77 -23.67 -21.44
C ILE A 422 27.80 -24.72 -21.03
N ALA A 423 28.83 -24.87 -21.86
CA ALA A 423 29.85 -25.88 -21.62
C ALA A 423 30.76 -25.48 -20.47
N ALA A 424 31.39 -26.49 -19.86
CA ALA A 424 32.26 -26.25 -18.72
C ALA A 424 33.44 -25.35 -19.10
N GLU A 425 33.99 -25.53 -20.31
CA GLU A 425 35.10 -24.69 -20.74
C GLU A 425 34.63 -23.28 -21.08
N VAL A 426 33.46 -23.15 -21.71
CA VAL A 426 32.91 -21.84 -22.01
C VAL A 426 32.45 -21.14 -20.74
N TRP A 427 31.92 -21.89 -19.79
CA TRP A 427 31.52 -21.32 -18.50
C TRP A 427 32.70 -20.66 -17.81
N LYS A 428 33.86 -21.31 -17.82
CA LYS A 428 35.04 -20.73 -17.17
C LYS A 428 35.46 -19.43 -17.84
N TRP A 429 35.40 -19.38 -19.18
CA TRP A 429 35.74 -18.15 -19.89
C TRP A 429 34.76 -17.03 -19.55
N TYR A 430 33.46 -17.35 -19.56
CA TYR A 430 32.42 -16.41 -19.17
C TYR A 430 32.62 -15.92 -17.74
N PHE A 431 33.13 -16.78 -16.86
CA PHE A 431 33.22 -16.46 -15.45
C PHE A 431 34.44 -15.61 -15.13
N GLU A 432 35.56 -15.86 -15.83
CA GLU A 432 36.82 -15.19 -15.54
C GLU A 432 37.01 -13.92 -16.36
N LYS A 433 36.88 -14.03 -17.69
CA LYS A 433 37.19 -12.88 -18.54
C LYS A 433 36.11 -11.80 -18.45
N VAL A 434 34.85 -12.19 -18.45
CA VAL A 434 33.74 -11.23 -18.45
C VAL A 434 33.35 -10.88 -17.01
N GLY A 435 32.98 -11.89 -16.23
CA GLY A 435 32.52 -11.65 -14.88
C GLY A 435 33.59 -11.27 -13.88
N LYS A 436 34.86 -11.46 -14.23
CA LYS A 436 36.00 -11.18 -13.35
C LYS A 436 35.90 -12.00 -12.06
N GLU A 437 35.35 -13.21 -12.15
CA GLU A 437 35.17 -14.10 -11.00
C GLU A 437 34.34 -13.45 -9.90
N GLU A 438 33.48 -12.50 -10.27
CA GLU A 438 32.67 -11.76 -9.31
C GLU A 438 31.19 -11.72 -9.65
N ALA A 439 30.77 -12.34 -10.75
CA ALA A 439 29.38 -12.28 -11.19
C ALA A 439 28.77 -13.67 -11.21
N HIS A 440 27.45 -13.72 -11.07
CA HIS A 440 26.72 -14.97 -11.03
C HIS A 440 26.24 -15.34 -12.42
N ILE A 441 26.58 -16.55 -12.86
CA ILE A 441 26.20 -17.03 -14.19
C ILE A 441 24.91 -17.83 -14.05
N CYS A 442 23.93 -17.50 -14.90
CA CYS A 442 22.61 -18.12 -14.87
C CYS A 442 22.31 -18.74 -16.22
N ASP A 443 22.31 -20.07 -16.27
CA ASP A 443 21.91 -20.81 -17.47
C ASP A 443 20.39 -20.96 -17.43
N THR A 444 19.68 -20.12 -18.21
CA THR A 444 18.23 -20.10 -18.20
C THR A 444 17.68 -21.00 -19.28
N TYR A 445 16.81 -21.94 -18.90
CA TYR A 445 16.12 -22.80 -19.84
C TYR A 445 14.66 -22.37 -19.95
N TRP A 446 14.20 -22.16 -21.17
CA TRP A 446 12.81 -21.82 -21.45
C TRP A 446 12.62 -21.90 -22.97
N GLN A 447 11.37 -21.70 -23.40
CA GLN A 447 11.04 -21.71 -24.81
C GLN A 447 10.01 -20.62 -25.09
N THR A 448 9.77 -20.38 -26.38
CA THR A 448 8.80 -19.37 -26.78
C THR A 448 7.45 -19.62 -26.11
N GLU A 449 7.02 -20.89 -26.06
CA GLU A 449 5.72 -21.23 -25.50
C GLU A 449 5.67 -21.12 -23.98
N THR A 450 6.81 -20.97 -23.31
CA THR A 450 6.81 -20.74 -21.88
C THR A 450 6.72 -19.26 -21.51
N GLY A 451 7.07 -18.38 -22.44
CA GLY A 451 6.98 -16.94 -22.23
C GLY A 451 8.04 -16.35 -21.33
N SER A 452 8.61 -17.14 -20.43
CA SER A 452 9.64 -16.67 -19.52
C SER A 452 10.41 -17.88 -18.99
N HIS A 453 11.41 -17.61 -18.15
CA HIS A 453 12.22 -18.67 -17.57
C HIS A 453 11.35 -19.65 -16.80
N VAL A 454 11.60 -20.94 -17.00
CA VAL A 454 10.92 -22.00 -16.27
C VAL A 454 11.88 -22.83 -15.43
N ILE A 455 13.09 -23.05 -15.92
CA ILE A 455 14.14 -23.75 -15.17
C ILE A 455 15.39 -22.90 -15.26
N SER A 456 15.83 -22.34 -14.14
CA SER A 456 16.94 -21.40 -14.11
C SER A 456 17.40 -21.17 -12.69
N PRO A 457 18.66 -20.80 -12.47
CA PRO A 457 19.08 -20.38 -11.13
C PRO A 457 18.61 -18.96 -10.86
N LEU A 458 18.56 -18.62 -9.57
CA LEU A 458 18.17 -17.29 -9.13
C LEU A 458 19.43 -16.49 -8.82
N GLY A 459 19.58 -15.35 -9.49
CA GLY A 459 20.77 -14.54 -9.36
C GLY A 459 21.10 -14.16 -7.94
N GLY A 460 22.29 -14.54 -7.48
CA GLY A 460 22.70 -14.28 -6.11
C GLY A 460 22.17 -15.25 -5.09
N ILE A 461 21.50 -16.32 -5.50
CA ILE A 461 20.97 -17.29 -4.56
C ILE A 461 21.43 -18.70 -4.95
N THR A 462 21.00 -19.18 -6.11
CA THR A 462 21.17 -20.58 -6.45
C THR A 462 22.61 -20.88 -6.85
N SER A 463 23.17 -21.96 -6.31
CA SER A 463 24.45 -22.44 -6.77
C SER A 463 24.27 -23.23 -8.06
N THR A 464 25.28 -23.22 -8.91
CA THR A 464 25.14 -23.72 -10.27
C THR A 464 26.04 -24.92 -10.54
N LYS A 465 25.84 -25.52 -11.71
CA LYS A 465 26.62 -26.64 -12.21
C LYS A 465 26.78 -26.42 -13.71
N PRO A 466 28.01 -26.44 -14.23
CA PRO A 466 28.23 -26.18 -15.66
C PRO A 466 27.52 -27.22 -16.51
N GLY A 467 26.56 -26.74 -17.31
CA GLY A 467 25.77 -27.62 -18.16
C GLY A 467 24.39 -27.89 -17.62
N SER A 468 24.08 -27.45 -16.40
CA SER A 468 22.79 -27.67 -15.77
C SER A 468 22.02 -26.35 -15.67
N ALA A 469 20.69 -26.45 -15.74
CA ALA A 469 19.81 -25.31 -15.62
C ALA A 469 19.34 -25.09 -14.18
N SER A 470 19.89 -25.83 -13.23
CA SER A 470 19.61 -25.71 -11.79
C SER A 470 18.14 -26.05 -11.52
N LEU A 471 17.50 -25.40 -10.56
CA LEU A 471 16.18 -25.76 -10.08
C LEU A 471 15.10 -25.08 -10.90
N PRO A 472 13.84 -25.49 -10.75
CA PRO A 472 12.76 -24.84 -11.50
C PRO A 472 12.35 -23.51 -10.88
N PHE A 473 11.67 -22.72 -11.70
CA PHE A 473 11.16 -21.42 -11.27
C PHE A 473 9.81 -21.57 -10.59
N PHE A 474 9.35 -20.49 -9.97
CA PHE A 474 8.07 -20.50 -9.27
C PHE A 474 6.94 -20.88 -10.21
N GLY A 475 6.04 -21.73 -9.72
CA GLY A 475 4.94 -22.19 -10.53
C GLY A 475 5.31 -23.20 -11.59
N ILE A 476 6.52 -23.73 -11.56
CA ILE A 476 6.98 -24.70 -12.54
C ILE A 476 7.24 -26.02 -11.79
N GLU A 477 6.33 -26.98 -11.96
CA GLU A 477 6.49 -28.30 -11.37
C GLU A 477 6.96 -29.26 -12.46
N PRO A 478 8.25 -29.54 -12.56
CA PRO A 478 8.73 -30.38 -13.66
C PRO A 478 8.58 -31.86 -13.35
N ALA A 479 8.47 -32.64 -14.43
CA ALA A 479 8.32 -34.08 -14.31
C ALA A 479 9.17 -34.76 -15.38
N ILE A 480 9.84 -35.83 -14.99
CA ILE A 480 10.55 -36.69 -15.92
C ILE A 480 9.61 -37.81 -16.33
N ILE A 481 9.46 -38.01 -17.64
CA ILE A 481 8.49 -38.95 -18.18
C ILE A 481 9.22 -40.00 -19.01
N ASP A 482 8.91 -41.26 -18.75
CA ASP A 482 9.39 -42.36 -19.57
C ASP A 482 8.73 -42.27 -20.94
N PRO A 483 9.47 -41.97 -22.01
CA PRO A 483 8.79 -41.78 -23.32
C PRO A 483 8.07 -43.01 -23.81
N VAL A 484 8.63 -44.20 -23.60
CA VAL A 484 7.96 -45.42 -24.08
C VAL A 484 6.76 -45.75 -23.21
N SER A 485 6.88 -45.57 -21.89
CA SER A 485 5.82 -45.92 -20.96
C SER A 485 4.82 -44.78 -20.74
N GLY A 486 5.19 -43.55 -21.08
CA GLY A 486 4.33 -42.41 -20.83
C GLY A 486 4.08 -42.14 -19.36
N GLU A 487 4.87 -42.76 -18.49
CA GLU A 487 4.70 -42.65 -17.05
C GLU A 487 5.77 -41.75 -16.45
N GLU A 488 5.39 -41.04 -15.40
CA GLU A 488 6.32 -40.17 -14.70
C GLU A 488 7.31 -40.98 -13.89
N ILE A 489 8.58 -40.61 -13.98
CA ILE A 489 9.65 -41.24 -13.20
C ILE A 489 9.95 -40.34 -12.01
N SER A 490 9.74 -40.87 -10.81
CA SER A 490 9.90 -40.09 -9.59
C SER A 490 11.31 -40.26 -9.03
N GLY A 491 11.64 -39.38 -8.08
CA GLY A 491 12.94 -39.43 -7.43
C GLY A 491 14.04 -38.78 -8.26
N ASN A 492 15.22 -38.76 -7.68
CA ASN A 492 16.39 -38.17 -8.33
C ASN A 492 17.17 -39.24 -9.08
N ASP A 493 18.19 -38.80 -9.82
CA ASP A 493 19.02 -39.66 -10.65
C ASP A 493 18.15 -40.43 -11.65
N VAL A 494 17.27 -39.71 -12.33
CA VAL A 494 16.38 -40.28 -13.33
C VAL A 494 16.62 -39.57 -14.66
N GLU A 495 16.09 -40.16 -15.73
CA GLU A 495 16.30 -39.63 -17.07
C GLU A 495 15.09 -39.92 -17.94
N GLY A 496 14.77 -38.99 -18.83
CA GLY A 496 13.64 -39.14 -19.74
C GLY A 496 13.36 -37.89 -20.53
N VAL A 497 12.10 -37.53 -20.69
CA VAL A 497 11.71 -36.31 -21.37
C VAL A 497 11.09 -35.35 -20.35
N LEU A 498 11.16 -34.06 -20.65
CA LEU A 498 10.79 -33.02 -19.71
C LEU A 498 9.34 -32.59 -19.91
N ALA A 499 8.62 -32.44 -18.81
CA ALA A 499 7.22 -32.03 -18.85
C ALA A 499 6.87 -31.32 -17.55
N PHE A 500 5.80 -30.52 -17.60
CA PHE A 500 5.34 -29.73 -16.46
C PHE A 500 3.97 -30.23 -16.03
N LYS A 501 3.77 -30.35 -14.71
CA LYS A 501 2.58 -31.02 -14.20
C LYS A 501 1.38 -30.09 -14.07
N GLN A 502 1.60 -28.80 -13.80
CA GLN A 502 0.51 -27.85 -13.62
C GLN A 502 0.84 -26.57 -14.38
N PRO A 503 -0.16 -25.80 -14.78
CA PRO A 503 0.08 -24.62 -15.60
C PRO A 503 0.56 -23.43 -14.79
N TRP A 504 1.27 -22.55 -15.48
CA TRP A 504 1.87 -21.34 -14.94
C TRP A 504 1.34 -20.13 -15.71
N PRO A 505 1.39 -18.93 -15.12
CA PRO A 505 0.72 -17.78 -15.77
C PRO A 505 1.29 -17.44 -17.13
N SER A 506 2.60 -17.56 -17.30
CA SER A 506 3.27 -17.18 -18.54
C SER A 506 3.06 -18.18 -19.68
N MET A 507 2.38 -19.30 -19.43
CA MET A 507 2.23 -20.32 -20.45
C MET A 507 1.47 -19.80 -21.66
N ALA A 508 1.91 -20.21 -22.86
CA ALA A 508 1.21 -19.84 -24.08
C ALA A 508 -0.22 -20.35 -24.05
N ARG A 509 -1.13 -19.55 -24.60
CA ARG A 509 -2.56 -19.85 -24.50
C ARG A 509 -3.10 -20.67 -25.66
N THR A 510 -2.56 -20.47 -26.87
CA THR A 510 -3.06 -21.19 -28.05
C THR A 510 -2.06 -21.01 -29.18
N VAL A 511 -2.35 -21.65 -30.30
CA VAL A 511 -1.68 -21.43 -31.57
C VAL A 511 -2.70 -20.81 -32.50
N TRP A 512 -2.41 -19.59 -32.97
CA TRP A 512 -3.39 -18.78 -33.70
CA TRP A 512 -3.42 -18.81 -33.66
C TRP A 512 -3.90 -19.52 -34.92
N GLY A 513 -5.23 -19.65 -35.03
CA GLY A 513 -5.89 -20.32 -36.12
C GLY A 513 -5.84 -21.83 -36.06
N ALA A 514 -5.25 -22.40 -35.00
CA ALA A 514 -5.08 -23.85 -34.93
C ALA A 514 -4.95 -24.31 -33.48
N HIS A 515 -6.04 -24.29 -32.73
CA HIS A 515 -5.98 -24.78 -31.36
C HIS A 515 -5.82 -26.29 -31.31
N LYS A 516 -6.37 -27.00 -32.31
CA LYS A 516 -6.19 -28.45 -32.37
C LYS A 516 -4.71 -28.81 -32.51
N ARG A 517 -3.98 -28.07 -33.36
CA ARG A 517 -2.54 -28.27 -33.46
C ARG A 517 -1.85 -27.93 -32.14
N TYR A 518 -2.36 -26.91 -31.44
CA TYR A 518 -1.82 -26.55 -30.14
C TYR A 518 -1.98 -27.67 -29.13
N MET A 519 -3.16 -28.29 -29.10
CA MET A 519 -3.41 -29.38 -28.15
C MET A 519 -2.56 -30.60 -28.47
N ASP A 520 -2.47 -30.97 -29.75
CA ASP A 520 -1.71 -32.16 -30.12
C ASP A 520 -0.23 -31.99 -29.87
N THR A 521 0.30 -30.78 -30.06
CA THR A 521 1.73 -30.57 -29.95
C THR A 521 2.18 -30.47 -28.49
N TYR A 522 1.38 -29.82 -27.63
CA TYR A 522 1.80 -29.52 -26.28
C TYR A 522 1.04 -30.23 -25.17
N LEU A 523 -0.21 -30.63 -25.40
CA LEU A 523 -1.06 -31.13 -24.32
C LEU A 523 -1.62 -32.54 -24.52
N ASN A 524 -1.57 -33.07 -25.75
CA ASN A 524 -2.08 -34.42 -26.02
C ASN A 524 -1.00 -35.49 -26.01
N VAL A 525 0.28 -35.11 -25.92
CA VAL A 525 1.35 -36.11 -25.87
C VAL A 525 1.27 -36.92 -24.58
N TYR A 526 1.27 -36.24 -23.44
CA TYR A 526 1.08 -36.86 -22.13
C TYR A 526 -0.03 -36.09 -21.42
N LYS A 527 -1.22 -36.69 -21.35
CA LYS A 527 -2.39 -35.98 -20.83
C LYS A 527 -2.17 -35.55 -19.38
N GLY A 528 -2.55 -34.31 -19.08
CA GLY A 528 -2.30 -33.71 -17.80
C GLY A 528 -0.93 -33.08 -17.64
N TYR A 529 -0.12 -33.10 -18.69
CA TYR A 529 1.22 -32.52 -18.67
C TYR A 529 1.37 -31.57 -19.84
N TYR A 530 2.25 -30.58 -19.68
CA TYR A 530 2.73 -29.77 -20.80
C TYR A 530 4.06 -30.35 -21.27
N PHE A 531 4.14 -30.68 -22.55
CA PHE A 531 5.29 -31.37 -23.11
C PHE A 531 6.24 -30.35 -23.74
N THR A 532 7.42 -30.20 -23.14
CA THR A 532 8.41 -29.24 -23.63
C THR A 532 9.04 -29.66 -24.95
N GLY A 533 9.02 -30.96 -25.27
CA GLY A 533 9.70 -31.44 -26.45
C GLY A 533 11.19 -31.65 -26.29
N ASP A 534 11.70 -31.63 -25.06
CA ASP A 534 13.12 -31.80 -24.79
C ASP A 534 13.34 -33.03 -23.91
N GLY A 535 14.45 -33.71 -24.16
CA GLY A 535 14.90 -34.73 -23.24
C GLY A 535 15.65 -34.08 -22.08
N ALA A 536 15.54 -34.70 -20.90
CA ALA A 536 16.11 -34.10 -19.71
C ALA A 536 16.46 -35.19 -18.70
N GLY A 537 17.21 -34.79 -17.69
CA GLY A 537 17.55 -35.68 -16.60
C GLY A 537 17.65 -34.90 -15.31
N ARG A 538 17.38 -35.56 -14.21
CA ARG A 538 17.46 -34.97 -12.88
C ARG A 538 18.52 -35.72 -12.09
N ASP A 539 19.46 -35.00 -11.50
CA ASP A 539 20.58 -35.65 -10.86
C ASP A 539 20.31 -35.91 -9.37
N HIS A 540 21.31 -36.43 -8.67
CA HIS A 540 21.17 -36.76 -7.26
C HIS A 540 20.81 -35.54 -6.42
N ASP A 541 21.32 -34.37 -6.78
CA ASP A 541 21.05 -33.14 -6.05
C ASP A 541 19.76 -32.47 -6.48
N GLY A 542 19.04 -33.04 -7.43
CA GLY A 542 17.78 -32.48 -7.91
C GLY A 542 17.91 -31.50 -9.06
N TYR A 543 19.12 -31.26 -9.56
CA TYR A 543 19.32 -30.33 -10.66
C TYR A 543 18.90 -30.97 -11.98
N TYR A 544 18.47 -30.13 -12.91
CA TYR A 544 17.98 -30.59 -14.20
C TYR A 544 19.04 -30.37 -15.29
N TRP A 545 19.06 -31.30 -16.24
CA TRP A 545 20.03 -31.28 -17.34
C TRP A 545 19.29 -31.42 -18.66
N ILE A 546 19.26 -30.36 -19.45
CA ILE A 546 18.52 -30.35 -20.71
C ILE A 546 19.34 -31.04 -21.78
N ARG A 547 18.76 -32.07 -22.41
CA ARG A 547 19.47 -32.90 -23.36
C ARG A 547 19.12 -32.62 -24.81
N GLY A 548 18.37 -31.56 -25.09
CA GLY A 548 18.05 -31.20 -26.45
C GLY A 548 16.69 -31.71 -26.89
N ARG A 549 16.31 -31.30 -28.11
CA ARG A 549 14.99 -31.59 -28.65
C ARG A 549 14.82 -33.08 -28.92
N VAL A 550 13.58 -33.55 -28.75
CA VAL A 550 13.25 -34.94 -29.04
C VAL A 550 12.64 -35.03 -30.45
N ASP A 551 11.94 -33.98 -30.86
CA ASP A 551 11.32 -33.94 -32.17
C ASP A 551 12.31 -33.43 -33.22
N ASP A 552 11.82 -33.27 -34.46
CA ASP A 552 12.65 -32.85 -35.58
C ASP A 552 12.73 -31.31 -35.62
N VAL A 553 13.43 -30.76 -34.63
CA VAL A 553 13.61 -29.32 -34.51
C VAL A 553 15.05 -29.04 -34.10
N VAL A 554 15.66 -28.05 -34.76
CA VAL A 554 17.04 -27.66 -34.52
C VAL A 554 17.09 -26.15 -34.30
N ASN A 555 18.20 -25.70 -33.72
CA ASN A 555 18.42 -24.27 -33.45
C ASN A 555 19.76 -23.86 -34.03
N VAL A 556 19.74 -23.00 -35.04
CA VAL A 556 20.95 -22.54 -35.72
C VAL A 556 21.05 -21.03 -35.53
N SER A 557 22.14 -20.59 -34.91
CA SER A 557 22.43 -19.16 -34.71
C SER A 557 21.27 -18.43 -34.05
N GLY A 558 20.68 -19.07 -33.04
CA GLY A 558 19.55 -18.49 -32.34
C GLY A 558 18.22 -18.64 -33.05
N HIS A 559 18.20 -19.18 -34.26
CA HIS A 559 16.96 -19.37 -34.99
C HIS A 559 16.50 -20.81 -34.80
N ARG A 560 15.20 -20.97 -34.52
CA ARG A 560 14.61 -22.29 -34.34
C ARG A 560 13.99 -22.73 -35.66
N LEU A 561 14.49 -23.82 -36.21
CA LEU A 561 14.07 -24.31 -37.53
C LEU A 561 13.56 -25.74 -37.45
N SER A 562 12.71 -26.08 -38.42
CA SER A 562 12.18 -27.42 -38.57
C SER A 562 12.91 -28.12 -39.71
N THR A 563 13.42 -29.32 -39.46
CA THR A 563 14.07 -30.08 -40.51
C THR A 563 13.07 -30.43 -41.61
N ALA A 564 11.83 -30.73 -41.25
CA ALA A 564 10.80 -31.03 -42.24
C ALA A 564 10.52 -29.84 -43.14
N GLU A 565 10.55 -28.63 -42.56
CA GLU A 565 10.33 -27.43 -43.37
C GLU A 565 11.44 -27.24 -44.40
N ILE A 566 12.70 -27.45 -44.01
CA ILE A 566 13.80 -27.33 -44.96
C ILE A 566 13.71 -28.42 -46.02
N GLU A 567 13.32 -29.63 -45.63
CA GLU A 567 13.17 -30.70 -46.61
C GLU A 567 12.13 -30.36 -47.67
N ALA A 568 11.02 -29.74 -47.26
CA ALA A 568 9.98 -29.38 -48.22
C ALA A 568 10.48 -28.36 -49.24
N ALA A 569 11.32 -27.42 -48.79
CA ALA A 569 11.88 -26.44 -49.71
C ALA A 569 12.81 -27.10 -50.73
N LEU A 570 13.59 -28.09 -50.29
CA LEU A 570 14.50 -28.77 -51.21
C LEU A 570 13.73 -29.64 -52.20
N ILE A 571 12.68 -30.31 -51.74
CA ILE A 571 11.85 -31.15 -52.61
C ILE A 571 11.16 -30.33 -53.69
N GLU A 572 10.97 -29.03 -53.45
CA GLU A 572 10.33 -28.18 -54.45
C GLU A 572 11.17 -28.02 -55.72
N HIS A 573 12.49 -28.22 -55.64
CA HIS A 573 13.32 -28.12 -56.83
C HIS A 573 12.91 -29.18 -57.83
N HIS A 574 12.89 -28.80 -59.11
CA HIS A 574 12.42 -29.71 -60.15
C HIS A 574 13.31 -30.94 -60.30
N GLN A 575 14.54 -30.89 -59.83
CA GLN A 575 15.49 -31.98 -59.98
C GLN A 575 15.76 -32.71 -58.67
N VAL A 576 15.00 -32.44 -57.62
CA VAL A 576 15.16 -33.07 -56.31
C VAL A 576 14.00 -34.03 -56.11
N ALA A 577 14.29 -35.34 -56.17
CA ALA A 577 13.26 -36.35 -55.99
C ALA A 577 12.86 -36.46 -54.52
N GLU A 578 13.84 -36.61 -53.64
CA GLU A 578 13.61 -36.74 -52.21
C GLU A 578 14.62 -35.88 -51.47
N ALA A 579 14.34 -35.63 -50.18
CA ALA A 579 15.22 -34.81 -49.37
C ALA A 579 15.17 -35.28 -47.93
N ALA A 580 16.30 -35.16 -47.24
CA ALA A 580 16.39 -35.50 -45.83
C ALA A 580 17.36 -34.53 -45.16
N VAL A 581 16.93 -33.94 -44.05
CA VAL A 581 17.71 -32.93 -43.34
C VAL A 581 17.81 -33.34 -41.87
N VAL A 582 19.03 -33.31 -41.33
CA VAL A 582 19.28 -33.63 -39.93
C VAL A 582 20.25 -32.60 -39.37
N GLY A 583 20.12 -32.34 -38.08
CA GLY A 583 20.94 -31.34 -37.40
C GLY A 583 21.92 -32.00 -36.46
N ILE A 584 23.18 -31.59 -36.55
CA ILE A 584 24.25 -32.08 -35.69
C ILE A 584 24.88 -30.88 -34.99
N ALA A 585 25.60 -31.17 -33.91
CA ALA A 585 26.21 -30.11 -33.11
C ALA A 585 27.25 -29.36 -33.93
N ASP A 586 27.42 -28.08 -33.59
CA ASP A 586 28.36 -27.21 -34.30
C ASP A 586 28.81 -26.11 -33.36
N GLU A 587 30.12 -25.89 -33.29
CA GLU A 587 30.65 -24.83 -32.41
C GLU A 587 30.27 -23.44 -32.90
N LEU A 588 30.22 -23.23 -34.21
CA LEU A 588 29.99 -21.89 -34.73
C LEU A 588 28.56 -21.42 -34.50
N THR A 589 27.57 -22.30 -34.73
CA THR A 589 26.17 -21.89 -34.74
C THR A 589 25.28 -22.80 -33.90
N GLY A 590 25.83 -23.47 -32.88
CA GLY A 590 25.03 -24.35 -32.05
C GLY A 590 24.69 -25.67 -32.73
N GLN A 591 23.94 -25.59 -33.82
CA GLN A 591 23.59 -26.75 -34.63
C GLN A 591 23.86 -26.44 -36.09
N ALA A 592 24.08 -27.50 -36.87
CA ALA A 592 24.36 -27.38 -38.30
C ALA A 592 23.39 -28.25 -39.07
N VAL A 593 22.73 -27.67 -40.06
CA VAL A 593 21.76 -28.39 -40.88
C VAL A 593 22.50 -29.03 -42.05
N ASN A 594 22.45 -30.36 -42.12
CA ASN A 594 23.01 -31.12 -43.23
C ASN A 594 21.88 -31.78 -44.00
N ALA A 595 21.89 -31.60 -45.31
CA ALA A 595 20.81 -32.05 -46.18
C ALA A 595 21.28 -33.18 -47.08
N PHE A 596 20.48 -34.23 -47.17
CA PHE A 596 20.71 -35.34 -48.09
C PHE A 596 19.67 -35.25 -49.19
N VAL A 597 20.11 -35.13 -50.44
CA VAL A 597 19.23 -34.89 -51.57
C VAL A 597 19.43 -35.98 -52.61
N SER A 598 18.34 -36.33 -53.29
CA SER A 598 18.36 -37.25 -54.41
C SER A 598 18.05 -36.46 -55.67
N LEU A 599 18.86 -36.63 -56.70
CA LEU A 599 18.76 -35.82 -57.91
C LEU A 599 18.44 -36.71 -59.11
N LYS A 600 17.45 -36.30 -59.89
CA LYS A 600 17.26 -36.89 -61.20
C LYS A 600 18.29 -36.31 -62.18
N ASP A 601 18.43 -36.94 -63.33
CA ASP A 601 19.31 -36.42 -64.37
C ASP A 601 18.75 -35.10 -64.90
N GLY A 602 19.65 -34.15 -65.17
CA GLY A 602 19.24 -32.82 -65.57
C GLY A 602 20.25 -32.16 -66.48
N ASN A 603 19.94 -30.92 -66.86
CA ASN A 603 20.75 -30.22 -67.86
C ASN A 603 21.98 -29.58 -67.24
N GLU A 604 21.96 -29.28 -65.94
CA GLU A 604 23.06 -28.60 -65.27
C GLU A 604 23.70 -29.51 -64.23
N THR A 605 24.98 -29.28 -63.97
CA THR A 605 25.78 -30.18 -63.15
C THR A 605 25.40 -30.05 -61.68
N THR A 606 25.98 -30.95 -60.87
CA THR A 606 25.66 -31.02 -59.45
C THR A 606 26.09 -29.76 -58.71
N GLU A 607 27.26 -29.20 -59.06
CA GLU A 607 27.74 -27.99 -58.39
C GLU A 607 26.75 -26.84 -58.59
N GLN A 608 26.20 -26.69 -59.79
CA GLN A 608 25.18 -25.67 -60.02
C GLN A 608 23.91 -25.99 -59.25
N VAL A 609 23.49 -27.26 -59.22
CA VAL A 609 22.33 -27.65 -58.43
C VAL A 609 22.59 -27.47 -56.94
N ARG A 610 23.80 -27.83 -56.48
CA ARG A 610 24.15 -27.63 -55.08
C ARG A 610 24.06 -26.15 -54.70
N LYS A 611 24.59 -25.26 -55.54
CA LYS A 611 24.44 -23.83 -55.30
C LYS A 611 22.99 -23.40 -55.41
N ASP A 612 22.25 -23.93 -56.38
CA ASP A 612 20.84 -23.57 -56.54
C ASP A 612 19.97 -24.16 -55.44
N LEU A 613 20.40 -25.24 -54.78
CA LEU A 613 19.63 -25.83 -53.70
C LEU A 613 19.72 -25.01 -52.42
N VAL A 614 20.87 -24.36 -52.19
CA VAL A 614 21.03 -23.54 -50.99
C VAL A 614 20.23 -22.25 -51.13
N MET A 615 20.26 -21.63 -52.32
CA MET A 615 19.50 -20.42 -52.55
C MET A 615 17.99 -20.66 -52.50
N GLN A 616 17.55 -21.85 -52.92
CA GLN A 616 16.13 -22.16 -52.85
C GLN A 616 15.63 -22.18 -51.41
N VAL A 617 16.46 -22.67 -50.49
CA VAL A 617 16.08 -22.64 -49.08
C VAL A 617 16.04 -21.21 -48.57
N ARG A 618 16.95 -20.37 -49.06
CA ARG A 618 16.97 -18.97 -48.66
C ARG A 618 15.75 -18.21 -49.16
N LYS A 619 15.21 -18.60 -50.31
CA LYS A 619 14.02 -17.91 -50.82
C LYS A 619 12.77 -18.31 -50.04
N SER A 620 12.70 -19.56 -49.57
CA SER A 620 11.52 -20.00 -48.83
C SER A 620 11.55 -19.51 -47.39
N ILE A 621 12.65 -19.76 -46.67
CA ILE A 621 12.74 -19.39 -45.27
C ILE A 621 13.60 -18.15 -45.10
N GLY A 622 14.90 -18.28 -45.35
CA GLY A 622 15.82 -17.17 -45.20
C GLY A 622 17.26 -17.57 -45.36
N PRO A 623 18.17 -16.59 -45.32
CA PRO A 623 19.61 -16.91 -45.47
C PRO A 623 20.15 -17.78 -44.35
N PHE A 624 19.69 -17.55 -43.11
CA PHE A 624 20.15 -18.34 -41.98
C PHE A 624 19.73 -19.79 -42.07
N ALA A 625 18.69 -20.10 -42.86
CA ALA A 625 18.24 -21.48 -43.04
C ALA A 625 19.06 -22.24 -44.07
N ALA A 626 20.06 -21.60 -44.66
CA ALA A 626 20.89 -22.26 -45.67
C ALA A 626 21.65 -23.43 -45.03
N PRO A 627 21.61 -24.62 -45.62
CA PRO A 627 22.32 -25.76 -45.02
C PRO A 627 23.82 -25.57 -45.12
N LYS A 628 24.53 -26.13 -44.13
CA LYS A 628 25.99 -26.04 -44.12
C LYS A 628 26.58 -26.81 -45.29
N ALA A 629 26.02 -27.97 -45.60
CA ALA A 629 26.48 -28.78 -46.72
C ALA A 629 25.31 -29.59 -47.25
N VAL A 630 25.32 -29.79 -48.57
CA VAL A 630 24.33 -30.61 -49.26
C VAL A 630 25.07 -31.74 -49.96
N PHE A 631 24.61 -32.97 -49.75
CA PHE A 631 25.24 -34.16 -50.31
C PHE A 631 24.25 -34.88 -51.20
N VAL A 632 24.58 -34.99 -52.49
CA VAL A 632 23.74 -35.71 -53.44
C VAL A 632 24.01 -37.21 -53.26
N VAL A 633 23.00 -37.94 -52.77
CA VAL A 633 23.15 -39.36 -52.53
C VAL A 633 22.06 -40.18 -53.23
N LEU A 636 20.05 -42.99 -49.69
CA LEU A 636 18.87 -42.68 -48.88
C LEU A 636 18.45 -43.88 -48.04
N PRO A 637 18.86 -43.90 -46.78
CA PRO A 637 18.53 -45.04 -45.90
C PRO A 637 17.05 -45.05 -45.53
N LYS A 638 16.44 -46.22 -45.63
CA LYS A 638 15.03 -46.38 -45.31
C LYS A 638 14.78 -47.84 -44.94
N THR A 639 13.61 -48.07 -44.35
CA THR A 639 13.21 -49.41 -43.94
C THR A 639 12.50 -50.15 -45.08
N LYS A 643 10.58 -45.43 -44.08
CA LYS A 643 10.87 -44.49 -43.00
C LYS A 643 12.36 -44.20 -42.92
N ILE A 644 12.73 -42.96 -43.24
CA ILE A 644 14.14 -42.56 -43.26
C ILE A 644 14.69 -42.55 -41.84
N MET A 645 15.84 -43.18 -41.65
CA MET A 645 16.49 -43.25 -40.34
C MET A 645 17.43 -42.05 -40.21
N ARG A 646 17.00 -41.05 -39.45
CA ARG A 646 17.83 -39.86 -39.28
C ARG A 646 19.12 -40.17 -38.54
N ARG A 647 19.11 -41.17 -37.66
CA ARG A 647 20.29 -41.48 -36.85
C ARG A 647 21.46 -41.93 -37.73
N ILE A 648 21.19 -42.78 -38.72
CA ILE A 648 22.27 -43.26 -39.59
C ILE A 648 22.88 -42.11 -40.38
N LEU A 649 22.07 -41.10 -40.72
CA LEU A 649 22.59 -39.94 -41.43
C LEU A 649 23.42 -39.06 -40.51
N ARG A 650 23.02 -38.93 -39.24
CA ARG A 650 23.76 -38.09 -38.30
C ARG A 650 25.08 -38.73 -37.93
N LYS A 651 25.06 -40.03 -37.59
CA LYS A 651 26.25 -40.70 -37.07
C LYS A 651 27.38 -40.70 -38.09
N ILE A 652 27.06 -40.81 -39.38
CA ILE A 652 28.10 -40.78 -40.41
C ILE A 652 28.83 -39.44 -40.40
N LEU A 653 28.11 -38.36 -40.10
CA LEU A 653 28.71 -37.03 -40.05
C LEU A 653 29.62 -36.90 -38.83
N ASP B 36 -9.66 53.64 -10.64
CA ASP B 36 -10.62 53.67 -9.55
C ASP B 36 -11.28 52.31 -9.35
N THR B 37 -10.96 51.66 -8.24
CA THR B 37 -11.47 50.32 -7.97
C THR B 37 -12.96 50.37 -7.63
N PHE B 38 -13.70 49.39 -8.14
CA PHE B 38 -15.13 49.25 -7.89
C PHE B 38 -15.39 47.98 -7.09
N HIS B 39 -15.96 48.14 -5.91
CA HIS B 39 -16.26 47.02 -5.03
C HIS B 39 -17.53 46.32 -5.49
N VAL B 40 -17.81 45.18 -4.86
CA VAL B 40 -19.10 44.52 -5.08
C VAL B 40 -20.18 45.34 -4.39
N PRO B 41 -21.29 45.66 -5.05
CA PRO B 41 -22.32 46.48 -4.39
C PRO B 41 -22.83 45.80 -3.14
N LYS B 42 -23.08 46.60 -2.10
CA LYS B 42 -23.59 46.05 -0.86
C LYS B 42 -24.94 45.35 -1.07
N ALA B 43 -25.68 45.78 -2.09
CA ALA B 43 -26.98 45.16 -2.38
C ALA B 43 -26.82 43.75 -2.91
N PHE B 44 -25.68 43.44 -3.55
CA PHE B 44 -25.42 42.08 -4.01
C PHE B 44 -25.56 41.07 -2.88
N TYR B 45 -24.90 41.35 -1.74
CA TYR B 45 -24.97 40.44 -0.61
C TYR B 45 -26.34 40.46 0.05
N GLU B 46 -27.03 41.61 0.04
CA GLU B 46 -28.35 41.71 0.65
C GLU B 46 -29.39 40.93 -0.15
N LYS B 47 -29.34 41.04 -1.49
CA LYS B 47 -30.28 40.34 -2.35
C LYS B 47 -29.78 38.96 -2.78
N HIS B 48 -28.92 38.31 -1.99
CA HIS B 48 -28.42 37.01 -2.44
C HIS B 48 -29.31 35.89 -1.92
N PRO B 49 -29.72 34.93 -2.77
CA PRO B 49 -30.54 33.82 -2.25
C PRO B 49 -29.82 32.97 -1.21
N SER B 50 -28.52 32.77 -1.38
CA SER B 50 -27.72 31.97 -0.46
C SER B 50 -26.46 32.78 -0.17
N LYS B 51 -25.39 32.10 0.23
CA LYS B 51 -24.11 32.74 0.39
C LYS B 51 -23.24 32.44 -0.82
N THR B 52 -22.21 33.24 -1.01
CA THR B 52 -21.31 32.95 -2.11
C THR B 52 -20.40 31.79 -1.74
N HIS B 53 -19.88 31.12 -2.77
CA HIS B 53 -19.11 29.89 -2.54
C HIS B 53 -17.82 30.16 -1.76
N LEU B 54 -17.21 31.31 -2.00
CA LEU B 54 -16.01 31.73 -1.27
C LEU B 54 -16.41 32.71 -0.19
N LYS B 55 -15.84 32.56 1.00
CA LYS B 55 -16.25 33.40 2.13
C LYS B 55 -15.85 34.85 1.89
N ASP B 56 -14.59 35.09 1.60
CA ASP B 56 -14.09 36.46 1.49
C ASP B 56 -13.01 36.50 0.42
N LEU B 57 -12.34 37.65 0.32
CA LEU B 57 -11.30 37.83 -0.68
C LEU B 57 -10.03 37.05 -0.31
N ASP B 58 -9.80 36.84 0.98
CA ASP B 58 -8.63 36.07 1.40
C ASP B 58 -8.71 34.63 0.94
N GLU B 59 -9.91 34.04 0.95
CA GLU B 59 -10.07 32.66 0.50
C GLU B 59 -9.68 32.51 -0.97
N TYR B 60 -9.98 33.52 -1.79
CA TYR B 60 -9.48 33.51 -3.17
C TYR B 60 -7.97 33.39 -3.20
N LYS B 61 -7.27 34.27 -2.48
CA LYS B 61 -5.81 34.21 -2.43
C LYS B 61 -5.32 32.89 -1.87
N LYS B 62 -5.95 32.42 -0.78
CA LYS B 62 -5.55 31.15 -0.17
C LYS B 62 -5.68 29.99 -1.15
N LEU B 63 -6.83 29.89 -1.82
CA LEU B 63 -7.03 28.81 -2.77
C LEU B 63 -6.20 28.99 -4.04
N TYR B 64 -5.96 30.23 -4.46
CA TYR B 64 -5.13 30.44 -5.65
C TYR B 64 -3.70 30.01 -5.40
N ASP B 65 -3.11 30.46 -4.29
CA ASP B 65 -1.74 30.05 -3.98
C ASP B 65 -1.62 28.54 -3.88
N GLU B 66 -2.67 27.88 -3.39
CA GLU B 66 -2.67 26.42 -3.39
C GLU B 66 -2.72 25.86 -4.80
N SER B 67 -3.44 26.53 -5.70
CA SER B 67 -3.62 26.02 -7.06
C SER B 67 -2.38 26.19 -7.93
N ILE B 68 -1.41 26.99 -7.51
CA ILE B 68 -0.20 27.18 -8.30
C ILE B 68 1.03 26.56 -7.64
N ARG B 69 1.10 26.51 -6.31
CA ARG B 69 2.21 25.86 -5.65
C ARG B 69 2.10 24.33 -5.78
N SER B 70 0.99 23.76 -5.33
CA SER B 70 0.74 22.32 -5.40
C SER B 70 -0.57 22.08 -6.14
N PRO B 71 -0.57 22.17 -7.47
CA PRO B 71 -1.82 21.97 -8.21
C PRO B 71 -2.28 20.52 -8.21
N ASP B 72 -1.37 19.56 -8.04
CA ASP B 72 -1.76 18.15 -8.10
C ASP B 72 -2.79 17.81 -7.03
N THR B 73 -2.57 18.27 -5.79
CA THR B 73 -3.55 18.03 -4.75
C THR B 73 -4.78 18.91 -4.93
N PHE B 74 -4.61 20.11 -5.50
CA PHE B 74 -5.73 21.03 -5.65
C PHE B 74 -6.73 20.51 -6.68
N TRP B 75 -6.28 20.32 -7.93
CA TRP B 75 -7.19 19.91 -8.99
C TRP B 75 -7.79 18.54 -8.74
N ALA B 76 -7.12 17.69 -7.96
CA ALA B 76 -7.72 16.41 -7.59
C ALA B 76 -8.95 16.63 -6.71
N ARG B 77 -8.83 17.52 -5.72
CA ARG B 77 -9.98 17.81 -4.86
C ARG B 77 -11.10 18.47 -5.65
N MET B 78 -10.75 19.33 -6.62
CA MET B 78 -11.77 20.01 -7.39
C MET B 78 -12.47 19.05 -8.36
N ALA B 79 -11.70 18.12 -8.95
CA ALA B 79 -12.28 17.21 -9.93
C ALA B 79 -13.32 16.29 -9.31
N ARG B 80 -13.06 15.80 -8.10
CA ARG B 80 -13.98 14.86 -7.47
C ARG B 80 -15.17 15.55 -6.83
N GLU B 81 -15.07 16.84 -6.54
CA GLU B 81 -16.22 17.57 -6.01
C GLU B 81 -17.20 17.95 -7.11
N LEU B 82 -16.70 18.34 -8.27
CA LEU B 82 -17.54 18.87 -9.34
C LEU B 82 -17.90 17.84 -10.40
N LEU B 83 -17.09 16.80 -10.58
CA LEU B 83 -17.35 15.77 -11.57
C LEU B 83 -17.57 14.43 -10.87
N THR B 84 -18.37 13.58 -11.51
CA THR B 84 -18.60 12.22 -11.04
C THR B 84 -18.11 11.26 -12.11
N PHE B 85 -17.10 10.46 -11.77
CA PHE B 85 -16.46 9.56 -12.72
C PHE B 85 -17.09 8.18 -12.66
N ASP B 86 -17.02 7.47 -13.80
CA ASP B 86 -17.30 6.04 -13.79
C ASP B 86 -16.24 5.29 -13.01
N LYS B 87 -14.96 5.62 -13.25
CA LYS B 87 -13.84 5.08 -12.50
C LYS B 87 -12.99 6.24 -12.01
N ASP B 88 -12.57 6.17 -10.75
CA ASP B 88 -11.77 7.23 -10.16
C ASP B 88 -10.40 7.31 -10.84
N PHE B 89 -9.76 8.46 -10.71
CA PHE B 89 -8.40 8.64 -11.17
C PHE B 89 -7.43 8.55 -9.99
N GLN B 90 -6.16 8.33 -10.31
CA GLN B 90 -5.09 8.32 -9.33
C GLN B 90 -4.06 9.41 -9.56
N THR B 91 -3.67 9.63 -10.81
CA THR B 91 -2.68 10.65 -11.15
C THR B 91 -3.39 11.91 -11.63
N THR B 92 -3.07 13.05 -10.99
CA THR B 92 -3.74 14.30 -11.32
C THR B 92 -3.29 14.85 -12.66
N HIS B 93 -1.97 14.92 -12.88
CA HIS B 93 -1.45 15.53 -14.08
C HIS B 93 -0.09 14.93 -14.42
N ILE B 94 0.14 14.70 -15.71
CA ILE B 94 1.45 14.37 -16.24
C ILE B 94 1.67 15.19 -17.50
N GLY B 95 2.93 15.41 -17.83
CA GLY B 95 3.30 16.21 -18.98
C GLY B 95 3.83 17.56 -18.58
N SER B 96 4.00 18.41 -19.59
CA SER B 96 4.55 19.75 -19.39
C SER B 96 4.19 20.59 -20.61
N LEU B 97 4.46 21.89 -20.50
CA LEU B 97 4.25 22.79 -21.62
C LEU B 97 5.37 22.73 -22.65
N GLU B 98 6.57 22.31 -22.26
CA GLU B 98 7.68 22.22 -23.21
C GLU B 98 7.39 21.22 -24.32
N ASN B 99 6.82 20.06 -23.96
CA ASN B 99 6.64 18.97 -24.91
C ASN B 99 5.21 18.83 -25.41
N GLY B 100 4.25 19.53 -24.82
CA GLY B 100 2.87 19.43 -25.27
C GLY B 100 2.26 18.05 -25.06
N ASP B 101 2.56 17.42 -23.94
CA ASP B 101 2.10 16.08 -23.62
C ASP B 101 1.25 16.09 -22.36
N ASN B 102 0.42 17.11 -22.21
CA ASN B 102 -0.38 17.26 -21.00
C ASN B 102 -1.52 16.26 -20.97
N ALA B 103 -1.65 15.55 -19.85
CA ALA B 103 -2.76 14.65 -19.62
C ALA B 103 -3.22 14.81 -18.18
N TRP B 104 -4.52 14.93 -17.98
CA TRP B 104 -5.10 15.20 -16.68
C TRP B 104 -6.00 14.06 -16.26
N PHE B 105 -5.87 13.65 -14.99
CA PHE B 105 -6.69 12.59 -14.41
C PHE B 105 -6.66 11.34 -15.29
N VAL B 106 -5.44 10.87 -15.55
CA VAL B 106 -5.20 10.03 -16.73
C VAL B 106 -5.92 8.69 -16.67
N GLU B 107 -6.06 8.09 -15.50
CA GLU B 107 -6.69 6.78 -15.40
C GLU B 107 -8.18 6.84 -15.07
N GLY B 108 -8.74 8.04 -14.87
CA GLY B 108 -10.14 8.16 -14.57
C GLY B 108 -11.02 7.98 -15.81
N ARG B 109 -12.27 7.57 -15.56
CA ARG B 109 -13.23 7.31 -16.62
C ARG B 109 -14.54 8.01 -16.29
N LEU B 110 -15.16 8.61 -17.29
CA LEU B 110 -16.38 9.40 -17.08
C LEU B 110 -17.09 9.58 -18.41
N ASN B 111 -18.24 10.26 -18.36
CA ASN B 111 -19.01 10.59 -19.55
C ASN B 111 -19.61 11.99 -19.40
N ALA B 112 -19.56 12.76 -20.48
CA ALA B 112 -20.05 14.14 -20.43
C ALA B 112 -21.57 14.18 -20.27
N SER B 113 -22.30 13.35 -21.03
CA SER B 113 -23.75 13.34 -20.95
C SER B 113 -24.24 12.96 -19.56
N PHE B 114 -23.52 12.06 -18.89
CA PHE B 114 -23.91 11.69 -17.54
C PHE B 114 -23.80 12.89 -16.59
N ASN B 115 -22.69 13.61 -16.67
CA ASN B 115 -22.47 14.74 -15.76
C ASN B 115 -23.34 15.94 -16.10
N CYS B 116 -23.84 16.03 -17.33
CA CYS B 116 -24.70 17.14 -17.71
C CYS B 116 -26.18 16.84 -17.50
N VAL B 117 -26.59 15.58 -17.67
CA VAL B 117 -28.00 15.23 -17.68
C VAL B 117 -28.33 14.20 -16.60
N ASP B 118 -27.74 13.00 -16.73
CA ASP B 118 -28.18 11.85 -15.95
C ASP B 118 -28.19 12.13 -14.45
N ARG B 119 -27.06 12.60 -13.91
CA ARG B 119 -26.95 12.73 -12.46
C ARG B 119 -27.96 13.73 -11.90
N HIS B 120 -28.33 14.74 -12.69
CA HIS B 120 -29.33 15.69 -12.23
C HIS B 120 -30.74 15.12 -12.36
N ALA B 121 -31.02 14.42 -13.46
CA ALA B 121 -32.33 13.77 -13.61
C ALA B 121 -32.55 12.71 -12.55
N ILE B 122 -31.47 12.07 -12.07
CA ILE B 122 -31.60 11.10 -10.99
C ILE B 122 -32.08 11.77 -9.71
N LYS B 123 -31.54 12.95 -9.41
CA LYS B 123 -31.94 13.66 -8.20
C LYS B 123 -33.39 14.13 -8.30
N ASN B 124 -33.74 14.78 -9.41
CA ASN B 124 -35.10 15.21 -9.68
C ASN B 124 -35.29 15.47 -11.17
N PRO B 125 -35.98 14.58 -11.89
CA PRO B 125 -36.10 14.76 -13.35
C PRO B 125 -37.02 15.91 -13.73
N ASN B 126 -37.77 16.49 -12.79
CA ASN B 126 -38.66 17.60 -13.09
C ASN B 126 -37.98 18.96 -12.98
N LYS B 127 -36.69 19.00 -12.63
CA LYS B 127 -35.98 20.26 -12.56
C LYS B 127 -35.72 20.79 -13.96
N VAL B 128 -35.89 22.10 -14.12
CA VAL B 128 -35.75 22.71 -15.45
C VAL B 128 -34.29 22.71 -15.85
N ALA B 129 -34.02 22.23 -17.06
CA ALA B 129 -32.67 22.21 -17.62
C ALA B 129 -32.46 23.27 -18.68
N ILE B 130 -33.34 23.32 -19.68
CA ILE B 130 -33.23 24.26 -20.79
C ILE B 130 -34.45 25.15 -20.79
N ILE B 131 -34.22 26.45 -20.91
CA ILE B 131 -35.28 27.44 -21.09
C ILE B 131 -35.13 27.97 -22.51
N TYR B 132 -36.01 27.52 -23.40
CA TYR B 132 -35.93 27.87 -24.82
C TYR B 132 -36.73 29.13 -25.08
N GLU B 133 -36.05 30.17 -25.55
CA GLU B 133 -36.69 31.39 -26.00
C GLU B 133 -36.55 31.44 -27.52
N ALA B 134 -37.66 31.22 -28.22
CA ALA B 134 -37.65 31.12 -29.67
C ALA B 134 -37.50 32.50 -30.29
N ASP B 135 -37.40 32.53 -31.62
CA ASP B 135 -37.29 33.79 -32.34
C ASP B 135 -38.49 34.70 -32.02
N GLU B 136 -39.69 34.21 -32.30
CA GLU B 136 -40.86 34.95 -31.87
C GLU B 136 -41.12 34.68 -30.39
N PRO B 137 -41.48 35.70 -29.62
CA PRO B 137 -41.83 35.48 -28.21
C PRO B 137 -43.08 34.62 -28.11
N ASN B 138 -43.20 33.91 -26.98
CA ASN B 138 -44.32 33.00 -26.71
C ASN B 138 -44.37 31.86 -27.71
N GLU B 139 -43.23 31.50 -28.30
CA GLU B 139 -43.12 30.32 -29.14
C GLU B 139 -42.09 29.32 -28.61
N GLY B 140 -41.61 29.52 -27.39
CA GLY B 140 -40.63 28.64 -26.80
C GLY B 140 -41.25 27.57 -25.93
N ARG B 141 -40.42 26.96 -25.09
CA ARG B 141 -40.86 25.90 -24.20
C ARG B 141 -39.83 25.72 -23.10
N ILE B 142 -40.20 24.92 -22.10
CA ILE B 142 -39.35 24.64 -20.95
C ILE B 142 -39.10 23.14 -20.92
N ILE B 143 -37.82 22.77 -20.82
CA ILE B 143 -37.41 21.37 -20.88
C ILE B 143 -36.75 21.00 -19.57
N THR B 144 -37.24 19.93 -18.95
CA THR B 144 -36.68 19.44 -17.70
C THR B 144 -35.54 18.46 -17.98
N TYR B 145 -34.79 18.14 -16.92
CA TYR B 145 -33.69 17.20 -17.08
C TYR B 145 -34.18 15.80 -17.45
N GLY B 146 -35.37 15.42 -16.98
CA GLY B 146 -35.96 14.18 -17.43
C GLY B 146 -36.32 14.23 -18.91
N GLU B 147 -36.88 15.35 -19.36
CA GLU B 147 -37.16 15.52 -20.78
C GLU B 147 -35.88 15.51 -21.60
N LEU B 148 -34.82 16.12 -21.06
CA LEU B 148 -33.56 16.20 -21.81
C LEU B 148 -32.90 14.83 -21.95
N LEU B 149 -32.93 14.03 -20.88
CA LEU B 149 -32.32 12.70 -20.95
C LEU B 149 -32.98 11.82 -22.00
N ARG B 150 -34.31 11.91 -22.12
CA ARG B 150 -35.01 11.09 -23.11
C ARG B 150 -34.63 11.53 -24.52
N GLU B 151 -34.68 12.83 -24.80
CA GLU B 151 -34.42 13.31 -26.15
C GLU B 151 -32.97 13.07 -26.56
N VAL B 152 -32.03 13.26 -25.63
CA VAL B 152 -30.63 12.93 -25.92
C VAL B 152 -30.47 11.45 -26.23
N SER B 153 -31.11 10.59 -25.43
CA SER B 153 -30.99 9.15 -25.64
C SER B 153 -31.56 8.74 -26.99
N ARG B 154 -32.65 9.37 -27.42
CA ARG B 154 -33.22 9.02 -28.71
C ARG B 154 -32.28 9.38 -29.85
N VAL B 155 -31.70 10.59 -29.80
CA VAL B 155 -30.77 11.01 -30.85
C VAL B 155 -29.51 10.16 -30.81
N ALA B 156 -29.07 9.77 -29.61
CA ALA B 156 -27.94 8.84 -29.50
C ALA B 156 -28.23 7.56 -30.26
N TRP B 157 -29.44 7.01 -30.10
CA TRP B 157 -29.81 5.81 -30.84
C TRP B 157 -29.82 6.06 -32.34
N VAL B 158 -30.29 7.24 -32.77
CA VAL B 158 -30.33 7.55 -34.19
C VAL B 158 -28.93 7.54 -34.78
N LEU B 159 -27.95 8.05 -34.04
CA LEU B 159 -26.57 8.05 -34.53
C LEU B 159 -25.98 6.65 -34.54
N LYS B 160 -26.21 5.87 -33.47
CA LYS B 160 -25.68 4.51 -33.42
C LYS B 160 -26.22 3.68 -34.58
N GLN B 161 -27.51 3.81 -34.88
CA GLN B 161 -28.10 3.09 -35.99
C GLN B 161 -27.74 3.71 -37.34
N ARG B 162 -26.99 4.81 -37.34
CA ARG B 162 -26.48 5.44 -38.55
C ARG B 162 -24.98 5.24 -38.71
N GLY B 163 -24.36 4.42 -37.85
CA GLY B 163 -22.97 4.07 -38.00
C GLY B 163 -22.00 4.85 -37.15
N VAL B 164 -22.49 5.77 -36.31
CA VAL B 164 -21.59 6.57 -35.50
C VAL B 164 -20.99 5.70 -34.39
N LYS B 165 -19.68 5.51 -34.44
CA LYS B 165 -18.95 4.75 -33.45
C LYS B 165 -18.16 5.69 -32.55
N LYS B 166 -17.67 5.15 -31.44
CA LYS B 166 -16.80 5.90 -30.54
C LYS B 166 -15.62 6.45 -31.31
N GLY B 167 -15.38 7.76 -31.16
CA GLY B 167 -14.26 8.40 -31.81
C GLY B 167 -14.55 9.03 -33.16
N ASP B 168 -15.72 8.77 -33.74
CA ASP B 168 -16.08 9.43 -34.99
C ASP B 168 -16.40 10.91 -34.72
N THR B 169 -16.31 11.71 -35.77
CA THR B 169 -16.65 13.12 -35.71
C THR B 169 -18.00 13.35 -36.39
N VAL B 170 -18.81 14.22 -35.81
CA VAL B 170 -20.14 14.55 -36.31
C VAL B 170 -20.24 16.06 -36.41
N ALA B 171 -20.58 16.55 -37.61
CA ALA B 171 -20.70 17.98 -37.82
C ALA B 171 -22.09 18.46 -37.41
N ILE B 172 -22.14 19.47 -36.55
CA ILE B 172 -23.39 20.05 -36.06
C ILE B 172 -23.53 21.42 -36.70
N TYR B 173 -24.47 21.54 -37.64
CA TYR B 173 -24.77 22.81 -38.30
C TYR B 173 -26.18 23.25 -37.91
N LEU B 174 -26.31 23.67 -36.65
CA LEU B 174 -27.61 24.00 -36.08
C LEU B 174 -27.63 25.43 -35.56
N PRO B 175 -28.80 26.07 -35.56
CA PRO B 175 -28.93 27.38 -34.90
C PRO B 175 -29.09 27.23 -33.39
N MET B 176 -29.59 28.27 -32.73
CA MET B 176 -29.71 28.28 -31.28
C MET B 176 -31.08 27.75 -30.84
N ILE B 177 -31.35 26.50 -31.19
CA ILE B 177 -32.56 25.81 -30.77
C ILE B 177 -32.17 24.77 -29.73
N PRO B 178 -33.09 24.31 -28.88
CA PRO B 178 -32.72 23.28 -27.90
C PRO B 178 -32.21 22.00 -28.52
N GLU B 179 -32.56 21.72 -29.78
CA GLU B 179 -32.04 20.56 -30.47
C GLU B 179 -30.52 20.61 -30.62
N ALA B 180 -29.94 21.81 -30.60
CA ALA B 180 -28.48 21.92 -30.67
C ALA B 180 -27.83 21.38 -29.41
N VAL B 181 -28.37 21.73 -28.24
CA VAL B 181 -27.85 21.20 -26.98
C VAL B 181 -27.99 19.68 -26.95
N VAL B 182 -29.11 19.16 -27.47
CA VAL B 182 -29.31 17.72 -27.53
C VAL B 182 -28.25 17.08 -28.42
N ALA B 183 -27.95 17.69 -29.57
CA ALA B 183 -26.97 17.12 -30.48
C ALA B 183 -25.57 17.11 -29.86
N PHE B 184 -25.25 18.11 -29.04
CA PHE B 184 -24.02 18.08 -28.27
C PHE B 184 -23.92 16.80 -27.45
N LEU B 185 -24.87 16.64 -26.51
CA LEU B 185 -24.77 15.57 -25.53
C LEU B 185 -25.03 14.20 -26.14
N ALA B 186 -25.80 14.11 -27.23
CA ALA B 186 -25.98 12.84 -27.91
C ALA B 186 -24.66 12.33 -28.46
N CYS B 187 -23.85 13.22 -29.04
CA CYS B 187 -22.53 12.82 -29.52
C CYS B 187 -21.65 12.39 -28.35
N ALA B 188 -21.73 13.10 -27.23
CA ALA B 188 -20.90 12.76 -26.09
C ALA B 188 -21.39 11.49 -25.39
N ARG B 189 -22.70 11.20 -25.46
CA ARG B 189 -23.21 10.03 -24.76
C ARG B 189 -22.73 8.74 -25.39
N ILE B 190 -22.50 8.74 -26.71
CA ILE B 190 -21.98 7.56 -27.40
C ILE B 190 -20.50 7.65 -27.65
N GLY B 191 -19.84 8.72 -27.21
CA GLY B 191 -18.41 8.85 -27.39
C GLY B 191 -17.98 9.45 -28.70
N ALA B 192 -18.89 10.02 -29.48
CA ALA B 192 -18.51 10.69 -30.71
C ALA B 192 -17.92 12.07 -30.41
N ILE B 193 -17.27 12.64 -31.41
CA ILE B 193 -16.62 13.94 -31.31
C ILE B 193 -17.45 14.93 -32.12
N HIS B 194 -18.08 15.90 -31.47
CA HIS B 194 -18.93 16.83 -32.19
C HIS B 194 -18.14 18.06 -32.62
N SER B 195 -18.18 18.35 -33.92
CA SER B 195 -17.50 19.49 -34.53
C SER B 195 -18.58 20.50 -34.93
N VAL B 196 -18.89 21.43 -34.04
CA VAL B 196 -19.97 22.38 -34.26
C VAL B 196 -19.50 23.49 -35.20
N VAL B 197 -20.28 23.74 -36.24
CA VAL B 197 -20.03 24.82 -37.19
C VAL B 197 -21.09 25.89 -36.98
N PHE B 198 -20.67 27.14 -36.85
CA PHE B 198 -21.59 28.24 -36.63
C PHE B 198 -22.59 28.34 -37.78
N ALA B 199 -23.88 28.37 -37.44
CA ALA B 199 -24.93 28.51 -38.44
C ALA B 199 -24.83 29.88 -39.09
N GLY B 200 -24.59 29.90 -40.40
CA GLY B 200 -24.29 31.12 -41.12
C GLY B 200 -22.96 31.10 -41.84
N PHE B 201 -22.14 30.07 -41.64
CA PHE B 201 -20.97 29.88 -42.46
C PHE B 201 -21.40 29.47 -43.87
N SER B 202 -20.64 29.91 -44.86
CA SER B 202 -20.97 29.52 -46.23
C SER B 202 -20.75 28.03 -46.41
N SER B 203 -21.26 27.50 -47.53
CA SER B 203 -21.10 26.07 -47.82
C SER B 203 -19.64 25.67 -47.91
N ASP B 204 -18.79 26.57 -48.41
CA ASP B 204 -17.36 26.26 -48.50
C ASP B 204 -16.73 26.18 -47.11
N SER B 205 -17.16 27.05 -46.19
CA SER B 205 -16.62 26.99 -44.84
C SER B 205 -17.09 25.72 -44.12
N LEU B 206 -18.37 25.36 -44.31
CA LEU B 206 -18.87 24.11 -43.74
C LEU B 206 -18.16 22.91 -44.36
N ARG B 207 -18.01 22.91 -45.69
CA ARG B 207 -17.36 21.79 -46.37
C ARG B 207 -15.94 21.59 -45.87
N ASP B 208 -15.20 22.67 -45.68
CA ASP B 208 -13.82 22.55 -45.20
C ASP B 208 -13.78 21.98 -43.79
N ARG B 209 -14.70 22.40 -42.93
CA ARG B 209 -14.74 21.87 -41.57
C ARG B 209 -15.22 20.42 -41.52
N VAL B 210 -15.90 19.95 -42.57
CA VAL B 210 -16.34 18.56 -42.60
C VAL B 210 -15.20 17.65 -43.05
N LEU B 211 -14.52 18.03 -44.13
CA LEU B 211 -13.46 17.18 -44.68
C LEU B 211 -12.27 17.08 -43.75
N ASP B 212 -11.94 18.16 -43.05
CA ASP B 212 -10.78 18.14 -42.15
C ASP B 212 -10.99 17.18 -40.99
N ALA B 213 -12.21 17.15 -40.45
CA ALA B 213 -12.54 16.23 -39.35
C ALA B 213 -12.96 14.85 -39.82
N GLY B 214 -13.13 14.64 -41.12
CA GLY B 214 -13.57 13.34 -41.61
C GLY B 214 -14.95 12.94 -41.15
N SER B 215 -15.84 13.90 -40.96
CA SER B 215 -17.18 13.60 -40.46
C SER B 215 -18.03 12.95 -41.55
N LYS B 216 -18.73 11.87 -41.20
CA LYS B 216 -19.60 11.16 -42.10
C LYS B 216 -21.08 11.45 -41.87
N VAL B 217 -21.42 12.11 -40.76
CA VAL B 217 -22.78 12.46 -40.42
C VAL B 217 -22.83 13.95 -40.12
N VAL B 218 -23.93 14.60 -40.49
CA VAL B 218 -24.12 16.02 -40.25
C VAL B 218 -25.54 16.25 -39.76
N ILE B 219 -25.68 16.99 -38.67
CA ILE B 219 -26.97 17.33 -38.08
C ILE B 219 -27.25 18.79 -38.40
N THR B 220 -28.46 19.07 -38.90
CA THR B 220 -28.82 20.41 -39.32
C THR B 220 -30.33 20.54 -39.27
N THR B 221 -30.83 21.71 -39.68
CA THR B 221 -32.25 21.99 -39.78
C THR B 221 -32.63 22.23 -41.22
N ASP B 222 -33.94 22.21 -41.49
CA ASP B 222 -34.43 22.56 -42.82
C ASP B 222 -34.20 24.03 -43.12
N GLU B 223 -34.62 24.90 -42.21
CA GLU B 223 -34.41 26.34 -42.34
C GLU B 223 -34.17 26.92 -40.95
N GLY B 224 -33.52 28.08 -40.92
CA GLY B 224 -33.30 28.82 -39.69
C GLY B 224 -34.23 30.02 -39.59
N LYS B 225 -34.51 30.42 -38.35
CA LYS B 225 -35.37 31.57 -38.09
C LYS B 225 -34.70 32.44 -37.03
N ARG B 226 -34.09 33.54 -37.46
CA ARG B 226 -33.43 34.47 -36.55
C ARG B 226 -33.81 35.89 -36.90
N GLY B 227 -34.42 36.60 -35.94
CA GLY B 227 -34.82 37.99 -36.15
C GLY B 227 -35.77 38.18 -37.30
N GLY B 228 -36.66 37.21 -37.56
CA GLY B 228 -37.57 37.27 -38.67
C GLY B 228 -37.02 36.79 -39.99
N LYS B 229 -35.69 36.82 -40.18
CA LYS B 229 -35.08 36.36 -41.41
C LYS B 229 -34.94 34.84 -41.42
N VAL B 230 -34.89 34.28 -42.62
CA VAL B 230 -34.81 32.84 -42.83
C VAL B 230 -33.40 32.48 -43.26
N ILE B 231 -32.83 31.46 -42.61
CA ILE B 231 -31.52 30.93 -42.95
C ILE B 231 -31.71 29.60 -43.65
N GLY B 232 -31.30 29.53 -44.92
CA GLY B 232 -31.43 28.31 -45.69
C GLY B 232 -30.37 27.28 -45.34
N THR B 233 -30.48 26.66 -44.17
CA THR B 233 -29.45 25.74 -43.70
C THR B 233 -29.34 24.52 -44.62
N LYS B 234 -30.47 23.83 -44.86
CA LYS B 234 -30.43 22.61 -45.65
C LYS B 234 -29.91 22.87 -47.06
N ARG B 235 -30.26 24.02 -47.64
CA ARG B 235 -29.77 24.35 -48.97
C ARG B 235 -28.27 24.62 -48.96
N ILE B 236 -27.75 25.19 -47.87
CA ILE B 236 -26.31 25.37 -47.73
C ILE B 236 -25.62 24.02 -47.54
N VAL B 237 -26.24 23.15 -46.73
CA VAL B 237 -25.66 21.83 -46.49
C VAL B 237 -25.60 21.03 -47.79
N ASP B 238 -26.67 21.07 -48.58
CA ASP B 238 -26.67 20.36 -49.85
C ASP B 238 -25.53 20.85 -50.75
N GLU B 239 -25.33 22.16 -50.82
CA GLU B 239 -24.25 22.70 -51.64
C GLU B 239 -22.88 22.32 -51.07
N ALA B 240 -22.77 22.19 -49.75
CA ALA B 240 -21.51 21.78 -49.15
C ALA B 240 -21.25 20.29 -49.39
N LEU B 241 -22.29 19.47 -49.26
CA LEU B 241 -22.13 18.03 -49.41
C LEU B 241 -21.86 17.60 -50.84
N LYS B 242 -21.96 18.51 -51.82
CA LYS B 242 -21.60 18.18 -53.19
C LYS B 242 -20.13 17.82 -53.30
N GLN B 243 -19.29 18.36 -52.42
CA GLN B 243 -17.88 18.03 -52.36
C GLN B 243 -17.49 17.20 -51.14
N CYS B 244 -18.47 16.82 -50.32
CA CYS B 244 -18.24 15.93 -49.17
C CYS B 244 -18.85 14.57 -49.46
N PRO B 245 -18.14 13.66 -50.13
CA PRO B 245 -18.76 12.39 -50.53
C PRO B 245 -18.88 11.40 -49.39
N ASP B 246 -17.95 11.43 -48.43
CA ASP B 246 -17.95 10.47 -47.35
C ASP B 246 -19.11 10.66 -46.38
N VAL B 247 -19.82 11.79 -46.47
CA VAL B 247 -21.00 11.99 -45.64
C VAL B 247 -22.14 11.12 -46.17
N THR B 248 -22.64 10.22 -45.33
CA THR B 248 -23.67 9.29 -45.73
C THR B 248 -25.00 9.50 -45.01
N SER B 249 -25.05 10.39 -44.02
CA SER B 249 -26.25 10.59 -43.22
C SER B 249 -26.38 12.06 -42.85
N VAL B 250 -27.56 12.62 -43.08
CA VAL B 250 -27.88 13.99 -42.70
C VAL B 250 -29.12 13.95 -41.83
N LEU B 251 -28.98 14.36 -40.58
CA LEU B 251 -30.09 14.39 -39.64
C LEU B 251 -30.68 15.81 -39.67
N VAL B 252 -31.87 15.94 -40.24
CA VAL B 252 -32.50 17.23 -40.49
C VAL B 252 -33.65 17.42 -39.49
N TYR B 253 -33.64 18.55 -38.81
CA TYR B 253 -34.70 18.90 -37.87
C TYR B 253 -35.66 19.89 -38.52
N LYS B 254 -36.95 19.55 -38.50
CA LYS B 254 -37.99 20.38 -39.12
C LYS B 254 -38.23 21.60 -38.24
N ARG B 255 -37.59 22.72 -38.58
CA ARG B 255 -37.75 23.95 -37.81
C ARG B 255 -38.84 24.85 -38.37
N THR B 256 -38.88 25.03 -39.68
CA THR B 256 -39.90 25.85 -40.32
C THR B 256 -40.92 25.05 -41.12
N GLY B 257 -40.59 23.82 -41.51
CA GLY B 257 -41.51 23.03 -42.30
C GLY B 257 -41.58 23.40 -43.77
N ALA B 258 -40.70 24.28 -44.23
CA ALA B 258 -40.72 24.68 -45.64
C ALA B 258 -40.23 23.55 -46.53
N GLU B 259 -40.70 23.55 -47.77
CA GLU B 259 -40.27 22.55 -48.74
C GLU B 259 -38.80 22.76 -49.06
N VAL B 260 -37.97 21.76 -48.74
CA VAL B 260 -36.53 21.87 -48.90
C VAL B 260 -36.03 20.73 -49.77
N PRO B 261 -34.91 20.90 -50.49
CA PRO B 261 -34.38 19.78 -51.27
C PRO B 261 -34.03 18.60 -50.38
N TRP B 262 -34.38 17.41 -50.86
CA TRP B 262 -34.24 16.18 -50.07
C TRP B 262 -33.54 15.13 -50.92
N THR B 263 -32.38 14.67 -50.44
CA THR B 263 -31.65 13.56 -51.05
C THR B 263 -31.96 12.31 -50.24
N ASN B 264 -32.72 11.39 -50.83
CA ASN B 264 -33.21 10.24 -50.09
C ASN B 264 -32.10 9.23 -49.83
N GLY B 265 -32.26 8.46 -48.75
CA GLY B 265 -31.26 7.53 -48.31
C GLY B 265 -30.20 8.17 -47.43
N ARG B 266 -29.85 9.42 -47.72
CA ARG B 266 -28.87 10.18 -46.94
C ARG B 266 -29.53 11.07 -45.90
N ASP B 267 -30.56 11.82 -46.29
CA ASP B 267 -31.27 12.70 -45.38
C ASP B 267 -32.35 11.93 -44.64
N ILE B 268 -32.49 12.23 -43.35
CA ILE B 268 -33.52 11.63 -42.49
C ILE B 268 -34.10 12.72 -41.59
N TRP B 269 -35.39 12.62 -41.32
CA TRP B 269 -36.07 13.63 -40.51
C TRP B 269 -35.88 13.33 -39.02
N TRP B 270 -35.55 14.37 -38.26
CA TRP B 270 -35.39 14.25 -36.82
C TRP B 270 -36.62 13.61 -36.17
N HIS B 271 -37.79 14.23 -36.35
CA HIS B 271 -38.99 13.76 -35.68
C HIS B 271 -39.41 12.36 -36.12
N GLU B 272 -39.00 11.94 -37.32
CA GLU B 272 -39.33 10.59 -37.78
C GLU B 272 -38.43 9.54 -37.15
N GLU B 273 -37.12 9.71 -37.28
CA GLU B 273 -36.20 8.69 -36.78
C GLU B 273 -36.16 8.66 -35.26
N VAL B 274 -36.47 9.78 -34.60
CA VAL B 274 -36.32 9.87 -33.16
C VAL B 274 -37.36 9.01 -32.45
N GLU B 275 -38.58 8.93 -32.99
CA GLU B 275 -39.64 8.17 -32.33
C GLU B 275 -39.48 6.67 -32.47
N LYS B 276 -38.51 6.19 -33.25
CA LYS B 276 -38.33 4.74 -33.42
C LYS B 276 -37.67 4.10 -32.21
N TYR B 277 -36.82 4.83 -31.50
CA TYR B 277 -35.86 4.23 -30.60
C TYR B 277 -36.19 4.53 -29.13
N PRO B 278 -35.65 3.76 -28.19
CA PRO B 278 -36.01 3.94 -26.79
C PRO B 278 -35.64 5.32 -26.26
N CYS B 279 -36.26 5.67 -25.13
CA CYS B 279 -36.02 6.94 -24.46
C CYS B 279 -34.87 6.87 -23.47
N TYR B 280 -34.12 5.77 -23.45
CA TYR B 280 -32.90 5.67 -22.65
C TYR B 280 -31.86 4.88 -23.42
N VAL B 281 -30.60 5.29 -23.26
CA VAL B 281 -29.46 4.54 -23.77
C VAL B 281 -28.34 4.64 -22.73
N ALA B 282 -27.56 3.58 -22.63
CA ALA B 282 -26.47 3.57 -21.65
C ALA B 282 -25.36 4.53 -22.11
N PRO B 283 -24.80 5.33 -21.19
CA PRO B 283 -23.74 6.26 -21.58
C PRO B 283 -22.41 5.54 -21.73
N GLU B 284 -21.75 5.75 -22.86
CA GLU B 284 -20.47 5.10 -23.12
C GLU B 284 -19.39 5.64 -22.19
N SER B 285 -18.67 4.74 -21.54
CA SER B 285 -17.60 5.15 -20.65
C SER B 285 -16.43 5.68 -21.46
N MET B 286 -16.02 6.91 -21.16
CA MET B 286 -14.93 7.58 -21.86
C MET B 286 -13.77 7.82 -20.91
N SER B 287 -12.57 7.81 -21.47
CA SER B 287 -11.40 8.17 -20.68
C SER B 287 -11.37 9.68 -20.44
N SER B 288 -10.65 10.08 -19.40
CA SER B 288 -10.48 11.51 -19.13
C SER B 288 -9.89 12.21 -20.34
N GLU B 289 -8.93 11.59 -21.02
CA GLU B 289 -8.26 12.19 -22.15
C GLU B 289 -8.82 11.72 -23.49
N ASP B 290 -10.05 11.23 -23.51
CA ASP B 290 -10.71 10.95 -24.78
C ASP B 290 -11.20 12.26 -25.39
N PRO B 291 -10.96 12.50 -26.68
CA PRO B 291 -11.41 13.76 -27.29
C PRO B 291 -12.92 13.95 -27.17
N LEU B 292 -13.32 15.11 -26.65
CA LEU B 292 -14.72 15.44 -26.44
C LEU B 292 -15.35 16.17 -27.63
N PHE B 293 -14.67 17.18 -28.17
CA PHE B 293 -15.21 17.89 -29.32
C PHE B 293 -14.09 18.56 -30.10
N LEU B 294 -14.44 19.00 -31.31
CA LEU B 294 -13.59 19.83 -32.15
C LEU B 294 -14.29 21.15 -32.41
N LEU B 295 -13.55 22.24 -32.33
CA LEU B 295 -14.08 23.57 -32.61
C LEU B 295 -13.11 24.28 -33.54
N TYR B 296 -13.46 24.38 -34.81
CA TYR B 296 -12.57 24.99 -35.80
C TYR B 296 -12.48 26.48 -35.56
N THR B 297 -11.26 26.97 -35.34
CA THR B 297 -11.00 28.36 -34.99
C THR B 297 -10.04 28.95 -35.99
N SER B 298 -10.42 30.11 -36.55
CA SER B 298 -9.54 30.81 -37.47
C SER B 298 -8.33 31.35 -36.73
N GLY B 299 -7.14 31.09 -37.28
CA GLY B 299 -5.89 31.49 -36.67
C GLY B 299 -5.07 32.39 -37.58
N SER B 300 -3.90 32.77 -37.07
CA SER B 300 -2.99 33.66 -37.79
C SER B 300 -2.63 33.11 -39.16
N THR B 301 -2.70 31.79 -39.34
CA THR B 301 -2.36 31.17 -40.61
C THR B 301 -3.62 30.86 -41.40
N GLY B 302 -3.43 30.62 -42.70
CA GLY B 302 -4.58 30.50 -43.59
C GLY B 302 -5.50 29.33 -43.28
N LYS B 303 -4.94 28.24 -42.79
CA LYS B 303 -5.81 27.06 -42.74
C LYS B 303 -6.72 27.11 -41.52
N PRO B 304 -7.94 26.59 -41.64
CA PRO B 304 -8.81 26.46 -40.46
C PRO B 304 -8.27 25.38 -39.53
N LYS B 305 -8.14 25.71 -38.25
CA LYS B 305 -7.55 24.79 -37.28
C LYS B 305 -8.63 24.25 -36.37
N GLY B 306 -8.63 22.93 -36.19
CA GLY B 306 -9.61 22.29 -35.31
C GLY B 306 -9.08 22.13 -33.90
N VAL B 307 -9.42 23.05 -33.01
CA VAL B 307 -9.00 22.93 -31.62
C VAL B 307 -9.72 21.75 -30.98
N MET B 308 -8.97 20.94 -30.24
CA MET B 308 -9.52 19.76 -29.58
C MET B 308 -9.43 19.91 -28.07
N HIS B 309 -10.50 19.49 -27.38
CA HIS B 309 -10.53 19.42 -25.92
C HIS B 309 -10.91 18.01 -25.49
N THR B 310 -10.29 17.53 -24.42
CA THR B 310 -10.61 16.23 -23.88
C THR B 310 -11.77 16.37 -22.88
N THR B 311 -12.09 15.29 -22.17
CA THR B 311 -13.33 15.24 -21.38
C THR B 311 -13.15 15.83 -19.99
N ALA B 312 -12.38 15.15 -19.13
CA ALA B 312 -12.33 15.52 -17.71
C ALA B 312 -11.80 16.94 -17.53
N GLY B 313 -10.69 17.27 -18.17
CA GLY B 313 -10.09 18.58 -17.96
C GLY B 313 -11.00 19.72 -18.39
N TYR B 314 -11.56 19.62 -19.60
CA TYR B 314 -12.44 20.68 -20.10
C TYR B 314 -13.69 20.82 -19.25
N LEU B 315 -14.32 19.69 -18.91
CA LEU B 315 -15.55 19.76 -18.11
C LEU B 315 -15.27 20.35 -16.73
N LEU B 316 -14.12 20.03 -16.14
CA LEU B 316 -13.76 20.64 -14.87
C LEU B 316 -13.55 22.14 -15.02
N GLY B 317 -13.00 22.57 -16.15
CA GLY B 317 -12.86 24.00 -16.41
C GLY B 317 -14.20 24.70 -16.51
N ALA B 318 -15.16 24.06 -17.20
CA ALA B 318 -16.49 24.64 -17.31
C ALA B 318 -17.18 24.69 -15.95
N ALA B 319 -17.08 23.60 -15.18
CA ALA B 319 -17.73 23.57 -13.88
C ALA B 319 -17.05 24.51 -12.89
N MET B 320 -15.72 24.63 -12.96
CA MET B 320 -15.00 25.48 -12.02
C MET B 320 -15.29 26.95 -12.28
N THR B 321 -15.25 27.38 -13.55
CA THR B 321 -15.48 28.78 -13.87
C THR B 321 -16.93 29.17 -13.64
N GLY B 322 -17.87 28.29 -14.00
CA GLY B 322 -19.27 28.58 -13.72
C GLY B 322 -19.54 28.73 -12.23
N LYS B 323 -18.89 27.92 -11.41
CA LYS B 323 -19.16 27.95 -9.97
C LYS B 323 -18.56 29.18 -9.30
N TYR B 324 -17.36 29.58 -9.71
CA TYR B 324 -16.62 30.61 -8.98
C TYR B 324 -16.59 31.97 -9.67
N VAL B 325 -16.67 32.01 -11.00
CA VAL B 325 -16.73 33.30 -11.69
C VAL B 325 -18.16 33.82 -11.73
N PHE B 326 -19.09 32.99 -12.21
CA PHE B 326 -20.49 33.39 -12.35
C PHE B 326 -21.32 33.12 -11.10
N ASP B 327 -20.74 32.48 -10.07
CA ASP B 327 -21.46 32.19 -8.83
C ASP B 327 -22.76 31.45 -9.09
N ILE B 328 -22.67 30.38 -9.86
CA ILE B 328 -23.84 29.59 -10.23
C ILE B 328 -24.19 28.64 -9.10
N HIS B 329 -25.46 28.65 -8.70
CA HIS B 329 -26.00 27.74 -7.70
C HIS B 329 -27.01 26.81 -8.37
N ASP B 330 -27.70 26.00 -7.55
CA ASP B 330 -28.58 24.98 -8.09
C ASP B 330 -29.80 25.60 -8.77
N ASP B 331 -30.46 26.55 -8.11
CA ASP B 331 -31.71 27.11 -8.56
C ASP B 331 -31.56 28.30 -9.50
N ASP B 332 -30.35 28.59 -9.97
CA ASP B 332 -30.14 29.77 -10.79
C ASP B 332 -30.68 29.58 -12.22
N ARG B 333 -30.89 30.70 -12.90
CA ARG B 333 -31.30 30.72 -14.30
C ARG B 333 -30.22 31.48 -15.06
N PHE B 334 -29.51 30.78 -15.95
CA PHE B 334 -28.34 31.31 -16.61
C PHE B 334 -28.66 31.65 -18.06
N PHE B 335 -28.26 32.85 -18.48
CA PHE B 335 -28.53 33.36 -19.82
C PHE B 335 -27.22 33.84 -20.41
N CYS B 336 -26.79 33.22 -21.50
CA CYS B 336 -25.59 33.63 -22.24
C CYS B 336 -25.99 33.96 -23.67
N GLY B 337 -25.68 35.19 -24.09
CA GLY B 337 -25.99 35.62 -25.45
C GLY B 337 -25.15 34.99 -26.53
N GLY B 338 -24.05 34.32 -26.16
CA GLY B 338 -23.18 33.72 -27.15
C GLY B 338 -23.84 32.60 -27.91
N ASP B 339 -23.32 32.35 -29.10
CA ASP B 339 -23.78 31.26 -29.96
C ASP B 339 -22.98 29.99 -29.71
N VAL B 340 -23.60 28.84 -30.01
CA VAL B 340 -22.90 27.56 -29.80
C VAL B 340 -21.79 27.37 -30.83
N GLY B 341 -21.89 28.01 -32.00
CA GLY B 341 -20.85 27.91 -33.00
C GLY B 341 -19.50 28.43 -32.55
N TRP B 342 -19.45 29.17 -31.45
CA TRP B 342 -18.20 29.63 -30.87
C TRP B 342 -17.98 28.94 -29.53
N ILE B 343 -16.79 29.17 -28.96
CA ILE B 343 -16.46 28.55 -27.68
C ILE B 343 -17.30 29.10 -26.55
N THR B 344 -17.83 30.32 -26.71
CA THR B 344 -18.69 30.89 -25.67
C THR B 344 -19.94 30.05 -25.46
N GLY B 345 -20.59 29.63 -26.54
CA GLY B 345 -21.77 28.79 -26.41
C GLY B 345 -21.43 27.38 -25.97
N HIS B 346 -20.31 26.84 -26.43
CA HIS B 346 -19.85 25.53 -25.99
C HIS B 346 -19.77 25.46 -24.47
N THR B 347 -18.97 26.35 -23.88
CA THR B 347 -18.68 26.22 -22.45
C THR B 347 -19.82 26.74 -21.58
N TYR B 348 -20.41 27.89 -21.92
CA TYR B 348 -21.28 28.57 -20.99
C TYR B 348 -22.74 28.62 -21.41
N VAL B 349 -23.07 28.20 -22.63
CA VAL B 349 -24.48 27.93 -22.94
C VAL B 349 -24.83 26.48 -22.62
N VAL B 350 -23.90 25.56 -22.89
CA VAL B 350 -24.17 24.13 -22.74
C VAL B 350 -23.55 23.57 -21.46
N TYR B 351 -22.23 23.44 -21.44
CA TYR B 351 -21.61 22.55 -20.45
C TYR B 351 -21.66 23.13 -19.04
N ALA B 352 -21.11 24.33 -18.84
CA ALA B 352 -21.02 24.90 -17.50
C ALA B 352 -22.37 24.98 -16.77
N PRO B 353 -23.46 25.46 -17.37
CA PRO B 353 -24.72 25.47 -16.63
C PRO B 353 -25.27 24.07 -16.37
N LEU B 354 -25.21 23.19 -17.36
CA LEU B 354 -25.79 21.86 -17.19
C LEU B 354 -24.96 20.98 -16.27
N LEU B 355 -23.63 21.11 -16.32
CA LEU B 355 -22.77 20.38 -15.40
C LEU B 355 -23.13 20.70 -13.95
N LEU B 356 -23.40 21.98 -13.67
CA LEU B 356 -23.74 22.40 -12.32
C LEU B 356 -25.21 22.18 -11.98
N GLY B 357 -26.03 21.79 -12.95
CA GLY B 357 -27.39 21.39 -12.68
C GLY B 357 -28.41 22.51 -12.61
N CYS B 358 -28.15 23.66 -13.21
CA CYS B 358 -29.06 24.78 -13.19
C CYS B 358 -29.80 24.87 -14.53
N SER B 359 -30.47 26.01 -14.75
CA SER B 359 -31.21 26.25 -15.98
C SER B 359 -30.37 27.12 -16.91
N THR B 360 -30.27 26.72 -18.18
CA THR B 360 -29.59 27.50 -19.19
C THR B 360 -30.59 28.01 -20.21
N VAL B 361 -30.44 29.26 -20.62
CA VAL B 361 -31.35 29.89 -21.57
C VAL B 361 -30.79 29.76 -22.97
N VAL B 362 -31.57 29.18 -23.87
CA VAL B 362 -31.19 29.01 -25.27
C VAL B 362 -31.98 30.06 -26.07
N PHE B 363 -31.30 31.12 -26.48
CA PHE B 363 -31.93 32.26 -27.13
C PHE B 363 -31.68 32.21 -28.63
N GLU B 364 -32.75 32.14 -29.41
CA GLU B 364 -32.65 32.00 -30.86
C GLU B 364 -32.72 33.32 -31.61
N SER B 365 -33.20 34.38 -30.97
CA SER B 365 -33.45 35.64 -31.65
C SER B 365 -32.23 36.56 -31.52
N THR B 366 -32.38 37.78 -31.99
CA THR B 366 -31.39 38.84 -31.88
C THR B 366 -31.72 39.74 -30.71
N PRO B 367 -30.75 40.53 -30.22
CA PRO B 367 -31.06 41.47 -29.13
C PRO B 367 -32.09 42.53 -29.51
N ALA B 368 -32.42 42.67 -30.79
CA ALA B 368 -33.25 43.78 -31.28
C ALA B 368 -34.49 43.30 -32.03
N TYR B 369 -34.99 42.11 -31.70
CA TYR B 369 -36.19 41.59 -32.34
C TYR B 369 -37.11 41.04 -31.26
N PRO B 370 -38.39 41.45 -31.22
CA PRO B 370 -38.98 42.43 -32.15
C PRO B 370 -38.61 43.89 -31.82
N ASN B 371 -38.11 44.13 -30.61
CA ASN B 371 -37.69 45.46 -30.20
C ASN B 371 -36.38 45.35 -29.41
N PHE B 372 -35.81 46.52 -29.08
CA PHE B 372 -34.51 46.56 -28.39
C PHE B 372 -34.61 46.17 -26.93
N SER B 373 -35.79 45.90 -26.40
CA SER B 373 -35.95 45.47 -25.02
C SER B 373 -36.01 43.95 -24.91
N ARG B 374 -35.69 43.23 -25.98
CA ARG B 374 -35.83 41.77 -25.98
C ARG B 374 -34.92 41.12 -24.93
N TYR B 375 -33.65 41.51 -24.89
CA TYR B 375 -32.73 40.96 -23.90
C TYR B 375 -33.33 41.04 -22.49
N TRP B 376 -33.91 42.19 -22.15
CA TRP B 376 -34.45 42.39 -20.82
C TRP B 376 -35.84 41.77 -20.68
N ASP B 377 -36.60 41.66 -21.78
CA ASP B 377 -37.83 40.88 -21.75
C ASP B 377 -37.55 39.44 -21.32
N VAL B 378 -36.48 38.84 -21.85
CA VAL B 378 -36.15 37.46 -21.55
C VAL B 378 -35.65 37.33 -20.11
N ILE B 379 -34.84 38.27 -19.65
CA ILE B 379 -34.30 38.19 -18.29
C ILE B 379 -35.42 38.31 -17.26
N GLU B 380 -36.30 39.32 -17.44
CA GLU B 380 -37.42 39.49 -16.51
C GLU B 380 -38.38 38.32 -16.55
N LYS B 381 -38.72 37.84 -17.75
CA LYS B 381 -39.73 36.79 -17.88
C LYS B 381 -39.30 35.52 -17.17
N HIS B 382 -38.05 35.12 -17.35
CA HIS B 382 -37.55 33.85 -16.81
C HIS B 382 -36.76 34.04 -15.53
N LYS B 383 -36.81 35.23 -14.93
CA LYS B 383 -36.15 35.53 -13.65
C LYS B 383 -34.67 35.14 -13.70
N VAL B 384 -33.99 35.60 -14.74
CA VAL B 384 -32.60 35.22 -14.97
C VAL B 384 -31.70 35.80 -13.88
N THR B 385 -30.74 35.01 -13.43
CA THR B 385 -29.81 35.41 -12.38
C THR B 385 -28.45 35.83 -12.91
N GLN B 386 -28.05 35.37 -14.09
CA GLN B 386 -26.75 35.70 -14.66
C GLN B 386 -26.90 35.91 -16.16
N PHE B 387 -26.38 37.02 -16.66
CA PHE B 387 -26.45 37.35 -18.07
C PHE B 387 -25.04 37.51 -18.62
N TYR B 388 -24.79 36.93 -19.80
CA TYR B 388 -23.47 36.89 -20.40
C TYR B 388 -23.58 37.37 -21.85
N VAL B 389 -23.04 38.55 -22.12
CA VAL B 389 -23.19 39.21 -23.42
C VAL B 389 -21.84 39.73 -23.87
N ALA B 390 -21.72 40.01 -25.18
CA ALA B 390 -20.57 40.64 -25.81
C ALA B 390 -20.74 42.16 -25.84
N PRO B 391 -19.65 42.91 -25.70
CA PRO B 391 -19.75 44.38 -25.73
C PRO B 391 -20.30 44.92 -27.04
N THR B 392 -20.16 44.19 -28.14
CA THR B 392 -20.71 44.65 -29.40
C THR B 392 -22.22 44.78 -29.34
N ALA B 393 -22.90 43.85 -28.66
CA ALA B 393 -24.33 43.95 -28.50
C ALA B 393 -24.72 45.02 -27.48
N LEU B 394 -23.85 45.30 -26.51
CA LEU B 394 -24.14 46.34 -25.53
C LEU B 394 -24.12 47.72 -26.16
N ARG B 395 -23.13 47.99 -27.01
CA ARG B 395 -23.06 49.30 -27.66
C ARG B 395 -24.23 49.53 -28.60
N LEU B 396 -24.74 48.47 -29.24
CA LEU B 396 -25.90 48.62 -30.11
C LEU B 396 -27.16 48.98 -29.32
N LEU B 397 -27.37 48.33 -28.18
CA LEU B 397 -28.53 48.66 -27.35
C LEU B 397 -28.37 50.02 -26.68
N LYS B 398 -27.14 50.41 -26.34
CA LYS B 398 -26.90 51.72 -25.75
C LYS B 398 -27.24 52.83 -26.72
N ARG B 399 -26.86 52.67 -27.99
CA ARG B 399 -27.19 53.65 -29.01
C ARG B 399 -28.69 53.71 -29.28
N ALA B 400 -29.39 52.60 -29.04
CA ALA B 400 -30.83 52.55 -29.32
C ALA B 400 -31.63 53.44 -28.37
N GLY B 401 -31.16 53.60 -27.14
CA GLY B 401 -31.81 54.46 -26.17
C GLY B 401 -32.15 53.74 -24.88
N ASP B 402 -32.16 54.50 -23.78
CA ASP B 402 -32.44 53.94 -22.46
C ASP B 402 -33.92 53.76 -22.19
N GLU B 403 -34.79 54.15 -23.12
CA GLU B 403 -36.22 53.95 -22.95
C GLU B 403 -36.63 52.50 -23.07
N HIS B 404 -35.73 51.63 -23.53
CA HIS B 404 -36.04 50.22 -23.69
C HIS B 404 -35.82 49.41 -22.41
N ILE B 405 -35.08 49.95 -21.45
CA ILE B 405 -34.81 49.22 -20.18
C ILE B 405 -35.85 49.72 -19.19
N HIS B 406 -37.05 49.13 -19.28
CA HIS B 406 -38.15 49.40 -18.37
C HIS B 406 -38.46 48.20 -17.47
N HIS B 407 -37.62 47.18 -17.49
CA HIS B 407 -37.86 45.94 -16.76
C HIS B 407 -37.27 45.96 -15.36
N LYS B 408 -37.94 45.28 -14.43
CA LYS B 408 -37.47 45.25 -13.05
C LYS B 408 -36.23 44.38 -12.90
N MET B 409 -36.24 43.20 -13.50
CA MET B 409 -35.12 42.25 -13.48
C MET B 409 -34.59 42.07 -12.06
N GLU B 410 -35.49 41.68 -11.17
CA GLU B 410 -35.21 41.70 -9.74
C GLU B 410 -34.09 40.73 -9.37
N HIS B 411 -33.89 39.68 -10.17
CA HIS B 411 -32.98 38.60 -9.83
C HIS B 411 -31.63 38.70 -10.53
N LEU B 412 -31.37 39.77 -11.26
CA LEU B 412 -30.10 39.90 -11.97
C LEU B 412 -28.96 40.15 -11.00
N ARG B 413 -27.98 39.26 -11.00
CA ARG B 413 -26.90 39.24 -10.01
C ARG B 413 -25.51 39.34 -10.61
N ILE B 414 -25.28 38.76 -11.79
CA ILE B 414 -23.97 38.73 -12.42
C ILE B 414 -24.13 39.17 -13.87
N LEU B 415 -23.39 40.20 -14.25
CA LEU B 415 -23.37 40.68 -15.63
C LEU B 415 -21.99 40.38 -16.21
N GLY B 416 -21.95 39.71 -17.34
CA GLY B 416 -20.70 39.23 -17.92
C GLY B 416 -20.43 39.78 -19.30
N SER B 417 -19.16 40.09 -19.57
CA SER B 417 -18.69 40.51 -20.88
C SER B 417 -17.62 39.56 -21.37
N VAL B 418 -17.54 39.39 -22.69
CA VAL B 418 -16.60 38.44 -23.29
C VAL B 418 -16.30 38.86 -24.71
N GLY B 419 -15.07 38.57 -25.17
CA GLY B 419 -14.71 38.69 -26.56
C GLY B 419 -14.02 39.98 -26.95
N GLU B 420 -14.13 41.03 -26.13
CA GLU B 420 -13.60 42.34 -26.49
C GLU B 420 -13.45 43.14 -25.21
N PRO B 421 -12.50 44.07 -25.16
CA PRO B 421 -12.41 44.95 -23.97
C PRO B 421 -13.61 45.88 -23.88
N ILE B 422 -14.21 45.93 -22.70
CA ILE B 422 -15.36 46.79 -22.46
C ILE B 422 -14.87 48.22 -22.18
N ALA B 423 -15.51 49.19 -22.84
CA ALA B 423 -15.15 50.58 -22.64
C ALA B 423 -15.69 51.08 -21.30
N ALA B 424 -15.03 52.12 -20.77
CA ALA B 424 -15.42 52.65 -19.46
C ALA B 424 -16.84 53.22 -19.50
N GLU B 425 -17.21 53.88 -20.60
CA GLU B 425 -18.56 54.42 -20.71
C GLU B 425 -19.58 53.31 -20.90
N VAL B 426 -19.23 52.27 -21.66
CA VAL B 426 -20.10 51.12 -21.83
C VAL B 426 -20.18 50.30 -20.54
N TRP B 427 -19.06 50.19 -19.82
CA TRP B 427 -19.06 49.50 -18.53
C TRP B 427 -20.02 50.17 -17.56
N LYS B 428 -19.99 51.51 -17.51
CA LYS B 428 -20.89 52.23 -16.60
C LYS B 428 -22.34 52.04 -16.98
N TRP B 429 -22.65 52.05 -18.27
CA TRP B 429 -24.04 51.83 -18.71
C TRP B 429 -24.52 50.44 -18.33
N TYR B 430 -23.66 49.43 -18.54
CA TYR B 430 -23.96 48.07 -18.10
C TYR B 430 -24.22 48.02 -16.60
N PHE B 431 -23.53 48.86 -15.83
CA PHE B 431 -23.62 48.80 -14.37
C PHE B 431 -24.83 49.55 -13.85
N GLU B 432 -25.16 50.69 -14.47
CA GLU B 432 -26.23 51.56 -13.99
C GLU B 432 -27.58 51.26 -14.65
N LYS B 433 -27.62 51.26 -15.98
CA LYS B 433 -28.90 51.09 -16.66
C LYS B 433 -29.42 49.66 -16.54
N VAL B 434 -28.53 48.67 -16.69
CA VAL B 434 -28.95 47.27 -16.63
C VAL B 434 -28.89 46.75 -15.21
N GLY B 435 -27.71 46.79 -14.60
CA GLY B 435 -27.53 46.21 -13.28
C GLY B 435 -28.13 47.03 -12.16
N LYS B 436 -28.45 48.29 -12.42
CA LYS B 436 -29.03 49.19 -11.41
C LYS B 436 -28.13 49.33 -10.18
N GLU B 437 -26.81 49.28 -10.41
CA GLU B 437 -25.80 49.42 -9.35
C GLU B 437 -25.96 48.36 -8.26
N GLU B 438 -26.53 47.21 -8.61
CA GLU B 438 -26.75 46.15 -7.64
C GLU B 438 -26.21 44.79 -8.09
N ALA B 439 -25.63 44.71 -9.29
CA ALA B 439 -25.12 43.46 -9.82
C ALA B 439 -23.62 43.58 -10.06
N HIS B 440 -22.93 42.45 -10.00
CA HIS B 440 -21.49 42.40 -10.16
C HIS B 440 -21.14 42.15 -11.62
N ILE B 441 -20.30 43.01 -12.18
CA ILE B 441 -19.88 42.89 -13.57
C ILE B 441 -18.55 42.16 -13.62
N CYS B 442 -18.47 41.12 -14.45
CA CYS B 442 -17.30 40.27 -14.57
C CYS B 442 -16.82 40.31 -16.02
N ASP B 443 -15.70 40.98 -16.25
CA ASP B 443 -15.06 41.02 -17.57
C ASP B 443 -14.16 39.80 -17.68
N THR B 444 -14.61 38.78 -18.40
CA THR B 444 -13.88 37.52 -18.50
C THR B 444 -12.97 37.52 -19.71
N TYR B 445 -11.69 37.25 -19.49
CA TYR B 445 -10.73 37.09 -20.57
C TYR B 445 -10.39 35.62 -20.72
N TRP B 446 -10.50 35.12 -21.94
CA TRP B 446 -10.16 33.74 -22.27
C TRP B 446 -10.22 33.61 -23.79
N GLN B 447 -9.85 32.43 -24.28
CA GLN B 447 -9.88 32.13 -25.71
C GLN B 447 -10.34 30.69 -25.89
N THR B 448 -10.64 30.34 -27.14
CA THR B 448 -11.08 28.98 -27.46
C THR B 448 -10.09 27.95 -26.93
N GLU B 449 -8.80 28.21 -27.06
CA GLU B 449 -7.77 27.27 -26.63
C GLU B 449 -7.66 27.16 -25.12
N THR B 450 -8.25 28.08 -24.36
CA THR B 450 -8.27 27.97 -22.91
C THR B 450 -9.46 27.17 -22.38
N GLY B 451 -10.52 27.03 -23.16
CA GLY B 451 -11.69 26.24 -22.79
C GLY B 451 -12.60 26.88 -21.77
N SER B 452 -12.06 27.78 -20.94
CA SER B 452 -12.86 28.45 -19.92
C SER B 452 -12.13 29.72 -19.51
N HIS B 453 -12.74 30.47 -18.60
CA HIS B 453 -12.15 31.72 -18.13
C HIS B 453 -10.77 31.46 -17.53
N VAL B 454 -9.81 32.31 -17.90
CA VAL B 454 -8.47 32.21 -17.34
C VAL B 454 -8.15 33.47 -16.55
N ILE B 455 -8.66 34.62 -17.00
CA ILE B 455 -8.50 35.88 -16.29
C ILE B 455 -9.88 36.53 -16.22
N SER B 456 -10.40 36.67 -15.02
CA SER B 456 -11.75 37.17 -14.80
C SER B 456 -11.95 37.48 -13.32
N PRO B 457 -12.83 38.40 -12.98
CA PRO B 457 -13.17 38.58 -11.56
C PRO B 457 -14.07 37.46 -11.09
N LEU B 458 -14.09 37.26 -9.79
CA LEU B 458 -14.95 36.24 -9.18
C LEU B 458 -16.20 36.93 -8.63
N GLY B 459 -17.36 36.48 -9.11
CA GLY B 459 -18.63 37.10 -8.75
C GLY B 459 -18.86 37.16 -7.26
N GLY B 460 -19.07 38.37 -6.74
CA GLY B 460 -19.28 38.55 -5.32
C GLY B 460 -18.03 38.54 -4.47
N ILE B 461 -16.85 38.50 -5.09
CA ILE B 461 -15.58 38.49 -4.36
C ILE B 461 -14.68 39.60 -4.89
N THR B 462 -14.29 39.49 -6.16
CA THR B 462 -13.25 40.35 -6.72
C THR B 462 -13.76 41.76 -7.01
N SER B 463 -12.96 42.75 -6.64
CA SER B 463 -13.24 44.13 -7.00
C SER B 463 -12.83 44.36 -8.44
N THR B 464 -13.51 45.28 -9.11
CA THR B 464 -13.37 45.45 -10.54
C THR B 464 -12.79 46.83 -10.87
N LYS B 465 -12.43 46.98 -12.15
CA LYS B 465 -11.94 48.21 -12.74
C LYS B 465 -12.49 48.22 -14.16
N PRO B 466 -13.17 49.29 -14.57
CA PRO B 466 -13.76 49.32 -15.92
C PRO B 466 -12.69 49.22 -16.99
N GLY B 467 -12.74 48.16 -17.78
CA GLY B 467 -11.77 47.91 -18.82
C GLY B 467 -10.71 46.89 -18.47
N SER B 468 -10.68 46.42 -17.22
CA SER B 468 -9.70 45.45 -16.76
C SER B 468 -10.36 44.09 -16.55
N ALA B 469 -9.58 43.02 -16.75
CA ALA B 469 -10.07 41.68 -16.55
C ALA B 469 -9.74 41.15 -15.16
N SER B 470 -9.19 42.00 -14.30
CA SER B 470 -8.88 41.70 -12.89
C SER B 470 -7.82 40.59 -12.81
N LEU B 471 -7.94 39.76 -11.78
CA LEU B 471 -6.93 38.78 -11.40
C LEU B 471 -7.10 37.48 -12.16
N PRO B 472 -6.11 36.59 -12.10
CA PRO B 472 -6.21 35.31 -12.81
C PRO B 472 -7.06 34.30 -12.06
N PHE B 473 -7.47 33.27 -12.79
CA PHE B 473 -8.28 32.19 -12.26
C PHE B 473 -7.38 31.10 -11.65
N PHE B 474 -8.02 30.15 -10.97
CA PHE B 474 -7.28 29.06 -10.34
C PHE B 474 -6.48 28.28 -11.38
N GLY B 475 -5.24 27.95 -11.03
CA GLY B 475 -4.37 27.23 -11.94
C GLY B 475 -3.83 28.05 -13.09
N ILE B 476 -4.02 29.37 -13.07
CA ILE B 476 -3.55 30.23 -14.15
C ILE B 476 -2.50 31.15 -13.55
N GLU B 477 -1.23 30.86 -13.83
CA GLU B 477 -0.14 31.71 -13.37
C GLU B 477 0.35 32.53 -14.55
N PRO B 478 -0.09 33.78 -14.70
CA PRO B 478 0.27 34.57 -15.88
C PRO B 478 1.62 35.23 -15.74
N ALA B 479 2.22 35.51 -16.90
CA ALA B 479 3.52 36.17 -16.96
C ALA B 479 3.50 37.19 -18.09
N ILE B 480 4.07 38.35 -17.85
CA ILE B 480 4.26 39.38 -18.88
C ILE B 480 5.65 39.20 -19.47
N ILE B 481 5.73 39.14 -20.80
CA ILE B 481 6.96 38.79 -21.50
C ILE B 481 7.35 39.92 -22.45
N ASP B 482 8.62 40.33 -22.37
CA ASP B 482 9.19 41.25 -23.34
C ASP B 482 9.32 40.54 -24.69
N PRO B 483 8.57 40.94 -25.72
CA PRO B 483 8.59 40.17 -26.98
C PRO B 483 9.95 40.13 -27.67
N VAL B 484 10.71 41.22 -27.66
CA VAL B 484 12.01 41.21 -28.35
C VAL B 484 13.03 40.40 -27.54
N SER B 485 13.00 40.52 -26.22
CA SER B 485 13.96 39.83 -25.37
C SER B 485 13.52 38.41 -25.01
N GLY B 486 12.24 38.09 -25.17
CA GLY B 486 11.72 36.79 -24.80
C GLY B 486 11.83 36.49 -23.32
N GLU B 487 12.09 37.51 -22.52
CA GLU B 487 12.29 37.36 -21.08
C GLU B 487 11.06 37.85 -20.33
N GLU B 488 10.79 37.21 -19.20
CA GLU B 488 9.68 37.59 -18.36
C GLU B 488 10.00 38.90 -17.63
N ILE B 489 9.01 39.79 -17.58
CA ILE B 489 9.13 41.05 -16.86
C ILE B 489 8.40 40.87 -15.52
N SER B 490 9.13 40.96 -14.42
CA SER B 490 8.55 40.72 -13.11
C SER B 490 8.07 42.02 -12.48
N GLY B 491 7.29 41.89 -11.42
CA GLY B 491 6.77 43.04 -10.70
C GLY B 491 5.56 43.63 -11.39
N ASN B 492 5.02 44.67 -10.75
CA ASN B 492 3.83 45.35 -11.25
C ASN B 492 4.21 46.54 -12.11
N ASP B 493 3.19 47.16 -12.72
CA ASP B 493 3.34 48.29 -13.62
C ASP B 493 4.29 47.94 -14.77
N VAL B 494 4.04 46.80 -15.41
CA VAL B 494 4.84 46.31 -16.51
C VAL B 494 3.94 46.14 -17.74
N GLU B 495 4.57 45.95 -18.90
CA GLU B 495 3.84 45.83 -20.15
C GLU B 495 4.59 44.90 -21.11
N GLY B 496 3.84 44.12 -21.88
CA GLY B 496 4.40 43.19 -22.84
C GLY B 496 3.36 42.28 -23.48
N VAL B 497 3.71 41.01 -23.65
CA VAL B 497 2.78 40.02 -24.18
C VAL B 497 2.42 39.04 -23.08
N LEU B 498 1.26 38.43 -23.22
CA LEU B 498 0.66 37.61 -22.17
C LEU B 498 1.00 36.14 -22.38
N ALA B 499 1.37 35.48 -21.28
CA ALA B 499 1.71 34.07 -21.31
C ALA B 499 1.42 33.46 -19.96
N PHE B 500 1.25 32.15 -19.93
CA PHE B 500 0.93 31.41 -18.72
C PHE B 500 2.08 30.47 -18.39
N LYS B 501 2.43 30.43 -17.11
CA LYS B 501 3.62 29.71 -16.63
C LYS B 501 3.37 28.23 -16.38
N GLN B 502 2.13 27.84 -16.08
CA GLN B 502 1.80 26.46 -15.76
C GLN B 502 0.58 26.01 -16.54
N PRO B 503 0.45 24.71 -16.80
CA PRO B 503 -0.70 24.23 -17.56
C PRO B 503 -1.91 24.06 -16.66
N TRP B 504 -3.08 24.17 -17.26
CA TRP B 504 -4.36 24.06 -16.57
C TRP B 504 -5.21 22.97 -17.20
N PRO B 505 -6.15 22.38 -16.45
CA PRO B 505 -6.87 21.21 -16.98
C PRO B 505 -7.66 21.50 -18.23
N SER B 506 -8.29 22.68 -18.33
CA SER B 506 -9.14 23.05 -19.45
C SER B 506 -8.36 23.39 -20.71
N MET B 507 -7.03 23.41 -20.67
CA MET B 507 -6.24 23.81 -21.83
C MET B 507 -6.47 22.87 -23.01
N ALA B 508 -6.47 23.45 -24.21
CA ALA B 508 -6.59 22.66 -25.42
C ALA B 508 -5.42 21.68 -25.55
N ARG B 509 -5.72 20.49 -26.06
CA ARG B 509 -4.73 19.42 -26.10
C ARG B 509 -3.94 19.38 -27.40
N THR B 510 -4.55 19.72 -28.53
CA THR B 510 -3.85 19.66 -29.82
C THR B 510 -4.69 20.42 -30.85
N VAL B 511 -4.16 20.47 -32.07
CA VAL B 511 -4.91 20.90 -33.24
C VAL B 511 -5.04 19.68 -34.15
N TRP B 512 -6.29 19.31 -34.45
CA TRP B 512 -6.58 18.04 -35.10
C TRP B 512 -5.80 17.87 -36.41
N GLY B 513 -4.97 16.84 -36.45
CA GLY B 513 -4.19 16.54 -37.64
C GLY B 513 -2.93 17.36 -37.82
N ALA B 514 -2.60 18.22 -36.86
CA ALA B 514 -1.45 19.10 -37.01
C ALA B 514 -0.92 19.52 -35.64
N HIS B 515 -0.29 18.57 -34.93
CA HIS B 515 0.28 18.88 -33.63
C HIS B 515 1.52 19.76 -33.74
N LYS B 516 2.29 19.61 -34.83
CA LYS B 516 3.45 20.47 -35.02
C LYS B 516 3.03 21.94 -35.12
N ARG B 517 1.96 22.21 -35.86
CA ARG B 517 1.41 23.56 -35.89
C ARG B 517 0.90 23.97 -34.50
N TYR B 518 0.34 23.02 -33.75
CA TYR B 518 -0.09 23.31 -32.38
C TYR B 518 1.10 23.71 -31.52
N MET B 519 2.21 22.98 -31.64
CA MET B 519 3.41 23.29 -30.85
C MET B 519 4.00 24.63 -31.26
N ASP B 520 4.06 24.92 -32.55
CA ASP B 520 4.70 26.14 -33.02
C ASP B 520 3.89 27.38 -32.65
N THR B 521 2.55 27.26 -32.63
CA THR B 521 1.72 28.44 -32.41
C THR B 521 1.61 28.83 -30.95
N TYR B 522 1.52 27.83 -30.05
CA TYR B 522 1.22 28.11 -28.65
C TYR B 522 2.35 27.77 -27.68
N LEU B 523 3.26 26.87 -28.05
CA LEU B 523 4.23 26.35 -27.11
C LEU B 523 5.69 26.55 -27.51
N ASN B 524 5.97 26.83 -28.78
CA ASN B 524 7.34 27.04 -29.23
C ASN B 524 7.71 28.51 -29.34
N VAL B 525 6.77 29.43 -29.15
CA VAL B 525 7.09 30.86 -29.20
C VAL B 525 7.97 31.23 -28.02
N TYR B 526 7.54 30.90 -26.80
CA TYR B 526 8.34 31.08 -25.59
C TYR B 526 8.36 29.75 -24.85
N LYS B 527 9.50 29.05 -24.90
CA LYS B 527 9.59 27.72 -24.33
C LYS B 527 9.31 27.74 -22.84
N GLY B 528 8.50 26.78 -22.39
CA GLY B 528 8.06 26.74 -21.01
C GLY B 528 6.85 27.60 -20.70
N TYR B 529 6.29 28.29 -21.69
CA TYR B 529 5.12 29.14 -21.52
C TYR B 529 4.05 28.77 -22.54
N TYR B 530 2.80 29.07 -22.20
CA TYR B 530 1.71 29.05 -23.16
C TYR B 530 1.52 30.48 -23.66
N PHE B 531 1.59 30.67 -24.97
CA PHE B 531 1.54 32.00 -25.58
C PHE B 531 0.11 32.29 -26.01
N THR B 532 -0.53 33.25 -25.34
CA THR B 532 -1.91 33.60 -25.64
C THR B 532 -2.05 34.30 -26.99
N GLY B 533 -1.01 34.93 -27.49
CA GLY B 533 -1.10 35.73 -28.69
C GLY B 533 -1.69 37.10 -28.47
N ASP B 534 -1.81 37.54 -27.23
CA ASP B 534 -2.40 38.83 -26.89
C ASP B 534 -1.37 39.66 -26.13
N GLY B 535 -1.40 40.97 -26.37
CA GLY B 535 -0.66 41.89 -25.54
C GLY B 535 -1.40 42.19 -24.25
N ALA B 536 -0.64 42.44 -23.19
CA ALA B 536 -1.26 42.64 -21.88
C ALA B 536 -0.37 43.53 -21.03
N GLY B 537 -0.95 44.03 -19.94
CA GLY B 537 -0.22 44.83 -18.98
C GLY B 537 -0.75 44.58 -17.58
N ARG B 538 0.13 44.74 -16.60
CA ARG B 538 -0.22 44.56 -15.20
C ARG B 538 0.00 45.87 -14.46
N ASP B 539 -0.99 46.31 -13.70
CA ASP B 539 -0.93 47.60 -13.03
C ASP B 539 -0.36 47.46 -11.62
N HIS B 540 -0.33 48.58 -10.89
CA HIS B 540 0.24 48.58 -9.54
C HIS B 540 -0.50 47.61 -8.61
N ASP B 541 -1.81 47.45 -8.78
CA ASP B 541 -2.57 46.55 -7.93
C ASP B 541 -2.54 45.10 -8.40
N GLY B 542 -1.84 44.79 -9.48
CA GLY B 542 -1.76 43.45 -10.00
C GLY B 542 -2.84 43.07 -10.98
N TYR B 543 -3.73 44.00 -11.32
CA TYR B 543 -4.80 43.72 -12.27
C TYR B 543 -4.25 43.69 -13.70
N TYR B 544 -4.88 42.88 -14.54
CA TYR B 544 -4.44 42.70 -15.92
C TYR B 544 -5.32 43.48 -16.89
N TRP B 545 -4.70 43.97 -17.95
CA TRP B 545 -5.35 44.77 -18.98
C TRP B 545 -5.01 44.18 -20.34
N ILE B 546 -6.02 43.62 -21.00
CA ILE B 546 -5.81 42.96 -22.30
C ILE B 546 -5.76 44.04 -23.38
N ARG B 547 -4.68 44.04 -24.17
CA ARG B 547 -4.43 45.07 -25.16
C ARG B 547 -4.75 44.62 -26.57
N GLY B 548 -5.34 43.45 -26.74
CA GLY B 548 -5.72 42.95 -28.06
C GLY B 548 -4.67 42.01 -28.64
N ARG B 549 -5.05 41.39 -29.76
CA ARG B 549 -4.20 40.39 -30.39
C ARG B 549 -2.94 41.03 -30.97
N VAL B 550 -1.86 40.26 -30.93
CA VAL B 550 -0.57 40.69 -31.49
C VAL B 550 -0.40 40.11 -32.88
N ASP B 551 -0.99 38.93 -33.12
CA ASP B 551 -0.83 38.26 -34.40
C ASP B 551 -1.80 38.86 -35.43
N ASP B 552 -1.77 38.31 -36.64
CA ASP B 552 -2.62 38.80 -37.74
C ASP B 552 -4.00 38.15 -37.62
N VAL B 553 -4.69 38.52 -36.55
CA VAL B 553 -6.04 38.05 -36.27
C VAL B 553 -6.82 39.23 -35.69
N VAL B 554 -8.07 39.38 -36.12
CA VAL B 554 -8.92 40.49 -35.70
C VAL B 554 -10.24 39.93 -35.20
N ASN B 555 -11.01 40.80 -34.55
CA ASN B 555 -12.32 40.45 -34.00
C ASN B 555 -13.32 41.40 -34.64
N VAL B 556 -14.16 40.84 -35.51
CA VAL B 556 -15.14 41.60 -36.28
C VAL B 556 -16.54 41.13 -35.88
N SER B 557 -17.36 42.06 -35.40
CA SER B 557 -18.76 41.80 -35.04
C SER B 557 -18.88 40.63 -34.05
N GLY B 558 -17.96 40.60 -33.09
CA GLY B 558 -17.92 39.55 -32.09
C GLY B 558 -17.30 38.25 -32.57
N HIS B 559 -16.96 38.16 -33.85
CA HIS B 559 -16.36 36.98 -34.44
C HIS B 559 -14.87 37.20 -34.59
N ARG B 560 -14.09 36.16 -34.33
CA ARG B 560 -12.64 36.21 -34.47
C ARG B 560 -12.26 35.76 -35.87
N LEU B 561 -11.65 36.67 -36.64
CA LEU B 561 -11.35 36.42 -38.05
C LEU B 561 -9.86 36.59 -38.30
N SER B 562 -9.38 35.90 -39.33
CA SER B 562 -8.00 35.99 -39.78
C SER B 562 -7.93 36.84 -41.04
N THR B 563 -7.02 37.81 -41.06
CA THR B 563 -6.84 38.61 -42.26
C THR B 563 -6.39 37.74 -43.44
N ALA B 564 -5.54 36.74 -43.15
CA ALA B 564 -5.09 35.84 -44.21
C ALA B 564 -6.25 35.07 -44.82
N GLU B 565 -7.23 34.69 -44.01
CA GLU B 565 -8.40 33.98 -44.54
C GLU B 565 -9.19 34.89 -45.49
N ILE B 566 -9.39 36.15 -45.13
CA ILE B 566 -10.05 37.09 -46.03
C ILE B 566 -9.17 37.38 -47.24
N GLU B 567 -7.86 37.55 -47.03
CA GLU B 567 -6.94 37.79 -48.14
C GLU B 567 -6.94 36.64 -49.14
N ALA B 568 -6.93 35.40 -48.64
CA ALA B 568 -6.90 34.25 -49.54
C ALA B 568 -8.16 34.19 -50.39
N ALA B 569 -9.31 34.56 -49.82
CA ALA B 569 -10.56 34.58 -50.58
C ALA B 569 -10.51 35.63 -51.68
N LEU B 570 -9.93 36.79 -51.41
CA LEU B 570 -9.85 37.84 -52.42
C LEU B 570 -8.82 37.49 -53.50
N ILE B 571 -7.68 36.90 -53.10
CA ILE B 571 -6.67 36.54 -54.09
C ILE B 571 -7.19 35.45 -55.02
N GLU B 572 -8.09 34.59 -54.52
CA GLU B 572 -8.70 33.58 -55.37
C GLU B 572 -9.67 34.20 -56.38
N HIS B 573 -10.25 35.35 -56.05
CA HIS B 573 -11.20 35.99 -56.93
C HIS B 573 -10.56 36.41 -58.25
N HIS B 574 -11.30 36.24 -59.34
CA HIS B 574 -10.78 36.57 -60.65
C HIS B 574 -10.50 38.06 -60.76
N GLN B 575 -9.53 38.40 -61.60
CA GLN B 575 -9.04 39.76 -61.84
C GLN B 575 -8.46 40.41 -60.58
N VAL B 576 -8.28 39.65 -59.50
CA VAL B 576 -7.70 40.16 -58.27
C VAL B 576 -6.29 39.60 -58.16
N ALA B 577 -5.30 40.46 -58.37
CA ALA B 577 -3.90 40.01 -58.34
C ALA B 577 -3.42 39.77 -56.91
N GLU B 578 -3.61 40.75 -56.03
CA GLU B 578 -3.16 40.66 -54.65
C GLU B 578 -4.23 41.24 -53.74
N ALA B 579 -4.08 40.98 -52.44
CA ALA B 579 -5.04 41.43 -51.44
C ALA B 579 -4.30 41.74 -50.15
N ALA B 580 -4.81 42.72 -49.41
CA ALA B 580 -4.24 43.11 -48.13
C ALA B 580 -5.37 43.52 -47.19
N VAL B 581 -5.36 42.96 -45.98
CA VAL B 581 -6.41 43.18 -44.99
C VAL B 581 -5.76 43.61 -43.68
N VAL B 582 -6.27 44.67 -43.07
CA VAL B 582 -5.77 45.16 -41.79
C VAL B 582 -6.93 45.49 -40.86
N VAL B 593 -12.69 45.09 -40.80
CA VAL B 593 -11.79 44.62 -41.86
C VAL B 593 -11.94 45.48 -43.11
N ASN B 594 -10.85 46.13 -43.51
CA ASN B 594 -10.78 46.89 -44.74
C ASN B 594 -9.81 46.21 -45.69
N ALA B 595 -10.22 46.01 -46.92
CA ALA B 595 -9.47 45.22 -47.89
C ALA B 595 -8.94 46.11 -49.01
N PHE B 596 -7.65 45.94 -49.33
CA PHE B 596 -7.01 46.57 -50.47
C PHE B 596 -6.67 45.50 -51.49
N VAL B 597 -7.20 45.66 -52.70
CA VAL B 597 -7.04 44.65 -53.75
C VAL B 597 -6.39 45.30 -54.95
N SER B 598 -5.60 44.51 -55.67
CA SER B 598 -4.94 44.95 -56.90
C SER B 598 -5.54 44.25 -58.10
N LEU B 599 -5.88 45.03 -59.13
CA LEU B 599 -6.54 44.50 -60.31
C LEU B 599 -5.67 44.73 -61.55
N LYS B 611 -17.98 45.13 -54.84
CA LYS B 611 -19.24 44.52 -55.28
C LYS B 611 -19.02 43.07 -55.72
N ASP B 612 -18.40 42.89 -56.88
CA ASP B 612 -18.08 41.56 -57.36
C ASP B 612 -17.07 40.87 -56.44
N LEU B 613 -16.12 41.63 -55.90
CA LEU B 613 -15.18 41.07 -54.93
C LEU B 613 -15.84 40.82 -53.58
N VAL B 614 -16.87 41.60 -53.25
CA VAL B 614 -17.54 41.44 -51.96
C VAL B 614 -18.35 40.15 -51.93
N MET B 615 -19.02 39.81 -53.03
CA MET B 615 -19.78 38.56 -53.07
C MET B 615 -18.86 37.35 -52.94
N GLN B 616 -17.65 37.44 -53.48
CA GLN B 616 -16.68 36.36 -53.34
C GLN B 616 -16.28 36.16 -51.87
N VAL B 617 -16.17 37.26 -51.12
CA VAL B 617 -15.85 37.16 -49.70
C VAL B 617 -16.98 36.49 -48.93
N ARG B 618 -18.23 36.77 -49.32
CA ARG B 618 -19.37 36.14 -48.66
C ARG B 618 -19.45 34.65 -48.97
N LYS B 619 -19.01 34.24 -50.17
CA LYS B 619 -19.05 32.83 -50.55
C LYS B 619 -17.97 32.02 -49.87
N SER B 620 -16.82 32.61 -49.57
CA SER B 620 -15.71 31.85 -48.98
C SER B 620 -15.92 31.59 -47.49
N ILE B 621 -16.17 32.63 -46.71
CA ILE B 621 -16.30 32.49 -45.26
C ILE B 621 -17.77 32.56 -44.87
N GLY B 622 -18.38 33.73 -45.03
CA GLY B 622 -19.76 33.93 -44.67
C GLY B 622 -20.17 35.38 -44.78
N PRO B 623 -21.44 35.68 -44.52
CA PRO B 623 -21.90 37.07 -44.61
C PRO B 623 -21.24 37.97 -43.58
N PHE B 624 -20.98 37.47 -42.38
CA PHE B 624 -20.35 38.27 -41.33
C PHE B 624 -18.91 38.64 -41.67
N ALA B 625 -18.26 37.87 -42.54
CA ALA B 625 -16.88 38.16 -42.94
C ALA B 625 -16.77 39.23 -44.02
N ALA B 626 -17.89 39.81 -44.45
CA ALA B 626 -17.84 40.84 -45.48
C ALA B 626 -17.08 42.05 -44.96
N PRO B 627 -16.10 42.56 -45.71
CA PRO B 627 -15.34 43.72 -45.23
C PRO B 627 -16.19 44.98 -45.17
N LYS B 628 -15.82 45.87 -44.24
CA LYS B 628 -16.53 47.14 -44.10
C LYS B 628 -16.36 48.02 -45.35
N ALA B 629 -15.17 48.00 -45.93
CA ALA B 629 -14.90 48.77 -47.14
C ALA B 629 -13.83 48.06 -47.96
N VAL B 630 -13.94 48.19 -49.28
CA VAL B 630 -12.96 47.63 -50.22
C VAL B 630 -12.34 48.79 -50.99
N PHE B 631 -11.01 48.84 -51.02
CA PHE B 631 -10.29 49.92 -51.68
C PHE B 631 -9.39 49.39 -52.79
N GLU C 31 -25.05 5.42 20.28
CA GLU C 31 -23.90 4.54 20.26
C GLU C 31 -23.38 4.35 18.84
N ALA C 32 -24.29 4.22 17.89
CA ALA C 32 -23.93 4.13 16.48
C ALA C 32 -23.89 5.47 15.79
N ASN C 33 -24.20 6.56 16.50
CA ASN C 33 -24.17 7.88 15.91
C ASN C 33 -22.74 8.27 15.54
N ASP C 34 -22.53 8.60 14.27
CA ASP C 34 -21.20 8.97 13.75
C ASP C 34 -20.19 7.84 13.93
N VAL C 35 -20.62 6.62 13.64
CA VAL C 35 -19.76 5.43 13.74
C VAL C 35 -19.38 5.02 12.33
N ASP C 36 -18.08 5.02 12.04
CA ASP C 36 -17.56 4.71 10.72
C ASP C 36 -17.19 3.24 10.61
N THR C 37 -17.51 2.64 9.47
CA THR C 37 -17.21 1.24 9.22
C THR C 37 -15.74 1.05 8.86
N PHE C 38 -15.07 0.12 9.52
CA PHE C 38 -13.66 -0.16 9.28
C PHE C 38 -13.52 -1.50 8.58
N HIS C 39 -13.03 -1.46 7.35
CA HIS C 39 -12.90 -2.66 6.53
C HIS C 39 -11.68 -3.47 6.95
N VAL C 40 -11.61 -4.70 6.46
CA VAL C 40 -10.45 -5.56 6.75
C VAL C 40 -9.21 -4.96 6.09
N PRO C 41 -8.11 -4.80 6.82
CA PRO C 41 -6.92 -4.18 6.22
C PRO C 41 -6.42 -4.94 5.00
N LYS C 42 -5.93 -4.21 4.01
CA LYS C 42 -5.44 -4.84 2.79
C LYS C 42 -4.19 -5.66 3.03
N ALA C 43 -3.41 -5.32 4.05
CA ALA C 43 -2.23 -6.10 4.39
C ALA C 43 -2.61 -7.44 5.02
N PHE C 44 -3.79 -7.53 5.62
CA PHE C 44 -4.25 -8.80 6.18
C PHE C 44 -4.31 -9.89 5.10
N TYR C 45 -4.93 -9.57 3.96
CA TYR C 45 -5.07 -10.56 2.90
C TYR C 45 -3.72 -10.91 2.28
N GLU C 46 -2.82 -9.93 2.17
CA GLU C 46 -1.53 -10.18 1.54
C GLU C 46 -0.66 -11.07 2.42
N LYS C 47 -0.55 -10.75 3.70
CA LYS C 47 0.29 -11.49 4.63
C LYS C 47 -0.37 -12.77 5.13
N HIS C 48 -1.52 -13.15 4.60
CA HIS C 48 -2.21 -14.34 5.07
C HIS C 48 -1.51 -15.58 4.54
N PRO C 49 -1.31 -16.60 5.38
CA PRO C 49 -0.61 -17.82 4.90
C PRO C 49 -1.35 -18.57 3.81
N SER C 50 -2.66 -18.39 3.72
CA SER C 50 -3.45 -19.02 2.67
C SER C 50 -4.73 -18.18 2.49
N LYS C 51 -5.75 -18.78 1.90
CA LYS C 51 -7.03 -18.10 1.79
C LYS C 51 -7.82 -18.26 3.09
N THR C 52 -8.65 -17.27 3.38
CA THR C 52 -9.58 -17.41 4.49
C THR C 52 -10.69 -18.38 4.11
N HIS C 53 -11.34 -18.95 5.13
CA HIS C 53 -12.25 -20.07 4.89
C HIS C 53 -13.44 -19.67 4.03
N LEU C 54 -14.00 -18.49 4.28
CA LEU C 54 -15.13 -18.00 3.50
C LEU C 54 -14.63 -17.08 2.40
N LYS C 55 -15.28 -17.16 1.23
CA LYS C 55 -14.85 -16.36 0.09
C LYS C 55 -15.01 -14.87 0.38
N ASP C 56 -16.16 -14.47 0.90
CA ASP C 56 -16.48 -13.05 1.06
C ASP C 56 -17.69 -12.93 1.98
N LEU C 57 -18.26 -11.73 2.04
CA LEU C 57 -19.44 -11.52 2.86
C LEU C 57 -20.67 -12.20 2.28
N ASP C 58 -20.71 -12.38 0.95
CA ASP C 58 -21.81 -13.11 0.33
C ASP C 58 -21.93 -14.52 0.89
N GLU C 59 -20.80 -15.20 1.06
CA GLU C 59 -20.83 -16.57 1.55
C GLU C 59 -21.32 -16.62 2.99
N TYR C 60 -20.93 -15.65 3.82
CA TYR C 60 -21.46 -15.56 5.17
C TYR C 60 -22.98 -15.46 5.16
N LYS C 61 -23.52 -14.50 4.41
CA LYS C 61 -24.98 -14.35 4.31
C LYS C 61 -25.62 -15.62 3.77
N LYS C 62 -24.96 -16.28 2.81
CA LYS C 62 -25.49 -17.52 2.25
C LYS C 62 -25.50 -18.62 3.30
N LEU C 63 -24.40 -18.79 4.02
CA LEU C 63 -24.34 -19.81 5.06
C LEU C 63 -25.17 -19.42 6.27
N TYR C 64 -25.26 -18.12 6.60
CA TYR C 64 -26.10 -17.70 7.70
C TYR C 64 -27.58 -17.91 7.38
N ASP C 65 -27.96 -17.66 6.13
CA ASP C 65 -29.32 -17.96 5.70
C ASP C 65 -29.65 -19.43 5.90
N GLU C 66 -28.74 -20.31 5.45
CA GLU C 66 -28.95 -21.74 5.62
C GLU C 66 -28.99 -22.13 7.08
N SER C 67 -28.25 -21.41 7.94
CA SER C 67 -28.15 -21.81 9.34
C SER C 67 -29.41 -21.51 10.14
N ILE C 68 -30.20 -20.52 9.73
CA ILE C 68 -31.37 -20.12 10.51
C ILE C 68 -32.64 -20.65 9.87
N ARG C 69 -32.63 -20.79 8.54
CA ARG C 69 -33.84 -21.23 7.84
C ARG C 69 -33.97 -22.74 7.85
N SER C 70 -32.85 -23.46 7.71
CA SER C 70 -32.82 -24.91 7.74
C SER C 70 -31.64 -25.37 8.58
N PRO C 71 -31.71 -25.18 9.90
CA PRO C 71 -30.58 -25.59 10.76
C PRO C 71 -30.41 -27.10 10.82
N ASP C 72 -31.43 -27.88 10.45
CA ASP C 72 -31.30 -29.33 10.51
C ASP C 72 -30.30 -29.85 9.49
N THR C 73 -30.32 -29.31 8.27
CA THR C 73 -29.32 -29.70 7.28
C THR C 73 -27.98 -29.02 7.55
N PHE C 74 -28.01 -27.74 7.93
CA PHE C 74 -26.77 -26.99 8.11
C PHE C 74 -25.94 -27.55 9.27
N TRP C 75 -26.54 -27.65 10.45
CA TRP C 75 -25.80 -28.15 11.60
C TRP C 75 -25.49 -29.64 11.51
N ALA C 76 -26.13 -30.36 10.59
CA ALA C 76 -25.73 -31.75 10.34
C ALA C 76 -24.48 -31.80 9.48
N ARG C 77 -24.41 -30.96 8.45
CA ARG C 77 -23.22 -30.91 7.60
C ARG C 77 -22.01 -30.44 8.40
N MET C 78 -22.17 -29.37 9.17
CA MET C 78 -21.05 -28.84 9.95
C MET C 78 -20.58 -29.83 11.01
N ALA C 79 -21.50 -30.59 11.60
CA ALA C 79 -21.14 -31.49 12.69
C ALA C 79 -20.17 -32.58 12.22
N ARG C 80 -20.44 -33.18 11.07
CA ARG C 80 -19.57 -34.23 10.56
C ARG C 80 -18.29 -33.70 9.94
N GLU C 81 -18.28 -32.45 9.47
CA GLU C 81 -17.07 -31.87 8.92
C GLU C 81 -16.04 -31.62 10.01
N LEU C 82 -16.46 -31.06 11.14
CA LEU C 82 -15.53 -30.63 12.17
C LEU C 82 -15.33 -31.65 13.28
N LEU C 83 -16.28 -32.55 13.50
CA LEU C 83 -16.17 -33.55 14.54
C LEU C 83 -16.11 -34.95 13.94
N THR C 84 -15.45 -35.87 14.65
CA THR C 84 -15.44 -37.28 14.29
C THR C 84 -16.13 -38.06 15.40
N PHE C 85 -17.18 -38.78 15.04
CA PHE C 85 -18.02 -39.51 15.98
C PHE C 85 -17.62 -40.98 16.05
N ASP C 86 -17.81 -41.57 17.24
CA ASP C 86 -17.74 -43.03 17.35
C ASP C 86 -18.87 -43.70 16.59
N LYS C 87 -20.08 -43.16 16.72
CA LYS C 87 -21.24 -43.60 15.96
C LYS C 87 -21.94 -42.37 15.39
N ASP C 88 -22.32 -42.44 14.12
CA ASP C 88 -22.96 -41.32 13.46
C ASP C 88 -24.35 -41.08 14.06
N PHE C 89 -24.78 -39.82 14.01
CA PHE C 89 -26.12 -39.44 14.42
C PHE C 89 -27.06 -39.49 13.22
N GLN C 90 -28.36 -39.51 13.52
CA GLN C 90 -29.37 -39.41 12.47
C GLN C 90 -30.26 -38.18 12.59
N THR C 91 -30.61 -37.79 13.82
CA THR C 91 -31.47 -36.63 14.05
C THR C 91 -30.62 -35.46 14.50
N THR C 92 -30.78 -34.33 13.82
CA THR C 92 -29.93 -33.17 14.11
C THR C 92 -30.33 -32.51 15.42
N HIS C 93 -31.63 -32.27 15.61
CA HIS C 93 -32.09 -31.52 16.78
C HIS C 93 -33.51 -31.92 17.11
N ILE C 94 -33.79 -32.03 18.41
CA ILE C 94 -35.15 -32.16 18.93
C ILE C 94 -35.26 -31.22 20.12
N GLY C 95 -36.50 -30.91 20.49
CA GLY C 95 -36.75 -30.00 21.58
C GLY C 95 -37.02 -28.59 21.09
N SER C 96 -37.13 -27.68 22.06
CA SER C 96 -37.49 -26.30 21.78
C SER C 96 -37.05 -25.43 22.95
N LEU C 97 -37.09 -24.12 22.73
CA LEU C 97 -36.76 -23.20 23.81
C LEU C 97 -37.89 -23.10 24.82
N GLU C 98 -39.14 -23.34 24.39
CA GLU C 98 -40.27 -23.23 25.30
C GLU C 98 -40.16 -24.23 26.45
N ASN C 99 -39.72 -25.46 26.16
CA ASN C 99 -39.72 -26.54 27.13
C ASN C 99 -38.36 -26.83 27.72
N GLY C 100 -37.30 -26.22 27.21
CA GLY C 100 -35.96 -26.49 27.73
C GLY C 100 -35.55 -27.93 27.59
N ASP C 101 -35.92 -28.58 26.50
CA ASP C 101 -35.64 -29.98 26.25
C ASP C 101 -34.83 -30.16 24.97
N ASN C 102 -33.85 -29.28 24.76
CA ASN C 102 -33.06 -29.31 23.54
C ASN C 102 -32.04 -30.45 23.59
N ALA C 103 -31.94 -31.16 22.48
CA ALA C 103 -30.98 -32.25 22.33
C ALA C 103 -30.47 -32.23 20.90
N TRP C 104 -29.15 -32.29 20.74
CA TRP C 104 -28.49 -32.15 19.45
C TRP C 104 -27.76 -33.44 19.10
N PHE C 105 -27.98 -33.93 17.89
CA PHE C 105 -27.38 -35.18 17.40
C PHE C 105 -27.61 -36.30 18.41
N VAL C 106 -28.90 -36.58 18.64
CA VAL C 106 -29.32 -37.24 19.87
C VAL C 106 -28.81 -38.68 19.96
N GLU C 107 -28.54 -39.33 18.83
CA GLU C 107 -28.12 -40.73 18.85
C GLU C 107 -26.66 -40.92 18.43
N GLY C 108 -25.90 -39.84 18.30
CA GLY C 108 -24.49 -39.97 17.97
C GLY C 108 -23.62 -40.14 19.21
N ARG C 109 -22.44 -40.74 18.98
CA ARG C 109 -21.49 -41.00 20.06
C ARG C 109 -20.11 -40.48 19.67
N LEU C 110 -19.39 -39.94 20.64
CA LEU C 110 -18.07 -39.39 20.40
C LEU C 110 -17.38 -39.16 21.75
N ASN C 111 -16.12 -38.76 21.68
CA ASN C 111 -15.34 -38.44 22.87
C ASN C 111 -14.59 -37.14 22.63
N ALA C 112 -14.53 -36.29 23.66
CA ALA C 112 -13.86 -35.00 23.53
C ALA C 112 -12.35 -35.19 23.36
N SER C 113 -11.74 -36.04 24.20
CA SER C 113 -10.31 -36.26 24.14
C SER C 113 -9.88 -36.74 22.76
N PHE C 114 -10.64 -37.66 22.16
CA PHE C 114 -10.30 -38.15 20.83
C PHE C 114 -10.26 -37.00 19.83
N ASN C 115 -11.24 -36.11 19.89
CA ASN C 115 -11.30 -35.03 18.91
C ASN C 115 -10.27 -33.94 19.21
N CYS C 116 -9.85 -33.82 20.47
CA CYS C 116 -8.88 -32.79 20.83
C CYS C 116 -7.44 -33.27 20.75
N VAL C 117 -7.20 -34.57 20.92
CA VAL C 117 -5.83 -35.09 20.97
C VAL C 117 -5.63 -36.18 19.93
N ASP C 118 -6.37 -37.28 20.08
CA ASP C 118 -6.05 -38.51 19.36
C ASP C 118 -6.00 -38.29 17.84
N ARG C 119 -7.06 -37.73 17.26
CA ARG C 119 -7.13 -37.62 15.81
C ARG C 119 -6.02 -36.73 15.27
N HIS C 120 -5.51 -35.81 16.08
CA HIS C 120 -4.36 -35.02 15.65
C HIS C 120 -3.06 -35.78 15.86
N ALA C 121 -2.93 -36.49 16.98
CA ALA C 121 -1.75 -37.32 17.19
C ALA C 121 -1.64 -38.40 16.12
N ILE C 122 -2.77 -38.88 15.61
CA ILE C 122 -2.74 -39.90 14.57
C ILE C 122 -2.14 -39.36 13.28
N LYS C 123 -2.52 -38.14 12.89
CA LYS C 123 -1.97 -37.54 11.67
C LYS C 123 -0.47 -37.27 11.83
N ASN C 124 -0.09 -36.54 12.88
CA ASN C 124 1.32 -36.34 13.21
C ASN C 124 1.46 -36.10 14.72
N PRO C 125 2.05 -37.06 15.45
CA PRO C 125 2.20 -36.86 16.90
C PRO C 125 3.26 -35.84 17.26
N ASN C 126 4.13 -35.48 16.32
CA ASN C 126 5.16 -34.47 16.59
C ASN C 126 4.65 -33.05 16.42
N LYS C 127 3.36 -32.87 16.10
CA LYS C 127 2.83 -31.53 15.95
C LYS C 127 2.66 -30.87 17.32
N VAL C 128 2.94 -29.58 17.38
CA VAL C 128 2.86 -28.86 18.65
C VAL C 128 1.41 -28.69 19.05
N ALA C 129 1.10 -28.98 20.32
CA ALA C 129 -0.24 -28.86 20.87
C ALA C 129 -0.36 -27.72 21.87
N ILE C 130 0.56 -27.63 22.82
CA ILE C 130 0.53 -26.63 23.87
C ILE C 130 1.86 -25.88 23.89
N ILE C 131 1.80 -24.56 23.92
CA ILE C 131 2.97 -23.71 24.10
C ILE C 131 2.86 -23.11 25.49
N TYR C 132 3.58 -23.69 26.45
CA TYR C 132 3.50 -23.26 27.84
C TYR C 132 4.48 -22.13 28.09
N GLU C 133 3.97 -20.98 28.52
CA GLU C 133 4.76 -19.81 28.91
C GLU C 133 4.66 -19.65 30.42
N ALA C 134 5.73 -20.00 31.13
CA ALA C 134 5.70 -19.98 32.58
C ALA C 134 5.67 -18.54 33.11
N ASP C 135 5.51 -18.43 34.43
CA ASP C 135 5.49 -17.13 35.07
C ASP C 135 6.80 -16.38 34.85
N GLU C 136 7.93 -17.02 35.16
CA GLU C 136 9.21 -16.45 34.79
C GLU C 136 9.47 -16.65 33.30
N PRO C 137 10.00 -15.64 32.61
CA PRO C 137 10.36 -15.83 31.20
C PRO C 137 11.40 -16.93 31.05
N ASN C 138 11.42 -17.55 29.87
CA ASN C 138 12.38 -18.59 29.52
C ASN C 138 12.31 -19.78 30.47
N GLU C 139 11.14 -20.03 31.07
CA GLU C 139 10.97 -21.14 32.01
C GLU C 139 9.88 -22.12 31.59
N GLY C 140 9.33 -21.98 30.39
CA GLY C 140 8.26 -22.83 29.93
C GLY C 140 8.77 -24.03 29.17
N ARG C 141 7.85 -24.69 28.46
CA ARG C 141 8.18 -25.82 27.62
C ARG C 141 7.20 -25.89 26.45
N ILE C 142 7.43 -26.84 25.55
CA ILE C 142 6.57 -27.08 24.41
C ILE C 142 6.14 -28.54 24.44
N ILE C 143 4.84 -28.79 24.23
CA ILE C 143 4.27 -30.13 24.33
C ILE C 143 3.60 -30.48 23.01
N THR C 144 3.97 -31.62 22.45
CA THR C 144 3.39 -32.08 21.20
C THR C 144 2.07 -32.81 21.45
N TYR C 145 1.35 -33.10 20.37
CA TYR C 145 0.13 -33.89 20.49
C TYR C 145 0.43 -35.32 20.91
N GLY C 146 1.57 -35.87 20.47
CA GLY C 146 1.97 -37.18 20.94
C GLY C 146 2.23 -37.20 22.44
N GLU C 147 3.00 -36.22 22.92
CA GLU C 147 3.23 -36.12 24.36
C GLU C 147 1.94 -35.83 25.11
N LEU C 148 1.04 -35.05 24.51
CA LEU C 148 -0.21 -34.73 25.16
C LEU C 148 -1.10 -35.96 25.29
N LEU C 149 -1.07 -36.85 24.31
CA LEU C 149 -1.87 -38.06 24.38
C LEU C 149 -1.43 -38.94 25.53
N ARG C 150 -0.12 -39.01 25.78
CA ARG C 150 0.37 -39.87 26.86
C ARG C 150 0.05 -39.29 28.23
N GLU C 151 0.32 -38.00 28.42
CA GLU C 151 0.09 -37.39 29.73
C GLU C 151 -1.39 -37.38 30.10
N VAL C 152 -2.26 -37.19 29.10
CA VAL C 152 -3.70 -37.29 29.36
C VAL C 152 -4.07 -38.72 29.73
N SER C 153 -3.50 -39.71 29.02
CA SER C 153 -3.83 -41.10 29.29
C SER C 153 -3.32 -41.54 30.66
N ARG C 154 -2.12 -41.10 31.04
CA ARG C 154 -1.59 -41.46 32.36
C ARG C 154 -2.47 -40.90 33.47
N VAL C 155 -2.97 -39.66 33.30
CA VAL C 155 -3.84 -39.07 34.32
C VAL C 155 -5.20 -39.76 34.33
N ALA C 156 -5.69 -40.17 33.16
CA ALA C 156 -6.94 -40.93 33.12
C ALA C 156 -6.84 -42.19 33.96
N TRP C 157 -5.67 -42.85 33.97
CA TRP C 157 -5.50 -44.07 34.74
C TRP C 157 -5.49 -43.78 36.24
N VAL C 158 -4.87 -42.67 36.65
CA VAL C 158 -4.83 -42.33 38.07
C VAL C 158 -6.23 -42.08 38.59
N LEU C 159 -7.04 -41.32 37.84
CA LEU C 159 -8.43 -41.10 38.23
C LEU C 159 -9.21 -42.40 38.20
N LYS C 160 -8.94 -43.26 37.22
CA LYS C 160 -9.58 -44.57 37.18
C LYS C 160 -9.28 -45.37 38.44
N GLN C 161 -8.00 -45.49 38.80
CA GLN C 161 -7.61 -46.22 40.00
C GLN C 161 -8.06 -45.52 41.27
N ARG C 162 -8.53 -44.27 41.19
CA ARG C 162 -9.03 -43.55 42.33
C ARG C 162 -10.55 -43.67 42.48
N GLY C 163 -11.22 -44.35 41.56
CA GLY C 163 -12.64 -44.59 41.68
C GLY C 163 -13.53 -43.69 40.84
N VAL C 164 -12.95 -42.85 39.98
CA VAL C 164 -13.74 -41.97 39.15
C VAL C 164 -14.37 -42.78 38.02
N LYS C 165 -15.69 -42.94 38.06
CA LYS C 165 -16.43 -43.62 37.02
C LYS C 165 -17.10 -42.59 36.10
N LYS C 166 -17.61 -43.08 34.98
CA LYS C 166 -18.33 -42.25 34.03
C LYS C 166 -19.51 -41.56 34.71
N GLY C 167 -19.59 -40.24 34.57
CA GLY C 167 -20.65 -39.46 35.17
C GLY C 167 -20.28 -38.77 36.46
N ASP C 168 -19.21 -39.19 37.13
CA ASP C 168 -18.75 -38.51 38.32
C ASP C 168 -18.20 -37.13 37.97
N THR C 169 -18.19 -36.25 38.97
CA THR C 169 -17.65 -34.90 38.80
C THR C 169 -16.30 -34.79 39.50
N VAL C 170 -15.38 -34.06 38.87
CA VAL C 170 -14.03 -33.88 39.37
C VAL C 170 -13.77 -32.40 39.53
N ALA C 171 -13.46 -31.96 40.74
CA ALA C 171 -13.14 -30.56 40.99
C ALA C 171 -11.71 -30.28 40.53
N ILE C 172 -11.54 -29.23 39.73
CA ILE C 172 -10.24 -28.83 39.20
C ILE C 172 -9.93 -27.44 39.73
N TYR C 173 -8.89 -27.34 40.57
CA TYR C 173 -8.47 -26.09 41.19
C TYR C 173 -7.02 -25.84 40.82
N LEU C 174 -6.78 -25.48 39.56
CA LEU C 174 -5.43 -25.36 39.04
C LEU C 174 -5.17 -23.96 38.50
N PRO C 175 -3.91 -23.50 38.51
CA PRO C 175 -3.56 -22.27 37.81
C PRO C 175 -3.35 -22.49 36.32
N MET C 176 -2.74 -21.53 35.63
CA MET C 176 -2.56 -21.61 34.18
C MET C 176 -1.25 -22.33 33.85
N ILE C 177 -1.25 -23.62 34.15
CA ILE C 177 -0.14 -24.50 33.80
C ILE C 177 -0.66 -25.51 32.81
N PRO C 178 0.23 -26.13 32.02
CA PRO C 178 -0.23 -27.13 31.03
C PRO C 178 -0.91 -28.34 31.68
N GLU C 179 -0.74 -28.54 32.99
CA GLU C 179 -1.42 -29.64 33.66
C GLU C 179 -2.91 -29.38 33.80
N ALA C 180 -3.37 -28.14 33.61
CA ALA C 180 -4.80 -27.87 33.63
C ALA C 180 -5.48 -28.42 32.38
N VAL C 181 -4.84 -28.25 31.22
CA VAL C 181 -5.41 -28.77 29.98
C VAL C 181 -5.48 -30.29 30.04
N VAL C 182 -4.44 -30.93 30.58
CA VAL C 182 -4.46 -32.38 30.74
C VAL C 182 -5.58 -32.79 31.68
N ALA C 183 -5.74 -32.08 32.80
CA ALA C 183 -6.82 -32.40 33.73
C ALA C 183 -8.18 -32.27 33.07
N PHE C 184 -8.36 -31.24 32.24
CA PHE C 184 -9.57 -31.13 31.41
C PHE C 184 -9.83 -32.42 30.64
N LEU C 185 -8.90 -32.75 29.74
CA LEU C 185 -9.12 -33.84 28.79
C LEU C 185 -9.06 -35.21 29.46
N ALA C 186 -8.37 -35.33 30.59
CA ALA C 186 -8.37 -36.60 31.30
C ALA C 186 -9.76 -36.94 31.82
N CYS C 187 -10.48 -35.94 32.32
CA CYS C 187 -11.87 -36.15 32.73
C CYS C 187 -12.75 -36.50 31.54
N ALA C 188 -12.57 -35.79 30.42
CA ALA C 188 -13.35 -36.06 29.22
C ALA C 188 -12.98 -37.39 28.57
N ARG C 189 -11.81 -37.94 28.87
CA ARG C 189 -11.42 -39.21 28.27
C ARG C 189 -12.11 -40.40 28.95
N ILE C 190 -12.33 -40.32 30.26
CA ILE C 190 -12.98 -41.41 30.97
C ILE C 190 -14.48 -41.19 31.11
N GLY C 191 -14.99 -40.06 30.67
CA GLY C 191 -16.41 -39.76 30.80
C GLY C 191 -16.79 -38.97 32.03
N ALA C 192 -15.81 -38.48 32.79
CA ALA C 192 -16.11 -37.69 33.96
C ALA C 192 -16.58 -36.29 33.54
N ILE C 193 -17.12 -35.56 34.52
CA ILE C 193 -17.59 -34.20 34.34
C ILE C 193 -16.66 -33.29 35.12
N HIS C 194 -15.81 -32.53 34.44
CA HIS C 194 -14.83 -31.71 35.12
C HIS C 194 -15.45 -30.37 35.52
N SER C 195 -15.43 -30.07 36.81
CA SER C 195 -15.94 -28.84 37.38
C SER C 195 -14.74 -27.98 37.75
N VAL C 196 -14.40 -27.03 36.90
CA VAL C 196 -13.21 -26.21 37.11
C VAL C 196 -13.54 -25.07 38.06
N VAL C 197 -12.66 -24.86 39.04
CA VAL C 197 -12.77 -23.76 39.98
C VAL C 197 -11.57 -22.84 39.76
N PHE C 198 -11.85 -21.56 39.54
CA PHE C 198 -10.80 -20.59 39.26
C PHE C 198 -9.86 -20.48 40.46
N ALA C 199 -8.57 -20.72 40.21
CA ALA C 199 -7.57 -20.59 41.26
C ALA C 199 -7.54 -19.15 41.77
N GLY C 200 -7.48 -19.01 43.09
CA GLY C 200 -7.65 -17.72 43.72
C GLY C 200 -9.00 -17.52 44.36
N PHE C 201 -9.98 -18.37 44.05
CA PHE C 201 -11.24 -18.37 44.79
C PHE C 201 -10.98 -18.71 46.24
N SER C 202 -11.76 -18.10 47.14
CA SER C 202 -11.59 -18.34 48.56
C SER C 202 -11.89 -19.82 48.89
N SER C 203 -11.55 -20.21 50.11
CA SER C 203 -11.80 -21.57 50.55
C SER C 203 -13.28 -21.90 50.51
N ASP C 204 -14.11 -20.99 51.03
CA ASP C 204 -15.55 -21.21 51.02
C ASP C 204 -16.11 -21.20 49.60
N SER C 205 -15.56 -20.37 48.72
CA SER C 205 -16.00 -20.37 47.33
C SER C 205 -15.72 -21.71 46.65
N LEU C 206 -14.58 -22.32 46.97
CA LEU C 206 -14.27 -23.64 46.42
C LEU C 206 -15.15 -24.72 47.04
N ARG C 207 -15.40 -24.63 48.35
CA ARG C 207 -16.21 -25.62 49.04
C ARG C 207 -17.60 -25.73 48.43
N ASP C 208 -18.24 -24.58 48.19
CA ASP C 208 -19.61 -24.57 47.67
C ASP C 208 -19.68 -25.22 46.30
N ARG C 209 -18.65 -25.03 45.48
CA ARG C 209 -18.63 -25.64 44.14
C ARG C 209 -18.33 -27.12 44.21
N VAL C 210 -17.60 -27.57 45.23
CA VAL C 210 -17.34 -29.00 45.38
C VAL C 210 -18.59 -29.71 45.87
N LEU C 211 -19.24 -29.16 46.90
CA LEU C 211 -20.42 -29.81 47.47
C LEU C 211 -21.58 -29.84 46.50
N ASP C 212 -21.80 -28.74 45.76
CA ASP C 212 -22.92 -28.72 44.82
C ASP C 212 -22.68 -29.70 43.67
N ALA C 213 -21.45 -29.77 43.18
CA ALA C 213 -21.13 -30.68 42.08
C ALA C 213 -21.10 -32.14 42.52
N GLY C 214 -21.07 -32.41 43.83
CA GLY C 214 -20.93 -33.78 44.28
C GLY C 214 -19.59 -34.41 43.95
N SER C 215 -18.57 -33.59 43.74
CA SER C 215 -17.26 -34.12 43.37
C SER C 215 -16.63 -34.84 44.55
N LYS C 216 -16.02 -35.99 44.26
CA LYS C 216 -15.28 -36.75 45.25
C LYS C 216 -13.77 -36.67 45.06
N VAL C 217 -13.31 -36.08 43.95
CA VAL C 217 -11.89 -35.97 43.63
C VAL C 217 -11.59 -34.52 43.26
N VAL C 218 -10.45 -34.02 43.75
CA VAL C 218 -10.01 -32.66 43.44
C VAL C 218 -8.56 -32.70 42.98
N ILE C 219 -8.28 -32.03 41.86
CA ILE C 219 -6.93 -31.89 41.32
C ILE C 219 -6.45 -30.48 41.60
N THR C 220 -5.21 -30.35 42.06
CA THR C 220 -4.68 -29.06 42.46
C THR C 220 -3.16 -29.10 42.40
N THR C 221 -2.54 -27.99 42.80
CA THR C 221 -1.09 -27.87 42.88
C THR C 221 -0.68 -27.63 44.34
N ASP C 222 0.58 -27.93 44.64
CA ASP C 222 1.08 -27.63 45.97
C ASP C 222 1.09 -26.13 46.23
N GLU C 223 1.31 -25.32 45.19
CA GLU C 223 1.35 -23.87 45.30
C GLU C 223 1.27 -23.27 43.91
N GLY C 224 0.52 -22.18 43.79
CA GLY C 224 0.47 -21.45 42.54
C GLY C 224 1.52 -20.36 42.50
N LYS C 225 1.97 -20.04 41.29
CA LYS C 225 2.99 -19.02 41.07
C LYS C 225 2.51 -18.14 39.92
N ARG C 226 2.14 -16.90 40.24
CA ARG C 226 1.63 -15.96 39.24
C ARG C 226 2.15 -14.57 39.53
N GLY C 227 2.75 -13.93 38.52
CA GLY C 227 3.29 -12.60 38.68
C GLY C 227 4.30 -12.46 39.78
N GLY C 228 5.07 -13.52 40.05
CA GLY C 228 6.01 -13.53 41.15
C GLY C 228 5.40 -13.79 42.51
N LYS C 229 4.10 -13.62 42.67
CA LYS C 229 3.42 -13.88 43.92
C LYS C 229 3.02 -15.34 44.01
N VAL C 230 2.94 -15.85 45.24
CA VAL C 230 2.65 -17.25 45.50
C VAL C 230 1.18 -17.40 45.89
N ILE C 231 0.51 -18.38 45.29
CA ILE C 231 -0.89 -18.68 45.58
C ILE C 231 -0.92 -20.01 46.32
N GLY C 232 -1.22 -19.97 47.62
CA GLY C 232 -1.31 -21.18 48.41
C GLY C 232 -2.53 -22.02 48.11
N THR C 233 -2.53 -22.69 46.95
CA THR C 233 -3.69 -23.47 46.55
C THR C 233 -3.92 -24.65 47.48
N LYS C 234 -2.86 -25.38 47.82
CA LYS C 234 -3.00 -26.57 48.66
C LYS C 234 -3.53 -26.22 50.04
N ARG C 235 -3.09 -25.08 50.60
CA ARG C 235 -3.56 -24.68 51.91
C ARG C 235 -5.03 -24.26 51.88
N ILE C 236 -5.48 -23.70 50.75
CA ILE C 236 -6.90 -23.36 50.60
C ILE C 236 -7.73 -24.63 50.44
N VAL C 237 -7.25 -25.57 49.60
CA VAL C 237 -7.96 -26.83 49.39
C VAL C 237 -8.19 -27.54 50.71
N ASP C 238 -7.12 -27.68 51.51
CA ASP C 238 -7.24 -28.33 52.81
C ASP C 238 -8.27 -27.63 53.69
N GLU C 239 -8.30 -26.30 53.66
CA GLU C 239 -9.28 -25.57 54.46
C GLU C 239 -10.70 -25.77 53.90
N ALA C 240 -10.84 -25.91 52.59
CA ALA C 240 -12.14 -26.13 52.00
C ALA C 240 -12.63 -27.56 52.20
N LEU C 241 -11.71 -28.53 52.27
CA LEU C 241 -12.09 -29.92 52.43
C LEU C 241 -12.51 -30.27 53.85
N LYS C 242 -12.32 -29.36 54.81
CA LYS C 242 -12.83 -29.60 56.16
C LYS C 242 -14.34 -29.79 56.15
N GLN C 243 -15.04 -29.09 55.27
CA GLN C 243 -16.49 -29.20 55.12
C GLN C 243 -16.88 -30.00 53.88
N CYS C 244 -15.94 -30.78 53.32
CA CYS C 244 -16.20 -31.67 52.19
C CYS C 244 -15.74 -33.07 52.57
N PRO C 245 -16.58 -33.83 53.29
CA PRO C 245 -16.17 -35.18 53.69
C PRO C 245 -16.18 -36.19 52.56
N ASP C 246 -16.99 -35.97 51.51
CA ASP C 246 -17.05 -36.91 50.40
C ASP C 246 -15.76 -36.97 49.61
N VAL C 247 -14.91 -35.95 49.72
CA VAL C 247 -13.66 -35.92 48.96
C VAL C 247 -12.69 -36.94 49.56
N THR C 248 -12.33 -37.94 48.76
CA THR C 248 -11.45 -39.02 49.20
C THR C 248 -10.11 -39.02 48.47
N SER C 249 -9.92 -38.15 47.47
CA SER C 249 -8.71 -38.16 46.67
C SER C 249 -8.37 -36.74 46.25
N VAL C 250 -7.10 -36.35 46.45
CA VAL C 250 -6.59 -35.05 46.04
C VAL C 250 -5.34 -35.29 45.21
N LEU C 251 -5.42 -35.03 43.91
CA LEU C 251 -4.29 -35.19 43.00
C LEU C 251 -3.50 -33.88 42.96
N VAL C 252 -2.30 -33.89 43.52
CA VAL C 252 -1.52 -32.67 43.73
C VAL C 252 -0.30 -32.70 42.80
N TYR C 253 -0.13 -31.62 42.03
CA TYR C 253 1.00 -31.46 41.13
C TYR C 253 2.03 -30.53 41.75
N LYS C 254 3.27 -31.00 41.87
CA LYS C 254 4.34 -30.24 42.49
C LYS C 254 4.77 -29.12 41.54
N ARG C 255 4.34 -27.89 41.82
CA ARG C 255 4.67 -26.73 41.00
C ARG C 255 5.86 -25.96 41.55
N THR C 256 5.75 -25.50 42.79
CA THR C 256 6.86 -24.82 43.44
C THR C 256 7.76 -25.78 44.18
N GLY C 257 7.21 -26.87 44.72
CA GLY C 257 7.99 -27.82 45.48
C GLY C 257 8.20 -27.46 46.94
N ALA C 258 7.46 -26.48 47.45
CA ALA C 258 7.65 -26.04 48.82
C ALA C 258 6.95 -26.98 49.81
N GLU C 259 7.27 -26.81 51.08
CA GLU C 259 6.66 -27.61 52.14
C GLU C 259 5.20 -27.20 52.31
N VAL C 260 4.29 -28.09 51.92
CA VAL C 260 2.85 -27.85 52.05
C VAL C 260 2.28 -28.90 53.01
N PRO C 261 1.16 -28.60 53.68
CA PRO C 261 0.52 -29.63 54.50
C PRO C 261 0.08 -30.81 53.65
N TRP C 262 0.17 -32.01 54.25
CA TRP C 262 -0.11 -33.24 53.52
C TRP C 262 -0.99 -34.15 54.36
N THR C 263 -2.10 -34.61 53.77
CA THR C 263 -3.03 -35.53 54.41
C THR C 263 -2.86 -36.89 53.74
N ASN C 264 -2.31 -37.85 54.47
CA ASN C 264 -1.97 -39.14 53.89
C ASN C 264 -3.22 -39.95 53.57
N GLY C 265 -3.12 -40.79 52.54
CA GLY C 265 -4.24 -41.56 52.07
C GLY C 265 -5.11 -40.77 51.12
N ARG C 266 -5.35 -39.50 51.47
CA ARG C 266 -6.24 -38.68 50.66
C ARG C 266 -5.46 -37.98 49.55
N ASP C 267 -4.28 -37.46 49.86
CA ASP C 267 -3.49 -36.69 48.91
C ASP C 267 -2.46 -37.59 48.23
N ILE C 268 -2.22 -37.35 46.94
CA ILE C 268 -1.27 -38.12 46.15
C ILE C 268 -0.55 -37.17 45.21
N TRP C 269 0.74 -37.42 45.00
CA TRP C 269 1.55 -36.57 44.13
C TRP C 269 1.36 -36.94 42.67
N TRP C 270 1.19 -35.90 41.84
CA TRP C 270 1.02 -36.10 40.40
C TRP C 270 2.16 -36.91 39.82
N HIS C 271 3.41 -36.49 40.06
CA HIS C 271 4.56 -37.12 39.42
C HIS C 271 4.76 -38.55 39.89
N GLU C 272 4.41 -38.86 41.14
CA GLU C 272 4.55 -40.23 41.63
C GLU C 272 3.54 -41.15 40.96
N GLU C 273 2.25 -40.79 41.02
CA GLU C 273 1.20 -41.68 40.55
C GLU C 273 1.21 -41.84 39.04
N VAL C 274 1.67 -40.81 38.31
CA VAL C 274 1.58 -40.82 36.85
C VAL C 274 2.45 -41.92 36.26
N GLU C 275 3.63 -42.15 36.82
CA GLU C 275 4.57 -43.10 36.25
C GLU C 275 4.19 -44.55 36.51
N LYS C 276 3.12 -44.81 37.25
CA LYS C 276 2.71 -46.18 37.54
C LYS C 276 1.95 -46.83 36.40
N TYR C 277 1.33 -46.04 35.54
CA TYR C 277 0.31 -46.51 34.63
C TYR C 277 0.71 -46.31 33.17
N PRO C 278 0.06 -47.02 32.24
CA PRO C 278 0.46 -46.92 30.84
C PRO C 278 0.27 -45.53 30.26
N CYS C 279 0.92 -45.29 29.13
CA CYS C 279 0.86 -44.02 28.42
C CYS C 279 -0.27 -43.97 27.41
N TYR C 280 -1.13 -44.99 27.37
CA TYR C 280 -2.32 -44.97 26.54
C TYR C 280 -3.48 -45.59 27.29
N VAL C 281 -4.67 -45.03 27.09
CA VAL C 281 -5.90 -45.62 27.61
C VAL C 281 -7.00 -45.41 26.57
N ALA C 282 -7.95 -46.32 26.55
CA ALA C 282 -9.04 -46.25 25.57
C ALA C 282 -10.01 -45.15 25.98
N PRO C 283 -10.43 -44.28 25.06
CA PRO C 283 -11.36 -43.20 25.42
C PRO C 283 -12.79 -43.72 25.47
N GLU C 284 -13.50 -43.36 26.54
CA GLU C 284 -14.86 -43.85 26.74
C GLU C 284 -15.79 -43.24 25.70
N SER C 285 -16.57 -44.09 25.04
CA SER C 285 -17.56 -43.61 24.07
C SER C 285 -18.70 -42.92 24.81
N MET C 286 -18.87 -41.62 24.54
CA MET C 286 -19.87 -40.80 25.20
C MET C 286 -20.96 -40.40 24.22
N SER C 287 -22.18 -40.28 24.73
CA SER C 287 -23.29 -39.78 23.93
C SER C 287 -23.11 -38.29 23.65
N SER C 288 -23.77 -37.81 22.60
CA SER C 288 -23.70 -36.40 22.25
C SER C 288 -24.17 -35.53 23.41
N GLU C 289 -25.23 -35.95 24.10
CA GLU C 289 -25.80 -35.17 25.19
C GLU C 289 -25.34 -35.66 26.56
N ASP C 290 -24.21 -36.35 26.63
CA ASP C 290 -23.59 -36.63 27.92
C ASP C 290 -22.96 -35.36 28.46
N PRO C 291 -23.17 -35.02 29.73
CA PRO C 291 -22.59 -33.80 30.30
C PRO C 291 -21.08 -33.81 30.19
N LEU C 292 -20.53 -32.78 29.55
CA LEU C 292 -19.09 -32.67 29.36
C LEU C 292 -18.41 -32.00 30.56
N PHE C 293 -18.95 -30.88 31.03
CA PHE C 293 -18.34 -30.21 32.18
C PHE C 293 -19.38 -29.36 32.89
N LEU C 294 -19.00 -28.92 34.09
CA LEU C 294 -19.72 -27.90 34.84
C LEU C 294 -18.84 -26.66 34.96
N LEU C 295 -19.47 -25.50 35.03
CA LEU C 295 -18.75 -24.24 35.20
C LEU C 295 -19.63 -23.33 36.04
N TYR C 296 -19.24 -23.12 37.29
CA TYR C 296 -20.08 -22.39 38.23
C TYR C 296 -20.01 -20.89 37.98
N THR C 297 -21.18 -20.26 37.99
CA THR C 297 -21.34 -18.83 37.72
C THR C 297 -21.96 -18.17 38.94
N SER C 298 -21.38 -17.04 39.36
CA SER C 298 -21.90 -16.30 40.50
C SER C 298 -23.15 -15.51 40.12
N THR C 301 -28.81 -14.43 42.08
CA THR C 301 -29.32 -14.89 43.36
C THR C 301 -28.19 -15.35 44.28
N GLY C 302 -28.54 -15.93 45.42
CA GLY C 302 -27.59 -16.30 46.44
C GLY C 302 -26.55 -17.33 46.02
N LYS C 303 -26.97 -18.59 45.91
CA LYS C 303 -26.01 -19.64 45.63
C LYS C 303 -25.58 -19.62 44.16
N PRO C 304 -24.32 -19.98 43.89
CA PRO C 304 -23.84 -19.94 42.50
C PRO C 304 -24.41 -21.09 41.67
N LYS C 305 -24.57 -20.82 40.37
CA LYS C 305 -25.22 -21.74 39.44
C LYS C 305 -24.16 -22.54 38.68
N GLY C 306 -24.36 -23.84 38.58
CA GLY C 306 -23.48 -24.70 37.81
C GLY C 306 -23.96 -24.93 36.40
N VAL C 307 -23.52 -24.08 35.46
CA VAL C 307 -23.92 -24.21 34.07
C VAL C 307 -23.31 -25.48 33.49
N MET C 308 -24.15 -26.33 32.89
CA MET C 308 -23.72 -27.59 32.32
C MET C 308 -23.77 -27.54 30.80
N HIS C 309 -22.71 -28.03 30.16
CA HIS C 309 -22.65 -28.19 28.72
C HIS C 309 -22.44 -29.67 28.37
N THR C 310 -23.13 -30.13 27.34
CA THR C 310 -22.97 -31.49 26.86
C THR C 310 -21.82 -31.53 25.85
N THR C 311 -21.58 -32.71 25.29
CA THR C 311 -20.35 -32.92 24.52
C THR C 311 -20.46 -32.36 23.10
N ALA C 312 -21.24 -33.02 22.24
CA ALA C 312 -21.19 -32.72 20.80
C ALA C 312 -21.54 -31.26 20.52
N GLY C 313 -22.65 -30.79 21.08
CA GLY C 313 -23.09 -29.42 20.82
C GLY C 313 -22.07 -28.38 21.24
N TYR C 314 -21.50 -28.54 22.44
CA TYR C 314 -20.52 -27.56 22.92
C TYR C 314 -19.24 -27.61 22.09
N LEU C 315 -18.77 -28.82 21.75
CA LEU C 315 -17.55 -28.93 20.96
C LEU C 315 -17.74 -28.36 19.57
N LEU C 316 -18.91 -28.57 18.97
CA LEU C 316 -19.18 -28.01 17.65
C LEU C 316 -19.16 -26.49 17.70
N GLY C 317 -19.67 -25.92 18.79
CA GLY C 317 -19.62 -24.46 18.94
C GLY C 317 -18.20 -23.95 19.05
N ALA C 318 -17.35 -24.64 19.80
CA ALA C 318 -15.96 -24.23 19.92
C ALA C 318 -15.25 -24.31 18.59
N ALA C 319 -15.44 -25.41 17.86
CA ALA C 319 -14.74 -25.58 16.58
C ALA C 319 -15.29 -24.66 15.50
N MET C 320 -16.58 -24.33 15.55
CA MET C 320 -17.16 -23.46 14.52
C MET C 320 -16.68 -22.02 14.68
N THR C 321 -16.62 -21.53 15.91
CA THR C 321 -16.18 -20.15 16.13
C THR C 321 -14.67 -20.02 15.93
N GLY C 322 -13.90 -21.02 16.35
CA GLY C 322 -12.48 -20.98 16.08
C GLY C 322 -12.17 -20.95 14.60
N LYS C 323 -12.94 -21.70 13.81
CA LYS C 323 -12.68 -21.75 12.38
C LYS C 323 -13.10 -20.45 11.69
N TYR C 324 -14.22 -19.87 12.09
CA TYR C 324 -14.83 -18.77 11.34
C TYR C 324 -14.68 -17.40 11.99
N VAL C 325 -14.67 -17.30 13.31
CA VAL C 325 -14.43 -16.02 13.95
C VAL C 325 -12.94 -15.70 13.97
N PHE C 326 -12.13 -16.62 14.51
CA PHE C 326 -10.70 -16.38 14.68
C PHE C 326 -9.86 -16.85 13.49
N ASP C 327 -10.47 -17.49 12.50
CA ASP C 327 -9.77 -17.92 11.29
C ASP C 327 -8.59 -18.84 11.62
N ILE C 328 -8.83 -19.80 12.51
CA ILE C 328 -7.78 -20.73 12.94
C ILE C 328 -7.47 -21.71 11.81
N HIS C 329 -6.19 -21.89 11.51
CA HIS C 329 -5.73 -22.85 10.52
C HIS C 329 -4.83 -23.90 11.21
N ASP C 330 -4.30 -24.81 10.40
CA ASP C 330 -3.56 -25.95 10.93
C ASP C 330 -2.30 -25.52 11.69
N ASP C 331 -1.50 -24.65 11.08
CA ASP C 331 -0.22 -24.27 11.64
C ASP C 331 -0.26 -22.99 12.47
N ASP C 332 -1.46 -22.48 12.77
CA ASP C 332 -1.56 -21.25 13.53
C ASP C 332 -1.16 -21.47 14.99
N ARG C 333 -0.81 -20.37 15.65
CA ARG C 333 -0.50 -20.36 17.08
C ARG C 333 -1.52 -19.47 17.76
N PHE C 334 -2.34 -20.05 18.62
CA PHE C 334 -3.42 -19.32 19.27
C PHE C 334 -3.05 -18.97 20.69
N PHE C 335 -3.28 -17.71 21.06
CA PHE C 335 -2.99 -17.18 22.38
C PHE C 335 -4.24 -16.48 22.90
N CYS C 336 -4.83 -17.02 23.96
CA CYS C 336 -5.94 -16.39 24.65
C CYS C 336 -5.51 -16.05 26.06
N GLY C 337 -5.65 -14.78 26.45
CA GLY C 337 -5.26 -14.34 27.77
C GLY C 337 -6.20 -14.76 28.89
N GLY C 338 -7.32 -15.37 28.56
CA GLY C 338 -8.28 -15.74 29.59
C GLY C 338 -7.82 -16.93 30.42
N ASP C 339 -8.28 -16.95 31.67
CA ASP C 339 -7.93 -18.03 32.58
C ASP C 339 -8.89 -19.20 32.39
N VAL C 340 -8.39 -20.41 32.73
CA VAL C 340 -9.20 -21.61 32.57
C VAL C 340 -10.37 -21.65 33.54
N GLY C 341 -10.35 -20.80 34.56
CA GLY C 341 -11.46 -20.77 35.50
C GLY C 341 -12.75 -20.22 34.93
N TRP C 342 -12.67 -19.55 33.78
CA TRP C 342 -13.84 -18.94 33.16
C TRP C 342 -14.13 -19.63 31.82
N ILE C 343 -15.30 -19.28 31.26
CA ILE C 343 -15.71 -19.88 30.00
C ILE C 343 -14.78 -19.46 28.87
N THR C 344 -14.14 -18.30 28.99
CA THR C 344 -13.17 -17.88 27.99
C THR C 344 -12.02 -18.87 27.91
N GLY C 345 -11.49 -19.27 29.06
CA GLY C 345 -10.43 -20.26 29.09
C GLY C 345 -10.90 -21.66 28.74
N HIS C 346 -12.14 -21.98 29.08
CA HIS C 346 -12.70 -23.28 28.70
C HIS C 346 -12.72 -23.44 27.18
N THR C 347 -13.34 -22.48 26.49
CA THR C 347 -13.64 -22.67 25.07
C THR C 347 -12.43 -22.39 24.19
N TYR C 348 -11.71 -21.30 24.43
CA TYR C 348 -10.71 -20.82 23.48
C TYR C 348 -9.27 -20.96 23.95
N VAL C 349 -9.03 -21.39 25.18
CA VAL C 349 -7.68 -21.80 25.57
C VAL C 349 -7.51 -23.31 25.35
N VAL C 350 -8.57 -24.09 25.54
CA VAL C 350 -8.48 -25.54 25.51
C VAL C 350 -9.17 -26.12 24.29
N TYR C 351 -10.50 -26.08 24.27
CA TYR C 351 -11.24 -26.92 23.32
C TYR C 351 -11.11 -26.42 21.89
N ALA C 352 -11.44 -25.16 21.63
CA ALA C 352 -11.42 -24.65 20.25
C ALA C 352 -10.09 -24.87 19.54
N PRO C 353 -8.92 -24.51 20.11
CA PRO C 353 -7.68 -24.75 19.37
C PRO C 353 -7.34 -26.23 19.22
N LEU C 354 -7.53 -27.02 20.28
CA LEU C 354 -7.13 -28.42 20.22
C LEU C 354 -8.08 -29.22 19.33
N LEU C 355 -9.37 -28.89 19.34
CA LEU C 355 -10.30 -29.52 18.40
C LEU C 355 -9.87 -29.28 16.97
N LEU C 356 -9.37 -28.08 16.68
CA LEU C 356 -8.97 -27.71 15.32
C LEU C 356 -7.56 -28.14 14.98
N GLY C 357 -6.74 -28.50 15.98
CA GLY C 357 -5.45 -29.11 15.73
C GLY C 357 -4.26 -28.19 15.76
N CYS C 358 -4.45 -26.90 16.03
CA CYS C 358 -3.35 -25.95 16.05
C CYS C 358 -2.69 -25.96 17.42
N SER C 359 -1.79 -25.01 17.67
CA SER C 359 -1.16 -24.84 18.97
C SER C 359 -1.95 -23.84 19.81
N THR C 360 -2.02 -24.10 21.11
CA THR C 360 -2.61 -23.17 22.05
C THR C 360 -1.57 -22.75 23.07
N VAL C 361 -1.63 -21.48 23.46
CA VAL C 361 -0.64 -20.89 24.37
C VAL C 361 -1.25 -20.81 25.76
N VAL C 362 -0.63 -21.48 26.72
CA VAL C 362 -1.01 -21.41 28.12
C VAL C 362 -0.06 -20.45 28.80
N PHE C 363 -0.58 -19.30 29.24
CA PHE C 363 0.21 -18.21 29.80
C PHE C 363 -0.04 -18.15 31.31
N GLU C 364 1.01 -18.35 32.09
CA GLU C 364 0.87 -18.44 33.54
C GLU C 364 1.05 -17.09 34.24
N SER C 365 1.68 -16.12 33.59
CA SER C 365 2.01 -14.86 34.24
C SER C 365 0.91 -13.82 33.96
N THR C 366 1.25 -12.55 34.14
CA THR C 366 0.32 -11.43 33.98
C THR C 366 0.80 -10.54 32.84
N PRO C 367 -0.07 -9.67 32.32
CA PRO C 367 0.38 -8.68 31.34
C PRO C 367 1.41 -7.69 31.88
N ALA C 368 1.67 -7.68 33.18
CA ALA C 368 2.55 -6.70 33.79
C ALA C 368 3.78 -7.31 34.44
N TYR C 369 4.09 -8.57 34.16
CA TYR C 369 5.23 -9.23 34.78
C TYR C 369 6.09 -9.88 33.71
N PRO C 370 7.41 -9.63 33.69
CA PRO C 370 8.10 -8.74 34.63
C PRO C 370 7.85 -7.26 34.32
N ASN C 371 7.43 -6.97 33.10
CA ASN C 371 7.10 -5.61 32.69
C ASN C 371 5.87 -5.66 31.78
N PHE C 372 5.42 -4.49 31.33
CA PHE C 372 4.19 -4.39 30.57
C PHE C 372 4.31 -4.88 29.14
N SER C 373 5.53 -5.16 28.66
CA SER C 373 5.68 -5.68 27.31
C SER C 373 5.55 -7.19 27.25
N ARG C 374 5.21 -7.85 28.36
CA ARG C 374 5.21 -9.31 28.42
C ARG C 374 4.27 -9.90 27.38
N TYR C 375 3.05 -9.36 27.29
CA TYR C 375 2.09 -9.85 26.30
C TYR C 375 2.70 -9.88 24.90
N TRP C 376 3.43 -8.83 24.54
CA TRP C 376 4.03 -8.77 23.22
C TRP C 376 5.36 -9.51 23.16
N ASP C 377 6.03 -9.71 24.30
CA ASP C 377 7.16 -10.61 24.35
C ASP C 377 6.74 -12.02 23.98
N VAL C 378 5.63 -12.48 24.55
CA VAL C 378 5.15 -13.84 24.29
C VAL C 378 4.72 -13.97 22.83
N ILE C 379 4.03 -12.96 22.28
CA ILE C 379 3.53 -13.06 20.92
C ILE C 379 4.68 -13.13 19.92
N GLU C 380 5.63 -12.20 20.02
CA GLU C 380 6.77 -12.21 19.11
C GLU C 380 7.56 -13.50 19.23
N LYS C 381 7.81 -13.95 20.46
CA LYS C 381 8.67 -15.12 20.68
C LYS C 381 8.09 -16.37 20.04
N HIS C 382 6.78 -16.58 20.17
CA HIS C 382 6.13 -17.79 19.69
C HIS C 382 5.44 -17.60 18.34
N LYS C 383 5.64 -16.46 17.69
CA LYS C 383 5.05 -16.20 16.38
C LYS C 383 3.53 -16.39 16.40
N VAL C 384 2.89 -15.75 17.38
CA VAL C 384 1.47 -15.94 17.61
C VAL C 384 0.67 -15.30 16.48
N THR C 385 -0.37 -16.01 16.02
CA THR C 385 -1.18 -15.55 14.90
C THR C 385 -2.51 -14.95 15.34
N GLN C 386 -3.04 -15.32 16.50
CA GLN C 386 -4.28 -14.76 17.00
C GLN C 386 -4.13 -14.48 18.48
N PHE C 387 -4.59 -13.31 18.92
CA PHE C 387 -4.49 -12.91 20.31
C PHE C 387 -5.87 -12.50 20.83
N TYR C 388 -6.29 -13.14 21.92
CA TYR C 388 -7.59 -12.92 22.54
C TYR C 388 -7.36 -12.28 23.90
N VAL C 389 -7.97 -11.10 24.11
CA VAL C 389 -7.74 -10.33 25.33
C VAL C 389 -9.05 -9.70 25.78
N ALA C 390 -9.08 -9.27 27.04
CA ALA C 390 -10.15 -8.54 27.68
C ALA C 390 -9.86 -7.05 27.67
N PRO C 391 -10.87 -6.21 27.42
CA PRO C 391 -10.62 -4.76 27.36
C PRO C 391 -10.07 -4.18 28.64
N THR C 392 -10.30 -4.82 29.78
CA THR C 392 -9.74 -4.30 31.03
C THR C 392 -8.23 -4.42 31.05
N ALA C 393 -7.67 -5.47 30.44
CA ALA C 393 -6.23 -5.59 30.36
C ALA C 393 -5.61 -4.60 29.37
N LEU C 394 -6.39 -4.18 28.37
CA LEU C 394 -5.88 -3.25 27.38
C LEU C 394 -5.72 -1.85 27.97
N ARG C 395 -6.73 -1.38 28.71
CA ARG C 395 -6.65 -0.04 29.29
C ARG C 395 -5.50 0.07 30.29
N LEU C 396 -5.17 -1.02 30.98
CA LEU C 396 -4.03 -1.00 31.88
C LEU C 396 -2.72 -0.85 31.11
N LEU C 397 -2.59 -1.53 29.97
CA LEU C 397 -1.39 -1.45 29.16
C LEU C 397 -1.33 -0.17 28.34
N LYS C 398 -2.49 0.35 27.92
CA LYS C 398 -2.50 1.63 27.22
C LYS C 398 -2.07 2.76 28.14
N ARG C 399 -2.58 2.76 29.37
CA ARG C 399 -2.15 3.76 30.35
C ARG C 399 -0.69 3.56 30.75
N ALA C 400 -0.12 2.39 30.48
CA ALA C 400 1.27 2.13 30.84
C ALA C 400 2.26 2.86 29.96
N GLY C 401 1.83 3.29 28.78
CA GLY C 401 2.71 4.01 27.87
C GLY C 401 2.98 3.19 26.62
N ASP C 402 2.95 3.87 25.47
CA ASP C 402 3.15 3.19 24.20
C ASP C 402 4.59 2.74 23.99
N GLU C 403 5.53 3.21 24.80
CA GLU C 403 6.92 2.80 24.63
C GLU C 403 7.18 1.37 25.11
N HIS C 404 6.17 0.70 25.69
CA HIS C 404 6.29 -0.71 26.00
C HIS C 404 6.02 -1.61 24.80
N ILE C 405 5.47 -1.07 23.72
CA ILE C 405 5.15 -1.84 22.53
C ILE C 405 6.19 -1.49 21.48
N HIS C 406 7.13 -2.40 21.23
CA HIS C 406 8.16 -2.21 20.22
C HIS C 406 8.45 -3.50 19.46
N HIS C 407 7.63 -4.53 19.61
CA HIS C 407 7.87 -5.82 19.01
C HIS C 407 7.27 -5.86 17.60
N LYS C 408 7.93 -6.61 16.71
CA LYS C 408 7.46 -6.71 15.34
C LYS C 408 6.12 -7.42 15.25
N MET C 409 6.00 -8.57 15.92
CA MET C 409 4.79 -9.39 15.92
C MET C 409 4.31 -9.61 14.48
N GLU C 410 5.17 -10.29 13.72
CA GLU C 410 5.03 -10.35 12.26
C GLU C 410 3.81 -11.17 11.84
N HIS C 411 3.37 -12.11 12.66
CA HIS C 411 2.29 -13.02 12.29
C HIS C 411 0.99 -12.70 13.00
N LEU C 412 0.91 -11.58 13.72
CA LEU C 412 -0.31 -11.21 14.41
C LEU C 412 -1.38 -10.85 13.39
N ARG C 413 -2.40 -11.69 13.28
CA ARG C 413 -3.41 -11.58 12.23
C ARG C 413 -4.80 -11.24 12.75
N ILE C 414 -5.16 -11.71 13.94
CA ILE C 414 -6.49 -11.52 14.50
C ILE C 414 -6.35 -11.07 15.95
N LEU C 415 -7.05 -10.01 16.31
CA LEU C 415 -7.07 -9.49 17.67
C LEU C 415 -8.50 -9.53 18.19
N GLY C 416 -8.69 -10.18 19.34
CA GLY C 416 -10.03 -10.43 19.87
C GLY C 416 -10.28 -9.72 21.17
N SER C 417 -11.51 -9.21 21.34
CA SER C 417 -11.96 -8.55 22.55
C SER C 417 -13.14 -9.32 23.13
N VAL C 418 -13.17 -9.46 24.45
CA VAL C 418 -14.19 -10.26 25.13
C VAL C 418 -14.37 -9.74 26.55
N GLY C 419 -15.63 -9.58 26.96
CA GLY C 419 -15.93 -9.19 28.32
C GLY C 419 -16.91 -8.04 28.44
N GLU C 420 -16.71 -6.98 27.65
CA GLU C 420 -17.55 -5.79 27.67
C GLU C 420 -17.24 -4.95 26.43
N PRO C 421 -18.05 -3.95 26.09
CA PRO C 421 -17.79 -3.22 24.85
C PRO C 421 -16.46 -2.48 24.92
N ILE C 422 -15.68 -2.61 23.85
CA ILE C 422 -14.37 -1.96 23.76
C ILE C 422 -14.57 -0.50 23.40
N ALA C 423 -13.92 0.39 24.15
CA ALA C 423 -14.05 1.82 23.86
C ALA C 423 -13.46 2.14 22.49
N ALA C 424 -14.04 3.14 21.83
CA ALA C 424 -13.54 3.55 20.52
C ALA C 424 -12.10 4.04 20.61
N GLU C 425 -11.77 4.77 21.68
CA GLU C 425 -10.39 5.18 21.88
C GLU C 425 -9.48 3.97 22.10
N VAL C 426 -9.93 3.01 22.90
CA VAL C 426 -9.15 1.80 23.15
C VAL C 426 -9.09 0.93 21.90
N TRP C 427 -10.18 0.89 21.13
CA TRP C 427 -10.19 0.12 19.89
C TRP C 427 -9.13 0.62 18.92
N LYS C 428 -8.94 1.94 18.83
CA LYS C 428 -7.92 2.49 17.95
C LYS C 428 -6.52 2.15 18.45
N TRP C 429 -6.30 2.22 19.76
CA TRP C 429 -5.01 1.84 20.33
C TRP C 429 -4.69 0.37 20.03
N TYR C 430 -5.70 -0.50 20.18
CA TYR C 430 -5.55 -1.89 19.82
C TYR C 430 -5.26 -2.07 18.34
N PHE C 431 -5.78 -1.17 17.50
CA PHE C 431 -5.66 -1.32 16.06
C PHE C 431 -4.31 -0.87 15.53
N GLU C 432 -3.77 0.22 16.09
CA GLU C 432 -2.54 0.83 15.59
C GLU C 432 -1.29 0.35 16.31
N LYS C 433 -1.29 0.36 17.65
CA LYS C 433 -0.06 0.03 18.37
C LYS C 433 0.25 -1.46 18.36
N VAL C 434 -0.78 -2.30 18.42
CA VAL C 434 -0.57 -3.75 18.40
C VAL C 434 -0.72 -4.27 16.98
N GLY C 435 -1.90 -4.08 16.39
CA GLY C 435 -2.17 -4.63 15.08
C GLY C 435 -1.42 -3.97 13.94
N LYS C 436 -0.89 -2.76 14.17
CA LYS C 436 -0.16 -2.01 13.15
C LYS C 436 -1.00 -1.79 11.89
N GLU C 437 -2.32 -1.65 12.07
CA GLU C 437 -3.27 -1.42 10.98
C GLU C 437 -3.27 -2.55 9.96
N GLU C 438 -2.76 -3.72 10.33
CA GLU C 438 -2.72 -4.88 9.45
C GLU C 438 -3.47 -6.08 10.05
N ALA C 439 -4.11 -5.89 11.20
CA ALA C 439 -4.80 -6.97 11.89
C ALA C 439 -6.27 -6.63 12.03
N HIS C 440 -7.09 -7.68 12.18
CA HIS C 440 -8.54 -7.56 12.19
C HIS C 440 -9.03 -7.73 13.62
N ILE C 441 -9.66 -6.69 14.16
CA ILE C 441 -10.15 -6.68 15.54
C ILE C 441 -11.55 -7.27 15.57
N CYS C 442 -11.74 -8.33 16.36
CA CYS C 442 -13.01 -9.03 16.46
C CYS C 442 -13.59 -8.83 17.85
N ASP C 443 -14.64 -8.02 17.95
CA ASP C 443 -15.36 -7.81 19.20
C ASP C 443 -16.38 -8.94 19.35
N THR C 444 -16.05 -9.94 20.15
CA THR C 444 -16.87 -11.14 20.29
C THR C 444 -17.79 -11.01 21.51
N TYR C 445 -19.10 -11.11 21.27
CA TYR C 445 -20.08 -11.13 22.35
C TYR C 445 -20.62 -12.54 22.54
N TRP C 446 -20.63 -12.99 23.80
CA TRP C 446 -21.14 -14.29 24.18
C TRP C 446 -21.15 -14.36 25.70
N GLN C 447 -21.62 -15.48 26.23
CA GLN C 447 -21.68 -15.68 27.68
C GLN C 447 -21.52 -17.17 27.98
N THR C 448 -21.34 -17.48 29.26
CA THR C 448 -21.12 -18.85 29.67
C THR C 448 -22.23 -19.78 29.17
N GLU C 449 -23.48 -19.32 29.25
CA GLU C 449 -24.62 -20.12 28.82
C GLU C 449 -24.73 -20.24 27.30
N THR C 450 -23.93 -19.49 26.54
CA THR C 450 -23.88 -19.65 25.10
C THR C 450 -22.76 -20.59 24.65
N GLY C 451 -21.73 -20.76 25.46
CA GLY C 451 -20.68 -21.72 25.17
C GLY C 451 -19.72 -21.32 24.06
N SER C 452 -20.16 -20.42 23.19
CA SER C 452 -19.33 -19.95 22.08
C SER C 452 -19.84 -18.60 21.62
N HIS C 453 -19.08 -17.99 20.70
CA HIS C 453 -19.44 -16.69 20.15
C HIS C 453 -20.82 -16.76 19.50
N VAL C 454 -21.69 -15.81 19.87
CA VAL C 454 -22.99 -15.71 19.24
C VAL C 454 -23.12 -14.47 18.35
N ILE C 455 -22.48 -13.36 18.71
CA ILE C 455 -22.48 -12.14 17.92
C ILE C 455 -21.04 -11.63 17.87
N SER C 456 -20.42 -11.71 16.69
CA SER C 456 -19.01 -11.39 16.56
C SER C 456 -18.67 -11.22 15.09
N PRO C 457 -17.72 -10.37 14.75
CA PRO C 457 -17.25 -10.31 13.37
C PRO C 457 -16.47 -11.57 13.03
N LEU C 458 -16.45 -11.89 11.74
CA LEU C 458 -15.69 -13.05 11.24
C LEU C 458 -14.36 -12.57 10.69
N GLY C 459 -13.28 -13.27 11.06
CA GLY C 459 -11.94 -12.88 10.68
C GLY C 459 -11.72 -12.75 9.19
N GLY C 460 -11.24 -11.58 8.76
CA GLY C 460 -10.98 -11.35 7.35
C GLY C 460 -12.21 -11.20 6.48
N ILE C 461 -13.39 -11.12 7.08
CA ILE C 461 -14.63 -11.04 6.31
C ILE C 461 -15.43 -9.82 6.72
N THR C 462 -15.94 -9.82 7.95
CA THR C 462 -16.86 -8.79 8.41
C THR C 462 -16.13 -7.50 8.72
N SER C 463 -16.66 -6.39 8.20
CA SER C 463 -16.13 -5.06 8.54
C SER C 463 -16.61 -4.64 9.92
N THR C 464 -15.77 -3.89 10.61
CA THR C 464 -15.97 -3.62 12.04
C THR C 464 -16.38 -2.18 12.29
N LYS C 465 -17.01 -1.99 13.46
CA LYS C 465 -17.32 -0.67 14.01
C LYS C 465 -16.87 -0.67 15.47
N PRO C 466 -16.06 0.30 15.90
CA PRO C 466 -15.60 0.31 17.30
C PRO C 466 -16.77 0.38 18.26
N GLY C 467 -16.76 -0.51 19.25
CA GLY C 467 -17.85 -0.63 20.19
C GLY C 467 -18.98 -1.55 19.78
N SER C 468 -19.00 -1.99 18.52
CA SER C 468 -20.03 -2.87 17.99
C SER C 468 -19.50 -4.29 17.83
N ALA C 469 -20.40 -5.27 17.94
CA ALA C 469 -20.06 -6.69 17.79
C ALA C 469 -20.46 -7.24 16.44
N SER C 470 -20.90 -6.37 15.54
CA SER C 470 -21.16 -6.66 14.13
C SER C 470 -22.38 -7.60 14.08
N LEU C 471 -22.33 -8.63 13.25
CA LEU C 471 -23.44 -9.51 12.90
C LEU C 471 -23.44 -10.78 13.74
N PRO C 472 -24.57 -11.50 13.81
CA PRO C 472 -24.62 -12.72 14.61
C PRO C 472 -23.85 -13.86 13.96
N PHE C 473 -23.58 -14.87 14.76
CA PHE C 473 -22.92 -16.08 14.29
C PHE C 473 -23.95 -17.07 13.73
N PHE C 474 -23.45 -18.14 13.12
CA PHE C 474 -24.33 -19.13 12.51
C PHE C 474 -25.24 -19.77 13.54
N GLY C 475 -26.51 -19.95 13.17
CA GLY C 475 -27.50 -20.49 14.07
C GLY C 475 -28.01 -19.53 15.12
N ILE C 476 -27.69 -18.24 15.02
CA ILE C 476 -28.08 -17.24 15.99
C ILE C 476 -29.00 -16.25 15.30
N GLU C 477 -30.29 -16.30 15.63
CA GLU C 477 -31.27 -15.35 15.11
C GLU C 477 -31.62 -14.34 16.20
N PRO C 478 -30.94 -13.20 16.26
CA PRO C 478 -31.16 -12.25 17.36
C PRO C 478 -32.49 -11.53 17.19
N ALA C 479 -33.03 -11.08 18.32
CA ALA C 479 -34.26 -10.32 18.35
C ALA C 479 -34.19 -9.27 19.44
N ILE C 480 -34.64 -8.05 19.13
CA ILE C 480 -34.69 -6.95 20.08
C ILE C 480 -36.10 -6.86 20.63
N ILE C 481 -36.23 -6.98 21.95
CA ILE C 481 -37.53 -7.06 22.61
C ILE C 481 -37.75 -5.79 23.42
N ASP C 482 -38.97 -5.24 23.33
CA ASP C 482 -39.38 -4.15 24.20
C ASP C 482 -39.56 -4.70 25.61
N PRO C 483 -38.80 -4.23 26.60
CA PRO C 483 -38.88 -4.85 27.94
C PRO C 483 -40.27 -4.79 28.56
N VAL C 484 -40.91 -3.62 28.56
CA VAL C 484 -42.22 -3.49 29.19
C VAL C 484 -43.27 -4.25 28.38
N SER C 485 -43.25 -4.08 27.05
CA SER C 485 -44.27 -4.71 26.21
C SER C 485 -44.08 -6.21 26.13
N GLY C 486 -42.84 -6.69 26.26
CA GLY C 486 -42.55 -8.08 26.01
C GLY C 486 -42.60 -8.50 24.57
N GLU C 487 -42.84 -7.56 23.65
CA GLU C 487 -42.96 -7.87 22.23
C GLU C 487 -41.68 -7.51 21.48
N GLU C 488 -41.40 -8.30 20.45
CA GLU C 488 -40.22 -8.08 19.63
C GLU C 488 -40.37 -6.79 18.82
N ILE C 489 -39.30 -6.01 18.79
CA ILE C 489 -39.25 -4.78 18.01
C ILE C 489 -38.53 -5.08 16.70
N SER C 490 -39.26 -5.12 15.60
CA SER C 490 -38.65 -5.44 14.32
C SER C 490 -38.02 -4.19 13.70
N GLY C 491 -37.16 -4.42 12.70
CA GLY C 491 -36.54 -3.34 11.98
C GLY C 491 -35.18 -2.96 12.53
N ASN C 492 -34.62 -1.91 11.93
CA ASN C 492 -33.32 -1.39 12.31
C ASN C 492 -33.46 -0.11 13.14
N ASP C 493 -32.34 0.30 13.74
CA ASP C 493 -32.30 1.47 14.63
C ASP C 493 -33.33 1.33 15.75
N VAL C 494 -33.33 0.15 16.37
CA VAL C 494 -34.24 -0.16 17.47
C VAL C 494 -33.41 -0.39 18.73
N GLU C 495 -34.08 -0.32 19.88
CA GLU C 495 -33.43 -0.41 21.17
C GLU C 495 -34.26 -1.26 22.12
N GLY C 496 -33.60 -2.08 22.92
CA GLY C 496 -34.29 -2.91 23.88
C GLY C 496 -33.41 -3.92 24.59
N VAL C 497 -33.94 -5.11 24.85
CA VAL C 497 -33.19 -6.19 25.47
C VAL C 497 -32.94 -7.27 24.43
N LEU C 498 -31.80 -7.95 24.56
CA LEU C 498 -31.34 -8.89 23.57
C LEU C 498 -31.90 -10.29 23.83
N ALA C 499 -32.24 -10.99 22.75
CA ALA C 499 -32.76 -12.34 22.85
C ALA C 499 -32.50 -13.08 21.55
N PHE C 500 -32.53 -14.41 21.63
CA PHE C 500 -32.35 -15.28 20.48
C PHE C 500 -33.64 -16.07 20.25
N LYS C 501 -33.96 -16.32 18.98
CA LYS C 501 -35.27 -16.84 18.63
C LYS C 501 -35.31 -18.37 18.57
N GLN C 502 -34.21 -19.02 18.17
CA GLN C 502 -34.16 -20.46 18.06
C GLN C 502 -32.85 -20.95 18.65
N PRO C 503 -32.79 -22.22 19.08
CA PRO C 503 -31.63 -22.70 19.82
C PRO C 503 -30.45 -23.03 18.93
N TRP C 504 -29.29 -23.12 19.56
CA TRP C 504 -28.02 -23.41 18.89
C TRP C 504 -27.29 -24.51 19.64
N PRO C 505 -26.47 -25.31 18.94
CA PRO C 505 -25.88 -26.50 19.58
C PRO C 505 -25.07 -26.18 20.84
N SER C 506 -24.33 -25.07 20.83
CA SER C 506 -23.46 -24.75 21.96
C SER C 506 -24.22 -24.28 23.19
N MET C 507 -25.53 -24.08 23.08
CA MET C 507 -26.30 -23.51 24.18
C MET C 507 -26.24 -24.39 25.41
N ALA C 508 -26.15 -23.76 26.58
CA ALA C 508 -26.15 -24.49 27.84
C ALA C 508 -27.42 -25.34 27.97
N ARG C 509 -27.26 -26.54 28.52
CA ARG C 509 -28.37 -27.47 28.59
C ARG C 509 -29.18 -27.34 29.86
N THR C 510 -28.56 -26.94 30.96
CA THR C 510 -29.26 -26.86 32.24
C THR C 510 -28.36 -26.17 33.27
N VAL C 511 -28.95 -25.92 34.43
CA VAL C 511 -28.21 -25.58 35.65
C VAL C 511 -28.33 -26.76 36.59
N TRP C 512 -27.20 -27.21 37.12
CA TRP C 512 -27.17 -28.47 37.85
C TRP C 512 -28.03 -28.42 39.10
N GLY C 513 -28.97 -29.35 39.20
CA GLY C 513 -29.85 -29.48 40.35
C GLY C 513 -30.88 -28.39 40.50
N ALA C 514 -31.00 -27.49 39.54
CA ALA C 514 -31.96 -26.39 39.60
C ALA C 514 -32.38 -26.03 38.17
N HIS C 515 -33.02 -26.98 37.49
CA HIS C 515 -33.54 -26.71 36.15
C HIS C 515 -34.68 -25.73 36.16
N LYS C 516 -35.42 -25.61 37.27
CA LYS C 516 -36.42 -24.55 37.39
C LYS C 516 -35.76 -23.18 37.34
N ARG C 517 -34.68 -23.00 38.11
CA ARG C 517 -33.91 -21.76 38.03
C ARG C 517 -33.37 -21.54 36.62
N TYR C 518 -33.01 -22.63 35.94
CA TYR C 518 -32.58 -22.53 34.54
C TYR C 518 -33.73 -22.06 33.65
N MET C 519 -34.92 -22.65 33.83
CA MET C 519 -36.05 -22.28 32.99
C MET C 519 -36.50 -20.84 33.24
N ASP C 520 -36.58 -20.44 34.51
CA ASP C 520 -37.11 -19.12 34.83
C ASP C 520 -36.18 -18.01 34.36
N THR C 521 -34.87 -18.24 34.41
CA THR C 521 -33.92 -17.18 34.12
C THR C 521 -33.81 -16.91 32.62
N TYR C 522 -33.65 -17.95 31.81
CA TYR C 522 -33.36 -17.78 30.39
C TYR C 522 -34.54 -18.03 29.48
N LEU C 523 -35.49 -18.90 29.85
CA LEU C 523 -36.53 -19.34 28.94
C LEU C 523 -37.94 -18.93 29.33
N ASN C 524 -38.19 -18.59 30.60
CA ASN C 524 -39.53 -18.21 31.04
C ASN C 524 -39.76 -16.70 31.05
N VAL C 525 -38.72 -15.90 30.87
CA VAL C 525 -38.88 -14.44 30.85
C VAL C 525 -39.68 -14.02 29.63
N TYR C 526 -39.20 -14.40 28.45
CA TYR C 526 -39.91 -14.19 27.19
C TYR C 526 -40.06 -15.55 26.53
N LYS C 527 -41.24 -16.16 26.67
CA LYS C 527 -41.45 -17.51 26.16
C LYS C 527 -41.30 -17.56 24.65
N GLY C 528 -40.53 -18.53 24.17
CA GLY C 528 -40.16 -18.64 22.79
C GLY C 528 -38.78 -18.12 22.46
N TYR C 529 -38.11 -17.48 23.42
CA TYR C 529 -36.81 -16.88 23.21
C TYR C 529 -35.85 -17.30 24.31
N TYR C 530 -34.57 -17.09 24.06
CA TYR C 530 -33.53 -17.19 25.07
C TYR C 530 -33.14 -15.78 25.50
N PHE C 531 -33.17 -15.53 26.81
CA PHE C 531 -32.97 -14.18 27.36
C PHE C 531 -31.53 -14.04 27.84
N THR C 532 -30.77 -13.17 27.16
CA THR C 532 -29.37 -12.95 27.53
C THR C 532 -29.21 -12.09 28.77
N GLY C 533 -30.25 -11.37 29.17
CA GLY C 533 -30.14 -10.44 30.27
C GLY C 533 -29.42 -9.15 29.94
N ASP C 534 -29.04 -8.94 28.68
CA ASP C 534 -28.30 -7.76 28.26
C ASP C 534 -29.19 -6.83 27.46
N GLY C 535 -29.01 -5.53 27.68
CA GLY C 535 -29.65 -4.55 26.82
C GLY C 535 -28.82 -4.35 25.56
N ALA C 536 -29.49 -4.12 24.45
CA ALA C 536 -28.79 -3.99 23.19
C ALA C 536 -29.65 -3.21 22.20
N GLY C 537 -28.99 -2.70 21.17
CA GLY C 537 -29.67 -2.10 20.05
C GLY C 537 -28.95 -2.46 18.77
N ARG C 538 -29.70 -2.46 17.68
CA ARG C 538 -29.12 -2.68 16.35
C ARG C 538 -29.32 -1.42 15.52
N ASP C 539 -28.30 -1.07 14.74
CA ASP C 539 -28.28 0.22 14.07
C ASP C 539 -28.86 0.10 12.65
N HIS C 540 -28.65 1.13 11.83
CA HIS C 540 -29.20 1.14 10.49
C HIS C 540 -28.58 0.07 9.61
N ASP C 541 -27.30 -0.26 9.82
CA ASP C 541 -26.63 -1.31 9.08
C ASP C 541 -27.00 -2.70 9.56
N GLY C 542 -27.68 -2.82 10.70
CA GLY C 542 -27.96 -4.11 11.30
C GLY C 542 -26.95 -4.55 12.33
N TYR C 543 -25.93 -3.75 12.61
CA TYR C 543 -24.91 -4.12 13.58
C TYR C 543 -25.45 -3.97 15.00
N TYR C 544 -25.17 -4.97 15.83
CA TYR C 544 -25.67 -4.99 17.20
C TYR C 544 -24.70 -4.28 18.13
N TRP C 545 -25.25 -3.58 19.12
CA TRP C 545 -24.48 -2.80 20.08
C TRP C 545 -24.87 -3.24 21.48
N ILE C 546 -23.95 -3.91 22.17
CA ILE C 546 -24.23 -4.47 23.50
C ILE C 546 -24.17 -3.32 24.51
N ARG C 547 -25.33 -2.92 25.02
CA ARG C 547 -25.41 -1.86 26.02
C ARG C 547 -25.11 -2.34 27.43
N GLY C 548 -24.67 -3.58 27.61
CA GLY C 548 -24.40 -4.11 28.93
C GLY C 548 -25.62 -4.74 29.57
N ARG C 549 -25.39 -5.31 30.75
CA ARG C 549 -26.41 -6.09 31.44
C ARG C 549 -27.50 -5.19 32.01
N VAL C 550 -28.71 -5.73 32.06
CA VAL C 550 -29.86 -5.04 32.63
C VAL C 550 -30.21 -5.64 33.99
N THR D 37 -59.79 -23.92 -1.89
CA THR D 37 -58.38 -23.62 -1.72
C THR D 37 -57.57 -24.88 -1.44
N PHE D 38 -56.39 -24.98 -2.06
CA PHE D 38 -55.50 -26.11 -1.90
C PHE D 38 -54.21 -25.64 -1.23
N HIS D 39 -53.93 -26.18 -0.05
CA HIS D 39 -52.71 -25.82 0.65
C HIS D 39 -51.55 -26.65 0.10
N VAL D 40 -50.35 -26.33 0.56
CA VAL D 40 -49.19 -27.15 0.17
C VAL D 40 -49.30 -28.52 0.82
N PRO D 41 -49.11 -29.61 0.07
CA PRO D 41 -49.21 -30.94 0.66
C PRO D 41 -48.19 -31.14 1.77
N LYS D 42 -48.61 -31.84 2.83
CA LYS D 42 -47.71 -32.11 3.93
C LYS D 42 -46.48 -32.90 3.48
N ALA D 43 -46.63 -33.69 2.42
CA ALA D 43 -45.50 -34.48 1.91
C ALA D 43 -44.45 -33.58 1.26
N PHE D 44 -44.85 -32.43 0.73
CA PHE D 44 -43.88 -31.49 0.16
C PHE D 44 -42.79 -31.16 1.17
N TYR D 45 -43.20 -30.81 2.40
CA TYR D 45 -42.23 -30.48 3.43
C TYR D 45 -41.46 -31.71 3.90
N GLU D 46 -42.12 -32.88 3.93
CA GLU D 46 -41.43 -34.08 4.38
C GLU D 46 -40.37 -34.53 3.37
N LYS D 47 -40.71 -34.51 2.08
CA LYS D 47 -39.82 -34.95 1.03
C LYS D 47 -38.97 -33.82 0.44
N HIS D 48 -38.73 -32.76 1.20
CA HIS D 48 -37.94 -31.61 0.76
C HIS D 48 -36.49 -31.79 1.21
N PRO D 49 -35.50 -31.55 0.34
CA PRO D 49 -34.10 -31.68 0.79
C PRO D 49 -33.74 -30.76 1.94
N SER D 50 -34.25 -29.53 1.92
CA SER D 50 -34.03 -28.57 2.99
C SER D 50 -35.36 -27.87 3.25
N LYS D 51 -35.29 -26.63 3.73
CA LYS D 51 -36.48 -25.81 3.87
C LYS D 51 -36.56 -24.87 2.68
N THR D 52 -37.75 -24.34 2.44
CA THR D 52 -37.91 -23.41 1.34
C THR D 52 -37.36 -22.03 1.71
N HIS D 53 -37.09 -21.22 0.70
CA HIS D 53 -36.37 -19.97 0.91
C HIS D 53 -37.15 -19.01 1.80
N LEU D 54 -38.47 -18.99 1.70
CA LEU D 54 -39.30 -18.17 2.56
C LEU D 54 -39.89 -19.03 3.68
N LYS D 55 -39.91 -18.46 4.89
CA LYS D 55 -40.37 -19.22 6.04
C LYS D 55 -41.86 -19.55 5.96
N ASP D 56 -42.69 -18.52 5.78
CA ASP D 56 -44.13 -18.72 5.80
C ASP D 56 -44.77 -17.75 4.81
N LEU D 57 -46.10 -17.68 4.85
CA LEU D 57 -46.83 -16.78 3.96
C LEU D 57 -46.69 -15.33 4.40
N ASP D 58 -46.47 -15.09 5.70
CA ASP D 58 -46.29 -13.73 6.17
C ASP D 58 -45.01 -13.11 5.63
N GLU D 59 -43.94 -13.90 5.51
CA GLU D 59 -42.70 -13.38 4.95
C GLU D 59 -42.89 -12.91 3.50
N TYR D 60 -43.70 -13.63 2.74
CA TYR D 60 -44.09 -13.15 1.41
C TYR D 60 -44.73 -11.77 1.50
N LYS D 61 -45.72 -11.63 2.39
CA LYS D 61 -46.39 -10.34 2.55
C LYS D 61 -45.40 -9.25 2.96
N LYS D 62 -44.50 -9.56 3.90
CA LYS D 62 -43.50 -8.58 4.32
C LYS D 62 -42.61 -8.16 3.15
N LEU D 63 -42.09 -9.14 2.40
CA LEU D 63 -41.23 -8.83 1.27
C LEU D 63 -41.99 -8.21 0.11
N TYR D 64 -43.25 -8.61 -0.10
CA TYR D 64 -44.02 -8.04 -1.19
C TYR D 64 -44.30 -6.56 -0.95
N ASP D 65 -44.81 -6.23 0.24
CA ASP D 65 -45.08 -4.83 0.57
C ASP D 65 -43.81 -3.99 0.49
N GLU D 66 -42.66 -4.57 0.86
CA GLU D 66 -41.41 -3.86 0.67
C GLU D 66 -41.09 -3.64 -0.80
N SER D 67 -41.46 -4.60 -1.66
CA SER D 67 -41.13 -4.49 -3.07
C SER D 67 -41.99 -3.47 -3.81
N ILE D 68 -43.11 -3.04 -3.24
CA ILE D 68 -43.96 -2.05 -3.89
C ILE D 68 -43.99 -0.72 -3.15
N ARG D 69 -43.88 -0.72 -1.81
CA ARG D 69 -43.82 0.53 -1.07
C ARG D 69 -42.46 1.19 -1.27
N SER D 70 -41.38 0.46 -0.97
CA SER D 70 -40.01 0.97 -1.11
C SER D 70 -39.23 0.07 -2.05
N PRO D 71 -39.50 0.17 -3.36
CA PRO D 71 -38.81 -0.72 -4.32
C PRO D 71 -37.34 -0.40 -4.53
N ASP D 72 -36.93 0.86 -4.36
CA ASP D 72 -35.54 1.22 -4.63
C ASP D 72 -34.57 0.44 -3.74
N THR D 73 -34.88 0.32 -2.45
CA THR D 73 -34.02 -0.45 -1.56
C THR D 73 -34.16 -1.95 -1.78
N PHE D 74 -35.35 -2.41 -2.17
CA PHE D 74 -35.59 -3.85 -2.31
C PHE D 74 -34.82 -4.41 -3.49
N TRP D 75 -35.09 -3.90 -4.69
CA TRP D 75 -34.45 -4.45 -5.89
C TRP D 75 -32.94 -4.28 -5.87
N ALA D 76 -32.44 -3.28 -5.14
CA ALA D 76 -30.99 -3.15 -4.99
C ALA D 76 -30.42 -4.32 -4.19
N ARG D 77 -31.08 -4.67 -3.09
CA ARG D 77 -30.61 -5.79 -2.27
C ARG D 77 -30.70 -7.11 -3.04
N MET D 78 -31.76 -7.26 -3.85
CA MET D 78 -31.93 -8.51 -4.60
C MET D 78 -30.91 -8.62 -5.73
N ALA D 79 -30.59 -7.50 -6.39
CA ALA D 79 -29.68 -7.55 -7.52
C ALA D 79 -28.27 -7.97 -7.11
N ARG D 80 -27.81 -7.50 -5.95
CA ARG D 80 -26.46 -7.81 -5.50
C ARG D 80 -26.35 -9.19 -4.87
N GLU D 81 -27.46 -9.77 -4.41
CA GLU D 81 -27.42 -11.13 -3.89
C GLU D 81 -27.40 -12.17 -5.00
N LEU D 82 -28.15 -11.92 -6.08
CA LEU D 82 -28.34 -12.90 -7.14
C LEU D 82 -27.43 -12.72 -8.33
N LEU D 83 -26.94 -11.50 -8.58
CA LEU D 83 -26.10 -11.23 -9.73
C LEU D 83 -24.72 -10.77 -9.27
N THR D 84 -23.72 -11.03 -10.11
CA THR D 84 -22.36 -10.58 -9.88
C THR D 84 -21.97 -9.62 -10.99
N PHE D 85 -21.72 -8.37 -10.63
CA PHE D 85 -21.44 -7.30 -11.58
C PHE D 85 -19.93 -7.12 -11.75
N ASP D 86 -19.55 -6.66 -12.95
CA ASP D 86 -18.19 -6.16 -13.15
C ASP D 86 -17.96 -4.89 -12.35
N LYS D 87 -18.92 -3.96 -12.42
CA LYS D 87 -18.90 -2.73 -11.64
C LYS D 87 -20.25 -2.56 -10.95
N ASP D 88 -20.22 -2.15 -9.69
CA ASP D 88 -21.44 -1.97 -8.93
C ASP D 88 -22.28 -0.83 -9.52
N PHE D 89 -23.57 -0.86 -9.21
CA PHE D 89 -24.46 0.23 -9.54
C PHE D 89 -24.70 1.10 -8.31
N GLN D 90 -25.18 2.31 -8.54
CA GLN D 90 -25.54 3.21 -7.46
C GLN D 90 -27.02 3.55 -7.45
N THR D 91 -27.60 3.82 -8.62
CA THR D 91 -29.01 4.16 -8.74
C THR D 91 -29.80 2.93 -9.14
N THR D 92 -30.83 2.61 -8.35
CA THR D 92 -31.60 1.40 -8.60
C THR D 92 -32.49 1.54 -9.83
N HIS D 93 -33.23 2.64 -9.91
CA HIS D 93 -34.19 2.81 -11.00
C HIS D 93 -34.41 4.29 -11.28
N ILE D 94 -34.51 4.63 -12.57
CA ILE D 94 -34.99 5.93 -13.02
C ILE D 94 -35.96 5.70 -14.17
N GLY D 95 -36.84 6.66 -14.36
CA GLY D 95 -37.86 6.58 -15.38
C GLY D 95 -39.23 6.33 -14.77
N SER D 96 -40.18 6.07 -15.65
CA SER D 96 -41.56 5.86 -15.25
C SER D 96 -42.30 5.15 -16.37
N LEU D 97 -43.54 4.76 -16.07
CA LEU D 97 -44.39 4.15 -17.09
C LEU D 97 -45.02 5.18 -18.02
N GLU D 98 -45.16 6.43 -17.57
CA GLU D 98 -45.74 7.46 -18.43
C GLU D 98 -44.88 7.72 -19.66
N ASN D 99 -43.57 7.78 -19.47
CA ASN D 99 -42.67 8.20 -20.55
C ASN D 99 -41.94 7.03 -21.22
N GLY D 100 -41.99 5.84 -20.64
CA GLY D 100 -41.35 4.69 -21.24
C GLY D 100 -39.84 4.80 -21.29
N ASP D 101 -39.24 5.35 -20.24
CA ASP D 101 -37.79 5.56 -20.16
C ASP D 101 -37.20 4.82 -18.97
N ASN D 102 -37.69 3.62 -18.71
CA ASN D 102 -37.26 2.87 -17.54
C ASN D 102 -35.85 2.33 -17.74
N ALA D 103 -34.99 2.58 -16.77
CA ALA D 103 -33.62 2.06 -16.77
C ALA D 103 -33.30 1.61 -15.35
N TRP D 104 -32.73 0.42 -15.23
CA TRP D 104 -32.50 -0.23 -13.95
C TRP D 104 -31.00 -0.43 -13.74
N PHE D 105 -30.53 -0.10 -12.53
CA PHE D 105 -29.14 -0.27 -12.14
C PHE D 105 -28.22 0.39 -13.18
N VAL D 106 -28.47 1.67 -13.43
CA VAL D 106 -28.05 2.30 -14.68
C VAL D 106 -26.54 2.35 -14.84
N GLU D 107 -25.79 2.52 -13.76
CA GLU D 107 -24.34 2.63 -13.86
C GLU D 107 -23.61 1.31 -13.64
N GLY D 108 -24.32 0.24 -13.33
CA GLY D 108 -23.69 -1.05 -13.12
C GLY D 108 -23.29 -1.72 -14.43
N ARG D 109 -22.29 -2.61 -14.32
CA ARG D 109 -21.73 -3.33 -15.46
C ARG D 109 -21.64 -4.81 -15.13
N LEU D 110 -21.98 -5.65 -16.10
CA LEU D 110 -22.01 -7.09 -15.90
C LEU D 110 -22.01 -7.78 -17.26
N ASN D 111 -21.99 -9.12 -17.24
CA ASN D 111 -22.07 -9.92 -18.46
C ASN D 111 -22.94 -11.14 -18.19
N ALA D 112 -23.80 -11.47 -19.15
CA ALA D 112 -24.75 -12.56 -18.96
C ALA D 112 -24.04 -13.91 -18.94
N SER D 113 -23.09 -14.13 -19.85
CA SER D 113 -22.38 -15.42 -19.89
C SER D 113 -21.62 -15.67 -18.59
N PHE D 114 -21.07 -14.62 -17.97
CA PHE D 114 -20.35 -14.80 -16.72
C PHE D 114 -21.29 -15.29 -15.63
N ASN D 115 -22.47 -14.66 -15.51
CA ASN D 115 -23.39 -15.02 -14.44
C ASN D 115 -24.03 -16.38 -14.65
N CYS D 116 -24.08 -16.88 -15.88
CA CYS D 116 -24.66 -18.18 -16.16
C CYS D 116 -23.64 -19.32 -16.14
N VAL D 117 -22.39 -19.05 -16.52
CA VAL D 117 -21.40 -20.11 -16.69
C VAL D 117 -20.19 -19.89 -15.79
N ASP D 118 -19.47 -18.79 -16.03
CA ASP D 118 -18.14 -18.60 -15.45
C ASP D 118 -18.16 -18.75 -13.93
N ARG D 119 -19.03 -18.00 -13.24
CA ARG D 119 -18.96 -17.98 -11.79
C ARG D 119 -19.26 -19.35 -11.19
N HIS D 120 -20.06 -20.16 -11.88
CA HIS D 120 -20.33 -21.51 -11.40
C HIS D 120 -19.18 -22.45 -11.71
N ALA D 121 -18.59 -22.32 -12.91
CA ALA D 121 -17.40 -23.12 -13.23
C ALA D 121 -16.24 -22.79 -12.30
N ILE D 122 -16.19 -21.55 -11.79
CA ILE D 122 -15.15 -21.19 -10.84
C ILE D 122 -15.35 -21.95 -9.53
N LYS D 123 -16.60 -22.07 -9.08
CA LYS D 123 -16.89 -22.78 -7.83
C LYS D 123 -16.60 -24.27 -7.96
N ASN D 124 -17.11 -24.89 -9.02
CA ASN D 124 -16.83 -26.29 -9.34
C ASN D 124 -17.14 -26.56 -10.80
N PRO D 125 -16.13 -26.72 -11.66
CA PRO D 125 -16.40 -26.89 -13.09
C PRO D 125 -16.99 -28.24 -13.46
N ASN D 126 -17.01 -29.22 -12.54
CA ASN D 126 -17.56 -30.53 -12.84
C ASN D 126 -19.05 -30.62 -12.53
N LYS D 127 -19.67 -29.55 -12.06
CA LYS D 127 -21.09 -29.56 -11.78
C LYS D 127 -21.90 -29.59 -13.07
N VAL D 128 -22.95 -30.39 -13.09
CA VAL D 128 -23.75 -30.57 -14.30
C VAL D 128 -24.52 -29.31 -14.60
N ALA D 129 -24.45 -28.84 -15.84
CA ALA D 129 -25.18 -27.67 -16.29
C ALA D 129 -26.34 -28.03 -17.22
N ILE D 130 -26.08 -28.81 -18.27
CA ILE D 130 -27.08 -29.18 -19.25
C ILE D 130 -27.25 -30.70 -19.25
N ILE D 131 -28.49 -31.15 -19.24
CA ILE D 131 -28.85 -32.55 -19.42
C ILE D 131 -29.57 -32.64 -20.76
N TYR D 132 -28.88 -33.15 -21.78
CA TYR D 132 -29.42 -33.19 -23.13
C TYR D 132 -30.15 -34.52 -23.33
N GLU D 133 -31.45 -34.42 -23.59
CA GLU D 133 -32.27 -35.58 -23.94
C GLU D 133 -32.63 -35.46 -25.41
N ALA D 134 -32.03 -36.31 -26.23
CA ALA D 134 -32.18 -36.22 -27.68
C ALA D 134 -33.54 -36.77 -28.11
N ASP D 135 -33.81 -36.67 -29.40
CA ASP D 135 -35.06 -37.22 -29.95
C ASP D 135 -35.19 -38.70 -29.64
N GLU D 136 -34.19 -39.49 -30.03
CA GLU D 136 -34.16 -40.89 -29.64
C GLU D 136 -33.69 -40.99 -28.18
N PRO D 137 -34.31 -41.88 -27.40
CA PRO D 137 -33.85 -42.06 -26.01
C PRO D 137 -32.43 -42.62 -25.97
N ASN D 138 -31.72 -42.25 -24.90
CA ASN D 138 -30.34 -42.72 -24.67
C ASN D 138 -29.40 -42.32 -25.81
N GLU D 139 -29.70 -41.21 -26.48
CA GLU D 139 -28.82 -40.64 -27.48
C GLU D 139 -28.34 -39.24 -27.10
N GLY D 140 -28.56 -38.84 -25.85
CA GLY D 140 -28.16 -37.55 -25.36
C GLY D 140 -26.82 -37.59 -24.66
N ARG D 141 -26.57 -36.57 -23.84
CA ARG D 141 -25.31 -36.47 -23.11
C ARG D 141 -25.50 -35.50 -21.96
N ILE D 142 -24.49 -35.45 -21.09
CA ILE D 142 -24.48 -34.58 -19.92
C ILE D 142 -23.32 -33.61 -20.05
N ILE D 143 -23.60 -32.32 -19.90
CA ILE D 143 -22.60 -31.27 -20.09
C ILE D 143 -22.39 -30.56 -18.76
N THR D 144 -21.14 -30.47 -18.33
CA THR D 144 -20.81 -29.79 -17.10
C THR D 144 -20.59 -28.30 -17.36
N TYR D 145 -20.53 -27.52 -16.27
CA TYR D 145 -20.29 -26.09 -16.39
C TYR D 145 -18.90 -25.80 -16.95
N GLY D 146 -17.91 -26.64 -16.64
CA GLY D 146 -16.61 -26.47 -17.25
C GLY D 146 -16.63 -26.73 -18.75
N GLU D 147 -17.32 -27.78 -19.18
CA GLU D 147 -17.47 -28.04 -20.61
C GLU D 147 -18.27 -26.93 -21.28
N LEU D 148 -19.28 -26.39 -20.58
CA LEU D 148 -20.09 -25.33 -21.16
C LEU D 148 -19.28 -24.08 -21.38
N LEU D 149 -18.39 -23.74 -20.45
CA LEU D 149 -17.56 -22.55 -20.61
C LEU D 149 -16.68 -22.67 -21.85
N ARG D 150 -16.13 -23.86 -22.11
CA ARG D 150 -15.28 -24.05 -23.28
C ARG D 150 -16.08 -23.92 -24.58
N GLU D 151 -17.21 -24.61 -24.67
CA GLU D 151 -17.97 -24.59 -25.92
C GLU D 151 -18.52 -23.19 -26.22
N VAL D 152 -18.99 -22.48 -25.18
CA VAL D 152 -19.42 -21.10 -25.39
C VAL D 152 -18.24 -20.25 -25.85
N SER D 153 -17.08 -20.43 -25.21
CA SER D 153 -15.90 -19.65 -25.57
C SER D 153 -15.46 -19.93 -26.99
N ARG D 154 -15.57 -21.18 -27.45
CA ARG D 154 -15.18 -21.51 -28.82
C ARG D 154 -16.10 -20.83 -29.83
N VAL D 155 -17.42 -20.89 -29.59
CA VAL D 155 -18.37 -20.25 -30.50
C VAL D 155 -18.22 -18.73 -30.44
N ALA D 156 -17.92 -18.20 -29.27
CA ALA D 156 -17.66 -16.76 -29.17
C ALA D 156 -16.53 -16.36 -30.11
N TRP D 157 -15.43 -17.11 -30.12
CA TRP D 157 -14.33 -16.80 -31.02
C TRP D 157 -14.75 -16.91 -32.48
N VAL D 158 -15.55 -17.93 -32.81
CA VAL D 158 -15.99 -18.11 -34.20
C VAL D 158 -16.78 -16.90 -34.66
N LEU D 159 -17.63 -16.37 -33.79
CA LEU D 159 -18.41 -15.18 -34.15
C LEU D 159 -17.51 -13.96 -34.27
N LYS D 160 -16.57 -13.80 -33.34
CA LYS D 160 -15.66 -12.66 -33.39
C LYS D 160 -14.83 -12.67 -34.68
N GLN D 161 -14.33 -13.84 -35.07
CA GLN D 161 -13.58 -13.97 -36.31
C GLN D 161 -14.47 -13.96 -37.54
N ARG D 162 -15.78 -13.86 -37.36
CA ARG D 162 -16.74 -13.72 -38.46
C ARG D 162 -17.32 -12.33 -38.55
N GLY D 163 -16.82 -11.38 -37.77
CA GLY D 163 -17.23 -10.00 -37.88
C GLY D 163 -18.25 -9.54 -36.87
N VAL D 164 -18.67 -10.40 -35.95
CA VAL D 164 -19.68 -10.01 -34.98
C VAL D 164 -19.04 -9.10 -33.94
N LYS D 165 -19.52 -7.87 -33.88
CA LYS D 165 -19.06 -6.89 -32.90
C LYS D 165 -20.15 -6.69 -31.85
N LYS D 166 -19.76 -6.05 -30.75
CA LYS D 166 -20.71 -5.67 -29.72
C LYS D 166 -21.83 -4.83 -30.32
N GLY D 167 -23.08 -5.22 -30.04
CA GLY D 167 -24.24 -4.53 -30.56
C GLY D 167 -24.80 -5.08 -31.84
N ASP D 168 -24.08 -5.99 -32.52
CA ASP D 168 -24.64 -6.65 -33.70
C ASP D 168 -25.71 -7.66 -33.28
N THR D 169 -26.58 -7.99 -34.24
CA THR D 169 -27.61 -8.98 -34.02
C THR D 169 -27.27 -10.28 -34.75
N VAL D 170 -27.56 -11.40 -34.11
CA VAL D 170 -27.31 -12.73 -34.67
C VAL D 170 -28.60 -13.54 -34.56
N ALA D 171 -29.07 -14.05 -35.69
CA ALA D 171 -30.30 -14.83 -35.73
C ALA D 171 -30.00 -16.29 -35.42
N ILE D 172 -30.71 -16.84 -34.43
CA ILE D 172 -30.54 -18.22 -34.00
C ILE D 172 -31.76 -19.02 -34.48
N TYR D 173 -31.55 -19.87 -35.47
CA TYR D 173 -32.58 -20.76 -35.99
C TYR D 173 -32.20 -22.20 -35.68
N LEU D 174 -32.29 -22.56 -34.40
CA LEU D 174 -31.84 -23.85 -33.92
C LEU D 174 -32.97 -24.61 -33.22
N PRO D 175 -32.93 -25.95 -33.25
CA PRO D 175 -33.89 -26.73 -32.45
C PRO D 175 -33.47 -26.83 -30.99
N MET D 176 -34.03 -27.81 -30.27
CA MET D 176 -33.77 -27.95 -28.83
C MET D 176 -32.59 -28.88 -28.59
N ILE D 177 -31.43 -28.49 -29.12
CA ILE D 177 -30.19 -29.23 -28.88
C ILE D 177 -29.31 -28.36 -27.97
N PRO D 178 -28.33 -28.93 -27.27
CA PRO D 178 -27.49 -28.11 -26.38
C PRO D 178 -26.75 -27.00 -27.10
N GLU D 179 -26.51 -27.13 -28.40
CA GLU D 179 -25.85 -26.07 -29.16
C GLU D 179 -26.64 -24.77 -29.15
N ALA D 180 -27.96 -24.84 -28.95
CA ALA D 180 -28.75 -23.61 -28.89
C ALA D 180 -28.45 -22.81 -27.63
N VAL D 181 -28.35 -23.50 -26.49
CA VAL D 181 -27.97 -22.81 -25.25
C VAL D 181 -26.57 -22.21 -25.38
N VAL D 182 -25.67 -22.92 -26.05
CA VAL D 182 -24.32 -22.39 -26.30
C VAL D 182 -24.41 -21.14 -27.16
N ALA D 183 -25.26 -21.16 -28.19
CA ALA D 183 -25.40 -20.00 -29.07
C ALA D 183 -25.98 -18.80 -28.34
N PHE D 184 -26.88 -19.02 -27.39
CA PHE D 184 -27.35 -17.95 -26.53
C PHE D 184 -26.18 -17.24 -25.86
N LEU D 185 -25.43 -17.98 -25.05
CA LEU D 185 -24.41 -17.39 -24.21
C LEU D 185 -23.20 -16.91 -25.01
N ALA D 186 -22.93 -17.54 -26.16
CA ALA D 186 -21.85 -17.05 -27.00
C ALA D 186 -22.14 -15.64 -27.51
N CYS D 187 -23.39 -15.38 -27.89
CA CYS D 187 -23.79 -14.04 -28.28
C CYS D 187 -23.72 -13.08 -27.09
N ALA D 188 -24.10 -13.55 -25.90
CA ALA D 188 -24.07 -12.70 -24.73
C ALA D 188 -22.65 -12.49 -24.24
N ARG D 189 -21.76 -13.47 -24.45
CA ARG D 189 -20.39 -13.34 -23.95
C ARG D 189 -19.63 -12.25 -24.69
N ILE D 190 -19.94 -12.03 -25.96
CA ILE D 190 -19.27 -10.98 -26.74
C ILE D 190 -20.11 -9.71 -26.84
N GLY D 191 -21.28 -9.70 -26.21
CA GLY D 191 -22.13 -8.52 -26.24
C GLY D 191 -23.04 -8.41 -27.43
N ALA D 192 -23.19 -9.47 -28.23
CA ALA D 192 -24.12 -9.43 -29.34
C ALA D 192 -25.55 -9.62 -28.84
N ILE D 193 -26.50 -9.34 -29.72
CA ILE D 193 -27.92 -9.43 -29.42
C ILE D 193 -28.46 -10.61 -30.20
N HIS D 194 -28.90 -11.67 -29.50
CA HIS D 194 -29.38 -12.87 -30.18
C HIS D 194 -30.89 -12.78 -30.36
N SER D 195 -31.33 -12.94 -31.61
CA SER D 195 -32.74 -12.92 -31.99
C SER D 195 -33.13 -14.34 -32.39
N VAL D 196 -33.63 -15.10 -31.42
CA VAL D 196 -33.94 -16.51 -31.64
C VAL D 196 -35.25 -16.65 -32.40
N VAL D 197 -35.22 -17.42 -33.48
CA VAL D 197 -36.40 -17.71 -34.29
C VAL D 197 -36.81 -19.15 -34.05
N PHE D 198 -38.08 -19.36 -33.76
CA PHE D 198 -38.60 -20.71 -33.51
C PHE D 198 -38.40 -21.61 -34.72
N ALA D 199 -37.81 -22.79 -34.48
CA ALA D 199 -37.59 -23.76 -35.53
C ALA D 199 -38.93 -24.30 -36.03
N GLY D 200 -39.22 -24.09 -37.30
CA GLY D 200 -40.52 -24.40 -37.88
C GLY D 200 -41.22 -23.23 -38.52
N PHE D 201 -40.70 -22.02 -38.40
CA PHE D 201 -41.22 -20.90 -39.16
C PHE D 201 -40.85 -21.06 -40.64
N SER D 202 -41.74 -20.58 -41.50
CA SER D 202 -41.49 -20.64 -42.93
C SER D 202 -40.32 -19.74 -43.30
N SER D 203 -39.84 -19.90 -44.53
CA SER D 203 -38.72 -19.08 -45.00
C SER D 203 -39.06 -17.59 -44.98
N ASP D 204 -40.32 -17.25 -45.24
CA ASP D 204 -40.73 -15.83 -45.21
C ASP D 204 -40.69 -15.29 -43.79
N SER D 205 -41.11 -16.10 -42.81
CA SER D 205 -41.10 -15.64 -41.42
C SER D 205 -39.69 -15.42 -40.90
N LEU D 206 -38.76 -16.33 -41.22
CA LEU D 206 -37.37 -16.14 -40.84
C LEU D 206 -36.78 -14.90 -41.52
N ARG D 207 -37.04 -14.75 -42.83
CA ARG D 207 -36.49 -13.63 -43.58
C ARG D 207 -36.93 -12.29 -42.98
N ASP D 208 -38.19 -12.19 -42.56
CA ASP D 208 -38.66 -10.95 -41.95
C ASP D 208 -37.97 -10.67 -40.64
N ARG D 209 -37.77 -11.71 -39.82
CA ARG D 209 -37.08 -11.52 -38.54
C ARG D 209 -35.60 -11.25 -38.71
N VAL D 210 -35.01 -11.63 -39.85
CA VAL D 210 -33.60 -11.36 -40.08
C VAL D 210 -33.41 -9.91 -40.55
N LEU D 211 -34.23 -9.47 -41.51
CA LEU D 211 -34.07 -8.13 -42.05
C LEU D 211 -34.41 -7.06 -41.03
N ASP D 212 -35.42 -7.32 -40.19
CA ASP D 212 -35.85 -6.31 -39.22
C ASP D 212 -34.76 -6.06 -38.18
N ALA D 213 -34.07 -7.12 -37.76
CA ALA D 213 -32.98 -6.97 -36.80
C ALA D 213 -31.66 -6.62 -37.46
N GLY D 214 -31.60 -6.61 -38.79
CA GLY D 214 -30.35 -6.31 -39.47
C GLY D 214 -29.25 -7.31 -39.19
N SER D 215 -29.60 -8.57 -38.98
CA SER D 215 -28.62 -9.59 -38.65
C SER D 215 -27.81 -9.98 -39.88
N LYS D 216 -26.49 -10.06 -39.70
CA LYS D 216 -25.58 -10.47 -40.76
C LYS D 216 -25.10 -11.90 -40.58
N VAL D 217 -25.36 -12.51 -39.43
CA VAL D 217 -24.94 -13.88 -39.13
C VAL D 217 -26.17 -14.68 -38.68
N VAL D 218 -26.20 -15.96 -39.05
CA VAL D 218 -27.28 -16.85 -38.67
C VAL D 218 -26.69 -18.20 -38.26
N ILE D 219 -27.14 -18.70 -37.11
CA ILE D 219 -26.72 -20.00 -36.59
C ILE D 219 -27.89 -20.97 -36.76
N THR D 220 -27.61 -22.13 -37.33
CA THR D 220 -28.66 -23.11 -37.63
C THR D 220 -28.03 -24.50 -37.71
N THR D 221 -28.87 -25.48 -38.01
CA THR D 221 -28.44 -26.86 -38.20
C THR D 221 -28.65 -27.27 -39.65
N ASP D 222 -28.04 -28.40 -40.02
CA ASP D 222 -28.30 -28.96 -41.35
C ASP D 222 -29.73 -29.49 -41.42
N GLU D 223 -30.12 -30.30 -40.44
CA GLU D 223 -31.49 -30.81 -40.34
C GLU D 223 -31.86 -30.91 -38.86
N GLY D 224 -33.16 -30.88 -38.60
CA GLY D 224 -33.69 -31.08 -37.26
C GLY D 224 -34.30 -32.47 -37.16
N LYS D 225 -34.34 -32.99 -35.93
CA LYS D 225 -34.91 -34.30 -35.64
C LYS D 225 -35.81 -34.15 -34.41
N ARG D 226 -37.12 -34.11 -34.63
CA ARG D 226 -38.10 -33.98 -33.56
C ARG D 226 -39.20 -35.00 -33.77
N GLY D 227 -39.39 -35.88 -32.78
CA GLY D 227 -40.42 -36.89 -32.86
C GLY D 227 -40.29 -37.81 -34.05
N GLY D 228 -39.06 -38.11 -34.47
CA GLY D 228 -38.82 -38.94 -35.63
C GLY D 228 -38.87 -38.22 -36.95
N LYS D 229 -39.57 -37.08 -37.04
CA LYS D 229 -39.67 -36.33 -38.27
C LYS D 229 -38.42 -35.47 -38.49
N VAL D 230 -38.17 -35.14 -39.75
CA VAL D 230 -37.00 -34.37 -40.15
C VAL D 230 -37.42 -32.94 -40.46
N ILE D 231 -36.70 -31.98 -39.90
CA ILE D 231 -36.91 -30.56 -40.16
C ILE D 231 -35.79 -30.08 -41.08
N GLY D 232 -36.17 -29.66 -42.28
CA GLY D 232 -35.17 -29.18 -43.23
C GLY D 232 -34.72 -27.76 -42.95
N THR D 233 -33.96 -27.58 -41.87
CA THR D 233 -33.57 -26.23 -41.45
C THR D 233 -32.67 -25.56 -42.47
N LYS D 234 -31.60 -26.24 -42.90
CA LYS D 234 -30.64 -25.61 -43.81
C LYS D 234 -31.29 -25.18 -45.12
N ARG D 235 -32.22 -25.98 -45.63
CA ARG D 235 -32.93 -25.59 -46.84
C ARG D 235 -33.88 -24.42 -46.60
N ILE D 236 -34.46 -24.32 -45.41
CA ILE D 236 -35.30 -23.17 -45.09
C ILE D 236 -34.46 -21.90 -44.99
N VAL D 237 -33.29 -21.99 -44.34
CA VAL D 237 -32.42 -20.83 -44.21
C VAL D 237 -31.94 -20.36 -45.58
N ASP D 238 -31.54 -21.30 -46.44
CA ASP D 238 -31.09 -20.95 -47.77
C ASP D 238 -32.16 -20.20 -48.55
N GLU D 239 -33.41 -20.68 -48.48
CA GLU D 239 -34.50 -20.01 -49.19
C GLU D 239 -34.80 -18.63 -48.60
N ALA D 240 -34.59 -18.47 -47.29
CA ALA D 240 -34.82 -17.15 -46.68
C ALA D 240 -33.70 -16.18 -47.04
N LEU D 241 -32.46 -16.66 -47.07
CA LEU D 241 -31.32 -15.79 -47.34
C LEU D 241 -31.27 -15.32 -48.79
N LYS D 242 -32.12 -15.87 -49.67
CA LYS D 242 -32.18 -15.37 -51.04
C LYS D 242 -32.62 -13.93 -51.08
N GLN D 243 -33.39 -13.48 -50.09
CA GLN D 243 -33.81 -12.09 -49.98
C GLN D 243 -33.14 -11.36 -48.83
N CYS D 244 -32.21 -12.01 -48.11
CA CYS D 244 -31.42 -11.38 -47.07
C CYS D 244 -29.98 -11.28 -47.56
N PRO D 245 -29.61 -10.22 -48.27
CA PRO D 245 -28.28 -10.16 -48.89
C PRO D 245 -27.18 -9.85 -47.88
N ASP D 246 -27.52 -9.09 -46.84
CA ASP D 246 -26.54 -8.64 -45.85
C ASP D 246 -26.00 -9.77 -44.99
N VAL D 247 -26.62 -10.96 -45.04
CA VAL D 247 -26.09 -12.10 -44.29
C VAL D 247 -24.86 -12.63 -45.00
N THR D 248 -23.72 -12.60 -44.30
CA THR D 248 -22.44 -13.02 -44.85
C THR D 248 -21.87 -14.27 -44.21
N SER D 249 -22.48 -14.77 -43.14
CA SER D 249 -21.96 -15.91 -42.40
C SER D 249 -23.12 -16.77 -41.91
N VAL D 250 -23.04 -18.07 -42.16
CA VAL D 250 -24.03 -19.04 -41.67
C VAL D 250 -23.28 -20.12 -40.92
N LEU D 251 -23.54 -20.23 -39.62
CA LEU D 251 -22.91 -21.25 -38.78
C LEU D 251 -23.85 -22.45 -38.70
N VAL D 252 -23.46 -23.55 -39.35
CA VAL D 252 -24.29 -24.74 -39.47
C VAL D 252 -23.74 -25.82 -38.57
N TYR D 253 -24.60 -26.39 -37.73
CA TYR D 253 -24.24 -27.49 -36.85
C TYR D 253 -24.72 -28.80 -37.46
N LYS D 254 -23.80 -29.74 -37.63
CA LYS D 254 -24.11 -31.04 -38.24
C LYS D 254 -24.88 -31.88 -37.23
N ARG D 255 -26.21 -31.87 -37.34
CA ARG D 255 -27.05 -32.63 -36.42
C ARG D 255 -27.36 -34.02 -36.97
N THR D 256 -27.70 -34.11 -38.26
CA THR D 256 -28.00 -35.38 -38.90
C THR D 256 -26.96 -35.84 -39.90
N GLY D 257 -26.12 -34.94 -40.40
CA GLY D 257 -25.13 -35.31 -41.38
C GLY D 257 -25.66 -35.53 -42.79
N ALA D 258 -26.92 -35.20 -43.03
CA ALA D 258 -27.52 -35.39 -44.34
C ALA D 258 -26.97 -34.38 -45.34
N GLU D 259 -27.00 -34.77 -46.63
CA GLU D 259 -26.53 -33.89 -47.69
C GLU D 259 -27.43 -32.67 -47.82
N VAL D 260 -26.88 -31.49 -47.60
CA VAL D 260 -27.63 -30.24 -47.62
C VAL D 260 -26.98 -29.29 -48.62
N PRO D 261 -27.74 -28.36 -49.20
CA PRO D 261 -27.12 -27.37 -50.08
C PRO D 261 -26.13 -26.52 -49.32
N TRP D 262 -24.99 -26.24 -49.95
CA TRP D 262 -23.89 -25.55 -49.28
C TRP D 262 -23.42 -24.40 -50.16
N THR D 263 -23.51 -23.18 -49.62
CA THR D 263 -22.98 -21.99 -50.27
C THR D 263 -21.62 -21.68 -49.67
N ASN D 264 -20.57 -21.83 -50.47
CA ASN D 264 -19.21 -21.69 -49.96
C ASN D 264 -18.90 -20.22 -49.65
N GLY D 265 -18.00 -20.02 -48.70
CA GLY D 265 -17.64 -18.68 -48.28
C GLY D 265 -18.60 -18.11 -47.26
N ARG D 266 -19.89 -18.42 -47.39
CA ARG D 266 -20.91 -17.95 -46.47
C ARG D 266 -21.23 -18.98 -45.40
N ASP D 267 -21.41 -20.24 -45.77
CA ASP D 267 -21.72 -21.29 -44.81
C ASP D 267 -20.42 -21.84 -44.22
N ILE D 268 -20.45 -22.12 -42.91
CA ILE D 268 -19.32 -22.72 -42.22
C ILE D 268 -19.84 -23.78 -41.25
N TRP D 269 -19.10 -24.86 -41.11
CA TRP D 269 -19.52 -25.96 -40.26
C TRP D 269 -19.12 -25.67 -38.81
N TRP D 270 -20.05 -25.91 -37.89
CA TRP D 270 -19.79 -25.76 -36.47
C TRP D 270 -18.55 -26.53 -36.05
N HIS D 271 -18.56 -27.85 -36.26
CA HIS D 271 -17.48 -28.70 -35.80
C HIS D 271 -16.13 -28.38 -36.44
N GLU D 272 -16.13 -27.76 -37.63
CA GLU D 272 -14.88 -27.39 -38.26
C GLU D 272 -14.30 -26.13 -37.63
N GLU D 273 -15.09 -25.06 -37.57
CA GLU D 273 -14.58 -23.79 -37.05
C GLU D 273 -14.36 -23.81 -35.55
N VAL D 274 -15.07 -24.68 -34.83
CA VAL D 274 -15.02 -24.66 -33.37
C VAL D 274 -13.66 -25.12 -32.87
N GLU D 275 -13.05 -26.10 -33.53
CA GLU D 275 -11.78 -26.65 -33.05
C GLU D 275 -10.60 -25.73 -33.34
N LYS D 276 -10.79 -24.63 -34.06
CA LYS D 276 -9.68 -23.75 -34.39
C LYS D 276 -9.27 -22.84 -33.22
N TYR D 277 -10.21 -22.49 -32.35
CA TYR D 277 -10.03 -21.37 -31.45
C TYR D 277 -9.91 -21.82 -29.99
N PRO D 278 -9.36 -20.97 -29.12
CA PRO D 278 -9.14 -21.38 -27.73
C PRO D 278 -10.44 -21.69 -27.01
N CYS D 279 -10.30 -22.43 -25.90
CA CYS D 279 -11.42 -22.81 -25.07
C CYS D 279 -11.76 -21.78 -24.01
N TYR D 280 -11.14 -20.60 -24.05
CA TYR D 280 -11.52 -19.49 -23.20
C TYR D 280 -11.43 -18.18 -23.97
N VAL D 281 -12.37 -17.29 -23.70
CA VAL D 281 -12.33 -15.93 -24.21
C VAL D 281 -12.83 -15.00 -23.10
N ALA D 282 -12.29 -13.79 -23.07
CA ALA D 282 -12.69 -12.85 -22.03
C ALA D 282 -14.12 -12.38 -22.27
N PRO D 283 -14.95 -12.31 -21.23
CA PRO D 283 -16.33 -11.86 -21.40
C PRO D 283 -16.41 -10.34 -21.50
N GLU D 284 -17.10 -9.86 -22.54
CA GLU D 284 -17.22 -8.43 -22.77
C GLU D 284 -18.07 -7.79 -21.67
N SER D 285 -17.55 -6.71 -21.08
CA SER D 285 -18.30 -6.00 -20.04
C SER D 285 -19.46 -5.25 -20.67
N MET D 286 -20.67 -5.50 -20.17
CA MET D 286 -21.89 -4.89 -20.68
C MET D 286 -22.51 -4.00 -19.61
N SER D 287 -23.18 -2.94 -20.05
CA SER D 287 -23.95 -2.11 -19.14
C SER D 287 -25.24 -2.84 -18.75
N SER D 288 -25.81 -2.43 -17.61
CA SER D 288 -27.07 -3.00 -17.16
C SER D 288 -28.14 -2.89 -18.23
N GLU D 289 -28.21 -1.74 -18.91
CA GLU D 289 -29.24 -1.49 -19.91
C GLU D 289 -28.75 -1.72 -21.34
N ASP D 290 -27.71 -2.53 -21.51
CA ASP D 290 -27.34 -2.94 -22.86
C ASP D 290 -28.30 -4.01 -23.35
N PRO D 291 -28.79 -3.91 -24.58
CA PRO D 291 -29.74 -4.91 -25.09
C PRO D 291 -29.16 -6.31 -25.05
N LEU D 292 -29.90 -7.23 -24.43
CA LEU D 292 -29.46 -8.61 -24.29
C LEU D 292 -29.94 -9.48 -25.43
N PHE D 293 -31.23 -9.39 -25.78
CA PHE D 293 -31.76 -10.22 -26.86
C PHE D 293 -33.02 -9.60 -27.44
N LEU D 294 -33.40 -10.12 -28.61
CA LEU D 294 -34.66 -9.79 -29.26
C LEU D 294 -35.48 -11.07 -29.42
N LEU D 295 -36.79 -10.96 -29.17
CA LEU D 295 -37.71 -12.08 -29.36
C LEU D 295 -38.92 -11.57 -30.12
N TYR D 296 -38.99 -11.89 -31.41
CA TYR D 296 -40.06 -11.40 -32.27
C TYR D 296 -41.38 -12.09 -31.94
N THR D 297 -42.39 -11.27 -31.64
CA THR D 297 -43.70 -11.74 -31.20
C THR D 297 -44.78 -11.18 -32.12
N SER D 298 -45.66 -12.06 -32.60
CA SER D 298 -46.79 -11.59 -33.39
C SER D 298 -47.72 -10.78 -32.50
N GLY D 299 -48.09 -9.58 -32.95
CA GLY D 299 -48.91 -8.67 -32.18
C GLY D 299 -50.19 -8.27 -32.89
N SER D 300 -50.98 -7.43 -32.21
CA SER D 300 -52.25 -6.99 -32.78
C SER D 300 -52.08 -6.30 -34.12
N THR D 301 -50.93 -5.66 -34.34
CA THR D 301 -50.65 -4.98 -35.59
C THR D 301 -50.17 -5.98 -36.65
N GLY D 302 -50.16 -5.52 -37.90
CA GLY D 302 -49.88 -6.42 -39.01
C GLY D 302 -48.53 -7.11 -38.90
N LYS D 303 -47.44 -6.32 -38.67
CA LYS D 303 -46.06 -6.79 -38.73
C LYS D 303 -45.61 -7.45 -37.43
N PRO D 304 -44.70 -8.43 -37.53
CA PRO D 304 -44.09 -9.01 -36.32
C PRO D 304 -43.15 -8.03 -35.65
N LYS D 305 -43.29 -7.90 -34.34
CA LYS D 305 -42.52 -6.93 -33.56
C LYS D 305 -41.48 -7.63 -32.70
N GLY D 306 -40.27 -7.10 -32.69
CA GLY D 306 -39.18 -7.66 -31.91
C GLY D 306 -39.05 -7.08 -30.52
N VAL D 307 -39.57 -7.78 -29.50
CA VAL D 307 -39.47 -7.32 -28.12
C VAL D 307 -38.01 -7.37 -27.68
N MET D 308 -37.56 -6.32 -26.99
CA MET D 308 -36.19 -6.22 -26.52
C MET D 308 -36.14 -6.24 -25.00
N HIS D 309 -35.15 -6.97 -24.47
CA HIS D 309 -34.85 -6.97 -23.04
C HIS D 309 -33.38 -6.60 -22.86
N THR D 310 -33.11 -5.81 -21.82
CA THR D 310 -31.72 -5.46 -21.53
C THR D 310 -31.15 -6.54 -20.61
N THR D 311 -29.96 -6.31 -20.08
CA THR D 311 -29.21 -7.37 -19.41
C THR D 311 -29.61 -7.52 -17.94
N ALA D 312 -29.23 -6.54 -17.11
CA ALA D 312 -29.35 -6.71 -15.67
C ALA D 312 -30.80 -6.97 -15.24
N GLY D 313 -31.73 -6.14 -15.73
CA GLY D 313 -33.11 -6.27 -15.32
C GLY D 313 -33.72 -7.61 -15.67
N TYR D 314 -33.54 -8.03 -16.92
CA TYR D 314 -34.11 -9.31 -17.35
C TYR D 314 -33.50 -10.48 -16.57
N LEU D 315 -32.17 -10.46 -16.39
CA LEU D 315 -31.52 -11.56 -15.68
C LEU D 315 -31.98 -11.63 -14.22
N LEU D 316 -32.18 -10.48 -13.59
CA LEU D 316 -32.68 -10.48 -12.21
C LEU D 316 -34.09 -11.05 -12.14
N GLY D 317 -34.91 -10.77 -13.15
CA GLY D 317 -36.25 -11.33 -13.17
C GLY D 317 -36.25 -12.84 -13.26
N ALA D 318 -35.36 -13.40 -14.08
CA ALA D 318 -35.27 -14.84 -14.22
C ALA D 318 -34.78 -15.49 -12.92
N ALA D 319 -33.74 -14.91 -12.31
CA ALA D 319 -33.20 -15.51 -11.08
C ALA D 319 -34.19 -15.39 -9.93
N MET D 320 -34.95 -14.30 -9.88
CA MET D 320 -35.90 -14.11 -8.78
C MET D 320 -37.03 -15.12 -8.88
N THR D 321 -37.59 -15.30 -10.08
CA THR D 321 -38.72 -16.21 -10.25
C THR D 321 -38.28 -17.66 -10.09
N GLY D 322 -37.11 -18.01 -10.62
CA GLY D 322 -36.60 -19.35 -10.41
C GLY D 322 -36.38 -19.68 -8.95
N LYS D 323 -35.90 -18.71 -8.18
CA LYS D 323 -35.60 -18.97 -6.77
C LYS D 323 -36.87 -19.08 -5.94
N TYR D 324 -37.86 -18.22 -6.22
CA TYR D 324 -39.02 -18.06 -5.35
C TYR D 324 -40.29 -18.70 -5.89
N VAL D 325 -40.47 -18.78 -7.21
CA VAL D 325 -41.64 -19.47 -7.75
C VAL D 325 -41.37 -20.97 -7.84
N PHE D 326 -40.26 -21.34 -8.47
CA PHE D 326 -39.92 -22.74 -8.69
C PHE D 326 -39.12 -23.36 -7.54
N ASP D 327 -38.73 -22.56 -6.56
CA ASP D 327 -37.98 -23.04 -5.40
C ASP D 327 -36.71 -23.77 -5.84
N ILE D 328 -35.94 -23.13 -6.71
CA ILE D 328 -34.73 -23.75 -7.25
C ILE D 328 -33.60 -23.62 -6.23
N HIS D 329 -32.94 -24.74 -5.96
CA HIS D 329 -31.76 -24.79 -5.11
C HIS D 329 -30.56 -25.21 -5.97
N ASP D 330 -29.41 -25.42 -5.31
CA ASP D 330 -28.17 -25.66 -6.04
C ASP D 330 -28.17 -27.02 -6.74
N ASP D 331 -28.55 -28.07 -6.03
CA ASP D 331 -28.46 -29.43 -6.55
C ASP D 331 -29.71 -29.86 -7.32
N ASP D 332 -30.62 -28.94 -7.60
CA ASP D 332 -31.87 -29.30 -8.25
C ASP D 332 -31.66 -29.62 -9.74
N ARG D 333 -32.64 -30.32 -10.30
CA ARG D 333 -32.67 -30.65 -11.72
C ARG D 333 -33.95 -30.08 -12.31
N PHE D 334 -33.81 -29.10 -13.22
CA PHE D 334 -34.94 -28.35 -13.74
C PHE D 334 -35.25 -28.77 -15.17
N PHE D 335 -36.53 -29.01 -15.43
CA PHE D 335 -37.01 -29.46 -16.73
C PHE D 335 -38.15 -28.56 -17.18
N CYS D 336 -37.96 -27.84 -18.28
CA CYS D 336 -38.99 -27.02 -18.89
C CYS D 336 -39.25 -27.51 -20.31
N GLY D 337 -40.51 -27.88 -20.58
CA GLY D 337 -40.90 -28.36 -21.89
C GLY D 337 -40.94 -27.30 -22.98
N GLY D 338 -40.84 -26.02 -22.61
CA GLY D 338 -40.92 -24.96 -23.58
C GLY D 338 -39.76 -24.96 -24.55
N ASP D 339 -40.00 -24.39 -25.72
CA ASP D 339 -38.98 -24.26 -26.75
C ASP D 339 -38.23 -22.94 -26.58
N VAL D 340 -36.99 -22.91 -27.09
CA VAL D 340 -36.19 -21.69 -26.99
C VAL D 340 -36.75 -20.60 -27.89
N GLY D 341 -37.44 -20.96 -28.97
CA GLY D 341 -38.05 -19.97 -29.83
C GLY D 341 -39.09 -19.11 -29.15
N TRP D 342 -39.57 -19.51 -27.98
CA TRP D 342 -40.54 -18.75 -27.20
C TRP D 342 -39.87 -18.18 -25.97
N ILE D 343 -40.61 -17.33 -25.26
CA ILE D 343 -40.07 -16.71 -24.07
C ILE D 343 -39.96 -17.69 -22.90
N THR D 344 -40.76 -18.76 -22.92
CA THR D 344 -40.64 -19.78 -21.88
C THR D 344 -39.27 -20.44 -21.92
N GLY D 345 -38.79 -20.78 -23.12
CA GLY D 345 -37.47 -21.37 -23.23
C GLY D 345 -36.35 -20.37 -22.97
N HIS D 346 -36.54 -19.11 -23.40
CA HIS D 346 -35.59 -18.07 -23.08
C HIS D 346 -35.34 -17.98 -21.58
N THR D 347 -36.42 -17.76 -20.82
CA THR D 347 -36.26 -17.46 -19.40
C THR D 347 -36.00 -18.72 -18.57
N TYR D 348 -36.71 -19.81 -18.83
CA TYR D 348 -36.71 -20.93 -17.91
C TYR D 348 -36.07 -22.21 -18.43
N VAL D 349 -35.70 -22.27 -19.70
CA VAL D 349 -34.79 -23.33 -20.15
C VAL D 349 -33.34 -22.90 -20.03
N VAL D 350 -33.04 -21.64 -20.34
CA VAL D 350 -31.67 -21.16 -20.40
C VAL D 350 -31.29 -20.34 -19.18
N TYR D 351 -31.80 -19.11 -19.08
CA TYR D 351 -31.21 -18.13 -18.18
C TYR D 351 -31.48 -18.46 -16.72
N ALA D 352 -32.75 -18.58 -16.33
CA ALA D 352 -33.07 -18.81 -14.92
C ALA D 352 -32.37 -20.03 -14.33
N PRO D 353 -32.35 -21.20 -14.96
CA PRO D 353 -31.66 -22.33 -14.34
C PRO D 353 -30.15 -22.13 -14.25
N LEU D 354 -29.53 -21.65 -15.32
CA LEU D 354 -28.08 -21.51 -15.30
C LEU D 354 -27.63 -20.37 -14.39
N LEU D 355 -28.41 -19.29 -14.31
CA LEU D 355 -28.10 -18.21 -13.39
C LEU D 355 -28.02 -18.72 -11.95
N LEU D 356 -28.94 -19.60 -11.56
CA LEU D 356 -29.00 -20.13 -10.21
C LEU D 356 -28.06 -21.30 -9.99
N GLY D 357 -27.42 -21.82 -11.04
CA GLY D 357 -26.37 -22.81 -10.88
C GLY D 357 -26.84 -24.24 -10.76
N CYS D 358 -28.03 -24.56 -11.25
CA CYS D 358 -28.55 -25.92 -11.20
C CYS D 358 -28.45 -26.57 -12.58
N SER D 359 -29.12 -27.71 -12.75
CA SER D 359 -29.13 -28.43 -14.01
C SER D 359 -30.41 -28.12 -14.77
N THR D 360 -30.28 -27.80 -16.05
CA THR D 360 -31.44 -27.57 -16.91
C THR D 360 -31.52 -28.67 -17.96
N VAL D 361 -32.73 -29.17 -18.21
CA VAL D 361 -32.96 -30.25 -19.16
C VAL D 361 -33.35 -29.66 -20.50
N VAL D 362 -32.62 -30.05 -21.54
CA VAL D 362 -32.90 -29.64 -22.92
C VAL D 362 -33.49 -30.84 -23.63
N PHE D 363 -34.80 -30.81 -23.86
CA PHE D 363 -35.55 -31.94 -24.41
C PHE D 363 -35.83 -31.69 -25.88
N GLU D 364 -35.32 -32.58 -26.73
CA GLU D 364 -35.43 -32.40 -28.18
C GLU D 364 -36.62 -33.11 -28.79
N SER D 365 -37.22 -34.06 -28.08
CA SER D 365 -38.29 -34.87 -28.65
C SER D 365 -39.65 -34.24 -28.31
N THR D 366 -40.72 -34.94 -28.65
CA THR D 366 -42.10 -34.56 -28.35
C THR D 366 -42.58 -35.29 -27.11
N PRO D 367 -43.65 -34.81 -26.48
CA PRO D 367 -44.20 -35.53 -25.31
C PRO D 367 -44.70 -36.93 -25.65
N ALA D 368 -44.81 -37.29 -26.93
CA ALA D 368 -45.40 -38.55 -27.34
C ALA D 368 -44.47 -39.38 -28.23
N TYR D 369 -43.16 -39.23 -28.06
CA TYR D 369 -42.21 -40.01 -28.86
C TYR D 369 -41.13 -40.58 -27.95
N PRO D 370 -40.88 -41.89 -27.99
CA PRO D 370 -41.55 -42.87 -28.86
C PRO D 370 -42.95 -43.27 -28.37
N ASN D 371 -43.24 -42.97 -27.11
CA ASN D 371 -44.54 -43.27 -26.52
C ASN D 371 -44.98 -42.09 -25.66
N PHE D 372 -46.22 -42.17 -25.17
CA PHE D 372 -46.80 -41.08 -24.38
C PHE D 372 -46.19 -40.96 -22.99
N SER D 373 -45.33 -41.89 -22.59
CA SER D 373 -44.66 -41.84 -21.29
C SER D 373 -43.29 -41.19 -21.35
N ARG D 374 -42.94 -40.55 -22.48
CA ARG D 374 -41.60 -39.99 -22.63
C ARG D 374 -41.32 -38.92 -21.59
N TYR D 375 -42.25 -37.98 -21.40
CA TYR D 375 -42.09 -36.93 -20.41
C TYR D 375 -41.67 -37.50 -19.06
N TRP D 376 -42.33 -38.57 -18.62
CA TRP D 376 -42.04 -39.14 -17.32
C TRP D 376 -40.81 -40.05 -17.35
N ASP D 377 -40.50 -40.66 -18.51
CA ASP D 377 -39.23 -41.36 -18.65
C ASP D 377 -38.07 -40.41 -18.37
N VAL D 378 -38.14 -39.19 -18.89
CA VAL D 378 -37.06 -38.23 -18.71
C VAL D 378 -37.00 -37.74 -17.27
N ILE D 379 -38.16 -37.50 -16.66
CA ILE D 379 -38.19 -37.01 -15.29
C ILE D 379 -37.65 -38.06 -14.33
N GLU D 380 -38.08 -39.31 -14.49
CA GLU D 380 -37.60 -40.38 -13.62
C GLU D 380 -36.10 -40.61 -13.81
N LYS D 381 -35.64 -40.65 -15.06
CA LYS D 381 -34.25 -41.02 -15.34
C LYS D 381 -33.27 -40.02 -14.73
N HIS D 382 -33.53 -38.73 -14.85
CA HIS D 382 -32.60 -37.70 -14.42
C HIS D 382 -32.95 -37.11 -13.06
N LYS D 383 -33.86 -37.73 -12.33
CA LYS D 383 -34.23 -37.32 -10.97
C LYS D 383 -34.61 -35.84 -10.93
N VAL D 384 -35.50 -35.44 -11.84
CA VAL D 384 -35.88 -34.04 -11.98
C VAL D 384 -36.66 -33.58 -10.76
N THR D 385 -36.40 -32.35 -10.32
CA THR D 385 -37.07 -31.77 -9.16
C THR D 385 -38.19 -30.81 -9.52
N GLN D 386 -38.17 -30.21 -10.71
CA GLN D 386 -39.19 -29.25 -11.13
C GLN D 386 -39.49 -29.45 -12.60
N PHE D 387 -40.78 -29.56 -12.93
CA PHE D 387 -41.21 -29.74 -14.31
C PHE D 387 -42.12 -28.57 -14.69
N TYR D 388 -41.90 -28.05 -15.90
CA TYR D 388 -42.59 -26.86 -16.40
C TYR D 388 -43.17 -27.20 -17.77
N VAL D 389 -44.49 -27.30 -17.85
CA VAL D 389 -45.15 -27.77 -19.06
C VAL D 389 -46.30 -26.84 -19.40
N ALA D 390 -46.74 -26.91 -20.67
CA ALA D 390 -47.96 -26.22 -21.03
C ALA D 390 -49.14 -27.16 -20.88
N PRO D 391 -50.30 -26.67 -20.42
CA PRO D 391 -51.43 -27.58 -20.23
C PRO D 391 -51.93 -28.19 -21.54
N THR D 392 -51.62 -27.58 -22.70
CA THR D 392 -52.01 -28.19 -23.97
C THR D 392 -51.38 -29.56 -24.12
N ALA D 393 -50.14 -29.72 -23.65
CA ALA D 393 -49.51 -31.05 -23.67
C ALA D 393 -50.13 -31.94 -22.62
N LEU D 394 -50.68 -31.36 -21.55
CA LEU D 394 -51.35 -32.14 -20.53
C LEU D 394 -52.62 -32.78 -21.08
N ARG D 395 -53.40 -32.02 -21.86
CA ARG D 395 -54.62 -32.57 -22.44
C ARG D 395 -54.32 -33.69 -23.43
N LEU D 396 -53.19 -33.60 -24.15
CA LEU D 396 -52.81 -34.67 -25.06
C LEU D 396 -52.43 -35.93 -24.30
N LEU D 397 -51.66 -35.79 -23.22
CA LEU D 397 -51.30 -36.95 -22.42
C LEU D 397 -52.49 -37.46 -21.61
N LYS D 398 -53.37 -36.55 -21.17
CA LYS D 398 -54.57 -36.96 -20.44
C LYS D 398 -55.50 -37.78 -21.33
N ARG D 399 -55.67 -37.35 -22.59
CA ARG D 399 -56.50 -38.09 -23.51
C ARG D 399 -55.88 -39.44 -23.86
N ALA D 400 -54.55 -39.55 -23.78
CA ALA D 400 -53.88 -40.79 -24.14
C ALA D 400 -54.16 -41.90 -23.14
N GLY D 401 -54.34 -41.55 -21.87
CA GLY D 401 -54.64 -42.55 -20.86
C GLY D 401 -53.68 -42.54 -19.69
N ASP D 402 -54.15 -42.98 -18.51
CA ASP D 402 -53.32 -43.03 -17.32
C ASP D 402 -52.40 -44.24 -17.30
N GLU D 403 -52.49 -45.13 -18.29
CA GLU D 403 -51.63 -46.30 -18.35
C GLU D 403 -50.18 -45.95 -18.67
N HIS D 404 -49.91 -44.72 -19.11
CA HIS D 404 -48.57 -44.30 -19.45
C HIS D 404 -47.79 -43.78 -18.24
N ILE D 405 -48.47 -43.38 -17.16
CA ILE D 405 -47.78 -42.85 -15.99
C ILE D 405 -47.61 -43.98 -14.96
N HIS D 406 -46.59 -44.81 -15.17
CA HIS D 406 -46.22 -45.85 -14.22
C HIS D 406 -44.88 -45.56 -13.54
N HIS D 407 -44.36 -44.34 -13.68
CA HIS D 407 -43.07 -43.94 -13.16
C HIS D 407 -43.18 -43.42 -11.72
N LYS D 408 -42.10 -43.65 -10.95
CA LYS D 408 -42.09 -43.20 -9.57
C LYS D 408 -41.91 -41.69 -9.46
N MET D 409 -40.97 -41.13 -10.21
CA MET D 409 -40.65 -39.70 -10.20
C MET D 409 -40.52 -39.17 -8.79
N GLU D 410 -39.60 -39.79 -8.05
CA GLU D 410 -39.50 -39.59 -6.60
C GLU D 410 -39.11 -38.16 -6.23
N HIS D 411 -38.40 -37.45 -7.10
CA HIS D 411 -37.88 -36.12 -6.76
C HIS D 411 -38.73 -34.97 -7.28
N LEU D 412 -39.88 -35.27 -7.88
CA LEU D 412 -40.72 -34.22 -8.42
C LEU D 412 -41.38 -33.43 -7.30
N ARG D 413 -41.12 -32.14 -7.25
CA ARG D 413 -41.51 -31.26 -6.16
C ARG D 413 -42.39 -30.11 -6.60
N ILE D 414 -42.15 -29.57 -7.79
CA ILE D 414 -42.88 -28.41 -8.30
C ILE D 414 -43.32 -28.71 -9.73
N LEU D 415 -44.62 -28.61 -9.99
CA LEU D 415 -45.17 -28.74 -11.32
C LEU D 415 -45.70 -27.39 -11.78
N GLY D 416 -45.28 -26.96 -12.95
CA GLY D 416 -45.58 -25.62 -13.45
C GLY D 416 -46.40 -25.66 -14.72
N SER D 417 -47.34 -24.71 -14.82
CA SER D 417 -48.16 -24.53 -16.00
C SER D 417 -47.93 -23.11 -16.52
N VAL D 418 -48.04 -22.95 -17.84
CA VAL D 418 -47.78 -21.67 -18.48
C VAL D 418 -48.52 -21.64 -19.81
N GLY D 419 -48.95 -20.44 -20.22
CA GLY D 419 -49.47 -20.18 -21.54
C GLY D 419 -50.98 -20.16 -21.64
N GLU D 420 -51.68 -20.75 -20.68
CA GLU D 420 -53.14 -20.84 -20.77
C GLU D 420 -53.66 -21.14 -19.37
N PRO D 421 -54.89 -20.74 -19.05
CA PRO D 421 -55.48 -21.13 -17.77
C PRO D 421 -55.71 -22.64 -17.74
N ILE D 422 -55.26 -23.26 -16.65
CA ILE D 422 -55.42 -24.70 -16.49
C ILE D 422 -56.83 -25.00 -16.03
N ALA D 423 -57.46 -25.99 -16.65
CA ALA D 423 -58.80 -26.36 -16.25
C ALA D 423 -58.75 -27.09 -14.92
N ALA D 424 -59.86 -27.04 -14.17
CA ALA D 424 -59.88 -27.68 -12.86
C ALA D 424 -59.65 -29.17 -12.95
N GLU D 425 -60.19 -29.81 -13.99
CA GLU D 425 -60.00 -31.25 -14.15
C GLU D 425 -58.57 -31.56 -14.59
N VAL D 426 -58.00 -30.73 -15.47
CA VAL D 426 -56.61 -30.92 -15.86
C VAL D 426 -55.67 -30.60 -14.70
N TRP D 427 -56.02 -29.59 -13.91
CA TRP D 427 -55.26 -29.28 -12.70
C TRP D 427 -55.27 -30.47 -11.74
N LYS D 428 -56.45 -31.08 -11.55
CA LYS D 428 -56.56 -32.23 -10.66
C LYS D 428 -55.78 -33.42 -11.22
N TRP D 429 -55.84 -33.64 -12.53
CA TRP D 429 -55.06 -34.71 -13.15
C TRP D 429 -53.57 -34.47 -12.98
N TYR D 430 -53.13 -33.22 -13.22
CA TYR D 430 -51.75 -32.85 -12.98
C TYR D 430 -51.36 -33.11 -11.54
N PHE D 431 -52.30 -32.96 -10.60
CA PHE D 431 -52.01 -33.08 -9.18
C PHE D 431 -51.98 -34.52 -8.72
N GLU D 432 -52.83 -35.38 -9.27
CA GLU D 432 -52.95 -36.77 -8.82
C GLU D 432 -52.06 -37.73 -9.61
N LYS D 433 -52.19 -37.74 -10.94
CA LYS D 433 -51.50 -38.75 -11.74
C LYS D 433 -50.00 -38.50 -11.79
N VAL D 434 -49.59 -37.24 -11.96
CA VAL D 434 -48.17 -36.91 -12.09
C VAL D 434 -47.56 -36.64 -10.73
N GLY D 435 -48.10 -35.67 -10.01
CA GLY D 435 -47.53 -35.27 -8.73
C GLY D 435 -47.79 -36.22 -7.58
N LYS D 436 -48.72 -37.16 -7.73
CA LYS D 436 -49.11 -38.09 -6.67
C LYS D 436 -49.57 -37.35 -5.41
N GLU D 437 -50.20 -36.19 -5.60
CA GLU D 437 -50.75 -35.38 -4.51
C GLU D 437 -49.69 -34.98 -3.49
N GLU D 438 -48.42 -34.90 -3.92
CA GLU D 438 -47.32 -34.56 -3.03
C GLU D 438 -46.48 -33.41 -3.56
N ALA D 439 -46.84 -32.84 -4.70
CA ALA D 439 -46.08 -31.78 -5.34
C ALA D 439 -46.93 -30.52 -5.46
N HIS D 440 -46.26 -29.38 -5.49
CA HIS D 440 -46.92 -28.08 -5.54
C HIS D 440 -47.08 -27.64 -7.00
N ILE D 441 -48.31 -27.31 -7.39
CA ILE D 441 -48.60 -26.87 -8.75
C ILE D 441 -48.56 -25.35 -8.79
N CYS D 442 -47.85 -24.80 -9.77
CA CYS D 442 -47.67 -23.36 -9.90
C CYS D 442 -48.17 -22.93 -11.28
N ASP D 443 -49.32 -22.26 -11.31
CA ASP D 443 -49.85 -21.70 -12.54
C ASP D 443 -49.23 -20.31 -12.72
N THR D 444 -48.22 -20.22 -13.59
CA THR D 444 -47.50 -18.97 -13.79
C THR D 444 -48.12 -18.19 -14.93
N TYR D 445 -48.49 -16.94 -14.65
CA TYR D 445 -48.97 -16.02 -15.66
C TYR D 445 -47.89 -14.98 -15.95
N TRP D 446 -47.56 -14.81 -17.22
CA TRP D 446 -46.60 -13.80 -17.67
C TRP D 446 -46.67 -13.77 -19.19
N GLN D 447 -45.91 -12.84 -19.78
CA GLN D 447 -45.86 -12.69 -21.22
C GLN D 447 -44.43 -12.36 -21.64
N THR D 448 -44.19 -12.40 -22.95
CA THR D 448 -42.88 -12.06 -23.48
C THR D 448 -42.43 -10.70 -22.96
N GLU D 449 -43.34 -9.72 -22.93
CA GLU D 449 -43.00 -8.36 -22.51
C GLU D 449 -42.79 -8.25 -21.02
N THR D 450 -43.17 -9.25 -20.22
CA THR D 450 -42.87 -9.26 -18.80
C THR D 450 -41.52 -9.89 -18.48
N GLY D 451 -40.99 -10.74 -19.36
CA GLY D 451 -39.68 -11.34 -19.17
C GLY D 451 -39.60 -12.44 -18.15
N SER D 452 -40.50 -12.43 -17.17
CA SER D 452 -40.53 -13.44 -16.12
C SER D 452 -41.92 -13.44 -15.50
N HIS D 453 -42.12 -14.35 -14.55
CA HIS D 453 -43.41 -14.48 -13.88
C HIS D 453 -43.79 -13.17 -13.19
N VAL D 454 -45.06 -12.77 -13.36
CA VAL D 454 -45.59 -11.59 -12.70
C VAL D 454 -46.71 -11.94 -11.73
N ILE D 455 -47.51 -12.93 -12.07
CA ILE D 455 -48.57 -13.45 -11.20
C ILE D 455 -48.45 -14.96 -11.19
N SER D 456 -48.10 -15.52 -10.04
CA SER D 456 -47.88 -16.95 -9.90
C SER D 456 -47.81 -17.28 -8.41
N PRO D 457 -48.13 -18.50 -8.00
CA PRO D 457 -47.89 -18.89 -6.61
C PRO D 457 -46.42 -19.16 -6.38
N LEU D 458 -46.03 -19.10 -5.11
CA LEU D 458 -44.66 -19.35 -4.69
C LEU D 458 -44.55 -20.79 -4.20
N GLY D 459 -43.67 -21.57 -4.82
CA GLY D 459 -43.55 -22.98 -4.51
C GLY D 459 -43.29 -23.29 -3.06
N GLY D 460 -44.17 -24.08 -2.45
CA GLY D 460 -44.06 -24.41 -1.05
C GLY D 460 -44.56 -23.36 -0.09
N ILE D 461 -45.18 -22.29 -0.59
CA ILE D 461 -45.71 -21.22 0.25
C ILE D 461 -47.16 -20.95 -0.09
N THR D 462 -47.41 -20.50 -1.32
CA THR D 462 -48.71 -19.97 -1.69
C THR D 462 -49.75 -21.08 -1.88
N SER D 463 -50.94 -20.84 -1.35
CA SER D 463 -52.07 -21.72 -1.60
C SER D 463 -52.62 -21.47 -3.00
N THR D 464 -53.19 -22.52 -3.59
CA THR D 464 -53.61 -22.47 -4.98
C THR D 464 -55.13 -22.65 -5.08
N LYS D 465 -55.63 -22.39 -6.29
CA LYS D 465 -57.02 -22.58 -6.66
C LYS D 465 -56.94 -23.03 -8.11
N PRO D 466 -57.56 -24.16 -8.47
CA PRO D 466 -57.47 -24.64 -9.85
C PRO D 466 -58.04 -23.63 -10.83
N GLY D 467 -57.19 -23.14 -11.72
CA GLY D 467 -57.55 -22.14 -12.70
C GLY D 467 -57.11 -20.73 -12.36
N SER D 468 -56.58 -20.51 -11.15
CA SER D 468 -56.13 -19.20 -10.70
C SER D 468 -54.61 -19.17 -10.60
N ALA D 469 -54.03 -17.99 -10.83
CA ALA D 469 -52.59 -17.79 -10.73
C ALA D 469 -52.16 -17.25 -9.38
N SER D 470 -53.08 -17.19 -8.41
CA SER D 470 -52.80 -16.77 -7.04
C SER D 470 -52.34 -15.31 -7.03
N LEU D 471 -51.43 -14.94 -6.14
CA LEU D 471 -51.06 -13.56 -5.86
C LEU D 471 -49.98 -13.07 -6.82
N PRO D 472 -49.71 -11.77 -6.85
CA PRO D 472 -48.65 -11.27 -7.74
C PRO D 472 -47.27 -11.53 -7.18
N PHE D 473 -46.28 -11.42 -8.07
CA PHE D 473 -44.89 -11.59 -7.71
C PHE D 473 -44.32 -10.28 -7.17
N PHE D 474 -43.11 -10.36 -6.63
CA PHE D 474 -42.45 -9.18 -6.07
C PHE D 474 -42.29 -8.09 -7.12
N GLY D 475 -42.55 -6.85 -6.71
CA GLY D 475 -42.47 -5.73 -7.62
C GLY D 475 -43.60 -5.60 -8.61
N ILE D 476 -44.66 -6.38 -8.45
CA ILE D 476 -45.81 -6.37 -9.35
C ILE D 476 -47.01 -5.88 -8.56
N GLU D 477 -47.42 -4.63 -8.81
CA GLU D 477 -48.62 -4.07 -8.18
C GLU D 477 -49.75 -4.08 -9.21
N PRO D 478 -50.62 -5.09 -9.20
CA PRO D 478 -51.66 -5.19 -10.23
C PRO D 478 -52.89 -4.36 -9.90
N ALA D 479 -53.60 -3.99 -10.97
CA ALA D 479 -54.84 -3.23 -10.85
C ALA D 479 -55.85 -3.75 -11.85
N ILE D 480 -57.10 -3.88 -11.43
CA ILE D 480 -58.20 -4.20 -12.32
C ILE D 480 -58.82 -2.90 -12.79
N ILE D 481 -58.98 -2.75 -14.11
CA ILE D 481 -59.37 -1.49 -14.72
C ILE D 481 -60.67 -1.68 -15.48
N ASP D 482 -61.61 -0.76 -15.26
CA ASP D 482 -62.84 -0.70 -16.03
C ASP D 482 -62.52 -0.28 -17.46
N PRO D 483 -62.70 -1.15 -18.46
CA PRO D 483 -62.31 -0.78 -19.82
C PRO D 483 -63.08 0.41 -20.39
N VAL D 484 -64.37 0.54 -20.08
CA VAL D 484 -65.14 1.65 -20.64
C VAL D 484 -64.75 2.97 -19.98
N SER D 485 -64.55 2.96 -18.66
CA SER D 485 -64.22 4.18 -17.93
C SER D 485 -62.73 4.46 -17.85
N GLY D 486 -61.89 3.46 -18.09
CA GLY D 486 -60.47 3.66 -17.91
C GLY D 486 -60.05 3.91 -16.48
N GLU D 487 -60.93 3.64 -15.51
CA GLU D 487 -60.66 3.89 -14.10
C GLU D 487 -60.39 2.58 -13.38
N GLU D 488 -59.55 2.65 -12.35
CA GLU D 488 -59.21 1.47 -11.56
C GLU D 488 -60.40 1.07 -10.69
N ILE D 489 -60.68 -0.23 -10.65
CA ILE D 489 -61.73 -0.79 -9.80
C ILE D 489 -61.08 -1.33 -8.54
N SER D 490 -61.45 -0.77 -7.39
CA SER D 490 -60.82 -1.14 -6.13
C SER D 490 -61.58 -2.26 -5.43
N GLY D 491 -60.96 -2.84 -4.43
CA GLY D 491 -61.58 -3.90 -3.65
C GLY D 491 -61.53 -5.24 -4.35
N ASN D 492 -62.07 -6.24 -3.65
CA ASN D 492 -62.13 -7.60 -4.15
C ASN D 492 -63.46 -7.85 -4.85
N ASP D 493 -63.58 -9.03 -5.46
CA ASP D 493 -64.76 -9.43 -6.23
C ASP D 493 -65.04 -8.42 -7.34
N VAL D 494 -64.00 -8.09 -8.10
CA VAL D 494 -64.10 -7.14 -9.20
C VAL D 494 -63.69 -7.85 -10.48
N GLU D 495 -63.99 -7.20 -11.61
CA GLU D 495 -63.71 -7.77 -12.91
C GLU D 495 -63.41 -6.65 -13.90
N GLY D 496 -62.47 -6.90 -14.81
CA GLY D 496 -62.10 -5.92 -15.81
C GLY D 496 -60.91 -6.34 -16.64
N VAL D 497 -60.01 -5.39 -16.91
CA VAL D 497 -58.79 -5.67 -17.65
C VAL D 497 -57.61 -5.52 -16.70
N LEU D 498 -56.52 -6.22 -17.02
CA LEU D 498 -55.37 -6.34 -16.13
C LEU D 498 -54.32 -5.31 -16.48
N ALA D 499 -53.76 -4.67 -15.46
CA ALA D 499 -52.71 -3.67 -15.66
C ALA D 499 -51.83 -3.62 -14.42
N PHE D 500 -50.62 -3.10 -14.61
CA PHE D 500 -49.61 -2.98 -13.56
C PHE D 500 -49.33 -1.50 -13.30
N LYS D 501 -49.26 -1.14 -12.01
CA LYS D 501 -49.19 0.26 -11.62
C LYS D 501 -47.77 0.84 -11.63
N GLN D 502 -46.75 0.03 -11.35
CA GLN D 502 -45.38 0.51 -11.32
C GLN D 502 -44.47 -0.47 -12.05
N PRO D 503 -43.34 -0.01 -12.58
CA PRO D 503 -42.49 -0.88 -13.39
C PRO D 503 -41.59 -1.78 -12.55
N TRP D 504 -41.21 -2.90 -13.17
CA TRP D 504 -40.39 -3.94 -12.58
C TRP D 504 -39.15 -4.16 -13.44
N PRO D 505 -38.07 -4.71 -12.86
CA PRO D 505 -36.81 -4.80 -13.62
C PRO D 505 -36.89 -5.65 -14.88
N SER D 506 -37.63 -6.75 -14.83
CA SER D 506 -37.73 -7.67 -15.96
C SER D 506 -38.57 -7.14 -17.11
N MET D 507 -39.19 -5.97 -16.95
CA MET D 507 -40.09 -5.44 -17.97
C MET D 507 -39.36 -5.19 -19.28
N ALA D 508 -40.05 -5.46 -20.39
CA ALA D 508 -39.48 -5.19 -21.71
C ALA D 508 -39.18 -3.70 -21.85
N ARG D 509 -38.09 -3.40 -22.54
CA ARG D 509 -37.63 -2.03 -22.64
C ARG D 509 -38.15 -1.31 -23.88
N THR D 510 -38.34 -2.02 -24.99
CA THR D 510 -38.84 -1.40 -26.21
C THR D 510 -39.24 -2.49 -27.20
N VAL D 511 -39.78 -2.05 -28.33
CA VAL D 511 -39.98 -2.88 -29.51
C VAL D 511 -39.06 -2.31 -30.59
N TRP D 512 -38.20 -3.16 -31.15
CA TRP D 512 -37.09 -2.64 -31.93
C TRP D 512 -37.58 -1.93 -33.19
N GLY D 513 -36.99 -0.76 -33.46
CA GLY D 513 -37.36 0.03 -34.61
C GLY D 513 -38.72 0.70 -34.53
N ALA D 514 -39.43 0.55 -33.41
CA ALA D 514 -40.78 1.09 -33.29
C ALA D 514 -41.13 1.32 -31.83
N HIS D 515 -40.52 2.33 -31.22
CA HIS D 515 -40.83 2.64 -29.82
C HIS D 515 -42.21 3.29 -29.69
N LYS D 516 -42.64 4.04 -30.71
CA LYS D 516 -43.98 4.61 -30.67
C LYS D 516 -45.04 3.52 -30.65
N ARG D 517 -44.84 2.45 -31.43
CA ARG D 517 -45.73 1.31 -31.36
C ARG D 517 -45.69 0.68 -29.97
N TYR D 518 -44.51 0.65 -29.35
CA TYR D 518 -44.38 0.15 -27.98
C TYR D 518 -45.15 1.02 -27.00
N MET D 519 -45.05 2.35 -27.14
CA MET D 519 -45.76 3.25 -26.22
C MET D 519 -47.26 3.10 -26.36
N ASP D 520 -47.76 3.01 -27.60
CA ASP D 520 -49.20 2.93 -27.84
C ASP D 520 -49.77 1.61 -27.37
N THR D 521 -49.01 0.52 -27.48
CA THR D 521 -49.56 -0.80 -27.18
C THR D 521 -49.62 -1.07 -25.68
N TYR D 522 -48.61 -0.65 -24.92
CA TYR D 522 -48.50 -1.04 -23.52
C TYR D 522 -48.64 0.10 -22.52
N LEU D 523 -48.35 1.34 -22.92
CA LEU D 523 -48.25 2.43 -21.96
C LEU D 523 -49.17 3.61 -22.23
N ASN D 524 -49.73 3.73 -23.44
CA ASN D 524 -50.66 4.82 -23.76
C ASN D 524 -52.12 4.42 -23.67
N VAL D 525 -52.42 3.14 -23.45
CA VAL D 525 -53.81 2.71 -23.30
C VAL D 525 -54.41 3.28 -22.02
N TYR D 526 -53.73 3.04 -20.89
CA TYR D 526 -54.09 3.63 -19.60
C TYR D 526 -52.83 4.30 -19.05
N LYS D 527 -52.78 5.62 -19.10
CA LYS D 527 -51.59 6.36 -18.75
C LYS D 527 -51.20 6.10 -17.29
N GLY D 528 -49.91 5.86 -17.07
CA GLY D 528 -49.41 5.47 -15.77
C GLY D 528 -49.49 4.00 -15.44
N TYR D 529 -50.00 3.19 -16.37
CA TYR D 529 -50.13 1.75 -16.18
C TYR D 529 -49.49 1.02 -17.35
N TYR D 530 -49.06 -0.22 -17.08
CA TYR D 530 -48.66 -1.15 -18.13
C TYR D 530 -49.86 -2.04 -18.44
N PHE D 531 -50.29 -2.07 -19.70
CA PHE D 531 -51.51 -2.78 -20.08
C PHE D 531 -51.14 -4.16 -20.64
N THR D 532 -51.55 -5.21 -19.94
CA THR D 532 -51.23 -6.57 -20.35
C THR D 532 -52.00 -7.00 -21.59
N GLY D 533 -53.15 -6.38 -21.87
CA GLY D 533 -53.99 -6.84 -22.94
C GLY D 533 -54.85 -8.05 -22.60
N ASP D 534 -54.97 -8.39 -21.32
CA ASP D 534 -55.75 -9.54 -20.88
C ASP D 534 -56.87 -9.09 -19.96
N GLY D 535 -57.99 -9.78 -20.05
CA GLY D 535 -59.03 -9.62 -19.06
C GLY D 535 -58.73 -10.43 -17.82
N ALA D 536 -59.15 -9.91 -16.67
CA ALA D 536 -58.81 -10.55 -15.41
C ALA D 536 -59.87 -10.23 -14.37
N GLY D 537 -59.83 -10.98 -13.27
CA GLY D 537 -60.71 -10.73 -12.15
C GLY D 537 -60.00 -11.08 -10.86
N ARG D 538 -60.43 -10.41 -9.78
CA ARG D 538 -59.89 -10.63 -8.45
C ARG D 538 -61.01 -11.13 -7.54
N ASP D 539 -60.77 -12.25 -6.85
CA ASP D 539 -61.84 -12.86 -6.05
C ASP D 539 -61.78 -12.37 -4.61
N HIS D 540 -62.65 -12.95 -3.77
CA HIS D 540 -62.77 -12.53 -2.38
C HIS D 540 -61.46 -12.67 -1.62
N ASP D 541 -60.67 -13.68 -1.94
CA ASP D 541 -59.40 -13.92 -1.25
C ASP D 541 -58.25 -13.12 -1.85
N GLY D 542 -58.50 -12.33 -2.88
CA GLY D 542 -57.46 -11.53 -3.50
C GLY D 542 -56.72 -12.21 -4.63
N TYR D 543 -57.10 -13.43 -5.00
CA TYR D 543 -56.45 -14.18 -6.06
C TYR D 543 -56.91 -13.64 -7.42
N TYR D 544 -56.03 -13.75 -8.41
CA TYR D 544 -56.30 -13.24 -9.74
C TYR D 544 -56.66 -14.38 -10.70
N TRP D 545 -57.54 -14.08 -11.65
CA TRP D 545 -58.04 -15.06 -12.60
C TRP D 545 -57.87 -14.50 -14.00
N ILE D 546 -56.97 -15.09 -14.78
CA ILE D 546 -56.67 -14.60 -16.12
C ILE D 546 -57.75 -15.12 -17.08
N ARG D 547 -58.41 -14.20 -17.78
CA ARG D 547 -59.54 -14.55 -18.63
C ARG D 547 -59.20 -14.52 -20.12
N GLY D 548 -57.94 -14.31 -20.48
CA GLY D 548 -57.52 -14.32 -21.86
C GLY D 548 -57.42 -12.93 -22.47
N ARG D 549 -56.89 -12.91 -23.69
CA ARG D 549 -56.61 -11.66 -24.39
C ARG D 549 -57.89 -10.95 -24.82
N VAL D 550 -57.82 -9.61 -24.83
CA VAL D 550 -58.91 -8.75 -25.27
C VAL D 550 -58.67 -8.34 -26.72
N ASP D 551 -57.40 -8.29 -27.12
CA ASP D 551 -57.04 -7.84 -28.46
C ASP D 551 -57.23 -8.97 -29.47
N ASP D 552 -56.88 -8.69 -30.73
CA ASP D 552 -57.07 -9.64 -31.82
C ASP D 552 -55.90 -10.62 -31.90
N VAL D 553 -55.82 -11.46 -30.88
CA VAL D 553 -54.79 -12.51 -30.80
C VAL D 553 -55.41 -13.76 -30.20
N VAL D 554 -55.08 -14.92 -30.77
CA VAL D 554 -55.62 -16.19 -30.30
C VAL D 554 -54.45 -17.14 -30.05
N ASN D 555 -54.74 -18.22 -29.31
CA ASN D 555 -53.73 -19.21 -28.93
C ASN D 555 -54.19 -20.61 -29.33
N VAL D 556 -53.51 -21.21 -30.29
CA VAL D 556 -53.83 -22.55 -30.80
C VAL D 556 -52.64 -23.46 -30.53
N SER D 557 -52.88 -24.55 -29.80
CA SER D 557 -51.85 -25.55 -29.49
C SER D 557 -50.63 -24.91 -28.83
N GLY D 558 -50.85 -23.99 -27.91
CA GLY D 558 -49.75 -23.31 -27.27
C GLY D 558 -49.12 -22.19 -28.08
N HIS D 559 -49.55 -22.01 -29.33
CA HIS D 559 -49.02 -20.97 -30.19
C HIS D 559 -49.92 -19.75 -30.16
N ARG D 560 -49.32 -18.58 -29.92
CA ARG D 560 -50.05 -17.32 -29.88
C ARG D 560 -49.90 -16.63 -31.24
N LEU D 561 -51.00 -16.52 -31.97
CA LEU D 561 -51.00 -15.92 -33.29
C LEU D 561 -51.99 -14.77 -33.32
N SER D 562 -51.77 -13.83 -34.22
CA SER D 562 -52.67 -12.69 -34.37
C SER D 562 -53.57 -12.93 -35.58
N THR D 563 -54.87 -12.76 -35.38
CA THR D 563 -55.81 -12.96 -36.47
C THR D 563 -55.53 -11.99 -37.61
N ALA D 564 -55.10 -10.76 -37.30
CA ALA D 564 -54.77 -9.81 -38.34
C ALA D 564 -53.62 -10.32 -39.21
N GLU D 565 -52.65 -11.00 -38.59
CA GLU D 565 -51.54 -11.58 -39.36
C GLU D 565 -52.03 -12.67 -40.30
N ILE D 566 -52.94 -13.51 -39.82
CA ILE D 566 -53.49 -14.57 -40.65
C ILE D 566 -54.40 -13.98 -41.72
N GLU D 567 -55.16 -12.95 -41.37
CA GLU D 567 -56.00 -12.28 -42.36
C GLU D 567 -55.17 -11.69 -43.49
N ALA D 568 -54.04 -11.07 -43.15
CA ALA D 568 -53.18 -10.47 -44.17
C ALA D 568 -52.61 -11.52 -45.11
N ALA D 569 -52.28 -12.70 -44.58
CA ALA D 569 -51.76 -13.77 -45.42
C ALA D 569 -52.82 -14.23 -46.42
N LEU D 570 -54.08 -14.28 -46.01
CA LEU D 570 -55.15 -14.68 -46.92
C LEU D 570 -55.41 -13.60 -47.97
N ILE D 571 -55.34 -12.33 -47.57
CA ILE D 571 -55.54 -11.24 -48.51
C ILE D 571 -54.46 -11.23 -49.59
N GLU D 572 -53.29 -11.78 -49.27
CA GLU D 572 -52.21 -11.86 -50.25
C GLU D 572 -52.55 -12.78 -51.42
N HIS D 573 -53.46 -13.74 -51.23
CA HIS D 573 -53.87 -14.63 -52.30
C HIS D 573 -54.54 -13.83 -53.42
N HIS D 574 -54.27 -14.24 -54.66
CA HIS D 574 -54.77 -13.49 -55.82
C HIS D 574 -56.30 -13.48 -55.86
N GLN D 575 -56.92 -14.64 -55.71
CA GLN D 575 -58.37 -14.77 -55.83
C GLN D 575 -59.10 -14.53 -54.51
N VAL D 576 -58.43 -14.00 -53.49
CA VAL D 576 -59.04 -13.76 -52.18
C VAL D 576 -59.28 -12.26 -52.05
N ALA D 577 -60.55 -11.86 -52.06
CA ALA D 577 -60.90 -10.44 -51.96
C ALA D 577 -60.74 -9.92 -50.54
N GLU D 578 -61.35 -10.57 -49.56
CA GLU D 578 -61.28 -10.14 -48.17
C GLU D 578 -61.13 -11.37 -47.27
N ALA D 579 -60.75 -11.12 -46.02
CA ALA D 579 -60.52 -12.21 -45.07
C ALA D 579 -60.85 -11.75 -43.66
N ALA D 580 -61.35 -12.69 -42.86
CA ALA D 580 -61.65 -12.45 -41.45
C ALA D 580 -61.39 -13.74 -40.69
N VAL D 581 -60.64 -13.65 -39.59
CA VAL D 581 -60.26 -14.81 -38.80
C VAL D 581 -60.63 -14.57 -37.35
N VAL D 582 -61.29 -15.55 -36.73
CA VAL D 582 -61.68 -15.45 -35.33
C VAL D 582 -61.40 -16.77 -34.62
N GLN D 591 -58.17 -22.77 -27.71
CA GLN D 591 -58.78 -22.02 -28.81
C GLN D 591 -58.31 -22.54 -30.16
N ALA D 592 -59.23 -22.59 -31.12
CA ALA D 592 -58.94 -23.00 -32.48
C ALA D 592 -59.30 -21.88 -33.44
N VAL D 593 -58.59 -21.81 -34.57
CA VAL D 593 -58.69 -20.69 -35.50
C VAL D 593 -59.47 -21.14 -36.72
N ASN D 594 -60.61 -20.51 -36.96
CA ASN D 594 -61.42 -20.70 -38.16
C ASN D 594 -61.44 -19.40 -38.95
N ALA D 595 -61.18 -19.49 -40.26
CA ALA D 595 -61.02 -18.33 -41.12
C ALA D 595 -62.18 -18.23 -42.10
N PHE D 596 -62.75 -17.02 -42.23
CA PHE D 596 -63.77 -16.72 -43.23
C PHE D 596 -63.20 -15.79 -44.29
N VAL D 597 -63.20 -16.24 -45.54
CA VAL D 597 -62.63 -15.48 -46.65
C VAL D 597 -63.68 -15.30 -47.75
N SER D 598 -63.61 -14.15 -48.43
CA SER D 598 -64.47 -13.86 -49.57
C SER D 598 -63.64 -13.81 -50.84
N LEU D 599 -64.13 -14.46 -51.89
CA LEU D 599 -63.38 -14.57 -53.14
C LEU D 599 -64.08 -13.86 -54.28
N VAL D 609 -58.83 -24.18 -54.12
CA VAL D 609 -58.84 -22.89 -53.46
C VAL D 609 -58.80 -23.06 -51.95
N ARG D 610 -59.63 -23.98 -51.44
CA ARG D 610 -59.61 -24.28 -50.01
C ARG D 610 -58.25 -24.80 -49.58
N LYS D 611 -57.63 -25.65 -50.39
CA LYS D 611 -56.26 -26.08 -50.11
C LYS D 611 -55.27 -24.96 -50.35
N ASP D 612 -55.56 -24.08 -51.33
CA ASP D 612 -54.65 -22.98 -51.62
C ASP D 612 -54.66 -21.93 -50.51
N LEU D 613 -55.83 -21.68 -49.91
CA LEU D 613 -55.89 -20.69 -48.85
C LEU D 613 -55.19 -21.16 -47.58
N VAL D 614 -55.21 -22.47 -47.31
CA VAL D 614 -54.51 -22.99 -46.14
C VAL D 614 -53.00 -23.02 -46.40
N MET D 615 -52.60 -23.45 -47.59
CA MET D 615 -51.18 -23.49 -47.93
C MET D 615 -50.56 -22.10 -47.98
N GLN D 616 -51.32 -21.09 -48.38
CA GLN D 616 -50.79 -19.72 -48.39
C GLN D 616 -50.46 -19.25 -46.98
N VAL D 617 -51.27 -19.64 -45.99
CA VAL D 617 -50.99 -19.28 -44.60
C VAL D 617 -49.72 -19.97 -44.12
N ARG D 618 -49.48 -21.21 -44.56
CA ARG D 618 -48.28 -21.91 -44.15
C ARG D 618 -47.02 -21.28 -44.71
N LYS D 619 -47.10 -20.70 -45.91
CA LYS D 619 -45.93 -20.04 -46.49
C LYS D 619 -45.65 -18.70 -45.83
N SER D 620 -46.69 -18.00 -45.38
CA SER D 620 -46.51 -16.68 -44.79
C SER D 620 -46.01 -16.77 -43.35
N ILE D 621 -46.71 -17.54 -42.51
CA ILE D 621 -46.36 -17.64 -41.10
C ILE D 621 -45.63 -18.95 -40.84
N GLY D 622 -46.35 -20.07 -40.94
CA GLY D 622 -45.77 -21.36 -40.71
C GLY D 622 -46.81 -22.46 -40.71
N PRO D 623 -46.38 -23.72 -40.59
CA PRO D 623 -47.34 -24.84 -40.57
C PRO D 623 -48.27 -24.81 -39.38
N PHE D 624 -47.77 -24.43 -38.20
CA PHE D 624 -48.59 -24.40 -37.00
C PHE D 624 -49.67 -23.33 -37.05
N ALA D 625 -49.49 -22.28 -37.86
CA ALA D 625 -50.47 -21.22 -38.00
C ALA D 625 -51.58 -21.56 -38.98
N ALA D 626 -51.57 -22.75 -39.56
CA ALA D 626 -52.60 -23.11 -40.52
C ALA D 626 -53.97 -23.14 -39.86
N PRO D 627 -54.98 -22.49 -40.45
CA PRO D 627 -56.31 -22.48 -39.83
C PRO D 627 -56.97 -23.85 -39.86
N LYS D 628 -57.81 -24.10 -38.85
CA LYS D 628 -58.52 -25.38 -38.77
C LYS D 628 -59.50 -25.55 -39.93
N ALA D 629 -60.17 -24.47 -40.34
CA ALA D 629 -61.10 -24.54 -41.45
C ALA D 629 -61.13 -23.20 -42.17
N VAL D 630 -61.33 -23.26 -43.49
CA VAL D 630 -61.46 -22.08 -44.33
C VAL D 630 -62.83 -22.10 -45.01
N PHE D 631 -63.57 -21.00 -44.91
CA PHE D 631 -64.90 -20.89 -45.48
C PHE D 631 -64.94 -19.77 -46.50
N VAL D 632 -65.79 -19.94 -47.51
CA VAL D 632 -65.94 -18.96 -48.59
C VAL D 632 -67.32 -18.32 -48.50
N VAL D 633 -67.36 -17.01 -48.70
CA VAL D 633 -68.62 -16.26 -48.65
C VAL D 633 -68.84 -15.50 -49.95
N ILE D 644 -66.02 -5.49 -39.24
CA ILE D 644 -66.31 -6.92 -39.20
C ILE D 644 -66.81 -7.32 -37.82
N MET D 645 -68.11 -7.61 -37.74
CA MET D 645 -68.74 -8.03 -36.49
C MET D 645 -68.38 -9.49 -36.25
N ARG D 646 -67.17 -9.70 -35.70
CA ARG D 646 -66.66 -11.04 -35.45
C ARG D 646 -67.47 -11.81 -34.41
N ARG D 647 -68.34 -11.13 -33.65
CA ARG D 647 -69.18 -11.83 -32.69
C ARG D 647 -70.19 -12.74 -33.39
N ILE D 648 -70.74 -12.29 -34.52
CA ILE D 648 -71.65 -13.14 -35.29
C ILE D 648 -70.92 -14.36 -35.83
N LEU D 649 -69.67 -14.17 -36.26
CA LEU D 649 -68.87 -15.31 -36.72
C LEU D 649 -68.56 -16.26 -35.57
N ARG D 650 -68.30 -15.71 -34.38
CA ARG D 650 -68.13 -16.56 -33.21
C ARG D 650 -69.42 -17.26 -32.81
N LYS D 651 -70.57 -16.62 -33.08
CA LYS D 651 -71.85 -17.22 -32.73
C LYS D 651 -72.19 -18.39 -33.66
N ILE D 652 -72.05 -18.18 -34.96
CA ILE D 652 -72.35 -19.24 -35.93
C ILE D 652 -71.43 -20.44 -35.71
N LEU D 653 -70.22 -20.20 -35.21
CA LEU D 653 -69.29 -21.28 -34.90
C LEU D 653 -69.47 -21.73 -33.46
N VAL E 28 29.41 -40.38 17.00
CA VAL E 28 30.35 -40.25 18.10
C VAL E 28 30.16 -38.90 18.79
N VAL E 29 30.28 -37.82 18.01
CA VAL E 29 30.11 -36.46 18.51
C VAL E 29 28.62 -36.18 18.62
N LEU E 30 28.03 -36.47 19.79
CA LEU E 30 26.58 -36.30 19.96
C LEU E 30 26.19 -34.83 20.04
N GLU E 31 27.12 -33.92 20.36
CA GLU E 31 26.80 -32.50 20.39
C GLU E 31 26.76 -31.88 19.00
N ALA E 32 27.31 -32.57 18.00
CA ALA E 32 27.30 -32.08 16.62
C ALA E 32 26.07 -32.52 15.84
N ASN E 33 25.31 -33.48 16.35
CA ASN E 33 24.14 -33.96 15.63
C ASN E 33 23.06 -32.90 15.59
N ASP E 34 22.42 -32.76 14.43
CA ASP E 34 21.34 -31.80 14.21
C ASP E 34 21.81 -30.36 14.46
N VAL E 35 22.97 -30.03 13.90
CA VAL E 35 23.54 -28.69 13.99
C VAL E 35 23.99 -28.28 12.59
N ASP E 36 23.25 -27.37 11.97
CA ASP E 36 23.56 -26.89 10.64
C ASP E 36 24.46 -25.65 10.70
N THR E 37 25.18 -25.42 9.60
CA THR E 37 26.13 -24.32 9.54
C THR E 37 25.41 -23.00 9.31
N PHE E 38 25.95 -21.94 9.91
CA PHE E 38 25.46 -20.57 9.73
C PHE E 38 26.50 -19.79 8.95
N HIS E 39 26.10 -19.28 7.80
CA HIS E 39 27.00 -18.54 6.93
C HIS E 39 27.06 -17.08 7.37
N VAL E 40 28.04 -16.37 6.82
CA VAL E 40 28.16 -14.93 7.13
C VAL E 40 26.94 -14.21 6.54
N PRO E 41 26.27 -13.35 7.31
CA PRO E 41 25.09 -12.67 6.78
C PRO E 41 25.43 -11.84 5.55
N LYS E 42 24.56 -11.89 4.55
CA LYS E 42 24.80 -11.12 3.33
C LYS E 42 24.87 -9.63 3.64
N ALA E 43 24.23 -9.17 4.72
CA ALA E 43 24.31 -7.77 5.10
C ALA E 43 25.69 -7.40 5.63
N PHE E 44 26.45 -8.38 6.13
CA PHE E 44 27.83 -8.11 6.55
C PHE E 44 28.63 -7.51 5.41
N TYR E 45 28.46 -8.04 4.20
CA TYR E 45 29.23 -7.58 3.05
C TYR E 45 28.74 -6.22 2.55
N GLU E 46 27.42 -5.99 2.61
CA GLU E 46 26.88 -4.72 2.12
C GLU E 46 27.29 -3.56 3.02
N LYS E 47 27.17 -3.74 4.34
CA LYS E 47 27.44 -2.68 5.30
C LYS E 47 28.89 -2.65 5.79
N HIS E 48 29.82 -3.08 4.97
CA HIS E 48 31.23 -3.11 5.34
C HIS E 48 31.94 -1.90 4.74
N PRO E 49 32.71 -1.14 5.53
CA PRO E 49 33.42 0.02 4.94
C PRO E 49 34.32 -0.37 3.78
N SER E 50 34.88 -1.58 3.81
CA SER E 50 35.72 -2.08 2.73
C SER E 50 35.59 -3.60 2.73
N LYS E 51 36.25 -4.24 1.77
CA LYS E 51 36.22 -5.69 1.72
C LYS E 51 37.07 -6.27 2.85
N THR E 52 36.72 -7.48 3.26
CA THR E 52 37.52 -8.17 4.26
C THR E 52 38.86 -8.60 3.65
N HIS E 53 39.82 -8.88 4.53
CA HIS E 53 41.19 -9.09 4.09
C HIS E 53 41.34 -10.31 3.19
N LEU E 54 40.56 -11.36 3.44
CA LEU E 54 40.65 -12.59 2.66
C LEU E 54 39.56 -12.62 1.60
N LYS E 55 39.93 -13.06 0.40
CA LYS E 55 38.99 -13.05 -0.72
C LYS E 55 37.87 -14.06 -0.50
N ASP E 56 38.21 -15.34 -0.35
CA ASP E 56 37.23 -16.41 -0.21
C ASP E 56 37.75 -17.42 0.81
N LEU E 57 36.92 -18.43 1.09
CA LEU E 57 37.36 -19.47 2.01
C LEU E 57 38.55 -20.25 1.44
N ASP E 58 38.63 -20.36 0.12
CA ASP E 58 39.78 -21.03 -0.49
C ASP E 58 41.08 -20.34 -0.12
N GLU E 59 41.08 -19.01 -0.04
CA GLU E 59 42.29 -18.30 0.38
C GLU E 59 42.68 -18.66 1.81
N TYR E 60 41.70 -18.89 2.68
CA TYR E 60 42.01 -19.44 4.00
C TYR E 60 42.67 -20.80 3.86
N LYS E 61 42.01 -21.72 3.14
CA LYS E 61 42.58 -23.05 2.94
C LYS E 61 43.96 -22.96 2.29
N LYS E 62 44.11 -22.06 1.31
CA LYS E 62 45.40 -21.87 0.66
C LYS E 62 46.45 -21.37 1.65
N LEU E 63 46.15 -20.29 2.37
CA LEU E 63 47.09 -19.76 3.34
C LEU E 63 47.26 -20.68 4.54
N TYR E 64 46.21 -21.41 4.93
CA TYR E 64 46.35 -22.36 6.03
C TYR E 64 47.25 -23.52 5.63
N ASP E 65 47.05 -24.08 4.44
CA ASP E 65 47.89 -25.17 3.98
C ASP E 65 49.36 -24.74 3.95
N GLU E 66 49.62 -23.48 3.59
CA GLU E 66 50.98 -22.96 3.64
C GLU E 66 51.47 -22.81 5.08
N SER E 67 50.58 -22.46 6.01
CA SER E 67 51.00 -22.20 7.39
C SER E 67 51.36 -23.46 8.15
N ILE E 68 50.91 -24.63 7.71
CA ILE E 68 51.25 -25.89 8.37
C ILE E 68 52.24 -26.72 7.56
N ARG E 69 52.23 -26.60 6.23
CA ARG E 69 53.18 -27.35 5.41
C ARG E 69 54.56 -26.71 5.42
N SER E 70 54.62 -25.40 5.16
CA SER E 70 55.88 -24.65 5.18
C SER E 70 55.72 -23.44 6.09
N PRO E 71 55.75 -23.66 7.41
CA PRO E 71 55.60 -22.53 8.33
C PRO E 71 56.74 -21.53 8.25
N ASP E 72 57.95 -21.97 7.89
CA ASP E 72 59.09 -21.05 7.83
C ASP E 72 58.86 -19.92 6.85
N THR E 73 58.33 -20.22 5.67
CA THR E 73 58.08 -19.17 4.69
C THR E 73 56.84 -18.35 5.02
N PHE E 74 55.85 -18.96 5.67
CA PHE E 74 54.62 -18.25 6.00
C PHE E 74 54.85 -17.24 7.11
N TRP E 75 55.36 -17.69 8.25
CA TRP E 75 55.52 -16.81 9.40
C TRP E 75 56.57 -15.74 9.16
N ALA E 76 57.50 -15.94 8.24
CA ALA E 76 58.44 -14.88 7.89
C ALA E 76 57.73 -13.74 7.18
N ARG E 77 56.89 -14.06 6.18
CA ARG E 77 56.16 -13.03 5.46
C ARG E 77 55.19 -12.29 6.38
N MET E 78 54.54 -13.02 7.29
CA MET E 78 53.57 -12.38 8.18
C MET E 78 54.26 -11.49 9.21
N ALA E 79 55.43 -11.90 9.69
CA ALA E 79 56.11 -11.12 10.71
C ALA E 79 56.57 -9.78 10.18
N ARG E 80 57.06 -9.74 8.94
CA ARG E 80 57.54 -8.49 8.38
C ARG E 80 56.43 -7.60 7.86
N GLU E 81 55.24 -8.15 7.60
CA GLU E 81 54.11 -7.32 7.22
C GLU E 81 53.47 -6.66 8.44
N LEU E 82 53.35 -7.38 9.54
CA LEU E 82 52.62 -6.90 10.69
C LEU E 82 53.48 -6.26 11.76
N LEU E 83 54.76 -6.61 11.84
CA LEU E 83 55.65 -6.03 12.84
C LEU E 83 56.76 -5.26 12.16
N THR E 84 57.36 -4.33 12.91
CA THR E 84 58.50 -3.56 12.45
C THR E 84 59.64 -3.75 13.46
N PHE E 85 60.74 -4.32 12.98
CA PHE E 85 61.87 -4.66 13.82
C PHE E 85 62.92 -3.56 13.79
N ASP E 86 63.67 -3.43 14.89
CA ASP E 86 64.90 -2.64 14.85
C ASP E 86 65.91 -3.31 13.94
N LYS E 87 66.10 -4.61 14.11
CA LYS E 87 67.00 -5.43 13.30
C LYS E 87 66.19 -6.59 12.74
N ASP E 88 66.33 -6.82 11.44
CA ASP E 88 65.59 -7.90 10.79
C ASP E 88 66.10 -9.26 11.27
N PHE E 89 65.23 -10.25 11.18
CA PHE E 89 65.59 -11.62 11.51
C PHE E 89 66.00 -12.37 10.24
N GLN E 90 66.63 -13.53 10.44
CA GLN E 90 67.01 -14.42 9.34
C GLN E 90 66.43 -15.81 9.48
N THR E 91 66.45 -16.38 10.68
CA THR E 91 65.92 -17.72 10.93
C THR E 91 64.51 -17.60 11.48
N THR E 92 63.56 -18.26 10.83
CA THR E 92 62.16 -18.11 11.21
C THR E 92 61.87 -18.84 12.52
N HIS E 93 62.27 -20.11 12.62
CA HIS E 93 61.95 -20.92 13.79
C HIS E 93 63.01 -21.99 13.99
N ILE E 94 63.37 -22.22 15.25
CA ILE E 94 64.19 -23.35 15.65
C ILE E 94 63.58 -23.97 16.89
N GLY E 95 63.81 -25.26 17.07
CA GLY E 95 63.30 -26.00 18.20
C GLY E 95 62.19 -26.95 17.79
N SER E 96 61.60 -27.57 18.81
CA SER E 96 60.52 -28.53 18.59
C SER E 96 59.72 -28.66 19.87
N LEU E 97 58.57 -29.33 19.76
CA LEU E 97 57.73 -29.54 20.93
C LEU E 97 58.28 -30.63 21.83
N GLU E 98 59.04 -31.58 21.28
CA GLU E 98 59.62 -32.65 22.08
C GLU E 98 60.54 -32.09 23.14
N ASN E 99 61.35 -31.08 22.80
CA ASN E 99 62.38 -30.58 23.69
C ASN E 99 62.01 -29.29 24.40
N GLY E 100 60.93 -28.62 23.97
CA GLY E 100 60.55 -27.37 24.62
C GLY E 100 61.55 -26.26 24.45
N ASP E 101 62.23 -26.20 23.30
CA ASP E 101 63.29 -25.24 23.02
C ASP E 101 62.89 -24.31 21.88
N ASN E 102 61.61 -23.98 21.81
CA ASN E 102 61.10 -23.22 20.67
C ASN E 102 61.51 -21.75 20.75
N ALA E 103 62.06 -21.24 19.64
CA ALA E 103 62.42 -19.84 19.51
C ALA E 103 62.07 -19.37 18.11
N TRP E 104 61.52 -18.16 18.02
CA TRP E 104 61.00 -17.62 16.77
C TRP E 104 61.72 -16.32 16.42
N PHE E 105 62.06 -16.17 15.14
CA PHE E 105 62.73 -14.98 14.62
C PHE E 105 63.95 -14.62 15.48
N VAL E 106 64.84 -15.60 15.61
CA VAL E 106 65.78 -15.62 16.73
C VAL E 106 66.76 -14.44 16.70
N GLU E 107 67.15 -13.98 15.52
CA GLU E 107 68.15 -12.91 15.45
C GLU E 107 67.55 -11.54 15.17
N GLY E 108 66.22 -11.41 15.22
CA GLY E 108 65.60 -10.12 15.08
C GLY E 108 65.52 -9.36 16.39
N ARG E 109 65.35 -8.04 16.27
CA ARG E 109 65.23 -7.17 17.43
C ARG E 109 64.11 -6.18 17.23
N LEU E 110 63.33 -5.94 18.27
CA LEU E 110 62.17 -5.06 18.20
C LEU E 110 61.79 -4.63 19.61
N ASN E 111 60.77 -3.76 19.69
CA ASN E 111 60.22 -3.31 20.97
C ASN E 111 58.70 -3.21 20.85
N ALA E 112 58.01 -3.70 21.89
CA ALA E 112 56.56 -3.73 21.86
C ALA E 112 55.96 -2.33 21.87
N SER E 113 56.50 -1.43 22.70
CA SER E 113 55.99 -0.06 22.76
C SER E 113 56.11 0.66 21.42
N PHE E 114 57.16 0.35 20.65
CA PHE E 114 57.28 0.95 19.34
C PHE E 114 56.17 0.47 18.41
N ASN E 115 55.90 -0.85 18.43
CA ASN E 115 54.89 -1.41 17.53
C ASN E 115 53.48 -1.08 17.98
N CYS E 116 53.28 -0.75 19.26
CA CYS E 116 51.96 -0.39 19.75
C CYS E 116 51.69 1.10 19.70
N VAL E 117 52.72 1.92 19.91
CA VAL E 117 52.53 3.36 20.06
C VAL E 117 53.33 4.13 19.00
N ASP E 118 54.65 4.08 19.12
CA ASP E 118 55.55 4.94 18.35
C ASP E 118 55.18 5.01 16.87
N ARG E 119 55.13 3.85 16.21
CA ARG E 119 54.98 3.86 14.75
C ARG E 119 53.66 4.48 14.32
N HIS E 120 52.62 4.40 15.16
CA HIS E 120 51.34 5.00 14.80
C HIS E 120 51.35 6.50 15.04
N ALA E 121 52.01 6.95 16.12
CA ALA E 121 52.18 8.38 16.33
C ALA E 121 52.97 9.02 15.20
N ILE E 122 53.88 8.28 14.58
CA ILE E 122 54.64 8.82 13.45
C ILE E 122 53.73 9.08 12.25
N LYS E 123 52.81 8.14 11.98
CA LYS E 123 51.91 8.30 10.84
C LYS E 123 50.92 9.44 11.08
N ASN E 124 50.27 9.45 12.24
CA ASN E 124 49.39 10.53 12.65
C ASN E 124 49.19 10.49 14.17
N PRO E 125 49.77 11.44 14.91
CA PRO E 125 49.64 11.41 16.37
C PRO E 125 48.26 11.78 16.87
N ASN E 126 47.39 12.34 16.03
CA ASN E 126 46.04 12.72 16.43
C ASN E 126 45.04 11.58 16.29
N LYS E 127 45.49 10.39 15.93
CA LYS E 127 44.59 9.26 15.77
C LYS E 127 44.25 8.68 17.14
N VAL E 128 42.97 8.33 17.32
CA VAL E 128 42.49 7.86 18.61
C VAL E 128 43.04 6.47 18.88
N ALA E 129 43.64 6.28 20.04
CA ALA E 129 44.19 5.00 20.46
C ALA E 129 43.38 4.32 21.54
N ILE E 130 43.08 5.03 22.63
CA ILE E 130 42.32 4.48 23.75
C ILE E 130 41.03 5.28 23.88
N ILE E 131 39.92 4.56 24.01
CA ILE E 131 38.62 5.16 24.30
C ILE E 131 38.26 4.72 25.71
N TYR E 132 38.42 5.62 26.68
CA TYR E 132 38.23 5.29 28.08
C TYR E 132 36.78 5.54 28.48
N GLU E 133 36.09 4.48 28.92
CA GLU E 133 34.75 4.58 29.48
C GLU E 133 34.85 4.33 30.98
N ALA E 134 34.70 5.40 31.77
CA ALA E 134 34.89 5.29 33.21
C ALA E 134 33.70 4.54 33.83
N ASP E 135 33.78 4.33 35.14
CA ASP E 135 32.70 3.64 35.85
C ASP E 135 31.38 4.39 35.68
N GLU E 136 31.37 5.67 36.02
CA GLU E 136 30.18 6.47 35.79
C GLU E 136 30.12 6.93 34.34
N PRO E 137 28.92 7.05 33.77
CA PRO E 137 28.81 7.51 32.38
C PRO E 137 29.29 8.94 32.24
N ASN E 138 29.87 9.23 31.08
CA ASN E 138 30.34 10.57 30.71
C ASN E 138 31.48 11.07 31.60
N GLU E 139 32.19 10.16 32.28
CA GLU E 139 33.36 10.52 33.06
C GLU E 139 34.67 10.04 32.44
N GLY E 140 34.65 9.58 31.20
CA GLY E 140 35.84 9.09 30.55
C GLY E 140 36.55 10.15 29.73
N ARG E 141 37.36 9.70 28.78
CA ARG E 141 38.12 10.59 27.92
C ARG E 141 38.61 9.80 26.71
N ILE E 142 39.14 10.53 25.74
CA ILE E 142 39.66 9.94 24.50
C ILE E 142 41.14 10.29 24.41
N ILE E 143 41.97 9.27 24.21
CA ILE E 143 43.43 9.43 24.20
C ILE E 143 43.94 9.10 22.81
N THR E 144 44.75 10.00 22.26
CA THR E 144 45.35 9.80 20.96
C THR E 144 46.69 9.07 21.10
N TYR E 145 47.21 8.61 19.97
CA TYR E 145 48.51 7.93 19.98
C TYR E 145 49.63 8.89 20.39
N GLY E 146 49.48 10.18 20.09
CA GLY E 146 50.44 11.15 20.59
C GLY E 146 50.40 11.30 22.10
N GLU E 147 49.19 11.42 22.66
CA GLU E 147 49.06 11.50 24.11
C GLU E 147 49.60 10.23 24.77
N LEU E 148 49.35 9.07 24.15
CA LEU E 148 49.80 7.81 24.71
C LEU E 148 51.31 7.71 24.74
N LEU E 149 51.98 8.15 23.66
CA LEU E 149 53.43 8.08 23.61
C LEU E 149 54.07 8.89 24.73
N ARG E 150 53.57 10.10 24.97
CA ARG E 150 54.11 10.92 26.04
C ARG E 150 53.90 10.27 27.40
N GLU E 151 52.67 9.85 27.69
CA GLU E 151 52.37 9.27 29.00
C GLU E 151 53.17 7.99 29.24
N VAL E 152 53.27 7.14 28.22
CA VAL E 152 54.09 5.93 28.35
C VAL E 152 55.55 6.31 28.58
N SER E 153 56.03 7.33 27.86
CA SER E 153 57.41 7.75 28.03
C SER E 153 57.65 8.32 29.42
N ARG E 154 56.67 9.05 29.95
CA ARG E 154 56.82 9.62 31.29
C ARG E 154 56.90 8.53 32.34
N VAL E 155 56.02 7.54 32.27
CA VAL E 155 56.05 6.44 33.24
C VAL E 155 57.31 5.61 33.07
N ALA E 156 57.78 5.46 31.83
CA ALA E 156 59.03 4.75 31.59
C ALA E 156 60.19 5.41 32.35
N TRP E 157 60.26 6.74 32.31
CA TRP E 157 61.30 7.44 33.07
C TRP E 157 61.15 7.22 34.56
N VAL E 158 59.91 7.28 35.07
CA VAL E 158 59.68 7.12 36.50
C VAL E 158 60.17 5.75 36.96
N LEU E 159 59.98 4.73 36.13
CA LEU E 159 60.49 3.40 36.47
C LEU E 159 62.01 3.37 36.42
N LYS E 160 62.61 3.96 35.37
CA LYS E 160 64.06 3.97 35.26
C LYS E 160 64.70 4.67 36.45
N GLN E 161 64.16 5.83 36.85
CA GLN E 161 64.68 6.53 38.01
C GLN E 161 64.31 5.84 39.31
N ARG E 162 63.52 4.76 39.26
CA ARG E 162 63.18 3.98 40.43
C ARG E 162 63.94 2.67 40.48
N GLY E 163 64.89 2.45 39.58
CA GLY E 163 65.76 1.29 39.60
C GLY E 163 65.38 0.15 38.69
N VAL E 164 64.34 0.30 37.90
CA VAL E 164 63.88 -0.78 37.01
C VAL E 164 64.82 -0.87 35.82
N LYS E 165 65.53 -1.99 35.72
CA LYS E 165 66.42 -2.27 34.60
C LYS E 165 65.81 -3.33 33.68
N LYS E 166 66.44 -3.49 32.51
CA LYS E 166 66.02 -4.53 31.57
C LYS E 166 66.04 -5.90 32.23
N GLY E 167 64.94 -6.65 32.07
CA GLY E 167 64.81 -7.96 32.65
C GLY E 167 64.16 -8.00 34.02
N ASP E 168 63.99 -6.85 34.67
CA ASP E 168 63.30 -6.78 35.96
C ASP E 168 61.81 -7.03 35.77
N THR E 169 61.17 -7.49 36.84
CA THR E 169 59.74 -7.72 36.83
C THR E 169 59.03 -6.62 37.61
N VAL E 170 57.87 -6.19 37.10
CA VAL E 170 57.06 -5.14 37.71
C VAL E 170 55.64 -5.67 37.85
N ALA E 171 55.10 -5.59 39.06
CA ALA E 171 53.76 -6.09 39.34
C ALA E 171 52.73 -4.99 39.09
N ILE E 172 51.79 -5.24 38.18
CA ILE E 172 50.73 -4.30 37.86
C ILE E 172 49.48 -4.76 38.59
N TYR E 173 49.05 -4.00 39.58
CA TYR E 173 47.83 -4.28 40.33
C TYR E 173 46.86 -3.13 40.09
N LEU E 174 46.33 -3.07 38.86
CA LEU E 174 45.53 -1.94 38.42
C LEU E 174 44.16 -2.41 37.92
N PRO E 175 43.13 -1.57 38.06
CA PRO E 175 41.83 -1.87 37.44
C PRO E 175 41.79 -1.49 35.97
N MET E 176 40.60 -1.44 35.38
CA MET E 176 40.44 -1.16 33.96
C MET E 176 40.35 0.35 33.72
N ILE E 177 41.47 1.02 33.97
CA ILE E 177 41.61 2.45 33.67
C ILE E 177 42.66 2.58 32.57
N PRO E 178 42.70 3.70 31.83
CA PRO E 178 43.71 3.81 30.76
C PRO E 178 45.13 3.73 31.30
N GLU E 179 45.34 4.08 32.57
CA GLU E 179 46.67 4.01 33.15
C GLU E 179 47.23 2.60 33.14
N ALA E 180 46.37 1.58 33.10
CA ALA E 180 46.84 0.20 33.04
C ALA E 180 47.56 -0.07 31.72
N VAL E 181 46.96 0.35 30.61
CA VAL E 181 47.61 0.21 29.30
C VAL E 181 48.95 0.94 29.30
N VAL E 182 49.00 2.11 29.93
CA VAL E 182 50.27 2.84 30.02
C VAL E 182 51.29 2.02 30.80
N ALA E 183 50.88 1.42 31.92
CA ALA E 183 51.81 0.62 32.71
C ALA E 183 52.27 -0.61 31.93
N PHE E 184 51.39 -1.19 31.12
CA PHE E 184 51.80 -2.23 30.18
C PHE E 184 52.96 -1.75 29.32
N LEU E 185 52.72 -0.71 28.53
CA LEU E 185 53.70 -0.30 27.53
C LEU E 185 54.92 0.37 28.16
N ALA E 186 54.75 0.97 29.35
CA ALA E 186 55.92 1.55 30.02
C ALA E 186 56.91 0.45 30.42
N CYS E 187 56.39 -0.69 30.87
CA CYS E 187 57.26 -1.81 31.17
C CYS E 187 57.90 -2.36 29.89
N ALA E 188 57.13 -2.44 28.81
CA ALA E 188 57.66 -2.98 27.56
C ALA E 188 58.64 -2.02 26.90
N ARG E 189 58.49 -0.72 27.14
CA ARG E 189 59.36 0.26 26.48
C ARG E 189 60.78 0.21 27.00
N ILE E 190 60.96 -0.09 28.29
CA ILE E 190 62.30 -0.18 28.87
C ILE E 190 62.80 -1.61 28.97
N GLY E 191 62.03 -2.58 28.49
CA GLY E 191 62.44 -3.96 28.53
C GLY E 191 62.12 -4.70 29.81
N ALA E 192 61.24 -4.16 30.65
CA ALA E 192 60.86 -4.84 31.87
C ALA E 192 59.78 -5.88 31.58
N ILE E 193 59.61 -6.80 32.53
CA ILE E 193 58.64 -7.88 32.44
C ILE E 193 57.49 -7.54 33.39
N HIS E 194 56.32 -7.25 32.83
CA HIS E 194 55.19 -6.87 33.68
C HIS E 194 54.36 -8.10 34.01
N SER E 195 54.11 -8.29 35.30
CA SER E 195 53.33 -9.41 35.82
C SER E 195 52.02 -8.84 36.37
N VAL E 196 51.01 -8.77 35.51
CA VAL E 196 49.75 -8.12 35.88
C VAL E 196 48.96 -9.02 36.80
N VAL E 197 48.53 -8.48 37.93
CA VAL E 197 47.71 -9.18 38.90
C VAL E 197 46.30 -8.61 38.83
N PHE E 198 45.32 -9.48 38.66
CA PHE E 198 43.93 -9.06 38.57
C PHE E 198 43.52 -8.34 39.85
N ALA E 199 42.90 -7.17 39.69
CA ALA E 199 42.37 -6.45 40.84
C ALA E 199 41.25 -7.25 41.49
N GLY E 200 41.22 -7.23 42.83
CA GLY E 200 40.30 -8.06 43.58
C GLY E 200 40.91 -9.32 44.15
N PHE E 201 42.13 -9.66 43.77
CA PHE E 201 42.86 -10.72 44.43
C PHE E 201 43.19 -10.32 45.86
N SER E 202 43.18 -11.30 46.76
CA SER E 202 43.47 -11.03 48.16
C SER E 202 44.94 -10.63 48.32
N SER E 203 45.27 -10.15 49.52
CA SER E 203 46.65 -9.77 49.81
C SER E 203 47.58 -10.97 49.66
N ASP E 204 47.13 -12.15 50.10
CA ASP E 204 47.95 -13.35 49.98
C ASP E 204 48.16 -13.74 48.52
N SER E 205 47.13 -13.56 47.69
CA SER E 205 47.27 -13.90 46.28
C SER E 205 48.24 -12.98 45.57
N LEU E 206 48.14 -11.66 45.84
CA LEU E 206 49.07 -10.72 45.26
C LEU E 206 50.48 -10.90 45.80
N ARG E 207 50.60 -11.18 47.10
CA ARG E 207 51.90 -11.40 47.70
C ARG E 207 52.64 -12.55 47.03
N ASP E 208 51.93 -13.64 46.73
CA ASP E 208 52.57 -14.78 46.10
C ASP E 208 53.03 -14.46 44.68
N ARG E 209 52.24 -13.67 43.94
CA ARG E 209 52.63 -13.31 42.58
C ARG E 209 53.80 -12.33 42.56
N VAL E 210 54.04 -11.61 43.65
CA VAL E 210 55.19 -10.73 43.71
C VAL E 210 56.46 -11.51 44.05
N LEU E 211 56.37 -12.43 45.01
CA LEU E 211 57.55 -13.14 45.46
C LEU E 211 58.05 -14.12 44.42
N ASP E 212 57.14 -14.80 43.72
CA ASP E 212 57.58 -15.78 42.72
C ASP E 212 58.24 -15.09 41.54
N ALA E 213 57.74 -13.93 41.13
CA ALA E 213 58.34 -13.19 40.02
C ALA E 213 59.51 -12.32 40.46
N GLY E 214 59.74 -12.17 41.76
CA GLY E 214 60.82 -11.33 42.24
C GLY E 214 60.64 -9.86 41.93
N SER E 215 59.41 -9.39 41.85
CA SER E 215 59.16 -7.99 41.51
C SER E 215 59.53 -7.08 42.68
N LYS E 216 60.23 -5.99 42.38
CA LYS E 216 60.62 -5.00 43.37
C LYS E 216 59.86 -3.70 43.24
N VAL E 217 59.05 -3.53 42.20
CA VAL E 217 58.23 -2.35 42.00
C VAL E 217 56.81 -2.81 41.69
N VAL E 218 55.81 -2.08 42.19
CA VAL E 218 54.41 -2.43 41.98
C VAL E 218 53.63 -1.16 41.65
N ILE E 219 52.79 -1.22 40.64
CA ILE E 219 51.94 -0.11 40.21
C ILE E 219 50.50 -0.45 40.58
N THR E 220 49.82 0.51 41.21
CA THR E 220 48.45 0.28 41.67
C THR E 220 47.76 1.64 41.82
N THR E 221 46.49 1.59 42.24
CA THR E 221 45.71 2.78 42.50
C THR E 221 45.46 2.92 44.01
N ASP E 222 45.07 4.13 44.41
CA ASP E 222 44.67 4.33 45.80
C ASP E 222 43.38 3.61 46.10
N GLU E 223 42.45 3.57 45.13
CA GLU E 223 41.18 2.88 45.31
C GLU E 223 40.60 2.59 43.93
N GLY E 224 39.81 1.52 43.86
CA GLY E 224 39.13 1.13 42.64
C GLY E 224 37.66 1.44 42.72
N LYS E 225 37.04 1.65 41.55
CA LYS E 225 35.61 1.98 41.45
C LYS E 225 35.04 1.14 40.32
N ARG E 226 34.33 0.06 40.66
CA ARG E 226 33.68 -0.80 39.67
C ARG E 226 32.22 -0.99 40.06
N GLY E 227 31.31 -0.64 39.16
CA GLY E 227 29.90 -0.78 39.42
C GLY E 227 29.41 -0.04 40.63
N GLY E 228 29.99 1.13 40.93
CA GLY E 228 29.65 1.88 42.12
C GLY E 228 30.31 1.41 43.39
N LYS E 229 30.85 0.20 43.41
CA LYS E 229 31.53 -0.32 44.58
C LYS E 229 32.97 0.17 44.63
N VAL E 230 33.55 0.15 45.84
CA VAL E 230 34.88 0.68 46.09
C VAL E 230 35.82 -0.49 46.40
N ILE E 231 36.94 -0.54 45.69
CA ILE E 231 37.98 -1.54 45.92
C ILE E 231 39.15 -0.85 46.60
N GLY E 232 39.55 -1.36 47.75
CA GLY E 232 40.69 -0.81 48.47
C GLY E 232 42.02 -1.34 47.96
N THR E 233 42.41 -0.95 46.74
CA THR E 233 43.61 -1.52 46.13
C THR E 233 44.85 -1.22 46.94
N LYS E 234 45.01 0.03 47.39
CA LYS E 234 46.19 0.39 48.17
C LYS E 234 46.27 -0.39 49.47
N ARG E 235 45.16 -0.46 50.20
CA ARG E 235 45.15 -1.19 51.46
C ARG E 235 45.45 -2.68 51.25
N ILE E 236 45.06 -3.22 50.10
CA ILE E 236 45.42 -4.60 49.78
C ILE E 236 46.92 -4.73 49.55
N VAL E 237 47.51 -3.76 48.83
CA VAL E 237 48.95 -3.80 48.56
C VAL E 237 49.74 -3.69 49.85
N ASP E 238 49.36 -2.76 50.71
CA ASP E 238 50.08 -2.56 51.97
C ASP E 238 50.09 -3.84 52.80
N GLU E 239 48.94 -4.50 52.92
CA GLU E 239 48.89 -5.75 53.67
C GLU E 239 49.70 -6.85 52.99
N ALA E 240 49.73 -6.85 51.65
CA ALA E 240 50.54 -7.83 50.94
C ALA E 240 52.03 -7.54 51.05
N LEU E 241 52.41 -6.26 51.01
CA LEU E 241 53.82 -5.90 51.07
C LEU E 241 54.44 -6.13 52.44
N LYS E 242 53.63 -6.45 53.46
CA LYS E 242 54.19 -6.75 54.78
C LYS E 242 55.10 -7.97 54.73
N GLN E 243 54.83 -8.91 53.82
CA GLN E 243 55.67 -10.09 53.63
C GLN E 243 56.50 -10.01 52.36
N CYS E 244 56.56 -8.84 51.72
CA CYS E 244 57.40 -8.62 50.53
C CYS E 244 58.43 -7.54 50.86
N PRO E 245 59.58 -7.91 51.40
CA PRO E 245 60.55 -6.89 51.84
C PRO E 245 61.33 -6.27 50.70
N ASP E 246 61.52 -7.02 49.61
CA ASP E 246 62.32 -6.55 48.49
C ASP E 246 61.61 -5.51 47.63
N VAL E 247 60.31 -5.29 47.83
CA VAL E 247 59.60 -4.25 47.09
C VAL E 247 60.01 -2.89 47.65
N THR E 248 60.58 -2.05 46.78
CA THR E 248 61.10 -0.76 47.20
C THR E 248 60.36 0.43 46.58
N SER E 249 59.46 0.19 45.64
CA SER E 249 58.77 1.28 44.96
C SER E 249 57.32 0.88 44.69
N VAL E 250 56.39 1.77 45.03
CA VAL E 250 54.98 1.58 44.77
C VAL E 250 54.47 2.81 44.06
N LEU E 251 54.09 2.67 42.79
CA LEU E 251 53.57 3.77 41.99
C LEU E 251 52.05 3.78 42.13
N VAL E 252 51.52 4.79 42.80
CA VAL E 252 50.10 4.89 43.13
C VAL E 252 49.46 5.93 42.23
N TYR E 253 48.36 5.57 41.57
CA TYR E 253 47.60 6.49 40.75
C TYR E 253 46.36 6.96 41.51
N LYS E 254 46.18 8.27 41.60
CA LYS E 254 45.06 8.84 42.34
C LYS E 254 43.81 8.68 41.50
N ARG E 255 43.01 7.66 41.84
CA ARG E 255 41.77 7.37 41.12
C ARG E 255 40.56 7.99 41.80
N THR E 256 40.43 7.82 43.11
CA THR E 256 39.32 8.40 43.85
C THR E 256 39.72 9.63 44.67
N GLY E 257 40.95 9.68 45.15
CA GLY E 257 41.39 10.77 46.00
C GLY E 257 41.12 10.58 47.48
N ALA E 258 40.58 9.42 47.89
CA ALA E 258 40.30 9.17 49.29
C ALA E 258 41.58 8.99 50.08
N GLU E 259 41.48 9.24 51.39
CA GLU E 259 42.64 9.10 52.27
C GLU E 259 43.05 7.64 52.35
N VAL E 260 44.29 7.35 51.98
CA VAL E 260 44.82 5.98 51.97
C VAL E 260 46.11 5.95 52.79
N PRO E 261 46.43 4.82 53.42
CA PRO E 261 47.70 4.71 54.15
C PRO E 261 48.89 4.88 53.21
N TRP E 262 49.86 5.68 53.66
CA TRP E 262 51.00 6.04 52.82
C TRP E 262 52.29 5.75 53.57
N THR E 263 53.08 4.82 53.05
CA THR E 263 54.42 4.56 53.54
C THR E 263 55.40 5.42 52.74
N ASN E 264 56.00 6.40 53.40
CA ASN E 264 56.80 7.39 52.68
C ASN E 264 58.16 6.82 52.30
N GLY E 265 58.71 7.32 51.20
CA GLY E 265 59.93 6.82 50.62
C GLY E 265 59.72 5.66 49.67
N ARG E 266 58.75 4.79 49.97
CA ARG E 266 58.41 3.65 49.14
C ARG E 266 57.26 3.93 48.18
N ASP E 267 56.26 4.66 48.62
CA ASP E 267 55.11 5.00 47.78
C ASP E 267 55.32 6.36 47.12
N ILE E 268 54.96 6.44 45.84
CA ILE E 268 55.06 7.68 45.08
C ILE E 268 53.79 7.88 44.27
N TRP E 269 53.35 9.13 44.18
CA TRP E 269 52.14 9.44 43.44
C TRP E 269 52.42 9.50 41.94
N TRP E 270 51.49 8.95 41.16
CA TRP E 270 51.62 8.95 39.71
C TRP E 270 51.72 10.37 39.16
N HIS E 271 50.75 11.22 39.51
CA HIS E 271 50.70 12.57 38.95
C HIS E 271 51.88 13.41 39.39
N GLU E 272 52.42 13.16 40.59
CA GLU E 272 53.57 13.90 41.07
C GLU E 272 54.83 13.55 40.30
N GLU E 273 55.13 12.25 40.19
CA GLU E 273 56.37 11.82 39.54
C GLU E 273 56.31 11.94 38.03
N VAL E 274 55.12 11.82 37.44
CA VAL E 274 54.99 11.80 35.99
C VAL E 274 55.42 13.14 35.38
N GLU E 275 55.11 14.25 36.06
CA GLU E 275 55.40 15.57 35.52
C GLU E 275 56.88 15.95 35.63
N LYS E 276 57.70 15.14 36.31
CA LYS E 276 59.11 15.49 36.48
C LYS E 276 59.94 15.22 35.25
N TYR E 277 59.54 14.28 34.41
CA TYR E 277 60.40 13.68 33.41
C TYR E 277 59.91 13.96 31.99
N PRO E 278 60.80 13.86 30.99
CA PRO E 278 60.42 14.24 29.63
C PRO E 278 59.25 13.43 29.08
N CYS E 279 58.67 13.95 28.00
CA CYS E 279 57.55 13.32 27.31
C CYS E 279 57.98 12.35 26.24
N TYR E 280 59.28 12.09 26.11
CA TYR E 280 59.78 11.08 25.19
C TYR E 280 60.98 10.37 25.81
N VAL E 281 61.03 9.05 25.63
CA VAL E 281 62.17 8.24 26.01
C VAL E 281 62.45 7.27 24.86
N ALA E 282 63.71 6.97 24.66
CA ALA E 282 64.09 6.06 23.58
C ALA E 282 63.67 4.64 23.92
N PRO E 283 63.05 3.91 23.00
CA PRO E 283 62.60 2.54 23.30
C PRO E 283 63.76 1.55 23.31
N GLU E 284 63.80 0.73 24.36
CA GLU E 284 64.85 -0.28 24.47
C GLU E 284 64.72 -1.34 23.38
N SER E 285 65.83 -1.63 22.72
CA SER E 285 65.85 -2.68 21.71
C SER E 285 65.86 -4.04 22.40
N MET E 286 64.83 -4.85 22.13
CA MET E 286 64.67 -6.16 22.75
C MET E 286 64.82 -7.26 21.70
N SER E 287 65.30 -8.41 22.14
CA SER E 287 65.37 -9.57 21.27
C SER E 287 63.98 -10.18 21.09
N SER E 288 63.81 -10.90 19.98
CA SER E 288 62.54 -11.57 19.72
C SER E 288 62.14 -12.47 20.87
N GLU E 289 63.10 -13.22 21.41
CA GLU E 289 62.84 -14.16 22.50
C GLU E 289 63.16 -13.55 23.86
N ASP E 290 63.20 -12.23 23.96
CA ASP E 290 63.25 -11.60 25.27
C ASP E 290 61.89 -11.70 25.94
N PRO E 291 61.84 -12.07 27.22
CA PRO E 291 60.54 -12.18 27.91
C PRO E 291 59.80 -10.85 27.93
N LEU E 292 58.54 -10.89 27.50
CA LEU E 292 57.71 -9.69 27.43
C LEU E 292 56.90 -9.48 28.70
N PHE E 293 56.23 -10.51 29.19
CA PHE E 293 55.41 -10.36 30.39
C PHE E 293 55.22 -11.71 31.06
N LEU E 294 54.78 -11.64 32.32
CA LEU E 294 54.39 -12.81 33.09
C LEU E 294 52.90 -12.69 33.41
N LEU E 295 52.20 -13.81 33.34
CA LEU E 295 50.78 -13.85 33.68
C LEU E 295 50.53 -15.09 34.54
N TYR E 296 50.31 -14.89 35.83
CA TYR E 296 50.15 -16.00 36.74
C TYR E 296 48.77 -16.63 36.59
N THR E 297 48.75 -17.93 36.38
CA THR E 297 47.55 -18.69 36.06
C THR E 297 47.41 -19.82 37.06
N SER E 298 46.19 -20.02 37.55
CA SER E 298 45.91 -21.14 38.45
C SER E 298 45.91 -22.45 37.67
N GLY E 299 46.73 -23.40 38.11
CA GLY E 299 46.83 -24.69 37.48
C GLY E 299 46.36 -25.81 38.40
N SER E 300 46.38 -27.03 37.85
CA SER E 300 45.88 -28.18 38.60
C SER E 300 46.66 -28.40 39.90
N THR E 301 47.96 -28.11 39.90
CA THR E 301 48.74 -28.18 41.12
C THR E 301 48.44 -26.98 42.01
N GLY E 302 48.88 -27.06 43.26
CA GLY E 302 48.49 -26.05 44.24
C GLY E 302 49.05 -24.67 43.94
N LYS E 303 50.29 -24.60 43.48
CA LYS E 303 50.92 -23.30 43.35
C LYS E 303 50.52 -22.63 42.03
N PRO E 304 50.31 -21.32 42.04
CA PRO E 304 50.00 -20.60 40.80
C PRO E 304 51.23 -20.52 39.89
N LYS E 305 51.01 -20.74 38.60
CA LYS E 305 52.08 -20.80 37.61
C LYS E 305 52.22 -19.48 36.87
N GLY E 306 53.46 -19.03 36.72
CA GLY E 306 53.73 -17.81 35.98
C GLY E 306 54.05 -18.09 34.52
N VAL E 307 53.04 -18.07 33.66
CA VAL E 307 53.25 -18.31 32.23
C VAL E 307 53.98 -17.11 31.63
N MET E 308 55.00 -17.39 30.82
CA MET E 308 55.82 -16.36 30.22
C MET E 308 55.66 -16.36 28.70
N HIS E 309 55.53 -15.17 28.14
CA HIS E 309 55.50 -14.98 26.69
C HIS E 309 56.63 -14.03 26.29
N THR E 310 57.24 -14.29 25.14
CA THR E 310 58.31 -13.45 24.63
C THR E 310 57.70 -12.32 23.79
N THR E 311 58.53 -11.65 22.98
CA THR E 311 58.09 -10.42 22.30
C THR E 311 57.54 -10.71 20.90
N ALA E 312 58.41 -11.15 19.98
CA ALA E 312 58.02 -11.23 18.58
C ALA E 312 56.89 -12.23 18.36
N GLY E 313 57.01 -13.43 18.94
CA GLY E 313 55.99 -14.45 18.74
C GLY E 313 54.62 -14.01 19.24
N TYR E 314 54.55 -13.56 20.49
CA TYR E 314 53.27 -13.16 21.06
C TYR E 314 52.67 -11.98 20.33
N LEU E 315 53.48 -10.98 20.00
CA LEU E 315 52.96 -9.80 19.31
C LEU E 315 52.43 -10.16 17.94
N LEU E 316 53.11 -11.06 17.22
CA LEU E 316 52.62 -11.48 15.92
C LEU E 316 51.32 -12.25 16.05
N GLY E 317 51.19 -13.09 17.08
CA GLY E 317 49.94 -13.79 17.31
C GLY E 317 48.79 -12.84 17.58
N ALA E 318 49.05 -11.78 18.35
CA ALA E 318 48.01 -10.80 18.63
C ALA E 318 47.62 -10.03 17.37
N ALA E 319 48.60 -9.64 16.56
CA ALA E 319 48.28 -8.92 15.34
C ALA E 319 47.57 -9.81 14.33
N MET E 320 48.00 -11.07 14.22
CA MET E 320 47.43 -11.98 13.24
C MET E 320 45.96 -12.27 13.53
N THR E 321 45.65 -12.59 14.79
CA THR E 321 44.27 -12.91 15.14
C THR E 321 43.39 -11.67 15.05
N GLY E 322 43.90 -10.50 15.47
CA GLY E 322 43.13 -9.28 15.33
C GLY E 322 42.80 -8.96 13.89
N LYS E 323 43.75 -9.18 12.99
CA LYS E 323 43.52 -8.86 11.58
C LYS E 323 42.55 -9.83 10.94
N TYR E 324 42.67 -11.13 11.24
CA TYR E 324 41.98 -12.17 10.49
C TYR E 324 40.80 -12.78 11.21
N VAL E 325 40.78 -12.80 12.55
CA VAL E 325 39.61 -13.28 13.26
C VAL E 325 38.59 -12.17 13.45
N PHE E 326 39.02 -11.01 13.94
CA PHE E 326 38.14 -9.88 14.20
C PHE E 326 38.00 -8.93 13.02
N ASP E 327 38.72 -9.17 11.92
CA ASP E 327 38.65 -8.34 10.72
C ASP E 327 38.92 -6.87 11.05
N ILE E 328 39.94 -6.63 11.86
CA ILE E 328 40.26 -5.27 12.30
C ILE E 328 40.94 -4.52 11.16
N HIS E 329 40.45 -3.31 10.89
CA HIS E 329 41.04 -2.39 9.92
C HIS E 329 41.54 -1.15 10.66
N ASP E 330 42.01 -0.15 9.90
CA ASP E 330 42.64 1.01 10.50
C ASP E 330 41.64 1.86 11.29
N ASP E 331 40.46 2.11 10.72
CA ASP E 331 39.50 3.03 11.32
C ASP E 331 38.53 2.35 12.29
N ASP E 332 38.72 1.07 12.59
CA ASP E 332 37.77 0.36 13.44
C ASP E 332 37.89 0.79 14.90
N ARG E 333 36.84 0.49 15.66
CA ARG E 333 36.77 0.74 17.09
C ARG E 333 36.53 -0.59 17.79
N PHE E 334 37.48 -1.01 18.61
CA PHE E 334 37.48 -2.35 19.20
C PHE E 334 37.11 -2.27 20.68
N PHE E 335 36.20 -3.15 21.11
CA PHE E 335 35.71 -3.19 22.48
C PHE E 335 35.80 -4.63 22.97
N CYS E 336 36.61 -4.86 23.99
CA CYS E 336 36.75 -6.16 24.63
C CYS E 336 36.30 -6.04 26.08
N GLY E 337 35.32 -6.87 26.46
CA GLY E 337 34.79 -6.84 27.82
C GLY E 337 35.74 -7.39 28.87
N GLY E 338 36.79 -8.09 28.47
CA GLY E 338 37.68 -8.70 29.43
C GLY E 338 38.47 -7.70 30.25
N ASP E 339 38.94 -8.16 31.40
CA ASP E 339 39.79 -7.39 32.29
C ASP E 339 41.25 -7.56 31.88
N VAL E 340 42.07 -6.57 32.25
CA VAL E 340 43.50 -6.66 31.95
C VAL E 340 44.17 -7.76 32.76
N GLY E 341 43.57 -8.17 33.88
CA GLY E 341 44.15 -9.20 34.73
C GLY E 341 44.22 -10.56 34.07
N TRP E 342 43.46 -10.80 33.02
CA TRP E 342 43.44 -12.08 32.33
CA TRP E 342 43.44 -12.08 32.33
C TRP E 342 44.08 -11.95 30.96
N ILE E 343 44.36 -13.11 30.36
CA ILE E 343 44.97 -13.15 29.03
C ILE E 343 44.07 -12.50 27.98
N THR E 344 42.76 -12.46 28.23
CA THR E 344 41.85 -11.81 27.30
C THR E 344 42.18 -10.32 27.19
N GLY E 345 42.37 -9.65 28.32
CA GLY E 345 42.74 -8.25 28.29
C GLY E 345 44.16 -8.03 27.80
N HIS E 346 45.07 -8.94 28.14
CA HIS E 346 46.45 -8.85 27.66
C HIS E 346 46.47 -8.79 26.14
N THR E 347 45.84 -9.77 25.49
CA THR E 347 45.99 -9.90 24.04
C THR E 347 45.05 -8.97 23.27
N TYR E 348 43.81 -8.83 23.72
CA TYR E 348 42.80 -8.18 22.90
C TYR E 348 42.25 -6.88 23.45
N VAL E 349 42.61 -6.48 24.67
CA VAL E 349 42.36 -5.10 25.09
C VAL E 349 43.55 -4.21 24.76
N VAL E 350 44.76 -4.72 24.97
CA VAL E 350 45.98 -3.93 24.84
C VAL E 350 46.64 -4.16 23.48
N TYR E 351 47.29 -5.32 23.31
CA TYR E 351 48.29 -5.45 22.27
C TYR E 351 47.67 -5.51 20.87
N ALA E 352 46.74 -6.44 20.64
CA ALA E 352 46.17 -6.61 19.31
C ALA E 352 45.60 -5.33 18.70
N PRO E 353 44.74 -4.57 19.39
CA PRO E 353 44.23 -3.35 18.76
C PRO E 353 45.29 -2.28 18.57
N LEU E 354 46.17 -2.09 19.55
CA LEU E 354 47.19 -1.05 19.43
C LEU E 354 48.26 -1.45 18.41
N LEU E 355 48.61 -2.73 18.35
CA LEU E 355 49.54 -3.20 17.32
C LEU E 355 49.03 -2.89 15.93
N LEU E 356 47.72 -3.06 15.70
CA LEU E 356 47.12 -2.80 14.40
C LEU E 356 46.77 -1.33 14.19
N GLY E 357 46.89 -0.50 15.22
CA GLY E 357 46.73 0.93 15.05
C GLY E 357 45.32 1.46 15.08
N CYS E 358 44.38 0.74 15.69
CA CYS E 358 43.00 1.20 15.76
C CYS E 358 42.69 1.71 17.18
N SER E 359 41.42 1.83 17.51
CA SER E 359 40.97 2.28 18.82
C SER E 359 40.59 1.08 19.68
N THR E 360 41.01 1.11 20.94
CA THR E 360 40.61 0.10 21.92
C THR E 360 39.80 0.78 23.02
N VAL E 361 38.75 0.11 23.46
CA VAL E 361 37.87 0.61 24.51
C VAL E 361 38.30 0.03 25.84
N VAL E 362 38.53 0.90 26.82
CA VAL E 362 38.88 0.49 28.17
C VAL E 362 37.64 0.72 29.02
N PHE E 363 36.95 -0.38 29.36
CA PHE E 363 35.68 -0.33 30.07
C PHE E 363 35.92 -0.64 31.54
N GLU E 364 35.58 0.32 32.40
CA GLU E 364 35.83 0.20 33.83
C GLU E 364 34.64 -0.36 34.61
N SER E 365 33.43 -0.22 34.09
CA SER E 365 32.23 -0.60 34.84
C SER E 365 31.83 -2.04 34.51
N THR E 366 30.72 -2.47 35.10
CA THR E 366 30.13 -3.78 34.91
C THR E 366 29.07 -3.71 33.80
N PRO E 367 28.68 -4.86 33.23
CA PRO E 367 27.66 -4.83 32.18
C PRO E 367 26.30 -4.34 32.65
N ALA E 368 26.10 -4.20 33.96
CA ALA E 368 24.80 -3.86 34.54
C ALA E 368 24.90 -2.63 35.42
N TYR E 369 25.72 -1.66 35.03
CA TYR E 369 25.84 -0.43 35.79
C TYR E 369 25.95 0.73 34.80
N PRO E 370 25.12 1.77 34.92
CA PRO E 370 24.04 1.88 35.91
C PRO E 370 22.85 0.96 35.63
N ASN E 371 22.63 0.62 34.36
CA ASN E 371 21.59 -0.31 33.96
C ASN E 371 22.19 -1.43 33.12
N PHE E 372 21.35 -2.41 32.74
CA PHE E 372 21.81 -3.56 31.99
C PHE E 372 22.16 -3.23 30.54
N SER E 373 21.81 -2.04 30.06
CA SER E 373 22.11 -1.65 28.69
C SER E 373 23.43 -0.91 28.55
N ARG E 374 24.28 -0.94 29.58
CA ARG E 374 25.54 -0.20 29.54
C ARG E 374 26.42 -0.67 28.38
N TYR E 375 26.58 -1.99 28.23
CA TYR E 375 27.35 -2.54 27.12
C TYR E 375 26.93 -1.90 25.80
N TRP E 376 25.63 -1.82 25.55
CA TRP E 376 25.13 -1.29 24.29
C TRP E 376 25.18 0.23 24.26
N ASP E 377 25.15 0.89 25.42
CA ASP E 377 25.41 2.33 25.47
C ASP E 377 26.81 2.63 24.97
N VAL E 378 27.80 1.87 25.43
CA VAL E 378 29.18 2.09 25.03
C VAL E 378 29.37 1.81 23.55
N ILE E 379 28.70 0.78 23.02
CA ILE E 379 28.85 0.44 21.62
C ILE E 379 28.20 1.49 20.73
N GLU E 380 26.98 1.91 21.07
CA GLU E 380 26.31 2.92 20.26
C GLU E 380 27.03 4.26 20.32
N LYS E 381 27.45 4.68 21.53
CA LYS E 381 28.06 6.00 21.68
C LYS E 381 29.35 6.10 20.88
N HIS E 382 30.24 5.13 21.03
CA HIS E 382 31.57 5.18 20.41
C HIS E 382 31.62 4.48 19.06
N LYS E 383 30.48 4.14 18.48
CA LYS E 383 30.41 3.52 17.15
C LYS E 383 31.33 2.32 17.05
N VAL E 384 31.19 1.41 18.02
CA VAL E 384 32.08 0.25 18.09
C VAL E 384 31.79 -0.70 16.95
N THR E 385 32.85 -1.25 16.36
CA THR E 385 32.74 -2.17 15.25
C THR E 385 32.96 -3.63 15.63
N GLN E 386 33.58 -3.89 16.79
CA GLN E 386 33.83 -5.25 17.26
C GLN E 386 33.65 -5.30 18.76
N PHE E 387 32.80 -6.21 19.23
CA PHE E 387 32.55 -6.40 20.65
C PHE E 387 33.00 -7.80 21.04
N TYR E 388 33.72 -7.90 22.15
CA TYR E 388 34.29 -9.15 22.61
C TYR E 388 33.86 -9.36 24.06
N VAL E 389 33.11 -10.44 24.30
CA VAL E 389 32.49 -10.68 25.60
C VAL E 389 32.49 -12.18 25.89
N ALA E 390 32.36 -12.52 27.19
CA ALA E 390 32.24 -13.89 27.67
C ALA E 390 30.77 -14.30 27.73
N PRO E 391 30.48 -15.59 27.58
CA PRO E 391 29.07 -16.02 27.64
C PRO E 391 28.40 -15.73 28.98
N THR E 392 29.17 -15.70 30.07
CA THR E 392 28.56 -15.49 31.38
C THR E 392 27.87 -14.14 31.47
N ALA E 393 28.46 -13.11 30.87
CA ALA E 393 27.82 -11.80 30.84
C ALA E 393 26.63 -11.76 29.89
N LEU E 394 26.65 -12.59 28.84
CA LEU E 394 25.52 -12.64 27.92
C LEU E 394 24.28 -13.24 28.59
N ARG E 395 24.45 -14.35 29.31
CA ARG E 395 23.32 -14.96 29.98
C ARG E 395 22.70 -14.03 31.02
N LEU E 396 23.52 -13.21 31.68
CA LEU E 396 23.00 -12.26 32.65
C LEU E 396 22.13 -11.20 31.97
N LEU E 397 22.59 -10.66 30.84
CA LEU E 397 21.80 -9.67 30.13
C LEU E 397 20.59 -10.32 29.46
N LYS E 398 20.72 -11.58 29.02
CA LYS E 398 19.59 -12.29 28.44
C LYS E 398 18.51 -12.52 29.48
N ARG E 399 18.89 -12.88 30.71
CA ARG E 399 17.92 -13.05 31.78
C ARG E 399 17.34 -11.71 32.21
N ALA E 400 18.10 -10.62 32.03
CA ALA E 400 17.66 -9.30 32.47
C ALA E 400 16.50 -8.75 31.66
N GLY E 401 16.31 -9.21 30.42
CA GLY E 401 15.23 -8.75 29.58
C GLY E 401 15.71 -8.12 28.29
N ASP E 402 14.88 -8.18 27.24
CA ASP E 402 15.23 -7.64 25.95
C ASP E 402 14.90 -6.15 25.81
N GLU E 403 14.26 -5.56 26.82
CA GLU E 403 13.93 -4.15 26.80
C GLU E 403 15.17 -3.27 26.76
N HIS E 404 16.30 -3.76 27.25
CA HIS E 404 17.52 -2.96 27.32
C HIS E 404 18.18 -2.79 25.96
N ILE E 405 17.91 -3.67 25.01
CA ILE E 405 18.55 -3.59 23.68
C ILE E 405 17.59 -2.80 22.79
N HIS E 406 17.67 -1.47 22.91
CA HIS E 406 16.96 -0.55 22.04
C HIS E 406 17.92 0.33 21.26
N HIS E 407 19.19 -0.06 21.17
CA HIS E 407 20.22 0.71 20.50
C HIS E 407 20.39 0.25 19.06
N LYS E 408 20.80 1.19 18.21
CA LYS E 408 20.99 0.87 16.79
C LYS E 408 22.28 0.09 16.56
N MET E 409 23.38 0.55 17.15
CA MET E 409 24.70 -0.07 17.00
C MET E 409 25.02 -0.32 15.53
N GLU E 410 25.00 0.77 14.77
CA GLU E 410 25.02 0.70 13.32
C GLU E 410 26.30 0.07 12.79
N HIS E 411 27.39 0.15 13.54
CA HIS E 411 28.69 -0.32 13.06
C HIS E 411 29.12 -1.64 13.66
N LEU E 412 28.28 -2.28 14.48
CA LEU E 412 28.64 -3.56 15.08
C LEU E 412 28.75 -4.63 14.01
N ARG E 413 29.95 -5.15 13.81
CA ARG E 413 30.26 -6.04 12.72
C ARG E 413 30.71 -7.43 13.16
N ILE E 414 31.43 -7.53 14.28
CA ILE E 414 31.95 -8.79 14.79
C ILE E 414 31.60 -8.90 16.26
N LEU E 415 31.02 -10.04 16.65
CA LEU E 415 30.67 -10.33 18.03
C LEU E 415 31.42 -11.60 18.45
N GLY E 416 32.21 -11.49 19.52
CA GLY E 416 33.08 -12.56 19.93
C GLY E 416 32.69 -13.15 21.27
N SER E 417 33.02 -14.42 21.47
CA SER E 417 32.81 -15.13 22.72
C SER E 417 34.12 -15.77 23.16
N VAL E 418 34.36 -15.83 24.46
CA VAL E 418 35.61 -16.37 24.98
C VAL E 418 35.36 -17.06 26.31
N GLY E 419 36.10 -18.14 26.55
CA GLY E 419 36.16 -18.77 27.85
C GLY E 419 35.18 -19.90 28.09
N GLU E 420 34.15 -20.05 27.25
CA GLU E 420 33.10 -21.03 27.48
C GLU E 420 32.41 -21.31 26.16
N PRO E 421 31.92 -22.53 25.94
CA PRO E 421 31.16 -22.82 24.72
C PRO E 421 29.80 -22.13 24.76
N ILE E 422 29.56 -21.26 23.78
CA ILE E 422 28.29 -20.55 23.71
C ILE E 422 27.17 -21.51 23.36
N ALA E 423 26.10 -21.47 24.14
CA ALA E 423 24.97 -22.36 23.92
C ALA E 423 24.17 -21.93 22.70
N ALA E 424 23.44 -22.89 22.13
CA ALA E 424 22.66 -22.60 20.92
C ALA E 424 21.60 -21.53 21.17
N GLU E 425 20.97 -21.55 22.35
CA GLU E 425 19.98 -20.54 22.67
C GLU E 425 20.63 -19.17 22.89
N VAL E 426 21.75 -19.14 23.61
CA VAL E 426 22.47 -17.89 23.83
C VAL E 426 23.03 -17.36 22.52
N TRP E 427 23.50 -18.26 21.65
CA TRP E 427 24.00 -17.86 20.34
C TRP E 427 22.94 -17.09 19.54
N LYS E 428 21.69 -17.58 19.55
CA LYS E 428 20.63 -16.90 18.82
C LYS E 428 20.30 -15.54 19.42
N TRP E 429 20.30 -15.45 20.75
CA TRP E 429 20.05 -14.15 21.38
C TRP E 429 21.17 -13.17 21.07
N TYR E 430 22.42 -13.62 21.19
CA TYR E 430 23.56 -12.81 20.82
C TYR E 430 23.52 -12.42 19.35
N PHE E 431 22.89 -13.24 18.52
CA PHE E 431 22.86 -13.05 17.06
C PHE E 431 21.68 -12.20 16.62
N GLU E 432 20.50 -12.39 17.24
CA GLU E 432 19.30 -11.68 16.84
C GLU E 432 19.19 -10.31 17.51
N LYS E 433 19.30 -10.27 18.84
CA LYS E 433 19.05 -9.05 19.57
C LYS E 433 20.19 -8.04 19.43
N VAL E 434 21.43 -8.50 19.61
CA VAL E 434 22.56 -7.59 19.53
C VAL E 434 22.97 -7.36 18.09
N GLY E 435 23.24 -8.43 17.36
CA GLY E 435 23.73 -8.34 15.99
C GLY E 435 22.70 -7.98 14.95
N LYS E 436 21.42 -8.07 15.29
CA LYS E 436 20.33 -7.82 14.35
C LYS E 436 20.42 -8.72 13.12
N GLU E 437 20.97 -9.92 13.30
CA GLU E 437 21.15 -10.89 12.23
C GLU E 437 22.00 -10.36 11.08
N GLU E 438 22.84 -9.37 11.35
CA GLU E 438 23.67 -8.76 10.32
C GLU E 438 25.16 -8.81 10.63
N ALA E 439 25.54 -9.33 11.79
CA ALA E 439 26.93 -9.39 12.20
C ALA E 439 27.36 -10.84 12.38
N HIS E 440 28.67 -11.04 12.43
CA HIS E 440 29.28 -12.36 12.47
C HIS E 440 29.73 -12.70 13.88
N ILE E 441 29.30 -13.85 14.38
CA ILE E 441 29.64 -14.32 15.72
C ILE E 441 30.83 -15.26 15.61
N CYS E 442 31.88 -14.98 16.37
CA CYS E 442 33.11 -15.77 16.32
C CYS E 442 33.35 -16.37 17.70
N ASP E 443 33.14 -17.67 17.82
CA ASP E 443 33.44 -18.41 19.04
C ASP E 443 34.93 -18.76 19.01
N THR E 444 35.73 -18.04 19.79
CA THR E 444 37.18 -18.19 19.76
C THR E 444 37.62 -19.07 20.93
N TYR E 445 38.30 -20.17 20.62
CA TYR E 445 38.88 -21.04 21.64
C TYR E 445 40.38 -20.82 21.71
N TRP E 446 40.88 -20.56 22.91
CA TRP E 446 42.31 -20.41 23.16
C TRP E 446 42.52 -20.45 24.67
N GLN E 447 43.77 -20.33 25.09
CA GLN E 447 44.12 -20.34 26.51
C GLN E 447 45.25 -19.35 26.73
N THR E 448 45.56 -19.11 28.01
CA THR E 448 46.70 -18.27 28.36
C THR E 448 47.98 -18.78 27.71
N GLU E 449 48.20 -20.10 27.73
CA GLU E 449 49.42 -20.66 27.19
C GLU E 449 49.49 -20.63 25.67
N THR E 450 48.39 -20.34 24.99
CA THR E 450 48.42 -20.14 23.54
C THR E 450 48.69 -18.69 23.15
N GLY E 451 48.38 -17.74 24.04
CA GLY E 451 48.65 -16.33 23.79
C GLY E 451 47.71 -15.66 22.82
N SER E 452 47.02 -16.40 21.97
CA SER E 452 46.11 -15.83 20.99
C SER E 452 45.18 -16.94 20.51
N HIS E 453 44.22 -16.57 19.66
CA HIS E 453 43.25 -17.54 19.14
C HIS E 453 43.97 -18.66 18.40
N VAL E 454 43.54 -19.89 18.66
CA VAL E 454 44.11 -21.06 17.98
C VAL E 454 43.04 -21.78 17.17
N ILE E 455 41.81 -21.78 17.67
CA ILE E 455 40.68 -22.35 16.96
C ILE E 455 39.54 -21.32 17.03
N SER E 456 39.17 -20.78 15.87
CA SER E 456 38.19 -19.71 15.80
C SER E 456 37.74 -19.48 14.36
N PRO E 457 36.52 -19.01 14.14
CA PRO E 457 36.13 -18.62 12.78
C PRO E 457 36.81 -17.31 12.41
N LEU E 458 36.91 -17.07 11.11
CA LEU E 458 37.50 -15.85 10.59
C LEU E 458 36.39 -14.90 10.18
N GLY E 459 36.43 -13.67 10.70
CA GLY E 459 35.40 -12.68 10.43
C GLY E 459 35.14 -12.47 8.95
N GLY E 460 33.90 -12.66 8.54
CA GLY E 460 33.53 -12.50 7.15
C GLY E 460 33.89 -13.65 6.23
N ILE E 461 34.42 -14.75 6.78
CA ILE E 461 34.84 -15.88 5.95
C ILE E 461 34.19 -17.17 6.43
N THR E 462 34.58 -17.62 7.62
CA THR E 462 34.21 -18.96 8.07
C THR E 462 32.73 -19.06 8.43
N SER E 463 32.12 -20.18 8.08
CA SER E 463 30.77 -20.50 8.53
C SER E 463 30.81 -21.02 9.94
N THR E 464 29.71 -20.83 10.67
CA THR E 464 29.67 -21.12 12.10
C THR E 464 28.60 -22.16 12.41
N LYS E 465 28.71 -22.74 13.61
CA LYS E 465 27.75 -23.67 14.17
C LYS E 465 27.66 -23.29 15.65
N PRO E 466 26.45 -23.10 16.19
CA PRO E 466 26.33 -22.68 17.60
C PRO E 466 26.92 -23.74 18.52
N GLY E 467 27.89 -23.32 19.32
CA GLY E 467 28.62 -24.23 20.18
C GLY E 467 29.90 -24.78 19.62
N SER E 468 30.23 -24.44 18.36
CA SER E 468 31.46 -24.89 17.72
C SER E 468 32.41 -23.72 17.53
N ALA E 469 33.70 -24.02 17.56
CA ALA E 469 34.75 -23.02 17.33
C ALA E 469 35.26 -23.04 15.90
N SER E 470 34.57 -23.73 15.01
CA SER E 470 34.86 -23.81 13.57
C SER E 470 36.26 -24.42 13.37
N LEU E 471 37.06 -23.88 12.47
CA LEU E 471 38.32 -24.45 12.02
C LEU E 471 39.51 -23.84 12.75
N PRO E 472 40.67 -24.48 12.70
CA PRO E 472 41.85 -23.94 13.39
C PRO E 472 42.41 -22.72 12.69
N PHE E 473 43.22 -21.97 13.43
CA PHE E 473 43.86 -20.77 12.93
C PHE E 473 45.14 -21.12 12.17
N PHE E 474 45.75 -20.11 11.56
CA PHE E 474 47.01 -20.30 10.85
C PHE E 474 48.08 -20.84 11.80
N GLY E 475 48.87 -21.78 11.30
CA GLY E 475 49.91 -22.39 12.09
C GLY E 475 49.43 -23.34 13.18
N ILE E 476 48.13 -23.60 13.27
CA ILE E 476 47.56 -24.48 14.28
C ILE E 476 47.10 -25.76 13.58
N GLU E 477 47.86 -26.84 13.78
CA GLU E 477 47.46 -28.14 13.28
C GLU E 477 46.95 -28.98 14.45
N PRO E 478 45.64 -29.12 14.61
CA PRO E 478 45.11 -29.85 15.77
C PRO E 478 45.03 -31.35 15.52
N ALA E 479 45.11 -32.10 16.61
CA ALA E 479 44.98 -33.55 16.58
C ALA E 479 44.04 -34.00 17.69
N ILE E 480 43.17 -34.95 17.36
CA ILE E 480 42.29 -35.59 18.34
C ILE E 480 43.00 -36.85 18.82
N ILE E 481 43.20 -36.96 20.12
CA ILE E 481 44.01 -38.01 20.71
C ILE E 481 43.14 -38.90 21.59
N ASP E 482 43.27 -40.20 21.43
CA ASP E 482 42.63 -41.17 22.31
C ASP E 482 43.27 -41.12 23.69
N PRO E 483 42.53 -40.74 24.74
CA PRO E 483 43.18 -40.58 26.06
C PRO E 483 43.76 -41.87 26.62
N VAL E 484 43.14 -43.02 26.39
CA VAL E 484 43.69 -44.26 26.91
C VAL E 484 44.84 -44.76 26.03
N SER E 485 44.68 -44.71 24.71
CA SER E 485 45.72 -45.21 23.81
C SER E 485 46.89 -44.24 23.70
N GLY E 486 46.65 -42.95 23.86
CA GLY E 486 47.69 -41.97 23.60
C GLY E 486 48.06 -41.80 22.15
N GLU E 487 47.25 -42.33 21.24
CA GLU E 487 47.51 -42.29 19.81
C GLU E 487 46.51 -41.39 19.11
N GLU E 488 46.95 -40.76 18.02
CA GLU E 488 46.11 -39.85 17.27
C GLU E 488 44.98 -40.61 16.56
N ILE E 489 43.80 -40.02 16.55
CA ILE E 489 42.64 -40.55 15.84
C ILE E 489 42.42 -39.69 14.60
N SER E 490 42.56 -40.30 13.43
CA SER E 490 42.43 -39.56 12.18
C SER E 490 40.99 -39.60 11.69
N GLY E 491 40.73 -38.82 10.64
CA GLY E 491 39.41 -38.75 10.05
C GLY E 491 38.47 -37.84 10.83
N ASN E 492 37.28 -37.66 10.27
CA ASN E 492 36.26 -36.84 10.91
C ASN E 492 35.36 -37.70 11.79
N ASP E 493 34.46 -37.02 12.52
CA ASP E 493 33.53 -37.67 13.45
C ASP E 493 34.30 -38.49 14.48
N VAL E 494 35.31 -37.87 15.09
CA VAL E 494 36.14 -38.51 16.09
C VAL E 494 36.00 -37.76 17.41
N GLU E 495 36.53 -38.37 18.47
CA GLU E 495 36.43 -37.78 19.80
C GLU E 495 37.63 -38.23 20.64
N GLY E 496 38.04 -37.34 21.54
CA GLY E 496 39.18 -37.60 22.41
C GLY E 496 39.62 -36.35 23.14
N VAL E 497 40.93 -36.14 23.22
CA VAL E 497 41.47 -34.93 23.82
C VAL E 497 42.18 -34.12 22.74
N LEU E 498 42.27 -32.81 22.98
CA LEU E 498 42.79 -31.88 21.98
C LEU E 498 44.27 -31.64 22.17
N ALA E 499 45.01 -31.65 21.06
CA ALA E 499 46.44 -31.39 21.08
C ALA E 499 46.85 -30.72 19.78
N PHE E 500 48.05 -30.14 19.78
CA PHE E 500 48.59 -29.44 18.62
C PHE E 500 49.88 -30.11 18.18
N LYS E 501 50.01 -30.31 16.87
CA LYS E 501 51.08 -31.16 16.34
C LYS E 501 52.40 -30.39 16.17
N GLN E 502 52.35 -29.16 15.68
CA GLN E 502 53.54 -28.36 15.46
C GLN E 502 53.40 -27.02 16.16
N PRO E 503 54.51 -26.38 16.51
CA PRO E 503 54.44 -25.17 17.33
C PRO E 503 54.12 -23.93 16.50
N TRP E 504 53.63 -22.92 17.20
CA TRP E 504 53.20 -21.66 16.61
C TRP E 504 53.93 -20.53 17.32
N PRO E 505 54.04 -19.36 16.68
CA PRO E 505 54.83 -18.28 17.31
C PRO E 505 54.26 -17.82 18.63
N SER E 506 52.94 -17.69 18.74
CA SER E 506 52.29 -17.18 19.94
C SER E 506 52.40 -18.10 21.15
N MET E 507 52.90 -19.31 20.97
CA MET E 507 52.94 -20.28 22.06
C MET E 507 53.72 -19.76 23.25
N ALA E 508 53.27 -20.15 24.45
CA ALA E 508 54.01 -19.83 25.65
C ALA E 508 55.37 -20.53 25.65
N ARG E 509 56.36 -19.86 26.26
CA ARG E 509 57.73 -20.34 26.22
C ARG E 509 58.15 -21.13 27.45
N THR E 510 57.63 -20.80 28.63
CA THR E 510 58.02 -21.50 29.85
C THR E 510 57.08 -21.09 30.99
N VAL E 511 57.25 -21.76 32.12
CA VAL E 511 56.69 -21.34 33.40
C VAL E 511 57.85 -20.78 34.19
N TRP E 512 57.71 -19.54 34.66
CA TRP E 512 58.83 -18.82 35.28
CA TRP E 512 58.84 -18.84 35.26
C TRP E 512 59.38 -19.60 36.47
N GLY E 513 60.64 -20.00 36.36
CA GLY E 513 61.34 -20.72 37.42
C GLY E 513 61.00 -22.18 37.55
N ALA E 514 60.20 -22.74 36.64
CA ALA E 514 59.76 -24.13 36.73
C ALA E 514 59.51 -24.66 35.32
N HIS E 515 60.59 -24.86 34.56
CA HIS E 515 60.47 -25.42 33.23
C HIS E 515 60.09 -26.90 33.29
N LYS E 516 60.51 -27.60 34.34
CA LYS E 516 60.11 -29.00 34.52
C LYS E 516 58.60 -29.11 34.64
N ARG E 517 57.98 -28.27 35.47
CA ARG E 517 56.53 -28.23 35.55
C ARG E 517 55.92 -27.83 34.21
N TYR E 518 56.61 -26.98 33.45
CA TYR E 518 56.12 -26.61 32.12
C TYR E 518 56.21 -27.78 31.16
N MET E 519 57.30 -28.55 31.21
CA MET E 519 57.45 -29.69 30.31
C MET E 519 56.43 -30.78 30.60
N ASP E 520 56.22 -31.10 31.89
CA ASP E 520 55.32 -32.19 32.25
C ASP E 520 53.86 -31.84 31.94
N THR E 521 53.47 -30.59 32.17
CA THR E 521 52.07 -30.22 32.04
C THR E 521 51.63 -30.12 30.58
N TYR E 522 52.52 -29.68 29.69
CA TYR E 522 52.11 -29.38 28.32
C TYR E 522 52.78 -30.21 27.25
N LEU E 523 54.00 -30.71 27.49
CA LEU E 523 54.79 -31.33 26.43
C LEU E 523 55.21 -32.76 26.70
N ASN E 524 55.16 -33.23 27.95
CA ASN E 524 55.53 -34.61 28.27
C ASN E 524 54.34 -35.56 28.31
N VAL E 525 53.10 -35.05 28.23
CA VAL E 525 51.94 -35.92 28.29
C VAL E 525 51.87 -36.79 27.04
N TYR E 526 51.84 -36.17 25.87
CA TYR E 526 51.92 -36.86 24.59
C TYR E 526 53.10 -36.29 23.83
N LYS E 527 54.19 -37.05 23.76
CA LYS E 527 55.43 -36.56 23.16
C LYS E 527 55.21 -36.15 21.70
N GLY E 528 55.80 -35.01 21.33
CA GLY E 528 55.59 -34.42 20.03
C GLY E 528 54.33 -33.60 19.89
N TYR E 529 53.54 -33.47 20.94
CA TYR E 529 52.30 -32.71 20.94
C TYR E 529 52.32 -31.67 22.05
N TYR E 530 51.59 -30.59 21.84
CA TYR E 530 51.22 -29.68 22.92
C TYR E 530 49.85 -30.07 23.42
N PHE E 531 49.73 -30.32 24.73
CA PHE E 531 48.50 -30.82 25.32
C PHE E 531 47.68 -29.66 25.87
N THR E 532 46.51 -29.44 25.29
CA THR E 532 45.65 -28.33 25.70
C THR E 532 45.01 -28.58 27.07
N GLY E 533 44.83 -29.84 27.44
CA GLY E 533 44.11 -30.15 28.65
C GLY E 533 42.62 -30.17 28.50
N ASP E 534 42.11 -30.12 27.27
CA ASP E 534 40.67 -30.10 27.01
C ASP E 534 40.31 -31.25 26.09
N GLY E 535 39.26 -31.97 26.44
CA GLY E 535 38.68 -32.92 25.51
C GLY E 535 37.90 -32.20 24.43
N ALA E 536 37.88 -32.79 23.24
CA ALA E 536 37.25 -32.16 22.11
C ALA E 536 36.78 -33.22 21.12
N GLY E 537 36.14 -32.77 20.05
CA GLY E 537 35.67 -33.65 19.01
C GLY E 537 35.58 -32.88 17.71
N ARG E 538 35.63 -33.64 16.61
CA ARG E 538 35.56 -33.07 15.27
C ARG E 538 34.40 -33.73 14.53
N ASP E 539 33.58 -32.91 13.88
CA ASP E 539 32.37 -33.44 13.25
C ASP E 539 32.66 -33.81 11.80
N HIS E 540 31.62 -34.25 11.09
CA HIS E 540 31.78 -34.69 9.70
C HIS E 540 32.31 -33.58 8.81
N ASP E 541 31.98 -32.32 9.13
CA ASP E 541 32.42 -31.18 8.34
C ASP E 541 33.79 -30.66 8.76
N GLY E 542 34.45 -31.32 9.71
CA GLY E 542 35.77 -30.92 10.15
C GLY E 542 35.79 -29.87 11.25
N TYR E 543 34.64 -29.40 11.69
CA TYR E 543 34.57 -28.39 12.73
C TYR E 543 34.88 -29.00 14.08
N TYR E 544 35.44 -28.19 14.97
CA TYR E 544 35.87 -28.64 16.29
C TYR E 544 34.88 -28.21 17.36
N TRP E 545 34.69 -29.06 18.36
CA TRP E 545 33.76 -28.82 19.46
C TRP E 545 34.51 -29.05 20.76
N ILE E 546 34.71 -27.97 21.52
CA ILE E 546 35.45 -28.04 22.78
C ILE E 546 34.52 -28.58 23.87
N ARG E 547 34.92 -29.66 24.52
CA ARG E 547 34.06 -30.36 25.46
C ARG E 547 34.36 -30.04 26.93
N GLY E 548 35.32 -29.18 27.21
CA GLY E 548 35.63 -28.83 28.59
C GLY E 548 36.98 -29.39 29.03
N ARG E 549 37.26 -29.18 30.32
CA ARG E 549 38.55 -29.51 30.90
C ARG E 549 38.60 -30.97 31.34
N VAL E 550 39.70 -31.64 31.00
CA VAL E 550 39.91 -33.00 31.48
C VAL E 550 40.55 -32.98 32.87
N ASP E 551 41.37 -31.97 33.15
CA ASP E 551 42.07 -31.87 34.42
C ASP E 551 41.12 -31.37 35.52
N ASP E 552 41.64 -31.30 36.75
CA ASP E 552 40.88 -30.81 37.89
C ASP E 552 40.97 -29.29 37.97
N VAL E 553 40.26 -28.64 37.03
CA VAL E 553 40.24 -27.19 36.95
C VAL E 553 38.89 -26.77 36.39
N VAL E 554 38.41 -25.60 36.83
CA VAL E 554 37.12 -25.05 36.41
C VAL E 554 37.24 -23.55 36.26
N ASN E 555 36.23 -22.96 35.61
CA ASN E 555 36.19 -21.52 35.36
C ASN E 555 34.88 -20.98 35.93
N VAL E 556 34.99 -20.03 36.85
CA VAL E 556 33.84 -19.41 37.50
C VAL E 556 33.77 -17.95 37.07
N SER E 557 32.68 -17.60 36.39
CA SER E 557 32.43 -16.23 35.92
C SER E 557 33.58 -15.72 35.06
N GLY E 558 34.13 -16.60 34.23
CA GLY E 558 35.25 -16.25 33.39
C GLY E 558 36.59 -16.29 34.07
N HIS E 559 36.62 -16.61 35.37
CA HIS E 559 37.85 -16.66 36.15
C HIS E 559 38.26 -18.11 36.30
N ARG E 560 39.49 -18.43 35.87
CA ARG E 560 40.00 -19.79 35.89
C ARG E 560 40.66 -20.07 37.24
N LEU E 561 40.04 -20.95 38.02
CA LEU E 561 40.52 -21.32 39.34
C LEU E 561 40.55 -22.85 39.47
N SER E 562 41.56 -23.36 40.16
CA SER E 562 41.69 -24.79 40.35
C SER E 562 40.86 -25.26 41.54
N THR E 563 40.21 -26.42 41.38
CA THR E 563 39.50 -27.02 42.50
C THR E 563 40.47 -27.42 43.61
N ALA E 564 41.66 -27.89 43.25
CA ALA E 564 42.65 -28.25 44.26
C ALA E 564 43.08 -27.04 45.07
N GLU E 565 43.21 -25.87 44.42
CA GLU E 565 43.54 -24.65 45.13
C GLU E 565 42.49 -24.32 46.19
N ILE E 566 41.21 -24.50 45.83
CA ILE E 566 40.13 -24.27 46.79
C ILE E 566 40.16 -25.33 47.89
N GLU E 567 40.46 -26.58 47.53
CA GLU E 567 40.55 -27.65 48.53
C GLU E 567 41.63 -27.35 49.55
N ALA E 568 42.80 -26.88 49.10
CA ALA E 568 43.91 -26.62 50.02
C ALA E 568 43.57 -25.47 50.97
N ALA E 569 42.88 -24.45 50.48
CA ALA E 569 42.48 -23.34 51.33
C ALA E 569 41.60 -23.81 52.49
N LEU E 570 40.76 -24.81 52.24
CA LEU E 570 39.84 -25.29 53.28
C LEU E 570 40.56 -26.12 54.34
N ILE E 571 41.55 -26.91 53.93
CA ILE E 571 42.29 -27.74 54.89
C ILE E 571 43.03 -26.88 55.89
N GLU E 572 43.44 -25.67 55.50
CA GLU E 572 44.16 -24.79 56.40
C GLU E 572 43.30 -24.36 57.58
N HIS E 573 41.99 -24.21 57.37
CA HIS E 573 41.10 -23.83 58.46
C HIS E 573 41.11 -24.87 59.57
N HIS E 574 41.13 -24.40 60.81
CA HIS E 574 41.16 -25.31 61.95
C HIS E 574 39.85 -26.10 62.02
N GLN E 575 39.94 -27.30 62.60
CA GLN E 575 38.83 -28.23 62.76
C GLN E 575 38.29 -28.75 61.43
N VAL E 576 39.02 -28.55 60.33
CA VAL E 576 38.68 -29.08 59.02
C VAL E 576 39.67 -30.19 58.71
N ALA E 577 39.19 -31.44 58.66
CA ALA E 577 40.08 -32.57 58.50
C ALA E 577 40.41 -32.82 57.03
N GLU E 578 39.39 -32.91 56.18
CA GLU E 578 39.58 -33.18 54.76
C GLU E 578 38.61 -32.33 53.96
N ALA E 579 39.01 -32.01 52.72
CA ALA E 579 38.21 -31.15 51.86
C ALA E 579 38.31 -31.65 50.42
N ALA E 580 37.17 -31.59 49.72
CA ALA E 580 37.11 -31.97 48.31
C ALA E 580 36.20 -30.98 47.59
N VAL E 581 36.68 -30.45 46.46
CA VAL E 581 35.95 -29.47 45.68
C VAL E 581 35.76 -30.00 44.27
N VAL E 582 34.55 -29.83 43.73
CA VAL E 582 34.22 -30.24 42.38
C VAL E 582 33.37 -29.15 41.74
N GLY E 583 33.59 -28.93 40.44
CA GLY E 583 32.89 -27.90 39.70
C GLY E 583 31.78 -28.48 38.84
N ILE E 584 30.62 -27.83 38.87
CA ILE E 584 29.46 -28.24 38.09
C ILE E 584 29.00 -27.05 37.26
N ALA E 585 28.26 -27.35 36.19
CA ALA E 585 27.79 -26.32 35.28
C ALA E 585 26.82 -25.37 35.99
N ASP E 586 26.86 -24.11 35.58
CA ASP E 586 26.02 -23.08 36.19
C ASP E 586 25.64 -22.06 35.13
N GLU E 587 24.38 -21.62 35.16
CA GLU E 587 23.89 -20.65 34.19
C GLU E 587 24.39 -19.24 34.46
N LEU E 588 24.88 -18.96 35.67
CA LEU E 588 25.33 -17.62 36.03
C LEU E 588 26.84 -17.45 35.87
N THR E 589 27.63 -18.36 36.44
CA THR E 589 29.08 -18.24 36.44
C THR E 589 29.76 -19.27 35.56
N GLY E 590 29.02 -19.95 34.69
CA GLY E 590 29.59 -20.99 33.86
C GLY E 590 29.82 -22.28 34.63
N GLN E 591 30.62 -22.22 35.69
CA GLN E 591 30.84 -23.35 36.57
C GLN E 591 30.77 -22.86 38.00
N ALA E 592 30.12 -23.65 38.86
CA ALA E 592 29.96 -23.31 40.27
C ALA E 592 30.86 -24.20 41.11
N VAL E 593 31.62 -23.59 42.01
CA VAL E 593 32.53 -24.32 42.88
C VAL E 593 31.75 -24.85 44.08
N ASN E 594 31.62 -26.16 44.17
CA ASN E 594 30.95 -26.81 45.29
C ASN E 594 31.98 -27.63 46.07
N ALA E 595 32.03 -27.43 47.38
CA ALA E 595 33.04 -28.03 48.23
C ALA E 595 32.38 -28.90 49.30
N PHE E 596 32.91 -30.11 49.47
CA PHE E 596 32.49 -31.01 50.54
C PHE E 596 33.63 -31.10 51.55
N VAL E 597 33.33 -30.85 52.81
CA VAL E 597 34.33 -30.77 53.86
C VAL E 597 33.95 -31.68 55.01
N SER E 598 34.97 -32.19 55.70
CA SER E 598 34.80 -33.00 56.90
C SER E 598 35.44 -32.29 58.08
N LEU E 599 34.67 -32.14 59.16
CA LEU E 599 35.15 -31.39 60.32
C LEU E 599 35.88 -32.31 61.30
N VAL E 609 31.83 -21.52 61.92
CA VAL E 609 32.40 -22.48 60.97
C VAL E 609 31.54 -22.55 59.71
N ARG E 610 30.25 -22.23 59.86
CA ARG E 610 29.35 -22.27 58.71
C ARG E 610 29.79 -21.29 57.63
N LYS E 611 30.10 -20.05 58.02
CA LYS E 611 30.59 -19.04 57.09
C LYS E 611 32.09 -18.79 57.19
N ASP E 612 32.77 -19.42 58.15
CA ASP E 612 34.22 -19.25 58.26
C ASP E 612 34.97 -19.93 57.12
N LEU E 613 34.31 -20.87 56.42
CA LEU E 613 34.99 -21.58 55.33
C LEU E 613 35.05 -20.76 54.06
N VAL E 614 33.96 -20.07 53.72
CA VAL E 614 33.95 -19.23 52.52
C VAL E 614 34.92 -18.06 52.68
N MET E 615 34.92 -17.42 53.86
CA MET E 615 35.83 -16.30 54.10
C MET E 615 37.28 -16.74 54.01
N GLN E 616 37.59 -17.96 54.47
CA GLN E 616 38.94 -18.48 54.38
C GLN E 616 39.38 -18.59 52.93
N VAL E 617 38.46 -18.98 52.03
CA VAL E 617 38.77 -19.03 50.62
C VAL E 617 39.02 -17.63 50.06
N ARG E 618 38.22 -16.66 50.50
CA ARG E 618 38.41 -15.28 50.05
C ARG E 618 39.75 -14.75 50.52
N LYS E 619 40.15 -15.08 51.74
CA LYS E 619 41.44 -14.63 52.26
C LYS E 619 42.60 -15.34 51.56
N SER E 620 42.36 -16.54 51.02
CA SER E 620 43.40 -17.34 50.38
C SER E 620 43.49 -17.14 48.88
N ILE E 621 42.36 -17.13 48.17
CA ILE E 621 42.32 -16.96 46.73
C ILE E 621 41.75 -15.59 46.36
N GLY E 622 40.53 -15.29 46.80
CA GLY E 622 39.88 -14.05 46.50
C GLY E 622 38.37 -14.13 46.68
N PRO E 623 37.71 -12.97 46.72
CA PRO E 623 36.24 -12.98 46.91
C PRO E 623 35.49 -13.70 45.80
N PHE E 624 35.99 -13.65 44.57
CA PHE E 624 35.34 -14.32 43.45
C PHE E 624 35.49 -15.83 43.52
N ALA E 625 36.57 -16.33 44.14
CA ALA E 625 36.81 -17.76 44.24
C ALA E 625 36.02 -18.44 45.35
N ALA E 626 35.20 -17.69 46.09
CA ALA E 626 34.41 -18.28 47.16
C ALA E 626 33.45 -19.33 46.60
N PRO E 627 33.37 -20.51 47.22
CA PRO E 627 32.49 -21.55 46.67
C PRO E 627 31.02 -21.17 46.80
N LYS E 628 30.22 -21.72 45.88
CA LYS E 628 28.79 -21.44 45.89
C LYS E 628 28.10 -22.04 47.10
N ALA E 629 28.52 -23.23 47.52
CA ALA E 629 27.93 -23.90 48.67
C ALA E 629 28.95 -24.83 49.30
N VAL E 630 28.92 -24.90 50.64
CA VAL E 630 29.78 -25.81 51.40
C VAL E 630 28.90 -26.77 52.17
N PHE E 631 29.22 -28.06 52.07
CA PHE E 631 28.45 -29.13 52.71
C PHE E 631 29.37 -29.95 53.59
N VAL E 632 29.01 -30.08 54.86
CA VAL E 632 29.80 -30.84 55.82
C VAL E 632 29.35 -32.29 55.80
N VAL E 633 30.23 -33.19 55.39
CA VAL E 633 29.92 -34.61 55.33
C VAL E 633 30.89 -35.41 56.20
N ARG E 646 35.42 -38.30 42.41
CA ARG E 646 35.07 -36.92 42.08
C ARG E 646 33.79 -36.86 41.25
N ARG E 647 33.57 -37.89 40.43
CA ARG E 647 32.39 -37.93 39.58
C ARG E 647 31.12 -38.28 40.36
N ILE E 648 31.26 -39.04 41.45
CA ILE E 648 30.09 -39.45 42.22
C ILE E 648 29.45 -38.25 42.92
N LEU E 649 30.28 -37.39 43.51
CA LEU E 649 29.74 -36.20 44.19
C LEU E 649 29.18 -35.21 43.18
N ARG E 650 29.83 -35.07 42.02
CA ARG E 650 29.33 -34.16 41.00
C ARG E 650 27.96 -34.59 40.48
N LYS E 651 27.76 -35.91 40.35
CA LYS E 651 26.48 -36.41 39.88
C LYS E 651 25.37 -36.20 40.90
N ILE E 652 25.69 -36.26 42.19
CA ILE E 652 24.70 -36.02 43.23
C ILE E 652 24.20 -34.58 43.20
N LEU E 653 24.98 -33.67 42.63
CA LEU E 653 24.56 -32.27 42.49
C LEU E 653 24.08 -32.00 41.05
N VAL F 35 33.74 30.54 9.31
CA VAL F 35 33.47 29.13 9.00
C VAL F 35 33.05 28.99 7.55
N ASP F 36 32.44 27.86 7.23
CA ASP F 36 31.85 27.64 5.92
C ASP F 36 30.42 28.16 5.90
N THR F 37 29.98 28.59 4.72
CA THR F 37 28.61 29.08 4.58
C THR F 37 27.65 27.89 4.53
N PHE F 38 26.50 28.04 5.18
CA PHE F 38 25.48 27.00 5.22
C PHE F 38 24.24 27.49 4.49
N HIS F 39 23.85 26.81 3.42
CA HIS F 39 22.69 27.19 2.65
C HIS F 39 21.41 26.60 3.23
N VAL F 40 20.28 27.11 2.75
CA VAL F 40 18.99 26.54 3.13
C VAL F 40 18.86 25.14 2.51
N PRO F 41 18.48 24.12 3.26
CA PRO F 41 18.36 22.78 2.67
C PRO F 41 17.37 22.75 1.53
N LYS F 42 17.72 21.99 0.48
CA LYS F 42 16.83 21.86 -0.67
C LYS F 42 15.50 21.24 -0.28
N ALA F 43 15.48 20.42 0.78
CA ALA F 43 14.23 19.84 1.26
C ALA F 43 13.32 20.87 1.91
N PHE F 44 13.89 21.98 2.40
CA PHE F 44 13.05 23.03 2.98
C PHE F 44 12.04 23.54 1.97
N TYR F 45 12.46 23.74 0.71
CA TYR F 45 11.55 24.26 -0.30
C TYR F 45 10.53 23.20 -0.73
N GLU F 46 10.97 21.94 -0.82
CA GLU F 46 10.06 20.87 -1.23
C GLU F 46 9.01 20.60 -0.16
N LYS F 47 9.43 20.53 1.11
CA LYS F 47 8.55 20.21 2.22
C LYS F 47 7.93 21.45 2.86
N HIS F 48 7.64 22.48 2.08
CA HIS F 48 7.09 23.73 2.58
C HIS F 48 5.59 23.75 2.38
N PRO F 49 4.79 24.03 3.43
CA PRO F 49 3.33 24.09 3.23
C PRO F 49 2.90 25.10 2.19
N SER F 50 3.61 26.21 2.04
CA SER F 50 3.30 27.23 1.06
C SER F 50 4.60 27.94 0.70
N LYS F 51 4.52 28.91 -0.21
CA LYS F 51 5.72 29.65 -0.56
C LYS F 51 6.13 30.57 0.59
N THR F 52 7.42 30.80 0.72
CA THR F 52 7.91 31.72 1.73
C THR F 52 7.62 33.16 1.32
N HIS F 53 7.66 34.07 2.30
CA HIS F 53 7.20 35.42 2.09
C HIS F 53 8.09 36.18 1.10
N LEU F 54 9.39 35.94 1.15
CA LEU F 54 10.34 36.61 0.28
C LEU F 54 10.76 35.65 -0.84
N LYS F 55 10.83 36.18 -2.06
CA LYS F 55 11.16 35.33 -3.21
C LYS F 55 12.61 34.84 -3.13
N ASP F 56 13.57 35.76 -3.08
CA ASP F 56 14.98 35.41 -3.10
C ASP F 56 15.72 36.30 -2.11
N LEU F 57 17.03 36.06 -1.98
CA LEU F 57 17.85 36.88 -1.09
C LEU F 57 17.91 38.33 -1.57
N ASP F 58 17.80 38.56 -2.88
CA ASP F 58 17.79 39.93 -3.39
C ASP F 58 16.62 40.72 -2.82
N GLU F 59 15.47 40.07 -2.64
CA GLU F 59 14.31 40.75 -2.07
C GLU F 59 14.59 41.21 -0.64
N TYR F 60 15.37 40.43 0.11
CA TYR F 60 15.82 40.90 1.42
C TYR F 60 16.68 42.16 1.28
N LYS F 61 17.71 42.10 0.44
CA LYS F 61 18.58 43.25 0.23
C LYS F 61 17.77 44.47 -0.23
N LYS F 62 16.80 44.26 -1.12
CA LYS F 62 15.96 45.36 -1.58
C LYS F 62 15.16 45.97 -0.43
N LEU F 63 14.44 45.13 0.31
CA LEU F 63 13.62 45.63 1.42
C LEU F 63 14.48 46.15 2.57
N TYR F 64 15.66 45.57 2.79
CA TYR F 64 16.54 46.08 3.84
C TYR F 64 17.06 47.47 3.47
N ASP F 65 17.54 47.63 2.24
CA ASP F 65 18.02 48.94 1.81
C ASP F 65 16.93 49.98 1.91
N GLU F 66 15.69 49.61 1.63
CA GLU F 66 14.58 50.55 1.79
C GLU F 66 14.33 50.85 3.26
N SER F 67 14.50 49.84 4.13
CA SER F 67 14.16 50.01 5.53
C SER F 67 15.15 50.91 6.26
N ILE F 68 16.34 51.13 5.71
CA ILE F 68 17.32 52.01 6.32
C ILE F 68 17.50 53.31 5.55
N ARG F 69 17.28 53.32 4.23
CA ARG F 69 17.41 54.56 3.46
C ARG F 69 16.20 55.46 3.64
N SER F 70 14.99 54.92 3.46
CA SER F 70 13.76 55.67 3.64
C SER F 70 12.85 54.89 4.58
N PRO F 71 13.16 54.91 5.89
CA PRO F 71 12.36 54.13 6.84
C PRO F 71 10.93 54.64 7.00
N ASP F 72 10.70 55.94 6.81
CA ASP F 72 9.35 56.49 7.03
C ASP F 72 8.33 55.83 6.12
N THR F 73 8.69 55.62 4.85
CA THR F 73 7.77 54.98 3.92
C THR F 73 7.72 53.47 4.15
N PHE F 74 8.81 52.88 4.63
CA PHE F 74 8.85 51.42 4.81
C PHE F 74 8.00 51.00 6.00
N TRP F 75 8.30 51.54 7.18
CA TRP F 75 7.58 51.11 8.39
C TRP F 75 6.11 51.48 8.35
N ALA F 76 5.73 52.51 7.59
CA ALA F 76 4.32 52.82 7.44
C ALA F 76 3.61 51.71 6.67
N ARG F 77 4.19 51.28 5.55
CA ARG F 77 3.59 50.20 4.78
C ARG F 77 3.53 48.91 5.59
N MET F 78 4.56 48.63 6.38
CA MET F 78 4.57 47.41 7.18
C MET F 78 3.56 47.47 8.30
N ALA F 79 3.37 48.64 8.90
CA ALA F 79 2.48 48.75 10.05
C ALA F 79 1.03 48.49 9.67
N ARG F 80 0.60 48.98 8.50
CA ARG F 80 -0.78 48.81 8.09
C ARG F 80 -1.06 47.44 7.51
N GLU F 81 -0.02 46.71 7.08
CA GLU F 81 -0.22 45.35 6.59
C GLU F 81 -0.36 44.36 7.74
N LEU F 82 0.43 44.55 8.81
CA LEU F 82 0.49 43.58 9.89
C LEU F 82 -0.39 43.93 11.09
N LEU F 83 -0.72 45.21 11.29
CA LEU F 83 -1.54 45.61 12.42
C LEU F 83 -2.85 46.20 11.93
N THR F 84 -3.84 46.19 12.82
CA THR F 84 -5.14 46.78 12.56
C THR F 84 -5.41 47.81 13.65
N PHE F 85 -5.53 49.07 13.25
CA PHE F 85 -5.68 50.20 14.17
C PHE F 85 -7.15 50.57 14.34
N ASP F 86 -7.48 51.10 15.52
CA ASP F 86 -8.75 51.80 15.69
C ASP F 86 -8.77 53.07 14.84
N LYS F 87 -7.71 53.87 14.94
CA LYS F 87 -7.55 55.09 14.17
C LYS F 87 -6.22 55.01 13.44
N ASP F 88 -6.23 55.35 12.14
CA ASP F 88 -5.02 55.30 11.36
C ASP F 88 -4.05 56.39 11.80
N PHE F 89 -2.76 56.15 11.57
CA PHE F 89 -1.72 57.13 11.82
C PHE F 89 -1.40 57.89 10.54
N GLN F 90 -0.70 59.01 10.70
CA GLN F 90 -0.23 59.81 9.57
C GLN F 90 1.28 59.98 9.56
N THR F 91 1.88 60.24 10.72
CA THR F 91 3.32 60.44 10.83
C THR F 91 3.97 59.14 11.28
N THR F 92 4.96 58.68 10.51
CA THR F 92 5.59 57.40 10.79
C THR F 92 6.50 57.47 12.01
N HIS F 93 7.37 58.47 12.08
CA HIS F 93 8.35 58.54 13.15
C HIS F 93 8.73 59.98 13.44
N ILE F 94 8.90 60.29 14.72
CA ILE F 94 9.48 61.55 15.18
C ILE F 94 10.46 61.23 16.30
N GLY F 95 11.46 62.08 16.45
CA GLY F 95 12.46 61.92 17.48
C GLY F 95 13.81 61.50 16.90
N SER F 96 14.74 61.21 17.80
CA SER F 96 16.08 60.80 17.42
C SER F 96 16.72 60.07 18.58
N LEU F 97 17.87 59.45 18.31
CA LEU F 97 18.58 58.74 19.37
C LEU F 97 19.33 59.68 20.30
N GLU F 98 19.74 60.85 19.81
CA GLU F 98 20.46 61.79 20.67
C GLU F 98 19.62 62.21 21.87
N ASN F 99 18.33 62.45 21.66
CA ASN F 99 17.46 63.02 22.67
C ASN F 99 16.60 61.99 23.39
N GLY F 100 16.53 60.76 22.87
CA GLY F 100 15.70 59.74 23.50
C GLY F 100 14.22 60.06 23.48
N ASP F 101 13.74 60.74 22.43
CA ASP F 101 12.36 61.16 22.33
C ASP F 101 11.66 60.48 21.16
N ASN F 102 12.02 59.24 20.86
CA ASN F 102 11.48 58.57 19.69
C ASN F 102 10.04 58.17 19.92
N ALA F 103 9.18 58.46 18.95
CA ALA F 103 7.79 58.08 18.98
C ALA F 103 7.37 57.63 17.59
N TRP F 104 6.61 56.55 17.53
CA TRP F 104 6.24 55.91 16.27
C TRP F 104 4.72 55.90 16.12
N PHE F 105 4.26 56.19 14.90
CA PHE F 105 2.84 56.17 14.57
C PHE F 105 2.03 57.01 15.57
N VAL F 106 2.45 58.27 15.72
CA VAL F 106 2.10 59.04 16.91
C VAL F 106 0.60 59.27 17.01
N GLU F 107 -0.09 59.44 15.89
CA GLU F 107 -1.51 59.75 15.92
C GLU F 107 -2.39 58.55 15.63
N GLY F 108 -1.81 57.34 15.57
CA GLY F 108 -2.61 56.14 15.44
C GLY F 108 -3.08 55.60 16.78
N ARG F 109 -4.13 54.77 16.72
CA ARG F 109 -4.72 54.16 17.90
C ARG F 109 -5.03 52.70 17.64
N LEU F 110 -4.76 51.85 18.63
CA LEU F 110 -4.98 50.41 18.50
C LEU F 110 -5.05 49.80 19.89
N ASN F 111 -5.32 48.49 19.93
CA ASN F 111 -5.36 47.74 21.18
C ASN F 111 -4.69 46.39 20.96
N ALA F 112 -3.83 45.99 21.90
CA ALA F 112 -3.07 44.77 21.73
C ALA F 112 -3.97 43.54 21.75
N SER F 113 -4.93 43.49 22.68
CA SER F 113 -5.83 42.35 22.76
C SER F 113 -6.64 42.17 21.47
N PHE F 114 -6.99 43.26 20.80
CA PHE F 114 -7.71 43.14 19.54
C PHE F 114 -6.84 42.49 18.47
N ASN F 115 -5.58 42.91 18.36
CA ASN F 115 -4.71 42.39 17.32
C ASN F 115 -4.25 40.97 17.60
N CYS F 116 -4.28 40.53 18.85
CA CYS F 116 -3.87 39.18 19.18
C CYS F 116 -5.01 38.18 19.18
N VAL F 117 -6.23 38.61 19.52
CA VAL F 117 -7.34 37.69 19.70
C VAL F 117 -8.51 38.05 18.77
N ASP F 118 -9.14 39.20 19.04
CA ASP F 118 -10.41 39.57 18.43
C ASP F 118 -10.45 39.34 16.92
N ARG F 119 -9.49 39.93 16.19
CA ARG F 119 -9.57 39.90 14.73
C ARG F 119 -9.49 38.48 14.18
N HIS F 120 -8.83 37.58 14.89
CA HIS F 120 -8.76 36.19 14.44
C HIS F 120 -10.02 35.42 14.81
N ALA F 121 -10.58 35.70 15.99
CA ALA F 121 -11.87 35.10 16.34
C ALA F 121 -12.97 35.55 15.38
N ILE F 122 -12.85 36.76 14.83
CA ILE F 122 -13.82 37.24 13.86
C ILE F 122 -13.74 36.43 12.58
N LYS F 123 -12.52 36.11 12.14
CA LYS F 123 -12.34 35.33 10.92
C LYS F 123 -12.82 33.90 11.12
N ASN F 124 -12.39 33.26 12.21
CA ASN F 124 -12.85 31.94 12.59
C ASN F 124 -12.58 31.72 14.07
N PRO F 125 -13.61 31.71 14.90
CA PRO F 125 -13.40 31.54 16.35
C PRO F 125 -13.00 30.13 16.76
N ASN F 126 -13.15 29.15 15.88
CA ASN F 126 -12.78 27.77 16.19
C ASN F 126 -11.33 27.47 15.87
N LYS F 127 -10.56 28.48 15.48
CA LYS F 127 -9.14 28.28 15.18
C LYS F 127 -8.33 28.20 16.46
N VAL F 128 -7.38 27.26 16.49
CA VAL F 128 -6.59 27.02 17.69
C VAL F 128 -5.61 28.17 17.90
N ALA F 129 -5.58 28.69 19.12
CA ALA F 129 -4.67 29.76 19.50
C ALA F 129 -3.56 29.30 20.43
N ILE F 130 -3.90 28.61 21.52
CA ILE F 130 -2.93 28.12 22.48
C ILE F 130 -3.00 26.60 22.53
N ILE F 131 -1.84 25.95 22.48
CA ILE F 131 -1.72 24.50 22.66
C ILE F 131 -0.99 24.29 23.97
N TYR F 132 -1.73 23.91 25.02
CA TYR F 132 -1.19 23.82 26.36
C TYR F 132 -0.65 22.43 26.63
N GLU F 133 0.65 22.35 26.92
CA GLU F 133 1.30 21.12 27.35
C GLU F 133 1.66 21.27 28.83
N ALA F 134 0.91 20.58 29.69
CA ALA F 134 1.06 20.73 31.13
C ALA F 134 2.33 20.03 31.61
N ASP F 135 2.54 20.08 32.94
CA ASP F 135 3.68 19.41 33.55
C ASP F 135 3.69 17.92 33.22
N GLU F 136 2.59 17.23 33.55
CA GLU F 136 2.47 15.84 33.17
C GLU F 136 1.98 15.73 31.73
N PRO F 137 2.42 14.71 31.00
CA PRO F 137 1.99 14.57 29.60
C PRO F 137 0.49 14.30 29.50
N ASN F 138 -0.13 14.85 28.45
CA ASN F 138 -1.54 14.66 28.13
C ASN F 138 -2.47 15.17 29.22
N GLU F 139 -2.01 16.11 30.05
CA GLU F 139 -2.85 16.77 31.03
C GLU F 139 -3.17 18.20 30.63
N GLY F 140 -2.87 18.57 29.39
CA GLY F 140 -3.11 19.91 28.89
C GLY F 140 -4.44 20.00 28.19
N ARG F 141 -4.54 21.00 27.30
CA ARG F 141 -5.78 21.23 26.56
C ARG F 141 -5.47 22.13 25.38
N ILE F 142 -6.45 22.26 24.49
CA ILE F 142 -6.35 23.07 23.29
C ILE F 142 -7.40 24.17 23.37
N ILE F 143 -6.97 25.42 23.19
CA ILE F 143 -7.83 26.59 23.35
C ILE F 143 -7.98 27.27 22.00
N THR F 144 -9.23 27.53 21.61
CA THR F 144 -9.52 28.22 20.36
C THR F 144 -9.53 29.73 20.58
N TYR F 145 -9.52 30.47 19.46
CA TYR F 145 -9.55 31.93 19.55
C TYR F 145 -10.85 32.44 20.13
N GLY F 146 -11.96 31.72 19.93
CA GLY F 146 -13.19 32.10 20.60
C GLY F 146 -13.11 31.91 22.10
N GLU F 147 -12.59 30.76 22.53
CA GLU F 147 -12.41 30.53 23.96
C GLU F 147 -11.44 31.52 24.56
N LEU F 148 -10.40 31.90 23.82
CA LEU F 148 -9.43 32.86 24.34
C LEU F 148 -10.06 34.23 24.55
N LEU F 149 -10.87 34.69 23.58
CA LEU F 149 -11.51 35.99 23.72
C LEU F 149 -12.42 36.04 24.94
N ARG F 150 -13.21 34.99 25.16
CA ARG F 150 -14.10 34.95 26.30
C ARG F 150 -13.31 35.00 27.60
N GLU F 151 -12.31 34.13 27.73
CA GLU F 151 -11.51 34.09 28.96
C GLU F 151 -10.78 35.41 29.19
N VAL F 152 -10.23 35.98 28.13
CA VAL F 152 -9.58 37.30 28.24
C VAL F 152 -10.59 38.35 28.67
N SER F 153 -11.80 38.31 28.10
CA SER F 153 -12.83 39.28 28.45
C SER F 153 -13.28 39.11 29.89
N ARG F 154 -13.37 37.87 30.37
CA ARG F 154 -13.81 37.66 31.75
C ARG F 154 -12.79 38.22 32.74
N VAL F 155 -11.50 37.98 32.51
CA VAL F 155 -10.48 38.51 33.41
C VAL F 155 -10.43 40.02 33.34
N ALA F 156 -10.66 40.58 32.14
CA ALA F 156 -10.69 42.04 32.01
C ALA F 156 -11.74 42.65 32.92
N TRP F 157 -12.94 42.06 32.97
CA TRP F 157 -13.98 42.55 33.87
C TRP F 157 -13.54 42.44 35.32
N VAL F 158 -12.93 41.30 35.70
CA VAL F 158 -12.50 41.12 37.09
C VAL F 158 -11.48 42.18 37.46
N LEU F 159 -10.60 42.54 36.53
CA LEU F 159 -9.63 43.59 36.81
C LEU F 159 -10.31 44.96 36.90
N LYS F 160 -11.24 45.25 35.99
CA LYS F 160 -11.95 46.53 36.03
C LYS F 160 -12.70 46.70 37.35
N GLN F 161 -13.40 45.64 37.78
CA GLN F 161 -14.17 45.70 39.02
C GLN F 161 -13.28 45.65 40.26
N ARG F 162 -11.98 45.49 40.11
CA ARG F 162 -11.05 45.54 41.23
C ARG F 162 -10.28 46.85 41.30
N GLY F 163 -10.62 47.83 40.47
CA GLY F 163 -10.02 49.15 40.52
C GLY F 163 -8.93 49.41 39.51
N VAL F 164 -8.66 48.47 38.61
CA VAL F 164 -7.60 48.64 37.62
C VAL F 164 -8.11 49.61 36.56
N LYS F 165 -7.47 50.78 36.47
CA LYS F 165 -7.81 51.77 35.47
C LYS F 165 -6.71 51.81 34.40
N LYS F 166 -7.01 52.51 33.30
CA LYS F 166 -6.04 52.70 32.24
C LYS F 166 -4.77 53.32 32.78
N GLY F 167 -3.62 52.72 32.46
CA GLY F 167 -2.34 53.21 32.93
C GLY F 167 -1.86 52.61 34.23
N ASP F 168 -2.71 51.89 34.96
CA ASP F 168 -2.25 51.22 36.17
C ASP F 168 -1.38 50.02 35.80
N THR F 169 -0.50 49.64 36.72
CA THR F 169 0.39 48.50 36.53
C THR F 169 -0.10 47.33 37.38
N VAL F 170 0.00 46.13 36.82
CA VAL F 170 -0.42 44.89 37.47
C VAL F 170 0.72 43.89 37.39
N ALA F 171 1.09 43.33 38.53
CA ALA F 171 2.20 42.38 38.63
C ALA F 171 1.71 40.96 38.35
N ILE F 172 2.26 40.32 37.33
CA ILE F 172 1.91 38.96 36.97
C ILE F 172 3.01 38.04 37.48
N TYR F 173 2.68 37.21 38.45
CA TYR F 173 3.61 36.23 39.02
C TYR F 173 3.04 34.84 38.76
N LEU F 174 3.11 34.41 37.49
CA LEU F 174 2.49 33.18 37.05
C LEU F 174 3.50 32.27 36.36
N PRO F 175 3.29 30.95 36.44
CA PRO F 175 4.11 30.02 35.64
C PRO F 175 3.62 29.90 34.21
N MET F 176 4.11 28.90 33.49
CA MET F 176 3.77 28.73 32.07
C MET F 176 2.51 27.87 31.92
N ILE F 177 1.39 28.46 32.36
CA ILE F 177 0.07 27.86 32.17
C ILE F 177 -0.70 28.78 31.24
N PRO F 178 -1.77 28.32 30.59
CA PRO F 178 -2.50 29.20 29.66
C PRO F 178 -3.04 30.46 30.32
N GLU F 179 -3.27 30.43 31.63
CA GLU F 179 -3.76 31.61 32.34
C GLU F 179 -2.81 32.80 32.25
N ALA F 180 -1.51 32.54 32.03
CA ALA F 180 -0.56 33.63 31.90
C ALA F 180 -0.81 34.45 30.63
N VAL F 181 -0.98 33.77 29.49
CA VAL F 181 -1.27 34.47 28.25
C VAL F 181 -2.56 35.26 28.38
N VAL F 182 -3.55 34.67 29.07
CA VAL F 182 -4.80 35.38 29.32
C VAL F 182 -4.55 36.62 30.16
N ALA F 183 -3.71 36.49 31.19
CA ALA F 183 -3.41 37.63 32.06
C ALA F 183 -2.70 38.74 31.29
N PHE F 184 -1.81 38.37 30.37
CA PHE F 184 -1.21 39.34 29.45
C PHE F 184 -2.28 40.17 28.75
N LEU F 185 -3.12 39.49 27.97
CA LEU F 185 -4.04 40.18 27.09
C LEU F 185 -5.18 40.85 27.85
N ALA F 186 -5.52 40.35 29.04
CA ALA F 186 -6.53 41.02 29.85
C ALA F 186 -6.04 42.39 30.31
N CYS F 187 -4.77 42.50 30.66
CA CYS F 187 -4.20 43.81 30.99
C CYS F 187 -4.19 44.71 29.78
N ALA F 188 -3.85 44.16 28.60
CA ALA F 188 -3.77 44.97 27.40
C ALA F 188 -5.16 45.37 26.89
N ARG F 189 -6.18 44.55 27.19
CA ARG F 189 -7.52 44.86 26.70
C ARG F 189 -8.11 46.08 27.39
N ILE F 190 -7.78 46.28 28.66
CA ILE F 190 -8.28 47.43 29.42
C ILE F 190 -7.28 48.57 29.47
N GLY F 191 -6.13 48.42 28.81
CA GLY F 191 -5.15 49.48 28.82
C GLY F 191 -4.22 49.48 30.02
N ALA F 192 -4.18 48.39 30.77
CA ALA F 192 -3.26 48.32 31.90
C ALA F 192 -1.87 47.93 31.43
N ILE F 193 -0.89 48.17 32.29
CA ILE F 193 0.51 47.88 32.01
C ILE F 193 0.90 46.66 32.85
N HIS F 194 1.16 45.53 32.20
CA HIS F 194 1.48 44.32 32.94
C HIS F 194 2.98 44.19 33.12
N SER F 195 3.41 44.01 34.36
CA SER F 195 4.81 43.85 34.74
C SER F 195 5.01 42.41 35.19
N VAL F 196 5.35 41.54 34.26
CA VAL F 196 5.43 40.11 34.53
C VAL F 196 6.70 39.80 35.32
N VAL F 197 6.54 39.09 36.42
CA VAL F 197 7.65 38.66 37.27
C VAL F 197 7.84 37.17 37.08
N PHE F 198 9.08 36.78 36.75
CA PHE F 198 9.40 35.37 36.53
C PHE F 198 9.15 34.54 37.77
N ALA F 199 8.46 33.41 37.60
CA ALA F 199 8.26 32.48 38.70
C ALA F 199 9.60 31.89 39.12
N GLY F 200 9.79 31.75 40.42
CA GLY F 200 11.06 31.34 40.97
C GLY F 200 11.89 32.49 41.53
N PHE F 201 11.49 33.73 41.26
CA PHE F 201 12.09 34.86 41.96
C PHE F 201 11.68 34.81 43.43
N SER F 202 12.60 35.17 44.30
CA SER F 202 12.32 35.13 45.73
C SER F 202 11.32 36.22 46.12
N SER F 203 10.85 36.14 47.36
CA SER F 203 9.89 37.12 47.87
C SER F 203 10.45 38.53 47.82
N ASP F 204 11.73 38.70 48.16
CA ASP F 204 12.33 40.04 48.15
C ASP F 204 12.43 40.58 46.72
N SER F 205 12.74 39.73 45.76
CA SER F 205 12.84 40.17 44.37
C SER F 205 11.48 40.58 43.83
N LEU F 206 10.43 39.80 44.14
CA LEU F 206 9.09 40.15 43.70
C LEU F 206 8.61 41.42 44.39
N ARG F 207 8.93 41.58 45.67
CA ARG F 207 8.56 42.80 46.39
C ARG F 207 9.15 44.04 45.75
N ASP F 208 10.41 43.95 45.30
CA ASP F 208 11.06 45.10 44.67
C ASP F 208 10.41 45.44 43.33
N ARG F 209 10.03 44.43 42.56
CA ARG F 209 9.40 44.68 41.26
C ARG F 209 7.98 45.23 41.40
N VAL F 210 7.32 45.00 42.54
CA VAL F 210 5.99 45.54 42.73
C VAL F 210 6.04 47.00 43.14
N LEU F 211 6.96 47.34 44.05
CA LEU F 211 7.01 48.70 44.58
C LEU F 211 7.52 49.69 43.54
N ASP F 212 8.48 49.28 42.71
CA ASP F 212 9.02 50.19 41.70
C ASP F 212 7.97 50.52 40.64
N ALA F 213 7.15 49.55 40.26
CA ALA F 213 6.08 49.78 39.30
C ALA F 213 4.83 50.35 39.95
N GLY F 214 4.76 50.38 41.28
CA GLY F 214 3.58 50.87 41.96
C GLY F 214 2.35 50.04 41.73
N SER F 215 2.52 48.74 41.50
CA SER F 215 1.39 47.87 41.21
C SER F 215 0.56 47.61 42.47
N LYS F 216 -0.76 47.72 42.33
CA LYS F 216 -1.69 47.47 43.43
C LYS F 216 -2.46 46.18 43.24
N VAL F 217 -2.31 45.51 42.10
CA VAL F 217 -2.96 44.23 41.83
C VAL F 217 -1.90 43.24 41.36
N VAL F 218 -2.02 42.00 41.79
CA VAL F 218 -1.07 40.94 41.44
C VAL F 218 -1.85 39.67 41.14
N ILE F 219 -1.49 39.00 40.05
CA ILE F 219 -2.10 37.73 39.65
C ILE F 219 -1.07 36.63 39.84
N THR F 220 -1.48 35.52 40.46
CA THR F 220 -0.57 34.42 40.75
C THR F 220 -1.39 33.14 40.90
N THR F 221 -0.69 32.04 41.17
CA THR F 221 -1.30 30.75 41.40
C THR F 221 -1.18 30.35 42.87
N ASP F 222 -1.98 29.36 43.26
CA ASP F 222 -1.84 28.80 44.60
C ASP F 222 -0.52 28.05 44.72
N GLU F 223 -0.12 27.34 43.67
CA GLU F 223 1.13 26.59 43.65
C GLU F 223 1.48 26.31 42.20
N GLY F 224 2.77 26.18 41.93
CA GLY F 224 3.28 25.87 40.62
C GLY F 224 3.76 24.43 40.56
N LYS F 225 3.71 23.84 39.37
CA LYS F 225 4.14 22.45 39.17
C LYS F 225 4.98 22.42 37.90
N ARG F 226 6.30 22.38 38.08
CA ARG F 226 7.24 22.32 36.96
C ARG F 226 8.21 21.16 37.20
N GLY F 227 8.29 20.26 36.23
CA GLY F 227 9.20 19.12 36.34
C GLY F 227 8.92 18.23 37.52
N GLY F 228 7.66 18.08 37.92
CA GLY F 228 7.29 17.27 39.06
C GLY F 228 7.47 17.93 40.40
N LYS F 229 8.26 18.99 40.50
CA LYS F 229 8.40 19.71 41.75
C LYS F 229 7.29 20.74 41.92
N VAL F 230 7.03 21.11 43.17
CA VAL F 230 5.96 22.02 43.52
C VAL F 230 6.58 23.32 44.03
N ILE F 231 6.15 24.45 43.46
CA ILE F 231 6.61 25.76 43.86
C ILE F 231 5.50 26.43 44.66
N GLY F 232 5.82 26.88 45.87
CA GLY F 232 4.84 27.56 46.69
C GLY F 232 4.68 29.01 46.31
N THR F 233 4.11 29.24 45.12
CA THR F 233 4.01 30.58 44.58
C THR F 233 3.18 31.49 45.48
N LYS F 234 2.05 30.99 45.97
CA LYS F 234 1.20 31.82 46.83
C LYS F 234 1.93 32.24 48.10
N ARG F 235 2.62 31.29 48.76
CA ARG F 235 3.36 31.64 49.96
C ARG F 235 4.47 32.64 49.69
N ILE F 236 5.06 32.60 48.49
CA ILE F 236 6.05 33.61 48.12
C ILE F 236 5.39 34.98 47.99
N VAL F 237 4.20 35.02 47.39
CA VAL F 237 3.49 36.28 47.24
C VAL F 237 3.13 36.86 48.60
N ASP F 238 2.63 36.01 49.50
CA ASP F 238 2.22 36.48 50.82
C ASP F 238 3.39 37.12 51.56
N GLU F 239 4.55 36.45 51.56
CA GLU F 239 5.72 37.02 52.21
C GLU F 239 6.23 38.27 51.49
N ALA F 240 6.08 38.32 50.16
CA ALA F 240 6.47 39.51 49.44
C ALA F 240 5.50 40.65 49.69
N LEU F 241 4.21 40.35 49.76
CA LEU F 241 3.19 41.36 49.98
C LEU F 241 3.21 41.94 51.40
N LYS F 242 3.99 41.34 52.31
CA LYS F 242 4.10 41.90 53.66
C LYS F 242 4.70 43.29 53.64
N GLN F 243 5.57 43.58 52.67
CA GLN F 243 6.17 44.90 52.50
C GLN F 243 5.59 45.66 51.32
N CYS F 244 4.49 45.17 50.73
CA CYS F 244 3.76 45.86 49.68
C CYS F 244 2.36 46.16 50.22
N PRO F 245 2.18 47.27 50.92
CA PRO F 245 0.89 47.56 51.55
C PRO F 245 -0.15 48.06 50.55
N ASP F 246 0.32 48.65 49.46
CA ASP F 246 -0.59 49.24 48.48
C ASP F 246 -1.28 48.19 47.63
N VAL F 247 -0.83 46.94 47.66
CA VAL F 247 -1.50 45.87 46.93
C VAL F 247 -2.80 45.51 47.66
N THR F 248 -3.92 45.68 46.97
CA THR F 248 -5.23 45.44 47.58
C THR F 248 -5.98 44.28 46.95
N SER F 249 -5.47 43.70 45.86
CA SER F 249 -6.16 42.63 45.15
C SER F 249 -5.15 41.61 44.66
N VAL F 250 -5.40 40.34 44.96
CA VAL F 250 -4.54 39.24 44.51
C VAL F 250 -5.43 38.20 43.85
N LEU F 251 -5.26 38.01 42.54
CA LEU F 251 -6.05 37.06 41.78
C LEU F 251 -5.31 35.72 41.76
N VAL F 252 -5.87 34.72 42.44
CA VAL F 252 -5.23 33.42 42.61
C VAL F 252 -5.93 32.41 41.72
N TYR F 253 -5.15 31.68 40.93
CA TYR F 253 -5.66 30.62 40.07
C TYR F 253 -5.37 29.27 40.71
N LYS F 254 -6.41 28.44 40.83
CA LYS F 254 -6.29 27.13 41.46
C LYS F 254 -5.63 26.16 40.49
N ARG F 255 -4.33 25.95 40.66
CA ARG F 255 -3.55 25.05 39.81
C ARG F 255 -3.39 23.66 40.43
N THR F 256 -3.02 23.59 41.70
CA THR F 256 -2.90 22.31 42.40
C THR F 256 -4.06 22.04 43.33
N GLY F 257 -4.66 23.08 43.92
CA GLY F 257 -5.71 22.90 44.89
C GLY F 257 -5.23 22.70 46.31
N ALA F 258 -3.92 22.76 46.56
CA ALA F 258 -3.39 22.56 47.89
C ALA F 258 -3.76 23.73 48.80
N GLU F 259 -3.77 23.46 50.11
CA GLU F 259 -4.07 24.48 51.09
C GLU F 259 -2.96 25.53 51.12
N VAL F 260 -3.33 26.78 50.88
CA VAL F 260 -2.37 27.88 50.86
C VAL F 260 -2.88 28.95 51.82
N PRO F 261 -1.99 29.73 52.43
CA PRO F 261 -2.45 30.80 53.32
C PRO F 261 -3.31 31.79 52.55
N TRP F 262 -4.43 32.18 53.17
CA TRP F 262 -5.43 32.99 52.51
C TRP F 262 -5.71 34.24 53.33
N THR F 263 -5.40 35.40 52.76
CA THR F 263 -5.78 36.68 53.35
C THR F 263 -7.10 37.09 52.69
N ASN F 264 -8.18 37.09 53.47
CA ASN F 264 -9.50 37.32 52.91
C ASN F 264 -9.72 38.80 52.67
N GLY F 265 -10.54 39.11 51.66
CA GLY F 265 -10.76 40.47 51.22
C GLY F 265 -9.74 40.96 50.21
N ARG F 266 -8.49 40.53 50.36
CA ARG F 266 -7.43 40.88 49.42
C ARG F 266 -7.22 39.82 48.36
N ASP F 267 -7.28 38.54 48.73
CA ASP F 267 -7.11 37.45 47.79
C ASP F 267 -8.47 37.01 47.26
N ILE F 268 -8.54 36.77 45.95
CA ILE F 268 -9.76 36.31 45.30
C ILE F 268 -9.39 35.19 44.34
N TRP F 269 -10.24 34.17 44.26
CA TRP F 269 -10.00 33.03 43.38
C TRP F 269 -10.36 33.36 41.95
N TRP F 270 -9.55 32.87 41.01
CA TRP F 270 -9.78 33.07 39.60
C TRP F 270 -11.14 32.50 39.19
N HIS F 271 -11.37 31.22 39.48
CA HIS F 271 -12.59 30.56 39.03
C HIS F 271 -13.84 31.16 39.65
N GLU F 272 -13.75 31.69 40.87
CA GLU F 272 -14.90 32.33 41.49
C GLU F 272 -15.25 33.65 40.79
N GLU F 273 -14.25 34.51 40.61
CA GLU F 273 -14.52 35.83 40.06
C GLU F 273 -14.80 35.77 38.55
N VAL F 274 -14.22 34.79 37.86
CA VAL F 274 -14.33 34.74 36.41
C VAL F 274 -15.77 34.49 35.97
N GLU F 275 -16.50 33.65 36.70
CA GLU F 275 -17.85 33.28 36.32
C GLU F 275 -18.89 34.37 36.59
N LYS F 276 -18.50 35.44 37.29
CA LYS F 276 -19.47 36.49 37.62
C LYS F 276 -19.76 37.42 36.46
N TYR F 277 -18.83 37.56 35.53
CA TYR F 277 -18.84 38.66 34.58
C TYR F 277 -19.01 38.18 33.16
N PRO F 278 -19.45 39.07 32.25
CA PRO F 278 -19.73 38.66 30.88
C PRO F 278 -18.51 38.09 30.17
N CYS F 279 -18.76 37.41 29.06
CA CYS F 279 -17.73 36.80 28.24
C CYS F 279 -17.22 37.73 27.15
N TYR F 280 -17.67 38.98 27.13
CA TYR F 280 -17.12 39.96 26.20
C TYR F 280 -17.05 41.32 26.88
N VAL F 281 -15.95 42.03 26.63
CA VAL F 281 -15.78 43.41 27.06
C VAL F 281 -15.19 44.21 25.90
N ALA F 282 -15.60 45.46 25.80
CA ALA F 282 -15.12 46.29 24.71
C ALA F 282 -13.64 46.63 24.92
N PRO F 283 -12.80 46.51 23.89
CA PRO F 283 -11.38 46.80 24.06
C PRO F 283 -11.12 48.30 24.11
N GLU F 284 -10.35 48.72 25.11
CA GLU F 284 -10.03 50.14 25.25
C GLU F 284 -9.14 50.59 24.10
N SER F 285 -9.49 51.72 23.49
CA SER F 285 -8.67 52.26 22.42
C SER F 285 -7.42 52.90 23.01
N MET F 286 -6.25 52.38 22.63
CA MET F 286 -4.98 52.84 23.15
C MET F 286 -4.20 53.58 22.07
N SER F 287 -3.40 54.54 22.49
CA SER F 287 -2.51 55.22 21.56
C SER F 287 -1.32 54.32 21.24
N SER F 288 -0.70 54.58 20.08
CA SER F 288 0.47 53.81 19.69
C SER F 288 1.55 53.85 20.76
N GLU F 289 1.79 55.03 21.34
CA GLU F 289 2.82 55.21 22.35
C GLU F 289 2.30 55.11 23.77
N ASP F 290 1.15 54.46 23.97
CA ASP F 290 0.71 54.14 25.33
C ASP F 290 1.55 52.97 25.84
N PRO F 291 2.04 53.04 27.08
CA PRO F 291 2.86 51.94 27.62
C PRO F 291 2.09 50.63 27.63
N LEU F 292 2.70 49.59 27.05
CA LEU F 292 2.08 48.28 26.97
C LEU F 292 2.44 47.40 28.16
N PHE F 293 3.73 47.31 28.50
CA PHE F 293 4.13 46.46 29.60
C PHE F 293 5.47 46.92 30.15
N LEU F 294 5.78 46.45 31.35
CA LEU F 294 7.08 46.65 32.00
C LEU F 294 7.76 45.30 32.16
N LEU F 295 9.07 45.27 31.93
CA LEU F 295 9.85 44.05 32.09
C LEU F 295 11.15 44.40 32.81
N TYR F 296 11.25 43.98 34.07
CA TYR F 296 12.39 44.34 34.90
C TYR F 296 13.62 43.53 34.53
N THR F 297 14.74 44.23 34.31
CA THR F 297 15.97 43.64 33.81
C THR F 297 17.11 43.96 34.77
N SER F 298 17.92 42.96 35.08
CA SER F 298 19.11 43.17 35.90
C SER F 298 20.18 43.87 35.07
N GLY F 299 20.65 45.02 35.55
CA GLY F 299 21.65 45.80 34.88
C GLY F 299 22.92 45.92 35.72
N SER F 300 23.90 46.62 35.14
CA SER F 300 25.17 46.82 35.83
C SER F 300 24.98 47.57 37.14
N THR F 301 24.02 48.50 37.19
CA THR F 301 23.72 49.19 38.42
C THR F 301 22.94 48.29 39.39
N GLY F 302 22.89 48.72 40.65
CA GLY F 302 22.33 47.86 41.69
C GLY F 302 20.84 47.65 41.57
N LYS F 303 20.09 48.70 41.25
CA LYS F 303 18.65 48.59 41.32
C LYS F 303 18.11 47.97 40.04
N PRO F 304 17.09 47.11 40.12
CA PRO F 304 16.49 46.55 38.91
C PRO F 304 15.72 47.62 38.14
N LYS F 305 15.91 47.62 36.83
CA LYS F 305 15.34 48.61 35.95
C LYS F 305 14.11 48.06 35.25
N GLY F 306 13.05 48.87 35.20
CA GLY F 306 11.83 48.48 34.52
C GLY F 306 11.79 48.94 33.08
N VAL F 307 12.19 48.06 32.15
CA VAL F 307 12.18 48.40 30.74
C VAL F 307 10.74 48.50 30.26
N MET F 308 10.44 49.58 29.54
CA MET F 308 9.08 49.83 29.07
C MET F 308 9.01 49.77 27.55
N HIS F 309 7.96 49.11 27.05
CA HIS F 309 7.66 49.07 25.62
C HIS F 309 6.25 49.61 25.41
N THR F 310 6.06 50.34 24.31
CA THR F 310 4.76 50.90 24.00
C THR F 310 3.97 49.88 23.19
N THR F 311 2.90 50.31 22.52
CA THR F 311 1.97 49.37 21.89
C THR F 311 2.33 49.10 20.44
N ALA F 312 2.16 50.11 19.57
CA ALA F 312 2.28 49.86 18.13
C ALA F 312 3.70 49.43 17.76
N GLY F 313 4.70 50.15 18.27
CA GLY F 313 6.08 49.82 17.92
C GLY F 313 6.45 48.41 18.32
N TYR F 314 6.23 48.06 19.59
CA TYR F 314 6.57 46.73 20.06
C TYR F 314 5.80 45.65 19.33
N LEU F 315 4.49 45.86 19.13
CA LEU F 315 3.68 44.86 18.44
C LEU F 315 4.15 44.66 17.00
N LEU F 316 4.51 45.74 16.32
CA LEU F 316 5.00 45.61 14.96
C LEU F 316 6.33 44.86 14.92
N GLY F 317 7.20 45.11 15.89
CA GLY F 317 8.46 44.37 15.96
C GLY F 317 8.24 42.88 16.19
N ALA F 318 7.28 42.54 17.06
CA ALA F 318 6.98 41.14 17.29
C ALA F 318 6.37 40.47 16.06
N ALA F 319 5.45 41.16 15.39
CA ALA F 319 4.83 40.60 14.21
C ALA F 319 5.82 40.48 13.05
N MET F 320 6.71 41.46 12.91
CA MET F 320 7.65 41.46 11.81
C MET F 320 8.63 40.29 11.89
N THR F 321 9.24 40.08 13.07
CA THR F 321 10.24 39.02 13.20
C THR F 321 9.61 37.64 13.08
N GLY F 322 8.42 37.45 13.65
CA GLY F 322 7.73 36.18 13.49
C GLY F 322 7.44 35.88 12.03
N LYS F 323 7.05 36.89 11.25
CA LYS F 323 6.71 36.67 9.85
C LYS F 323 7.93 36.35 9.01
N TYR F 324 9.04 37.05 9.23
CA TYR F 324 10.19 36.99 8.33
C TYR F 324 11.37 36.20 8.86
N VAL F 325 11.55 36.12 10.18
CA VAL F 325 12.61 35.28 10.73
C VAL F 325 12.14 33.84 10.91
N PHE F 326 10.97 33.65 11.52
CA PHE F 326 10.43 32.32 11.75
C PHE F 326 9.55 31.83 10.61
N ASP F 327 9.32 32.66 9.60
CA ASP F 327 8.50 32.30 8.44
C ASP F 327 7.13 31.79 8.87
N ILE F 328 6.53 32.49 9.83
CA ILE F 328 5.26 32.06 10.41
C ILE F 328 4.14 32.34 9.42
N HIS F 329 3.31 31.34 9.17
CA HIS F 329 2.12 31.46 8.34
C HIS F 329 0.88 31.22 9.20
N ASP F 330 -0.28 31.18 8.55
CA ASP F 330 -1.54 31.09 9.29
C ASP F 330 -1.70 29.76 9.99
N ASP F 331 -1.38 28.66 9.30
CA ASP F 331 -1.64 27.32 9.82
C ASP F 331 -0.47 26.75 10.62
N ASP F 332 0.58 27.53 10.86
CA ASP F 332 1.77 27.01 11.52
C ASP F 332 1.50 26.78 13.01
N ARG F 333 2.37 25.97 13.62
CA ARG F 333 2.33 25.70 15.05
C ARG F 333 3.68 26.08 15.64
N PHE F 334 3.69 27.08 16.53
CA PHE F 334 4.92 27.68 17.03
C PHE F 334 5.16 27.25 18.48
N PHE F 335 6.39 26.85 18.76
CA PHE F 335 6.78 26.36 20.08
C PHE F 335 8.05 27.08 20.51
N CYS F 336 7.96 27.84 21.60
CA CYS F 336 9.10 28.52 22.20
C CYS F 336 9.28 27.99 23.61
N GLY F 337 10.49 27.48 23.91
CA GLY F 337 10.78 26.93 25.22
C GLY F 337 10.90 27.96 26.32
N GLY F 338 11.05 29.24 25.98
CA GLY F 338 11.28 30.26 26.98
C GLY F 338 10.09 30.48 27.88
N ASP F 339 10.37 31.03 29.06
CA ASP F 339 9.34 31.38 30.03
C ASP F 339 8.81 32.78 29.75
N VAL F 340 7.58 33.03 30.20
CA VAL F 340 6.98 34.35 30.04
C VAL F 340 7.69 35.40 30.90
N GLY F 341 8.40 34.98 31.94
CA GLY F 341 9.08 35.93 32.82
C GLY F 341 10.19 36.71 32.14
N TRP F 342 10.66 36.26 30.99
CA TRP F 342 11.67 36.97 30.21
C TRP F 342 11.06 37.51 28.93
N ILE F 343 11.84 38.31 28.20
CA ILE F 343 11.35 38.93 26.98
C ILE F 343 11.15 37.90 25.88
N THR F 344 11.85 36.76 25.93
CA THR F 344 11.66 35.72 24.94
C THR F 344 10.23 35.20 24.97
N GLY F 345 9.72 34.92 26.18
CA GLY F 345 8.33 34.50 26.30
C GLY F 345 7.36 35.64 26.03
N HIS F 346 7.73 36.86 26.42
CA HIS F 346 6.91 38.03 26.11
C HIS F 346 6.68 38.14 24.61
N THR F 347 7.76 38.12 23.83
CA THR F 347 7.64 38.42 22.41
C THR F 347 7.21 37.20 21.60
N TYR F 348 7.76 36.03 21.89
CA TYR F 348 7.61 34.89 20.98
C TYR F 348 6.80 33.73 21.54
N VAL F 349 6.40 33.77 22.81
CA VAL F 349 5.38 32.84 23.28
C VAL F 349 3.99 33.45 23.13
N VAL F 350 3.85 34.73 23.44
CA VAL F 350 2.56 35.40 23.47
C VAL F 350 2.34 36.22 22.19
N TYR F 351 3.03 37.34 22.06
CA TYR F 351 2.58 38.37 21.12
C TYR F 351 2.81 37.96 19.67
N ALA F 352 4.05 37.62 19.31
CA ALA F 352 4.35 37.31 17.91
C ALA F 352 3.46 36.22 17.32
N PRO F 353 3.25 35.06 17.96
CA PRO F 353 2.39 34.05 17.34
C PRO F 353 0.94 34.45 17.29
N LEU F 354 0.42 35.05 18.35
CA LEU F 354 -1.00 35.42 18.38
C LEU F 354 -1.29 36.59 17.45
N LEU F 355 -0.36 37.55 17.36
CA LEU F 355 -0.53 38.65 16.40
C LEU F 355 -0.69 38.12 14.99
N LEU F 356 0.09 37.11 14.62
CA LEU F 356 0.03 36.55 13.28
C LEU F 356 -1.08 35.52 13.11
N GLY F 357 -1.75 35.14 14.20
CA GLY F 357 -2.94 34.31 14.09
C GLY F 357 -2.70 32.82 13.99
N CYS F 358 -1.57 32.32 14.44
CA CYS F 358 -1.30 30.89 14.39
C CYS F 358 -1.44 30.29 15.79
N SER F 359 -0.92 29.09 15.98
CA SER F 359 -0.97 28.40 17.26
C SER F 359 0.34 28.60 17.98
N THR F 360 0.25 28.90 19.28
CA THR F 360 1.43 28.98 20.14
C THR F 360 1.37 27.87 21.19
N VAL F 361 2.52 27.26 21.45
CA VAL F 361 2.62 26.17 22.42
C VAL F 361 3.07 26.76 23.75
N VAL F 362 2.31 26.49 24.79
CA VAL F 362 2.64 26.92 26.15
C VAL F 362 3.09 25.68 26.92
N PHE F 363 4.40 25.58 27.13
CA PHE F 363 5.02 24.40 27.75
C PHE F 363 5.29 24.68 29.22
N GLU F 364 4.70 23.87 30.09
CA GLU F 364 4.83 24.07 31.54
C GLU F 364 5.98 23.30 32.16
N SER F 365 6.40 22.19 31.54
CA SER F 365 7.38 21.30 32.13
C SER F 365 8.79 21.65 31.66
N THR F 366 9.77 20.85 32.11
CA THR F 366 11.17 20.98 31.76
C THR F 366 11.51 20.13 30.54
N PRO F 367 12.63 20.42 29.86
CA PRO F 367 13.01 19.60 28.70
C PRO F 367 13.35 18.16 29.05
N ALA F 368 13.49 17.82 30.34
CA ALA F 368 13.95 16.51 30.77
C ALA F 368 12.97 15.89 31.75
N TYR F 369 11.68 16.11 31.55
CA TYR F 369 10.66 15.53 32.41
C TYR F 369 9.47 15.07 31.57
N PRO F 370 9.00 13.82 31.74
CA PRO F 370 9.54 12.79 32.63
C PRO F 370 10.87 12.22 32.14
N ASN F 371 11.08 12.26 30.83
CA ASN F 371 12.31 11.80 30.21
C ASN F 371 12.89 12.93 29.34
N PHE F 372 14.07 12.68 28.80
CA PHE F 372 14.78 13.68 28.01
C PHE F 372 14.19 13.92 26.63
N SER F 373 13.25 13.09 26.20
CA SER F 373 12.62 13.23 24.89
C SER F 373 11.35 14.07 24.91
N ARG F 374 11.09 14.79 26.02
CA ARG F 374 9.85 15.55 26.14
C ARG F 374 9.72 16.58 25.03
N TYR F 375 10.77 17.36 24.78
CA TYR F 375 10.76 18.36 23.72
C TYR F 375 10.26 17.76 22.40
N TRP F 376 10.82 16.62 22.00
CA TRP F 376 10.45 16.03 20.72
C TRP F 376 9.11 15.33 20.78
N ASP F 377 8.71 14.87 21.97
CA ASP F 377 7.35 14.37 22.14
C ASP F 377 6.33 15.46 21.88
N VAL F 378 6.56 16.65 22.44
CA VAL F 378 5.62 17.76 22.26
C VAL F 378 5.62 18.23 20.81
N ILE F 379 6.79 18.24 20.17
CA ILE F 379 6.87 18.69 18.78
C ILE F 379 6.18 17.69 17.86
N GLU F 380 6.47 16.40 18.05
CA GLU F 380 5.85 15.36 17.22
C GLU F 380 4.35 15.30 17.45
N LYS F 381 3.91 15.39 18.71
CA LYS F 381 2.49 15.26 19.03
C LYS F 381 1.67 16.33 18.33
N HIS F 382 2.07 17.59 18.48
CA HIS F 382 1.30 18.72 17.99
C HIS F 382 1.74 19.19 16.61
N LYS F 383 2.59 18.43 15.92
CA LYS F 383 3.04 18.75 14.56
C LYS F 383 3.61 20.17 14.49
N VAL F 384 4.57 20.46 15.37
CA VAL F 384 5.13 21.80 15.48
C VAL F 384 5.95 22.12 14.24
N THR F 385 5.82 23.36 13.74
CA THR F 385 6.53 23.80 12.56
C THR F 385 7.73 24.69 12.88
N GLN F 386 7.78 25.27 14.08
CA GLN F 386 8.90 26.13 14.46
C GLN F 386 9.21 25.90 15.94
N PHE F 387 10.45 25.54 16.23
CA PHE F 387 10.91 25.31 17.60
C PHE F 387 11.96 26.36 17.95
N TYR F 388 11.81 26.96 19.13
CA TYR F 388 12.68 28.06 19.58
C TYR F 388 13.18 27.72 20.97
N VAL F 389 14.50 27.55 21.09
CA VAL F 389 15.11 27.10 22.34
C VAL F 389 16.47 27.78 22.49
N ALA F 390 16.99 27.81 23.77
CA ALA F 390 18.30 28.36 24.06
C ALA F 390 19.38 27.28 23.94
N PRO F 391 20.63 27.67 23.61
CA PRO F 391 21.69 26.66 23.46
C PRO F 391 21.97 25.86 24.73
N THR F 392 21.77 26.47 25.90
CA THR F 392 22.08 25.77 27.15
C THR F 392 21.22 24.53 27.34
N ALA F 393 19.93 24.63 26.97
CA ALA F 393 19.06 23.46 27.04
C ALA F 393 19.42 22.44 25.96
N LEU F 394 19.97 22.91 24.83
CA LEU F 394 20.42 21.98 23.78
C LEU F 394 21.63 21.19 24.24
N ARG F 395 22.60 21.85 24.87
CA ARG F 395 23.79 21.16 25.36
C ARG F 395 23.43 20.09 26.38
N LEU F 396 22.39 20.32 27.18
CA LEU F 396 21.95 19.31 28.13
C LEU F 396 21.40 18.08 27.43
N LEU F 397 20.59 18.29 26.38
CA LEU F 397 20.05 17.15 25.64
C LEU F 397 21.11 16.44 24.83
N LYS F 398 22.11 17.16 24.33
CA LYS F 398 23.19 16.52 23.60
C LYS F 398 24.01 15.60 24.50
N ARG F 399 24.28 16.03 25.73
CA ARG F 399 25.01 15.18 26.67
C ARG F 399 24.17 13.99 27.12
N ALA F 400 22.84 14.12 27.08
CA ALA F 400 21.98 13.03 27.54
C ALA F 400 22.00 11.83 26.60
N GLY F 401 22.32 12.04 25.33
CA GLY F 401 22.38 10.93 24.39
C GLY F 401 21.42 11.07 23.21
N ASP F 402 21.77 10.45 22.08
CA ASP F 402 20.95 10.52 20.88
C ASP F 402 19.84 9.48 20.83
N GLU F 403 19.80 8.57 21.81
CA GLU F 403 18.73 7.57 21.83
C GLU F 403 17.36 8.21 22.01
N HIS F 404 17.30 9.41 22.60
CA HIS F 404 16.05 10.08 22.86
C HIS F 404 15.42 10.69 21.61
N ILE F 405 16.23 10.96 20.58
CA ILE F 405 15.70 11.57 19.35
C ILE F 405 15.42 10.41 18.39
N HIS F 406 14.25 9.79 18.57
CA HIS F 406 13.73 8.78 17.65
C HIS F 406 12.43 9.24 16.99
N HIS F 407 12.14 10.53 17.06
CA HIS F 407 10.90 11.08 16.55
C HIS F 407 11.07 11.58 15.12
N LYS F 408 9.99 11.52 14.34
CA LYS F 408 10.03 11.97 12.96
C LYS F 408 10.02 13.49 12.87
N MET F 409 9.10 14.12 13.62
CA MET F 409 8.93 15.58 13.61
C MET F 409 8.79 16.09 12.17
N GLU F 410 7.78 15.56 11.49
CA GLU F 410 7.66 15.73 10.05
C GLU F 410 7.49 17.19 9.65
N HIS F 411 6.96 18.02 10.54
CA HIS F 411 6.67 19.41 10.21
C HIS F 411 7.68 20.39 10.78
N LEU F 412 8.73 19.91 11.44
CA LEU F 412 9.74 20.81 11.97
C LEU F 412 10.49 21.48 10.82
N ARG F 413 10.33 22.79 10.70
CA ARG F 413 10.81 23.54 9.56
C ARG F 413 11.84 24.62 9.92
N ILE F 414 11.70 25.25 11.08
CA ILE F 414 12.60 26.30 11.53
C ILE F 414 13.04 25.97 12.95
N LEU F 415 14.35 26.00 13.19
CA LEU F 415 14.92 25.77 14.51
C LEU F 415 15.67 27.04 14.94
N GLY F 416 15.29 27.57 16.09
CA GLY F 416 15.82 28.86 16.54
C GLY F 416 16.63 28.71 17.80
N SER F 417 17.60 29.62 17.96
CA SER F 417 18.44 29.69 19.14
C SER F 417 18.40 31.12 19.68
N VAL F 418 18.43 31.26 21.01
CA VAL F 418 18.32 32.57 21.63
C VAL F 418 19.15 32.59 22.91
N GLY F 419 19.75 33.75 23.20
CA GLY F 419 20.39 34.03 24.47
C GLY F 419 21.86 33.73 24.54
N GLU F 420 22.40 32.96 23.60
CA GLU F 420 23.80 32.54 23.66
C GLU F 420 24.24 32.12 22.26
N PRO F 421 25.52 32.31 21.93
CA PRO F 421 26.01 31.83 20.62
C PRO F 421 26.08 30.30 20.61
N ILE F 422 25.32 29.70 19.70
CA ILE F 422 25.33 28.24 19.59
C ILE F 422 26.67 27.77 19.05
N ALA F 423 27.27 26.80 19.71
CA ALA F 423 28.59 26.32 19.32
C ALA F 423 28.49 25.52 18.02
N ALA F 424 29.62 25.47 17.30
CA ALA F 424 29.64 24.77 16.01
C ALA F 424 29.29 23.30 16.16
N GLU F 425 29.78 22.66 17.23
CA GLU F 425 29.43 21.26 17.46
C GLU F 425 27.97 21.11 17.85
N VAL F 426 27.48 21.99 18.73
CA VAL F 426 26.07 21.97 19.10
C VAL F 426 25.20 22.38 17.93
N TRP F 427 25.66 23.35 17.13
CA TRP F 427 24.94 23.76 15.94
C TRP F 427 24.77 22.57 14.99
N LYS F 428 25.82 21.78 14.80
CA LYS F 428 25.73 20.62 13.92
C LYS F 428 24.78 19.56 14.50
N TRP F 429 24.83 19.34 15.81
CA TRP F 429 23.91 18.41 16.45
C TRP F 429 22.48 18.89 16.34
N TYR F 430 22.25 20.18 16.61
CA TYR F 430 20.93 20.77 16.44
C TYR F 430 20.44 20.66 15.01
N PHE F 431 21.36 20.57 14.05
CA PHE F 431 21.01 20.52 12.63
C PHE F 431 20.80 19.09 12.14
N GLU F 432 21.63 18.15 12.58
CA GLU F 432 21.55 16.78 12.06
C GLU F 432 20.50 15.95 12.78
N LYS F 433 20.55 15.91 14.11
CA LYS F 433 19.67 15.00 14.85
C LYS F 433 18.24 15.51 14.89
N VAL F 434 18.05 16.79 15.22
CA VAL F 434 16.70 17.34 15.30
C VAL F 434 16.20 17.74 13.92
N GLY F 435 16.96 18.56 13.20
CA GLY F 435 16.49 19.06 11.92
C GLY F 435 16.53 18.06 10.79
N LYS F 436 17.30 16.98 10.95
CA LYS F 436 17.42 15.92 9.94
C LYS F 436 17.89 16.45 8.59
N GLU F 437 18.73 17.49 8.63
CA GLU F 437 19.30 18.13 7.43
C GLU F 437 18.22 18.68 6.50
N GLU F 438 17.02 18.94 7.02
CA GLU F 438 15.93 19.44 6.21
C GLU F 438 15.34 20.73 6.74
N ALA F 439 15.83 21.22 7.88
CA ALA F 439 15.25 22.41 8.50
C ALA F 439 16.29 23.52 8.60
N HIS F 440 15.80 24.73 8.82
CA HIS F 440 16.62 25.94 8.82
C HIS F 440 16.88 26.39 10.25
N ILE F 441 18.14 26.60 10.60
CA ILE F 441 18.53 27.03 11.94
C ILE F 441 18.71 28.53 11.93
N CYS F 442 18.05 29.22 12.87
CA CYS F 442 18.08 30.67 12.97
C CYS F 442 18.66 31.08 14.32
N ASP F 443 19.89 31.56 14.32
CA ASP F 443 20.53 32.09 15.52
C ASP F 443 20.14 33.56 15.62
N THR F 444 19.20 33.85 16.52
CA THR F 444 18.63 35.19 16.65
C THR F 444 19.29 35.93 17.81
N TYR F 445 19.90 37.08 17.52
CA TYR F 445 20.47 37.95 18.53
C TYR F 445 19.56 39.15 18.75
N TRP F 446 19.21 39.41 20.00
CA TRP F 446 18.41 40.57 20.38
C TRP F 446 18.50 40.73 21.89
N GLN F 447 17.78 41.72 22.43
CA GLN F 447 17.78 41.99 23.86
C GLN F 447 16.36 42.36 24.29
N THR F 448 16.18 42.42 25.61
CA THR F 448 14.93 42.93 26.16
C THR F 448 14.64 44.32 25.63
N GLU F 449 15.66 45.18 25.59
CA GLU F 449 15.50 46.56 25.17
C GLU F 449 15.31 46.70 23.66
N THR F 450 15.56 45.64 22.89
CA THR F 450 15.26 45.66 21.46
C THR F 450 13.85 45.18 21.14
N GLY F 451 13.25 44.38 22.03
CA GLY F 451 11.87 43.94 21.88
C GLY F 451 11.64 42.85 20.85
N SER F 452 12.56 42.72 19.89
CA SER F 452 12.44 41.72 18.83
C SER F 452 13.82 41.53 18.21
N HIS F 453 13.90 40.59 17.27
CA HIS F 453 15.16 40.28 16.61
C HIS F 453 15.72 41.51 15.90
N VAL F 454 17.02 41.73 16.06
CA VAL F 454 17.72 42.83 15.41
C VAL F 454 18.78 42.34 14.44
N ILE F 455 19.44 41.24 14.75
CA ILE F 455 20.39 40.59 13.85
C ILE F 455 20.07 39.10 13.88
N SER F 456 19.61 38.57 12.75
CA SER F 456 19.18 37.17 12.70
C SER F 456 18.98 36.75 11.25
N PRO F 457 19.14 35.47 10.93
CA PRO F 457 18.82 35.00 9.59
C PRO F 457 17.32 34.97 9.35
N LEU F 458 16.94 34.99 8.07
CA LEU F 458 15.55 34.92 7.67
C LEU F 458 15.24 33.52 7.18
N GLY F 459 14.22 32.89 7.76
CA GLY F 459 13.86 31.52 7.45
C GLY F 459 13.64 31.27 5.97
N GLY F 460 14.38 30.30 5.42
CA GLY F 460 14.26 29.99 4.01
C GLY F 460 14.99 30.94 3.09
N ILE F 461 15.73 31.92 3.62
CA ILE F 461 16.41 32.90 2.80
C ILE F 461 17.89 32.95 3.14
N THR F 462 18.22 33.41 4.34
CA THR F 462 19.59 33.72 4.68
C THR F 462 20.44 32.47 4.85
N SER F 463 21.68 32.53 4.36
CA SER F 463 22.65 31.48 4.62
C SER F 463 23.26 31.68 6.00
N THR F 464 23.68 30.58 6.61
CA THR F 464 24.10 30.60 8.00
C THR F 464 25.55 30.18 8.17
N LYS F 465 26.09 30.50 9.35
CA LYS F 465 27.42 30.12 9.80
C LYS F 465 27.28 29.82 11.27
N PRO F 466 27.79 28.67 11.74
CA PRO F 466 27.63 28.31 13.16
C PRO F 466 28.32 29.31 14.07
N GLY F 467 27.54 29.90 14.97
CA GLY F 467 28.05 30.93 15.85
C GLY F 467 27.85 32.34 15.35
N SER F 468 27.27 32.51 14.17
CA SER F 468 27.01 33.82 13.58
C SER F 468 25.53 34.11 13.57
N ALA F 469 25.19 35.40 13.69
CA ALA F 469 23.81 35.87 13.62
C ALA F 469 23.44 36.39 12.24
N SER F 470 24.30 36.16 11.25
CA SER F 470 24.07 36.52 9.84
C SER F 470 23.90 38.05 9.74
N LEU F 471 22.92 38.52 8.97
CA LEU F 471 22.72 39.91 8.63
C LEU F 471 21.70 40.57 9.57
N PRO F 472 21.66 41.89 9.63
CA PRO F 472 20.71 42.56 10.52
C PRO F 472 19.29 42.49 9.97
N PHE F 473 18.34 42.74 10.85
CA PHE F 473 16.94 42.74 10.49
C PHE F 473 16.55 44.08 9.86
N PHE F 474 15.32 44.14 9.36
CA PHE F 474 14.82 45.38 8.76
C PHE F 474 14.83 46.51 9.79
N GLY F 475 15.24 47.70 9.33
CA GLY F 475 15.33 48.84 10.20
C GLY F 475 16.49 48.83 11.18
N ILE F 476 17.34 47.81 11.12
CA ILE F 476 18.48 47.69 12.04
C ILE F 476 19.74 47.96 11.23
N GLU F 477 20.33 49.13 11.44
CA GLU F 477 21.60 49.48 10.82
C GLU F 477 22.69 49.37 11.88
N PRO F 478 23.46 48.29 11.93
CA PRO F 478 24.47 48.14 12.98
C PRO F 478 25.80 48.79 12.60
N ALA F 479 26.53 49.19 13.63
CA ALA F 479 27.84 49.79 13.48
C ALA F 479 28.81 49.15 14.46
N ILE F 480 30.04 48.92 14.01
CA ILE F 480 31.13 48.44 14.86
C ILE F 480 31.90 49.66 15.33
N ILE F 481 32.01 49.83 16.65
CA ILE F 481 32.57 51.03 17.25
C ILE F 481 33.84 50.66 18.00
N ASP F 482 34.90 51.43 17.78
CA ASP F 482 36.12 51.28 18.55
C ASP F 482 35.87 51.75 19.98
N PRO F 483 35.90 50.87 20.97
CA PRO F 483 35.56 51.30 22.35
C PRO F 483 36.50 52.34 22.91
N VAL F 484 37.79 52.28 22.59
CA VAL F 484 38.72 53.29 23.09
C VAL F 484 38.59 54.58 22.29
N SER F 485 38.49 54.47 20.97
CA SER F 485 38.40 55.65 20.13
C SER F 485 37.01 56.28 20.18
N GLY F 486 35.98 55.47 20.41
CA GLY F 486 34.62 55.97 20.35
C GLY F 486 34.14 56.31 18.96
N GLU F 487 34.88 55.91 17.93
CA GLU F 487 34.56 56.22 16.55
C GLU F 487 34.19 54.94 15.80
N GLU F 488 33.32 55.11 14.80
CA GLU F 488 32.86 53.97 14.01
C GLU F 488 34.00 53.38 13.17
N ILE F 489 34.02 52.06 13.08
CA ILE F 489 34.98 51.34 12.25
C ILE F 489 34.24 50.86 11.02
N SER F 490 34.61 51.36 9.86
CA SER F 490 33.92 51.00 8.62
C SER F 490 34.58 49.80 7.96
N GLY F 491 33.91 49.28 6.93
CA GLY F 491 34.42 48.16 6.19
C GLY F 491 34.19 46.83 6.88
N ASN F 492 34.54 45.76 6.18
CA ASN F 492 34.43 44.41 6.71
C ASN F 492 35.73 44.01 7.40
N ASP F 493 35.68 42.83 8.03
CA ASP F 493 36.82 42.29 8.79
C ASP F 493 37.26 43.27 9.89
N VAL F 494 36.28 43.76 10.65
CA VAL F 494 36.51 44.71 11.73
C VAL F 494 36.04 44.08 13.04
N GLU F 495 36.38 44.73 14.15
CA GLU F 495 36.02 44.24 15.47
C GLU F 495 35.90 45.41 16.43
N GLY F 496 35.02 45.27 17.42
CA GLY F 496 34.80 46.31 18.41
C GLY F 496 33.58 46.05 19.28
N VAL F 497 32.79 47.08 19.54
CA VAL F 497 31.55 46.94 20.29
C VAL F 497 30.39 47.23 19.34
N LEU F 498 29.22 46.66 19.65
CA LEU F 498 28.08 46.73 18.76
C LEU F 498 27.18 47.90 19.12
N ALA F 499 26.75 48.64 18.10
CA ALA F 499 25.84 49.75 18.29
C ALA F 499 24.96 49.87 17.06
N PHE F 500 23.86 50.62 17.21
CA PHE F 500 22.88 50.80 16.15
C PHE F 500 22.79 52.28 15.80
N LYS F 501 22.77 52.57 14.50
CA LYS F 501 22.92 53.95 14.04
C LYS F 501 21.59 54.71 14.09
N GLN F 502 20.49 54.08 13.67
CA GLN F 502 19.19 54.73 13.68
C GLN F 502 18.17 53.85 14.40
N PRO F 503 17.11 54.45 14.94
CA PRO F 503 16.19 53.70 15.79
C PRO F 503 15.17 52.91 14.99
N TRP F 504 14.58 51.93 15.66
CA TRP F 504 13.61 51.00 15.10
C TRP F 504 12.36 51.03 15.95
N PRO F 505 11.21 50.62 15.39
CA PRO F 505 9.94 50.74 16.15
C PRO F 505 9.91 49.92 17.43
N SER F 506 10.43 48.69 17.39
CA SER F 506 10.36 47.80 18.55
C SER F 506 11.23 48.25 19.72
N MET F 507 12.04 49.28 19.54
CA MET F 507 12.98 49.72 20.57
C MET F 507 12.25 50.10 21.86
N ALA F 508 12.90 49.83 22.98
CA ALA F 508 12.38 50.24 24.28
C ALA F 508 12.31 51.76 24.38
N ARG F 509 11.32 52.25 25.12
CA ARG F 509 11.07 53.68 25.20
C ARG F 509 11.68 54.36 26.42
N THR F 510 11.78 53.67 27.56
CA THR F 510 12.34 54.27 28.76
C THR F 510 12.57 53.18 29.81
N VAL F 511 13.21 53.60 30.90
CA VAL F 511 13.27 52.82 32.14
C VAL F 511 12.33 53.50 33.11
N TRP F 512 11.32 52.75 33.57
CA TRP F 512 10.23 53.28 34.39
C TRP F 512 10.77 54.06 35.57
N GLY F 513 10.49 55.37 35.59
CA GLY F 513 10.86 56.23 36.69
C GLY F 513 12.31 56.67 36.72
N ALA F 514 13.10 56.33 35.69
CA ALA F 514 14.52 56.68 35.67
C ALA F 514 14.96 56.82 34.21
N HIS F 515 14.49 57.89 33.57
CA HIS F 515 14.89 58.16 32.18
C HIS F 515 16.35 58.58 32.09
N LYS F 516 16.88 59.26 33.12
CA LYS F 516 18.29 59.62 33.14
C LYS F 516 19.16 58.37 33.10
N ARG F 517 18.83 57.39 33.95
CA ARG F 517 19.50 56.10 33.93
C ARG F 517 19.33 55.41 32.58
N TYR F 518 18.18 55.60 31.93
CA TYR F 518 17.97 55.05 30.59
C TYR F 518 18.85 55.76 29.57
N MET F 519 19.00 57.08 29.68
CA MET F 519 19.84 57.82 28.75
C MET F 519 21.29 57.41 28.87
N ASP F 520 21.78 57.28 30.11
CA ASP F 520 23.20 56.97 30.33
C ASP F 520 23.53 55.55 29.88
N THR F 521 22.62 54.61 30.10
CA THR F 521 22.93 53.20 29.84
C THR F 521 22.91 52.87 28.34
N TYR F 522 22.07 53.53 27.57
CA TYR F 522 21.88 53.13 26.18
C TYR F 522 22.21 54.22 25.15
N LEU F 523 22.09 55.50 25.51
CA LEU F 523 22.17 56.56 24.51
C LEU F 523 23.26 57.59 24.76
N ASN F 524 23.82 57.66 25.97
CA ASN F 524 24.88 58.62 26.27
C ASN F 524 26.28 58.05 26.10
N VAL F 525 26.41 56.74 25.87
CA VAL F 525 27.73 56.14 25.70
C VAL F 525 28.36 56.63 24.41
N TYR F 526 27.69 56.38 23.28
CA TYR F 526 28.11 56.89 21.98
C TYR F 526 26.95 57.72 21.44
N LYS F 527 27.07 59.04 21.48
CA LYS F 527 25.99 59.92 21.09
C LYS F 527 25.60 59.67 19.64
N GLY F 528 24.29 59.62 19.39
CA GLY F 528 23.77 59.25 18.09
C GLY F 528 23.71 57.76 17.84
N TYR F 529 24.11 56.93 18.80
CA TYR F 529 24.08 55.48 18.66
C TYR F 529 23.29 54.87 19.82
N TYR F 530 22.67 53.74 19.55
CA TYR F 530 22.14 52.88 20.61
C TYR F 530 23.20 51.83 20.93
N PHE F 531 23.61 51.75 22.19
CA PHE F 531 24.69 50.87 22.60
C PHE F 531 24.13 49.57 23.14
N THR F 532 24.44 48.45 22.46
CA THR F 532 23.92 47.16 22.88
C THR F 532 24.60 46.67 24.15
N GLY F 533 25.81 47.13 24.42
CA GLY F 533 26.58 46.62 25.55
C GLY F 533 27.33 45.34 25.29
N ASP F 534 27.42 44.91 24.03
CA ASP F 534 28.10 43.68 23.65
C ASP F 534 29.16 43.99 22.60
N GLY F 535 30.35 43.41 22.78
CA GLY F 535 31.33 43.45 21.72
C GLY F 535 30.95 42.53 20.59
N ALA F 536 31.37 42.90 19.37
CA ALA F 536 30.98 42.15 18.18
C ALA F 536 32.04 42.34 17.11
N GLY F 537 31.82 41.65 15.98
CA GLY F 537 32.71 41.75 14.84
C GLY F 537 31.98 41.42 13.57
N ARG F 538 32.52 41.90 12.46
CA ARG F 538 31.94 41.70 11.14
C ARG F 538 32.99 41.07 10.24
N ASP F 539 32.63 40.00 9.53
CA ASP F 539 33.60 39.26 8.74
C ASP F 539 33.64 39.80 7.31
N HIS F 540 34.46 39.16 6.48
CA HIS F 540 34.64 39.61 5.10
C HIS F 540 33.33 39.57 4.31
N ASP F 541 32.42 38.66 4.66
CA ASP F 541 31.14 38.55 3.99
C ASP F 541 30.06 39.45 4.59
N GLY F 542 30.40 40.26 5.59
CA GLY F 542 29.44 41.14 6.21
C GLY F 542 28.63 40.54 7.34
N TYR F 543 28.85 39.26 7.66
CA TYR F 543 28.11 38.61 8.72
C TYR F 543 28.62 39.07 10.08
N TYR F 544 27.72 39.06 11.07
CA TYR F 544 28.03 39.54 12.40
C TYR F 544 28.26 38.38 13.36
N TRP F 545 29.20 38.57 14.28
CA TRP F 545 29.57 37.56 15.26
C TRP F 545 29.56 38.22 16.64
N ILE F 546 28.64 37.78 17.49
CA ILE F 546 28.51 38.36 18.83
C ILE F 546 29.59 37.77 19.73
N ARG F 547 30.40 38.63 20.32
CA ARG F 547 31.57 38.21 21.08
C ARG F 547 31.33 38.21 22.59
N GLY F 548 30.12 38.53 23.03
CA GLY F 548 29.78 38.53 24.44
C GLY F 548 29.59 39.94 24.97
N ARG F 549 29.28 40.00 26.27
CA ARG F 549 28.95 41.25 26.94
C ARG F 549 30.20 41.92 27.48
N VAL F 550 30.33 43.23 27.25
CA VAL F 550 31.44 43.99 27.82
C VAL F 550 31.11 44.43 29.26
N ASP F 551 29.84 44.63 29.58
CA ASP F 551 29.45 45.10 30.90
C ASP F 551 29.56 43.98 31.93
N ASP F 552 29.28 44.31 33.19
CA ASP F 552 29.36 43.34 34.28
C ASP F 552 28.06 42.55 34.39
N VAL F 553 27.87 41.64 33.42
CA VAL F 553 26.69 40.79 33.38
C VAL F 553 27.06 39.48 32.70
N VAL F 554 26.38 38.41 33.09
CA VAL F 554 26.59 37.08 32.52
C VAL F 554 25.24 36.39 32.41
N ASN F 555 25.19 35.36 31.57
CA ASN F 555 23.96 34.61 31.31
C ASN F 555 24.23 33.12 31.51
N VAL F 556 23.49 32.52 32.44
CA VAL F 556 23.59 31.09 32.72
C VAL F 556 22.25 30.46 32.34
N SER F 557 22.27 29.59 31.34
CA SER F 557 21.09 28.83 30.91
C SER F 557 19.91 29.73 30.53
N GLY F 558 20.20 30.82 29.83
CA GLY F 558 19.17 31.74 29.40
C GLY F 558 18.74 32.79 30.41
N HIS F 559 19.29 32.77 31.62
CA HIS F 559 18.94 33.77 32.63
C HIS F 559 20.05 34.81 32.70
N ARG F 560 19.69 36.06 32.45
CA ARG F 560 20.65 37.17 32.45
C ARG F 560 20.70 37.75 33.85
N LEU F 561 21.85 37.63 34.51
CA LEU F 561 22.01 38.09 35.88
C LEU F 561 23.24 38.98 35.99
N SER F 562 23.13 40.00 36.83
CA SER F 562 24.23 40.91 37.05
C SER F 562 25.19 40.34 38.09
N THR F 563 26.49 40.48 37.84
CA THR F 563 27.48 40.04 38.82
C THR F 563 27.37 40.84 40.11
N ALA F 564 27.13 42.15 39.99
CA ALA F 564 26.96 42.99 41.17
C ALA F 564 25.77 42.55 42.00
N GLU F 565 24.69 42.13 41.34
CA GLU F 565 23.52 41.63 42.06
C GLU F 565 23.87 40.40 42.90
N ILE F 566 24.67 39.49 42.35
CA ILE F 566 25.11 38.33 43.13
C ILE F 566 26.10 38.75 44.21
N GLU F 567 26.99 39.70 43.89
CA GLU F 567 27.93 40.20 44.89
C GLU F 567 27.22 40.86 46.06
N ALA F 568 26.21 41.69 45.76
CA ALA F 568 25.48 42.38 46.81
C ALA F 568 24.69 41.41 47.69
N ALA F 569 24.11 40.37 47.09
CA ALA F 569 23.37 39.38 47.86
C ALA F 569 24.25 38.71 48.90
N LEU F 570 25.51 38.45 48.55
CA LEU F 570 26.43 37.80 49.48
C LEU F 570 26.96 38.77 50.54
N ILE F 571 27.21 40.02 50.15
CA ILE F 571 27.73 41.00 51.11
C ILE F 571 26.71 41.30 52.20
N GLU F 572 25.42 41.19 51.87
CA GLU F 572 24.38 41.45 52.88
C GLU F 572 24.42 40.42 53.99
N HIS F 573 24.85 39.19 53.69
CA HIS F 573 24.95 38.15 54.69
C HIS F 573 25.93 38.55 55.78
N HIS F 574 25.56 38.29 57.03
CA HIS F 574 26.43 38.63 58.15
C HIS F 574 27.72 37.83 58.07
N GLN F 575 28.78 38.40 58.64
CA GLN F 575 30.13 37.84 58.65
C GLN F 575 30.74 37.76 57.27
N VAL F 576 30.17 38.44 56.27
CA VAL F 576 30.74 38.52 54.94
C VAL F 576 31.25 39.94 54.74
N ALA F 577 32.57 40.10 54.67
CA ALA F 577 33.17 41.43 54.59
C ALA F 577 33.22 41.93 53.16
N GLU F 578 33.74 41.12 52.25
CA GLU F 578 33.87 41.49 50.84
C GLU F 578 33.54 40.28 49.97
N ALA F 579 33.02 40.55 48.78
CA ALA F 579 32.60 39.50 47.86
C ALA F 579 32.90 39.92 46.43
N ALA F 580 33.34 38.95 45.62
CA ALA F 580 33.60 39.17 44.21
C ALA F 580 33.11 37.98 43.41
N VAL F 581 32.34 38.23 42.34
CA VAL F 581 31.76 37.20 41.49
C VAL F 581 32.19 37.45 40.06
N VAL F 582 32.58 36.39 39.36
CA VAL F 582 32.99 36.48 37.96
C VAL F 582 32.39 35.33 37.15
N VAL F 593 28.93 30.42 37.25
CA VAL F 593 29.06 31.54 38.17
C VAL F 593 30.01 31.18 39.32
N ASN F 594 31.14 31.87 39.39
CA ASN F 594 32.13 31.67 40.42
C ASN F 594 32.20 32.90 41.31
N ALA F 595 32.08 32.69 42.63
CA ALA F 595 32.03 33.77 43.60
C ALA F 595 33.15 33.60 44.61
N PHE F 596 33.88 34.68 44.88
CA PHE F 596 34.92 34.71 45.89
C PHE F 596 34.49 35.63 47.04
N VAL F 597 34.51 35.11 48.26
CA VAL F 597 34.06 35.84 49.43
C VAL F 597 35.13 35.78 50.51
N SER F 598 35.19 36.85 51.31
CA SER F 598 36.07 36.94 52.47
C SER F 598 35.22 37.14 53.71
N LEU F 599 35.47 36.35 54.75
CA LEU F 599 34.67 36.40 55.96
C LEU F 599 35.23 37.46 56.91
N LYS F 600 34.69 37.53 58.12
CA LYS F 600 35.11 38.54 59.08
C LYS F 600 35.76 37.90 60.32
N VAL F 609 28.16 27.58 57.00
CA VAL F 609 28.87 28.80 56.64
C VAL F 609 28.98 28.91 55.12
N ARG F 610 29.69 27.97 54.51
CA ARG F 610 29.77 27.94 53.05
C ARG F 610 28.42 27.63 52.42
N LYS F 611 27.61 26.78 53.07
CA LYS F 611 26.29 26.46 52.54
C LYS F 611 25.31 27.61 52.70
N ASP F 612 25.46 28.42 53.74
CA ASP F 612 24.54 29.53 53.97
C ASP F 612 24.64 30.58 52.87
N LEU F 613 25.84 30.84 52.37
CA LEU F 613 26.03 31.87 51.34
C LEU F 613 25.23 31.54 50.09
N VAL F 614 25.25 30.27 49.68
CA VAL F 614 24.48 29.86 48.50
C VAL F 614 22.98 30.02 48.76
N MET F 615 22.52 29.64 49.96
CA MET F 615 21.11 29.78 50.28
C MET F 615 20.67 31.24 50.29
N GLN F 616 21.54 32.13 50.77
CA GLN F 616 21.22 33.56 50.76
C GLN F 616 21.04 34.09 49.35
N VAL F 617 21.85 33.60 48.39
CA VAL F 617 21.72 34.04 47.01
C VAL F 617 20.36 33.66 46.45
N ARG F 618 19.87 32.46 46.79
CA ARG F 618 18.54 32.06 46.36
C ARG F 618 17.47 32.96 46.96
N LYS F 619 17.64 33.39 48.21
CA LYS F 619 16.64 34.23 48.86
C LYS F 619 16.61 35.65 48.30
N SER F 620 17.70 36.14 47.70
CA SER F 620 17.71 37.51 47.18
C SER F 620 17.41 37.59 45.70
N ILE F 621 17.99 36.70 44.89
CA ILE F 621 17.78 36.68 43.44
C ILE F 621 16.90 35.51 43.03
N GLY F 622 17.32 34.28 43.34
CA GLY F 622 16.55 33.11 43.00
C GLY F 622 17.39 31.85 42.94
N PRO F 623 16.72 30.70 42.94
CA PRO F 623 17.46 29.42 42.87
C PRO F 623 18.30 29.28 41.62
N PHE F 624 17.84 29.84 40.49
CA PHE F 624 18.62 29.75 39.26
C PHE F 624 19.87 30.63 39.34
N ALA F 625 19.82 31.71 40.11
CA ALA F 625 20.95 32.62 40.25
C ALA F 625 21.98 32.15 41.26
N ALA F 626 21.77 30.99 41.88
CA ALA F 626 22.74 30.48 42.84
C ALA F 626 24.09 30.25 42.13
N PRO F 627 25.19 30.70 42.71
CA PRO F 627 26.49 30.54 42.04
C PRO F 627 26.89 29.08 41.98
N LYS F 628 27.70 28.75 40.97
CA LYS F 628 28.15 27.37 40.79
C LYS F 628 29.09 26.96 41.91
N ALA F 629 29.94 27.88 42.40
CA ALA F 629 30.88 27.58 43.46
C ALA F 629 31.21 28.84 44.24
N VAL F 630 31.36 28.68 45.55
CA VAL F 630 31.76 29.76 46.44
C VAL F 630 33.08 29.39 47.10
N PHE F 631 34.03 30.32 47.08
CA PHE F 631 35.37 30.09 47.61
C PHE F 631 35.70 31.13 48.66
N VAL F 632 36.08 30.67 49.85
CA VAL F 632 36.40 31.54 50.97
C VAL F 632 37.90 31.79 50.96
N VAL F 633 38.31 33.03 50.73
CA VAL F 633 39.72 33.40 50.65
C VAL F 633 39.95 34.70 51.40
N GLU F 634 41.13 34.82 51.99
CA GLU F 634 41.50 36.03 52.73
C GLU F 634 42.02 37.11 51.78
N ARG F 647 39.72 40.00 36.15
CA ARG F 647 40.32 39.12 35.16
C ARG F 647 41.26 38.11 35.80
N ILE F 648 41.92 38.54 36.88
CA ILE F 648 42.82 37.64 37.60
C ILE F 648 42.02 36.53 38.28
N LEU F 649 40.83 36.86 38.79
CA LEU F 649 39.99 35.85 39.42
C LEU F 649 39.40 34.89 38.40
N ARG F 650 39.12 35.38 37.18
CA ARG F 650 38.54 34.53 36.14
C ARG F 650 39.57 33.57 35.55
N LYS F 651 40.79 34.06 35.27
CA LYS F 651 41.81 33.21 34.67
C LYS F 651 42.24 32.09 35.61
N ILE F 652 42.12 32.30 36.93
CA ILE F 652 42.45 31.24 37.87
C ILE F 652 41.46 30.09 37.77
N LEU F 653 40.21 30.38 37.40
CA LEU F 653 39.20 29.34 37.22
C LEU F 653 39.15 28.88 35.77
#